data_2PF4
#
_entry.id   2PF4
#
_cell.length_a   94.711
_cell.length_b   105.501
_cell.length_c   111.937
_cell.angle_alpha   115.64
_cell.angle_beta   109.55
_cell.angle_gamma   94.11
#
_symmetry.space_group_name_H-M   'P 1'
#
loop_
_entity.id
_entity.type
_entity.pdbx_description
1 polymer 'Serine/threonine-protein phosphatase 2A 65 kDa regulatory subunit A alpha isoform'
2 polymer 'Small T antigen'
3 non-polymer 'ZINC ION'
#
loop_
_entity_poly.entity_id
_entity_poly.type
_entity_poly.pdbx_seq_one_letter_code
_entity_poly.pdbx_strand_id
1 'polypeptide(L)'
;MAAADGDDSLYPIAVLIDELRNEDVQLRLNSIKKLSTIALALGVERTRSELLPFLTDTIYDEDEVLLALAEQLGTFTTLV
GGPEYVHCLLPPLESLATVEETVVRDKAVESLRAISHEHSPSDLEAHFVPLVKRLAGGDWFTSRTSACGLFSVCYPRVSS
AVKAELRQYFRNLCSDDTPMVRRAAASKLGEFAKVLELDNVKSEIIPMFSNLASDEQDSVRLLAVEACVNIAQLLPQEDL
EALVMPTLRQAAEDKSWRVRYMVADKFTELQKAVGPEITKTDLVPAFQNLMKDCEAEVRAAASHKVKEFCENLSADCREN
VIMTQILPCIKELVSDANQHVKSALASVIMGLSPILGKDNTIEHLLPLFLAQLKDECPEVRLNIISNLDCVNEVIGIRQL
SQSLLPAIVELAEDAKWRVRLAIIEYMPLLAGQLGVEFFDEKLNSLCMAWLVDHVYAIREAATSNLKKLVEKFGKEWAHA
TIIPKVLAMSGDPNYLHRMTTLFCINVLSEVCGQDITTKHMLPTVLRMAGDPVANVRFNVAKSLQKIGPILDNSTLQSEV
KPILEKLTQDQDVDVKYFAQEALTVLSLA
;
A,B,C,D
2 'polypeptide(L)'
;MDKVLNREESLQLMDLLGLERSAWGNIPLMRKAYLKKCKEFHPDKGGDEEKMKKMNTLYKKMEDGVKYAHQPDFGGFWDA
TEVFASSLNPGVDAIYCKQWPECVKKMSTNCICLLCLLRMKHENRKLYRKDPLVWVDCYCFDCFRMWFGLDLCEGTLLLW
CDIIGQTTYRDLKL
;
E,F,G,H
#
# COMPACT_ATOMS: atom_id res chain seq x y z
N ILE A 13 13.19 12.27 -49.99
CA ILE A 13 13.97 11.25 -50.74
C ILE A 13 14.59 10.25 -49.76
N ALA A 14 15.81 10.57 -49.30
CA ALA A 14 16.70 9.67 -48.55
C ALA A 14 16.00 8.56 -47.74
N VAL A 15 15.85 8.78 -46.43
CA VAL A 15 15.22 7.79 -45.56
C VAL A 15 13.70 7.93 -45.68
N LEU A 16 13.04 6.86 -46.13
CA LEU A 16 11.63 6.94 -46.58
C LEU A 16 10.83 5.64 -46.35
N ILE A 17 10.58 4.88 -47.43
CA ILE A 17 9.73 3.68 -47.40
C ILE A 17 10.25 2.61 -46.43
N ASP A 18 11.58 2.56 -46.28
CA ASP A 18 12.22 1.66 -45.34
C ASP A 18 11.98 2.07 -43.89
N GLU A 19 11.90 3.37 -43.65
CA GLU A 19 11.73 3.91 -42.29
C GLU A 19 10.31 3.76 -41.71
N LEU A 20 9.34 3.47 -42.58
CA LEU A 20 7.95 3.30 -42.17
C LEU A 20 7.69 1.95 -41.47
N ARG A 21 8.66 1.04 -41.58
CA ARG A 21 8.70 -0.17 -40.76
C ARG A 21 10.00 -0.14 -39.97
N ASN A 22 9.89 0.06 -38.66
CA ASN A 22 11.05 0.13 -37.78
C ASN A 22 10.97 -0.91 -36.67
N GLU A 23 10.33 -0.51 -35.57
CA GLU A 23 9.89 -1.42 -34.51
C GLU A 23 8.80 -0.68 -33.75
N ASP A 24 8.19 0.28 -34.45
CA ASP A 24 7.16 1.20 -33.92
C ASP A 24 7.73 2.13 -32.83
N VAL A 25 8.96 2.60 -33.04
CA VAL A 25 9.63 3.48 -32.07
C VAL A 25 9.41 4.96 -32.40
N GLN A 26 9.29 5.76 -31.34
CA GLN A 26 9.11 7.21 -31.45
C GLN A 26 10.42 7.91 -31.85
N LEU A 27 11.30 7.15 -32.49
CA LEU A 27 12.45 7.68 -33.22
C LEU A 27 12.06 7.70 -34.70
N ARG A 28 11.08 6.89 -35.04
CA ARG A 28 10.48 6.87 -36.37
C ARG A 28 9.17 7.62 -36.28
N LEU A 29 9.30 8.94 -36.10
CA LEU A 29 8.17 9.86 -36.18
C LEU A 29 8.71 11.21 -36.63
N ASN A 30 9.88 11.57 -36.11
CA ASN A 30 10.64 12.77 -36.51
C ASN A 30 10.55 13.05 -38.00
N SER A 31 10.57 11.98 -38.78
CA SER A 31 10.67 12.10 -40.22
C SER A 31 9.54 11.37 -40.94
N ILE A 32 8.80 10.55 -40.20
CA ILE A 32 7.75 9.74 -40.78
C ILE A 32 6.59 10.65 -41.15
N LYS A 33 6.00 11.29 -40.14
CA LYS A 33 4.98 12.28 -40.37
C LYS A 33 5.64 13.61 -40.65
N LYS A 34 6.14 13.65 -41.89
CA LYS A 34 6.76 14.77 -42.57
C LYS A 34 6.38 14.36 -43.98
N LEU A 35 5.27 13.62 -44.04
CA LEU A 35 4.67 13.09 -45.25
C LEU A 35 4.38 14.17 -46.27
N SER A 36 4.27 15.42 -45.81
CA SER A 36 4.13 16.55 -46.70
C SER A 36 5.35 16.71 -47.61
N THR A 37 6.49 16.20 -47.16
CA THR A 37 7.73 16.26 -47.96
C THR A 37 7.98 14.99 -48.75
N ILE A 38 7.47 13.86 -48.25
CA ILE A 38 7.61 12.57 -48.93
C ILE A 38 6.79 12.57 -50.21
N ALA A 39 5.51 12.88 -50.08
CA ALA A 39 4.57 12.86 -51.20
C ALA A 39 4.81 13.98 -52.21
N LEU A 40 5.57 14.99 -51.78
CA LEU A 40 5.97 16.09 -52.67
C LEU A 40 7.04 15.58 -53.61
N ALA A 41 7.89 14.69 -53.10
CA ALA A 41 8.94 14.06 -53.90
C ALA A 41 8.47 12.78 -54.57
N LEU A 42 7.54 12.06 -53.93
CA LEU A 42 6.99 10.83 -54.51
C LEU A 42 6.18 11.11 -55.78
N GLY A 43 5.82 12.38 -55.99
CA GLY A 43 4.97 12.77 -57.12
C GLY A 43 3.50 12.50 -56.82
N VAL A 44 2.61 13.22 -57.50
CA VAL A 44 1.18 13.09 -57.26
C VAL A 44 0.67 11.71 -57.71
N GLU A 45 1.17 11.25 -58.85
CA GLU A 45 0.80 9.97 -59.45
C GLU A 45 1.06 8.78 -58.51
N ARG A 46 2.28 8.69 -58.00
CA ARG A 46 2.65 7.64 -57.08
C ARG A 46 1.92 7.77 -55.74
N THR A 47 2.00 8.93 -55.10
CA THR A 47 1.33 9.20 -53.82
C THR A 47 -0.05 8.53 -53.70
N ARG A 48 -0.90 8.79 -54.68
CA ARG A 48 -2.24 8.23 -54.75
C ARG A 48 -2.24 6.70 -54.69
N SER A 49 -1.90 6.05 -55.81
CA SER A 49 -1.95 4.58 -55.89
C SER A 49 -0.71 3.85 -55.33
N GLU A 50 -0.29 4.21 -54.12
CA GLU A 50 0.94 3.66 -53.51
C GLU A 50 1.08 4.07 -52.03
N LEU A 51 1.26 5.36 -51.79
CA LEU A 51 1.38 5.87 -50.43
C LEU A 51 0.09 5.69 -49.64
N LEU A 52 -1.03 6.14 -50.20
CA LEU A 52 -2.32 6.00 -49.54
C LEU A 52 -2.69 4.55 -49.19
N PRO A 53 -2.59 3.61 -50.16
CA PRO A 53 -2.86 2.18 -49.86
C PRO A 53 -1.97 1.64 -48.74
N PHE A 54 -0.66 1.95 -48.84
CA PHE A 54 0.30 1.66 -47.78
C PHE A 54 -0.23 2.17 -46.44
N LEU A 55 -0.57 3.45 -46.40
CA LEU A 55 -1.04 4.11 -45.18
C LEU A 55 -2.41 3.61 -44.70
N THR A 56 -3.03 2.70 -45.45
CA THR A 56 -4.38 2.21 -45.13
C THR A 56 -4.38 0.89 -44.36
N ASP A 57 -3.46 -0.01 -44.74
CA ASP A 57 -3.41 -1.35 -44.15
C ASP A 57 -1.99 -1.92 -43.95
N THR A 58 -1.02 -1.05 -43.64
CA THR A 58 0.34 -1.51 -43.20
C THR A 58 0.71 -1.04 -41.77
N ILE A 59 0.39 0.22 -41.45
CA ILE A 59 0.73 0.77 -40.13
C ILE A 59 -0.48 1.14 -39.25
N TYR A 60 -0.49 0.54 -38.06
CA TYR A 60 -1.50 0.70 -37.02
C TYR A 60 -0.84 0.29 -35.71
N ASP A 61 -0.26 1.28 -35.04
CA ASP A 61 0.81 1.05 -34.09
C ASP A 61 0.50 1.58 -32.70
N GLU A 62 0.84 2.86 -32.45
CA GLU A 62 0.60 3.48 -31.17
C GLU A 62 -0.30 4.68 -31.35
N ASP A 63 -0.85 5.17 -30.24
CA ASP A 63 -1.78 6.28 -30.26
C ASP A 63 -1.12 7.62 -30.56
N GLU A 64 0.20 7.62 -30.71
CA GLU A 64 0.92 8.85 -31.01
C GLU A 64 1.29 8.95 -32.48
N VAL A 65 1.56 7.80 -33.10
CA VAL A 65 1.86 7.74 -34.52
C VAL A 65 0.58 7.96 -35.32
N LEU A 66 -0.45 7.20 -34.99
CA LEU A 66 -1.75 7.30 -35.66
C LEU A 66 -2.37 8.69 -35.57
N LEU A 67 -2.24 9.31 -34.40
CA LEU A 67 -2.75 10.68 -34.16
C LEU A 67 -2.01 11.74 -34.96
N ALA A 68 -0.75 11.48 -35.29
CA ALA A 68 -0.02 12.32 -36.21
C ALA A 68 -0.42 12.05 -37.67
N LEU A 69 -0.82 10.81 -37.94
CA LEU A 69 -1.23 10.41 -39.29
C LEU A 69 -2.60 10.97 -39.62
N ALA A 70 -3.54 10.87 -38.67
CA ALA A 70 -4.89 11.37 -38.83
C ALA A 70 -4.89 12.87 -39.15
N GLU A 71 -4.05 13.61 -38.42
CA GLU A 71 -3.86 15.04 -38.63
C GLU A 71 -3.33 15.33 -40.03
N GLN A 72 -2.25 14.63 -40.39
CA GLN A 72 -1.56 14.81 -41.67
C GLN A 72 -2.50 14.70 -42.87
N LEU A 73 -3.24 13.60 -42.93
CA LEU A 73 -4.16 13.32 -44.03
C LEU A 73 -5.23 14.38 -44.24
N GLY A 74 -5.58 15.11 -43.17
CA GLY A 74 -6.45 16.27 -43.32
C GLY A 74 -5.74 17.48 -43.95
N THR A 75 -4.54 17.28 -44.49
CA THR A 75 -3.83 18.34 -45.19
C THR A 75 -3.27 17.82 -46.50
N PHE A 76 -3.87 16.75 -47.02
CA PHE A 76 -3.36 16.05 -48.20
C PHE A 76 -4.09 16.28 -49.53
N THR A 77 -5.12 17.13 -49.53
CA THR A 77 -5.93 17.40 -50.72
C THR A 77 -5.10 17.90 -51.90
N THR A 78 -4.39 19.01 -51.70
CA THR A 78 -3.56 19.63 -52.75
C THR A 78 -2.31 18.81 -53.07
N LEU A 79 -2.19 17.64 -52.43
CA LEU A 79 -1.01 16.79 -52.51
C LEU A 79 -1.33 15.41 -53.13
N VAL A 80 -2.60 15.03 -53.10
CA VAL A 80 -3.06 13.81 -53.76
C VAL A 80 -3.53 14.11 -55.19
N GLY A 81 -3.47 15.37 -55.61
CA GLY A 81 -3.91 15.75 -56.94
C GLY A 81 -4.79 16.99 -57.00
N GLY A 82 -5.56 17.23 -55.96
CA GLY A 82 -6.50 18.33 -55.98
C GLY A 82 -7.85 17.81 -55.55
N PRO A 83 -8.89 18.65 -55.66
CA PRO A 83 -10.22 18.26 -55.19
C PRO A 83 -10.80 17.07 -55.97
N GLU A 84 -10.32 16.86 -57.20
CA GLU A 84 -10.78 15.74 -58.02
C GLU A 84 -10.50 14.36 -57.42
N TYR A 85 -9.37 14.17 -56.74
CA TYR A 85 -9.10 12.88 -56.12
C TYR A 85 -9.12 12.89 -54.59
N VAL A 86 -9.80 13.85 -53.96
CA VAL A 86 -9.86 13.82 -52.50
C VAL A 86 -10.40 12.50 -52.06
N HIS A 87 -11.27 11.90 -52.87
CA HIS A 87 -11.95 10.66 -52.47
C HIS A 87 -10.98 9.51 -52.14
N CYS A 88 -9.77 9.59 -52.68
CA CYS A 88 -8.71 8.62 -52.43
C CYS A 88 -8.23 8.63 -50.99
N LEU A 89 -8.50 9.73 -50.30
CA LEU A 89 -8.10 9.93 -48.92
C LEU A 89 -9.03 9.26 -47.95
N LEU A 90 -10.27 9.00 -48.38
CA LEU A 90 -11.27 8.49 -47.47
C LEU A 90 -10.83 7.20 -46.75
N PRO A 91 -10.41 6.16 -47.49
CA PRO A 91 -10.10 4.87 -46.84
C PRO A 91 -9.11 4.87 -45.66
N PRO A 92 -7.93 5.52 -45.80
CA PRO A 92 -7.07 5.56 -44.62
C PRO A 92 -7.66 6.37 -43.49
N LEU A 93 -8.57 7.29 -43.77
CA LEU A 93 -9.23 8.00 -42.69
C LEU A 93 -10.38 7.19 -42.10
N GLU A 94 -11.24 6.61 -42.94
CA GLU A 94 -12.34 5.79 -42.44
C GLU A 94 -11.81 4.64 -41.59
N SER A 95 -10.56 4.28 -41.84
CA SER A 95 -9.86 3.27 -41.04
C SER A 95 -9.61 3.83 -39.63
N LEU A 96 -8.75 4.84 -39.53
CA LEU A 96 -8.47 5.56 -38.28
C LEU A 96 -9.71 5.91 -37.44
N ALA A 97 -10.82 6.24 -38.10
CA ALA A 97 -12.04 6.66 -37.41
C ALA A 97 -12.68 5.53 -36.61
N THR A 98 -11.91 4.47 -36.38
CA THR A 98 -12.42 3.25 -35.76
C THR A 98 -11.51 2.75 -34.62
N VAL A 99 -10.32 3.33 -34.48
CA VAL A 99 -9.43 2.95 -33.39
C VAL A 99 -10.08 3.19 -32.00
N GLU A 100 -10.01 2.21 -31.10
CA GLU A 100 -10.57 2.38 -29.74
C GLU A 100 -10.17 3.72 -29.10
N GLU A 101 -8.93 4.15 -29.34
CA GLU A 101 -8.40 5.35 -28.72
C GLU A 101 -9.17 6.60 -29.16
N THR A 102 -9.86 7.24 -28.23
CA THR A 102 -10.75 8.37 -28.56
C THR A 102 -10.05 9.52 -29.32
N VAL A 103 -8.81 9.76 -28.98
CA VAL A 103 -8.09 10.94 -29.44
C VAL A 103 -7.62 10.77 -30.88
N VAL A 104 -7.60 9.52 -31.35
CA VAL A 104 -7.25 9.21 -32.73
C VAL A 104 -8.49 9.41 -33.63
N ARG A 105 -9.60 8.75 -33.26
CA ARG A 105 -10.88 8.90 -33.95
C ARG A 105 -11.22 10.37 -34.12
N ASP A 106 -11.22 11.10 -33.01
CA ASP A 106 -11.62 12.51 -33.04
C ASP A 106 -10.82 13.28 -34.08
N LYS A 107 -9.53 12.96 -34.19
CA LYS A 107 -8.71 13.57 -35.23
C LYS A 107 -9.10 13.10 -36.62
N ALA A 108 -9.37 11.81 -36.76
CA ALA A 108 -9.85 11.30 -38.03
C ALA A 108 -11.12 12.02 -38.39
N VAL A 109 -12.08 12.04 -37.47
CA VAL A 109 -13.34 12.78 -37.66
C VAL A 109 -13.10 14.26 -38.02
N GLU A 110 -12.22 14.92 -37.26
CA GLU A 110 -11.85 16.32 -37.50
C GLU A 110 -11.26 16.50 -38.91
N SER A 111 -10.46 15.53 -39.35
CA SER A 111 -9.85 15.56 -40.67
C SER A 111 -10.80 15.14 -41.80
N LEU A 112 -11.74 14.25 -41.52
CA LEU A 112 -12.80 13.93 -42.49
C LEU A 112 -13.74 15.11 -42.79
N ARG A 113 -13.98 15.97 -41.82
CA ARG A 113 -14.84 17.13 -42.04
C ARG A 113 -14.12 18.17 -42.89
N ALA A 114 -12.84 18.41 -42.62
CA ALA A 114 -12.07 19.37 -43.41
C ALA A 114 -12.04 19.01 -44.89
N ILE A 115 -11.74 17.76 -45.21
CA ILE A 115 -11.69 17.31 -46.61
C ILE A 115 -13.07 17.17 -47.25
N SER A 116 -14.11 17.14 -46.43
CA SER A 116 -15.46 16.95 -46.94
C SER A 116 -15.99 18.22 -47.56
N HIS A 117 -15.25 19.31 -47.43
CA HIS A 117 -15.67 20.51 -48.10
C HIS A 117 -14.97 20.61 -49.43
N GLU A 118 -14.01 19.72 -49.64
CA GLU A 118 -13.16 19.74 -50.82
C GLU A 118 -13.74 18.88 -51.92
N HIS A 119 -14.69 18.02 -51.53
CA HIS A 119 -15.46 17.22 -52.48
C HIS A 119 -16.41 18.10 -53.30
N SER A 120 -16.60 17.78 -54.58
CA SER A 120 -17.69 18.39 -55.31
C SER A 120 -19.01 17.85 -54.76
N PRO A 121 -20.13 18.56 -54.97
CA PRO A 121 -21.41 18.02 -54.52
C PRO A 121 -21.71 16.60 -55.04
N SER A 122 -21.24 16.31 -56.24
CA SER A 122 -21.40 14.97 -56.81
C SER A 122 -20.56 13.93 -56.07
N ASP A 123 -19.30 14.28 -55.81
CA ASP A 123 -18.34 13.42 -55.12
C ASP A 123 -18.79 13.10 -53.70
N LEU A 124 -19.47 14.03 -53.05
CA LEU A 124 -20.06 13.74 -51.74
C LEU A 124 -21.04 12.57 -51.81
N GLU A 125 -21.86 12.53 -52.85
CA GLU A 125 -22.91 11.53 -53.03
C GLU A 125 -22.29 10.18 -53.34
N ALA A 126 -21.31 10.20 -54.23
CA ALA A 126 -20.55 9.01 -54.66
C ALA A 126 -19.75 8.34 -53.55
N HIS A 127 -19.16 9.14 -52.66
CA HIS A 127 -18.06 8.66 -51.83
C HIS A 127 -18.17 8.97 -50.36
N PHE A 128 -18.25 10.25 -50.06
CA PHE A 128 -18.34 10.66 -48.65
C PHE A 128 -19.52 10.02 -47.96
N VAL A 129 -20.72 10.29 -48.46
CA VAL A 129 -21.95 9.76 -47.88
C VAL A 129 -21.93 8.23 -47.66
N PRO A 130 -21.59 7.41 -48.69
CA PRO A 130 -21.41 6.00 -48.44
C PRO A 130 -20.54 5.71 -47.22
N LEU A 131 -19.42 6.44 -47.09
CA LEU A 131 -18.49 6.27 -45.97
C LEU A 131 -19.23 6.45 -44.67
N VAL A 132 -19.88 7.61 -44.51
CA VAL A 132 -20.68 7.92 -43.32
C VAL A 132 -21.56 6.74 -42.94
N LYS A 133 -22.30 6.23 -43.92
CA LYS A 133 -23.25 5.15 -43.72
C LYS A 133 -22.61 3.85 -43.28
N ARG A 134 -21.39 3.57 -43.74
CA ARG A 134 -20.70 2.34 -43.32
C ARG A 134 -20.23 2.45 -41.87
N LEU A 135 -19.82 3.65 -41.49
CA LEU A 135 -19.48 3.93 -40.08
C LEU A 135 -20.72 3.81 -39.21
N ALA A 136 -21.78 4.50 -39.62
CA ALA A 136 -23.02 4.61 -38.84
C ALA A 136 -23.72 3.28 -38.65
N GLY A 137 -23.53 2.39 -39.62
CA GLY A 137 -24.20 1.10 -39.63
C GLY A 137 -23.37 0.00 -39.01
N GLY A 138 -22.11 0.31 -38.71
CA GLY A 138 -21.14 -0.69 -38.27
C GLY A 138 -21.47 -1.37 -36.96
N ASP A 139 -20.79 -2.46 -36.65
CA ASP A 139 -21.01 -3.15 -35.38
C ASP A 139 -20.29 -2.45 -34.23
N TRP A 140 -19.22 -1.74 -34.55
CA TRP A 140 -18.38 -1.12 -33.53
C TRP A 140 -18.93 0.22 -33.10
N PHE A 141 -19.32 0.34 -31.83
CA PHE A 141 -19.80 1.61 -31.32
C PHE A 141 -18.75 2.69 -31.57
N THR A 142 -17.49 2.29 -31.67
CA THR A 142 -16.45 3.24 -32.00
C THR A 142 -16.72 3.81 -33.38
N SER A 143 -17.04 2.92 -34.33
CA SER A 143 -17.36 3.37 -35.68
C SER A 143 -18.54 4.31 -35.64
N ARG A 144 -19.52 3.97 -34.80
CA ARG A 144 -20.78 4.70 -34.76
C ARG A 144 -20.68 6.07 -34.13
N THR A 145 -19.99 6.18 -33.00
CA THR A 145 -19.81 7.50 -32.40
C THR A 145 -19.04 8.48 -33.33
N SER A 146 -18.23 7.94 -34.24
CA SER A 146 -17.56 8.80 -35.23
C SER A 146 -18.54 9.30 -36.27
N ALA A 147 -19.61 8.56 -36.54
CA ALA A 147 -20.57 8.94 -37.58
C ALA A 147 -21.34 10.18 -37.19
N CYS A 148 -21.90 10.18 -35.98
CA CYS A 148 -22.59 11.33 -35.37
C CYS A 148 -22.01 12.70 -35.72
N GLY A 149 -20.68 12.83 -35.66
CA GLY A 149 -20.05 14.12 -35.97
C GLY A 149 -19.96 14.53 -37.42
N LEU A 150 -20.46 13.70 -38.34
CA LEU A 150 -20.24 13.90 -39.80
C LEU A 150 -21.49 14.21 -40.59
N PHE A 151 -22.64 14.30 -39.92
CA PHE A 151 -23.86 14.57 -40.65
C PHE A 151 -23.97 16.01 -41.03
N SER A 152 -23.73 16.86 -40.05
CA SER A 152 -23.73 18.31 -40.25
C SER A 152 -22.95 18.82 -41.48
N VAL A 153 -21.86 18.17 -41.85
CA VAL A 153 -20.94 18.76 -42.84
C VAL A 153 -21.18 18.32 -44.27
N CYS A 154 -21.77 17.14 -44.44
CA CYS A 154 -22.15 16.72 -45.77
C CYS A 154 -23.62 16.92 -46.07
N TYR A 155 -24.41 17.39 -45.09
CA TYR A 155 -25.84 17.65 -45.30
C TYR A 155 -26.21 18.77 -46.30
N PRO A 156 -25.76 20.03 -46.05
CA PRO A 156 -26.34 21.15 -46.81
C PRO A 156 -26.29 21.00 -48.32
N ARG A 157 -25.34 20.21 -48.84
CA ARG A 157 -25.05 20.21 -50.28
C ARG A 157 -25.38 18.91 -50.98
N VAL A 158 -25.80 17.90 -50.24
CA VAL A 158 -26.24 16.66 -50.86
C VAL A 158 -27.68 16.75 -51.34
N SER A 159 -28.10 15.74 -52.12
CA SER A 159 -29.40 15.75 -52.79
C SER A 159 -30.53 15.62 -51.79
N SER A 160 -31.70 16.12 -52.22
CA SER A 160 -32.94 16.13 -51.43
C SER A 160 -33.33 14.75 -50.87
N ALA A 161 -33.10 13.71 -51.66
CA ALA A 161 -33.37 12.34 -51.25
C ALA A 161 -32.27 11.81 -50.35
N VAL A 162 -31.03 12.23 -50.56
CA VAL A 162 -29.90 11.79 -49.73
C VAL A 162 -30.06 12.36 -48.32
N LYS A 163 -30.43 13.63 -48.25
CA LYS A 163 -30.76 14.28 -46.99
C LYS A 163 -31.72 13.40 -46.23
N ALA A 164 -32.87 13.10 -46.84
CA ALA A 164 -33.87 12.19 -46.26
C ALA A 164 -33.30 10.88 -45.69
N GLU A 165 -32.38 10.24 -46.43
CA GLU A 165 -31.72 9.04 -45.92
C GLU A 165 -30.81 9.34 -44.74
N LEU A 166 -30.11 10.48 -44.80
CA LEU A 166 -29.20 10.89 -43.72
C LEU A 166 -29.91 11.11 -42.39
N ARG A 167 -31.14 11.61 -42.43
CA ARG A 167 -31.88 11.84 -41.18
C ARG A 167 -32.32 10.55 -40.50
N GLN A 168 -32.60 9.50 -41.28
CA GLN A 168 -32.81 8.16 -40.74
C GLN A 168 -31.57 7.67 -39.99
N TYR A 169 -30.45 7.57 -40.70
CA TYR A 169 -29.20 7.13 -40.10
C TYR A 169 -28.88 7.91 -38.84
N PHE A 170 -29.19 9.21 -38.80
CA PHE A 170 -29.09 9.94 -37.53
C PHE A 170 -30.14 9.46 -36.52
N ARG A 171 -31.41 9.43 -36.93
CA ARG A 171 -32.49 9.01 -36.03
C ARG A 171 -32.11 7.69 -35.40
N ASN A 172 -31.49 6.82 -36.19
CA ASN A 172 -31.06 5.51 -35.71
C ASN A 172 -29.99 5.64 -34.65
N LEU A 173 -29.02 6.52 -34.88
CA LEU A 173 -27.96 6.74 -33.91
C LEU A 173 -28.54 7.26 -32.59
N CYS A 174 -29.54 8.12 -32.66
CA CYS A 174 -30.23 8.62 -31.48
C CYS A 174 -30.88 7.53 -30.61
N SER A 175 -31.07 6.33 -31.16
CA SER A 175 -31.74 5.26 -30.42
C SER A 175 -30.92 3.97 -30.39
N ASP A 176 -29.65 4.13 -29.99
CA ASP A 176 -28.65 3.08 -30.10
C ASP A 176 -28.66 2.10 -28.94
N ASP A 177 -28.15 0.90 -29.17
CA ASP A 177 -28.12 -0.12 -28.11
C ASP A 177 -27.11 0.26 -27.00
N THR A 178 -26.16 1.12 -27.35
CA THR A 178 -25.03 1.50 -26.49
C THR A 178 -25.06 3.00 -26.08
N PRO A 179 -25.15 3.27 -24.76
CA PRO A 179 -25.07 4.61 -24.17
C PRO A 179 -23.95 5.51 -24.72
N MET A 180 -22.80 4.94 -25.07
CA MET A 180 -21.70 5.72 -25.66
C MET A 180 -22.14 6.47 -26.92
N VAL A 181 -23.06 5.85 -27.69
CA VAL A 181 -23.46 6.39 -29.02
C VAL A 181 -24.66 7.31 -28.90
N ARG A 182 -25.49 7.08 -27.88
CA ARG A 182 -26.59 8.01 -27.62
C ARG A 182 -26.01 9.31 -27.10
N ARG A 183 -25.11 9.21 -26.12
CA ARG A 183 -24.33 10.37 -25.68
C ARG A 183 -23.76 11.07 -26.89
N ALA A 184 -23.09 10.32 -27.76
CA ALA A 184 -22.45 10.86 -28.96
C ALA A 184 -23.41 11.70 -29.73
N ALA A 185 -24.56 11.10 -30.01
CA ALA A 185 -25.56 11.69 -30.87
C ALA A 185 -26.18 12.92 -30.21
N ALA A 186 -26.59 12.76 -28.96
CA ALA A 186 -27.12 13.89 -28.17
C ALA A 186 -26.25 15.11 -28.41
N SER A 187 -25.00 14.95 -28.01
CA SER A 187 -23.98 15.95 -28.12
C SER A 187 -23.76 16.49 -29.54
N LYS A 188 -24.37 15.89 -30.55
CA LYS A 188 -24.20 16.42 -31.89
C LYS A 188 -25.50 16.93 -32.51
N LEU A 189 -26.58 16.83 -31.76
CA LEU A 189 -27.92 17.19 -32.25
C LEU A 189 -28.07 18.64 -32.67
N GLY A 190 -27.62 19.56 -31.82
CA GLY A 190 -27.81 20.98 -32.10
C GLY A 190 -27.03 21.45 -33.30
N GLU A 191 -25.86 20.86 -33.50
CA GLU A 191 -25.05 21.13 -34.68
C GLU A 191 -25.78 20.66 -35.92
N PHE A 192 -26.38 19.48 -35.85
CA PHE A 192 -27.03 18.87 -37.00
C PHE A 192 -28.32 19.56 -37.34
N ALA A 193 -29.11 19.93 -36.34
CA ALA A 193 -30.41 20.59 -36.59
C ALA A 193 -30.21 21.93 -37.31
N LYS A 194 -29.06 22.54 -37.11
CA LYS A 194 -28.79 23.85 -37.71
C LYS A 194 -28.69 23.83 -39.24
N VAL A 195 -28.39 22.68 -39.84
CA VAL A 195 -28.35 22.58 -41.31
C VAL A 195 -29.62 21.92 -41.87
N LEU A 196 -30.50 21.48 -40.98
CA LEU A 196 -31.81 20.97 -41.37
C LEU A 196 -32.72 22.12 -41.77
N GLU A 197 -33.79 21.81 -42.47
CA GLU A 197 -34.81 22.79 -42.78
C GLU A 197 -35.82 22.76 -41.63
N LEU A 198 -36.49 23.88 -41.36
CA LEU A 198 -37.43 23.99 -40.23
C LEU A 198 -38.48 22.87 -40.21
N ASP A 199 -39.15 22.68 -41.36
CA ASP A 199 -40.09 21.58 -41.57
C ASP A 199 -39.69 20.31 -40.83
N ASN A 200 -38.38 20.08 -40.71
CA ASN A 200 -37.84 18.86 -40.14
C ASN A 200 -37.33 19.01 -38.72
N VAL A 201 -36.95 20.22 -38.33
CA VAL A 201 -36.56 20.47 -36.94
C VAL A 201 -37.82 20.27 -36.09
N LYS A 202 -38.90 20.93 -36.51
CA LYS A 202 -40.21 20.80 -35.89
C LYS A 202 -40.69 19.36 -35.91
N SER A 203 -40.49 18.66 -37.02
CA SER A 203 -41.04 17.33 -37.20
C SER A 203 -40.11 16.21 -36.77
N GLU A 204 -38.84 16.31 -37.15
CA GLU A 204 -37.90 15.18 -36.93
C GLU A 204 -36.83 15.41 -35.86
N ILE A 205 -36.37 16.64 -35.66
CA ILE A 205 -35.39 16.88 -34.59
C ILE A 205 -36.05 16.85 -33.23
N ILE A 206 -37.08 17.67 -33.05
CA ILE A 206 -37.76 17.77 -31.75
C ILE A 206 -38.05 16.43 -31.05
N PRO A 207 -38.75 15.48 -31.72
CA PRO A 207 -38.91 14.14 -31.10
C PRO A 207 -37.60 13.50 -30.67
N MET A 208 -36.60 13.43 -31.55
CA MET A 208 -35.28 12.91 -31.18
C MET A 208 -34.74 13.63 -29.96
N PHE A 209 -34.83 14.95 -29.99
CA PHE A 209 -34.46 15.78 -28.85
C PHE A 209 -35.22 15.37 -27.61
N SER A 210 -36.55 15.40 -27.70
CA SER A 210 -37.44 14.97 -26.62
C SER A 210 -37.00 13.67 -25.94
N ASN A 211 -36.47 12.75 -26.74
CA ASN A 211 -36.15 11.40 -26.25
C ASN A 211 -34.80 11.26 -25.52
N LEU A 212 -33.89 12.18 -25.80
CA LEU A 212 -32.65 12.23 -25.05
C LEU A 212 -32.86 13.17 -23.88
N ALA A 213 -33.67 14.19 -24.08
CA ALA A 213 -34.12 15.06 -23.01
C ALA A 213 -34.54 14.22 -21.83
N SER A 214 -35.22 13.11 -22.11
CA SER A 214 -35.71 12.21 -21.08
C SER A 214 -35.23 10.80 -21.40
N ASP A 215 -34.22 10.36 -20.65
CA ASP A 215 -33.50 9.13 -20.94
C ASP A 215 -33.05 8.53 -19.62
N GLU A 216 -33.07 7.21 -19.53
CA GLU A 216 -32.57 6.52 -18.34
C GLU A 216 -31.33 7.25 -17.88
N GLN A 217 -30.26 7.10 -18.67
CA GLN A 217 -28.97 7.65 -18.34
C GLN A 217 -29.04 9.16 -18.29
N ASP A 218 -28.51 9.75 -17.22
CA ASP A 218 -28.36 11.19 -17.15
C ASP A 218 -27.11 11.66 -17.88
N SER A 219 -26.17 10.77 -18.11
CA SER A 219 -25.03 11.09 -18.97
C SER A 219 -25.51 11.52 -20.32
N VAL A 220 -26.65 10.96 -20.75
CA VAL A 220 -27.28 11.37 -21.99
C VAL A 220 -28.14 12.64 -21.79
N ARG A 221 -29.05 12.57 -20.82
CA ARG A 221 -29.90 13.69 -20.43
C ARG A 221 -29.12 14.99 -20.26
N LEU A 222 -28.02 14.90 -19.54
CA LEU A 222 -27.14 16.02 -19.24
C LEU A 222 -26.77 16.78 -20.51
N LEU A 223 -26.62 16.05 -21.62
CA LEU A 223 -26.26 16.68 -22.91
C LEU A 223 -27.42 17.27 -23.69
N ALA A 224 -28.67 17.02 -23.26
CA ALA A 224 -29.83 17.65 -23.91
C ALA A 224 -29.84 19.17 -23.77
N VAL A 225 -29.39 19.66 -22.62
CA VAL A 225 -29.29 21.09 -22.35
C VAL A 225 -28.64 21.93 -23.47
N GLU A 226 -27.43 21.60 -23.93
CA GLU A 226 -26.80 22.40 -25.01
C GLU A 226 -27.53 22.24 -26.33
N ALA A 227 -28.20 21.12 -26.54
CA ALA A 227 -29.05 21.02 -27.74
C ALA A 227 -30.24 21.94 -27.53
N CYS A 228 -30.73 21.98 -26.29
CA CYS A 228 -31.84 22.85 -25.94
C CYS A 228 -31.53 24.31 -26.26
N VAL A 229 -30.36 24.80 -25.85
CA VAL A 229 -29.86 26.13 -26.29
C VAL A 229 -29.86 26.26 -27.80
N ASN A 230 -29.37 25.23 -28.48
CA ASN A 230 -29.20 25.26 -29.93
C ASN A 230 -30.52 25.25 -30.70
N ILE A 231 -31.47 24.47 -30.22
CA ILE A 231 -32.74 24.30 -30.91
C ILE A 231 -33.63 25.51 -30.66
N ALA A 232 -33.55 26.05 -29.45
CA ALA A 232 -34.27 27.27 -29.10
C ALA A 232 -34.01 28.41 -30.09
N GLN A 233 -32.74 28.77 -30.28
CA GLN A 233 -32.37 29.84 -31.21
C GLN A 233 -32.91 29.67 -32.62
N LEU A 234 -33.10 28.43 -33.05
CA LEU A 234 -33.64 28.13 -34.38
C LEU A 234 -35.12 28.44 -34.42
N LEU A 235 -35.84 28.00 -33.40
CA LEU A 235 -37.30 28.12 -33.37
C LEU A 235 -37.84 29.54 -33.16
N PRO A 236 -38.76 29.99 -34.01
CA PRO A 236 -39.42 31.29 -33.78
C PRO A 236 -40.06 31.42 -32.40
N GLN A 237 -39.90 32.61 -31.81
CA GLN A 237 -40.24 32.96 -30.41
C GLN A 237 -41.64 32.56 -29.95
N GLU A 238 -42.36 31.90 -30.85
CA GLU A 238 -43.78 31.60 -30.70
C GLU A 238 -44.03 30.08 -30.76
N ASP A 239 -42.94 29.31 -30.87
CA ASP A 239 -43.04 27.85 -30.91
C ASP A 239 -42.34 27.24 -29.69
N LEU A 240 -41.39 28.00 -29.13
CA LEU A 240 -40.64 27.57 -27.97
C LEU A 240 -41.53 26.94 -26.92
N GLU A 241 -42.66 27.59 -26.57
CA GLU A 241 -43.55 27.10 -25.52
C GLU A 241 -44.14 25.72 -25.83
N ALA A 242 -44.35 25.45 -27.11
CA ALA A 242 -44.89 24.16 -27.54
C ALA A 242 -43.82 23.07 -27.69
N LEU A 243 -42.64 23.44 -28.19
CA LEU A 243 -41.56 22.47 -28.50
C LEU A 243 -40.36 22.39 -27.53
N VAL A 244 -39.72 23.52 -27.24
CA VAL A 244 -38.54 23.53 -26.39
C VAL A 244 -38.89 23.58 -24.90
N MET A 245 -39.86 24.41 -24.56
CA MET A 245 -40.08 24.77 -23.16
C MET A 245 -40.48 23.68 -22.17
N PRO A 246 -41.24 22.64 -22.59
CA PRO A 246 -41.59 21.61 -21.60
C PRO A 246 -40.38 20.78 -21.21
N THR A 247 -39.51 20.53 -22.19
CA THR A 247 -38.25 19.81 -21.94
C THR A 247 -37.35 20.61 -21.01
N LEU A 248 -37.03 21.84 -21.41
CA LEU A 248 -36.19 22.72 -20.62
C LEU A 248 -36.68 22.86 -19.19
N ARG A 249 -37.99 23.08 -19.06
CA ARG A 249 -38.64 23.29 -17.77
C ARG A 249 -38.54 22.05 -16.88
N GLN A 250 -38.47 20.88 -17.53
CA GLN A 250 -38.39 19.60 -16.85
C GLN A 250 -36.95 19.31 -16.46
N ALA A 251 -36.04 19.59 -17.39
CA ALA A 251 -34.62 19.46 -17.15
C ALA A 251 -34.16 20.26 -15.95
N ALA A 252 -34.82 21.37 -15.67
CA ALA A 252 -34.45 22.26 -14.58
C ALA A 252 -34.66 21.62 -13.21
N GLU A 253 -35.73 20.84 -13.08
CA GLU A 253 -36.07 20.24 -11.80
C GLU A 253 -35.76 18.74 -11.82
N ASP A 254 -34.95 18.35 -12.80
CA ASP A 254 -34.58 16.96 -13.02
C ASP A 254 -34.06 16.29 -11.75
N LYS A 255 -34.32 14.98 -11.69
CA LYS A 255 -33.90 14.09 -10.61
C LYS A 255 -32.41 14.17 -10.29
N SER A 256 -31.58 14.24 -11.33
CA SER A 256 -30.13 14.17 -11.18
C SER A 256 -29.41 15.53 -11.26
N TRP A 257 -28.61 15.81 -10.25
CA TRP A 257 -27.93 17.08 -10.16
C TRP A 257 -27.07 17.32 -11.39
N ARG A 258 -26.49 16.27 -11.94
CA ARG A 258 -25.67 16.43 -13.13
C ARG A 258 -26.46 17.20 -14.19
N VAL A 259 -27.73 16.83 -14.39
CA VAL A 259 -28.57 17.52 -15.37
C VAL A 259 -28.88 18.97 -14.98
N ARG A 260 -29.25 19.19 -13.72
CA ARG A 260 -29.64 20.52 -13.25
C ARG A 260 -28.45 21.42 -13.24
N TYR A 261 -27.28 20.85 -12.96
CA TYR A 261 -26.02 21.57 -13.06
C TYR A 261 -25.82 22.15 -14.46
N MET A 262 -26.18 21.40 -15.49
CA MET A 262 -26.13 21.96 -16.82
C MET A 262 -26.99 23.21 -17.00
N VAL A 263 -28.29 23.14 -16.69
CA VAL A 263 -29.17 24.30 -16.92
C VAL A 263 -28.63 25.53 -16.20
N ALA A 264 -28.25 25.39 -14.94
CA ALA A 264 -27.68 26.53 -14.20
C ALA A 264 -26.45 27.11 -14.91
N ASP A 265 -25.52 26.23 -15.31
CA ASP A 265 -24.28 26.58 -16.01
C ASP A 265 -24.44 27.19 -17.42
N LYS A 266 -25.41 26.68 -18.18
CA LYS A 266 -25.71 27.22 -19.51
C LYS A 266 -26.93 28.10 -19.44
N PHE A 267 -27.14 28.77 -18.31
CA PHE A 267 -28.39 29.51 -18.09
C PHE A 267 -28.47 30.82 -18.85
N THR A 268 -27.41 31.62 -18.79
CA THR A 268 -27.39 32.89 -19.49
C THR A 268 -27.34 32.65 -20.99
N GLU A 269 -26.74 31.54 -21.39
CA GLU A 269 -26.78 31.13 -22.81
C GLU A 269 -28.17 30.69 -23.21
N LEU A 270 -28.91 30.15 -22.23
CA LEU A 270 -30.30 29.73 -22.43
C LEU A 270 -31.26 30.93 -22.43
N GLN A 271 -30.92 32.00 -21.71
CA GLN A 271 -31.79 33.16 -21.63
C GLN A 271 -31.88 33.96 -22.92
N LYS A 272 -30.76 34.24 -23.57
CA LYS A 272 -30.82 35.04 -24.79
C LYS A 272 -31.30 34.16 -25.93
N ALA A 273 -30.93 32.88 -25.86
CA ALA A 273 -31.30 31.91 -26.87
C ALA A 273 -32.80 31.67 -26.89
N VAL A 274 -33.46 31.99 -25.77
CA VAL A 274 -34.90 31.75 -25.60
C VAL A 274 -35.76 33.02 -25.78
N GLY A 275 -35.19 34.17 -25.44
CA GLY A 275 -35.83 35.47 -25.68
C GLY A 275 -36.17 36.30 -24.45
N PRO A 276 -36.10 37.64 -24.56
CA PRO A 276 -36.44 38.60 -23.51
C PRO A 276 -37.66 38.25 -22.65
N GLU A 277 -38.79 37.90 -23.28
CA GLU A 277 -40.03 37.72 -22.53
C GLU A 277 -40.19 36.36 -21.88
N ILE A 278 -39.92 35.28 -22.61
CA ILE A 278 -39.99 33.94 -22.01
C ILE A 278 -39.09 33.88 -20.77
N THR A 279 -37.99 34.63 -20.77
CA THR A 279 -37.15 34.79 -19.59
C THR A 279 -37.99 35.23 -18.38
N LYS A 280 -38.76 36.32 -18.60
CA LYS A 280 -39.64 36.92 -17.57
C LYS A 280 -40.60 35.92 -16.93
N THR A 281 -41.11 34.99 -17.73
CA THR A 281 -42.21 34.12 -17.31
C THR A 281 -41.77 32.78 -16.71
N ASP A 282 -40.82 32.12 -17.38
CA ASP A 282 -40.40 30.77 -16.98
C ASP A 282 -39.04 30.73 -16.34
N LEU A 283 -38.10 31.50 -16.90
CA LEU A 283 -36.73 31.42 -16.45
C LEU A 283 -36.46 31.98 -15.05
N VAL A 284 -37.03 33.15 -14.74
CA VAL A 284 -36.81 33.81 -13.45
C VAL A 284 -37.26 32.96 -12.24
N PRO A 285 -38.48 32.36 -12.29
CA PRO A 285 -38.79 31.39 -11.24
C PRO A 285 -37.87 30.16 -11.27
N ALA A 286 -37.69 29.54 -12.44
CA ALA A 286 -36.81 28.38 -12.57
C ALA A 286 -35.39 28.68 -12.13
N PHE A 287 -35.02 29.94 -12.11
CA PHE A 287 -33.70 30.36 -11.69
C PHE A 287 -33.65 30.58 -10.18
N GLN A 288 -34.81 30.82 -9.58
CA GLN A 288 -34.88 30.94 -8.12
C GLN A 288 -34.69 29.58 -7.46
N ASN A 289 -35.14 28.54 -8.14
CA ASN A 289 -35.06 27.20 -7.58
C ASN A 289 -33.64 26.68 -7.60
N LEU A 290 -32.94 26.91 -8.72
CA LEU A 290 -31.51 26.56 -8.83
C LEU A 290 -30.69 27.25 -7.73
N MET A 291 -30.90 28.54 -7.52
CA MET A 291 -30.28 29.24 -6.40
C MET A 291 -30.64 28.64 -5.04
N LYS A 292 -31.69 27.84 -4.99
CA LYS A 292 -32.14 27.22 -3.74
C LYS A 292 -32.00 25.70 -3.78
N ASP A 293 -31.24 25.21 -4.75
CA ASP A 293 -31.06 23.78 -4.93
C ASP A 293 -30.47 23.14 -3.67
N CYS A 294 -30.78 21.87 -3.47
CA CYS A 294 -30.26 21.15 -2.31
C CYS A 294 -28.84 20.73 -2.53
N GLU A 295 -28.49 20.43 -3.78
CA GLU A 295 -27.13 20.11 -4.12
C GLU A 295 -26.34 21.42 -4.21
N ALA A 296 -25.22 21.49 -3.50
CA ALA A 296 -24.48 22.75 -3.39
C ALA A 296 -23.87 23.22 -4.71
N GLU A 297 -23.15 22.33 -5.40
CA GLU A 297 -22.42 22.76 -6.60
C GLU A 297 -23.36 23.21 -7.71
N VAL A 298 -24.67 23.00 -7.55
CA VAL A 298 -25.65 23.65 -8.44
C VAL A 298 -25.91 25.10 -8.01
N ARG A 299 -26.11 25.34 -6.71
CA ARG A 299 -26.34 26.69 -6.20
C ARG A 299 -25.21 27.62 -6.60
N ALA A 300 -23.96 27.16 -6.45
CA ALA A 300 -22.79 27.95 -6.89
C ALA A 300 -22.83 28.26 -8.39
N ALA A 301 -23.07 27.21 -9.18
CA ALA A 301 -23.13 27.31 -10.63
C ALA A 301 -24.12 28.37 -11.07
N ALA A 302 -25.15 28.58 -10.24
CA ALA A 302 -26.18 29.58 -10.49
C ALA A 302 -25.76 30.91 -9.90
N SER A 303 -25.05 30.88 -8.79
CA SER A 303 -24.52 32.12 -8.22
C SER A 303 -23.59 32.82 -9.20
N HIS A 304 -22.79 32.03 -9.93
CA HIS A 304 -21.83 32.55 -10.93
C HIS A 304 -22.53 33.24 -12.06
N LYS A 305 -23.77 32.90 -12.31
CA LYS A 305 -24.47 33.48 -13.44
C LYS A 305 -25.54 34.50 -13.05
N VAL A 306 -25.64 34.83 -11.77
CA VAL A 306 -26.65 35.78 -11.29
C VAL A 306 -26.49 37.15 -11.91
N LYS A 307 -25.26 37.66 -11.90
CA LYS A 307 -24.94 39.02 -12.35
C LYS A 307 -25.09 39.23 -13.87
N GLU A 308 -24.72 38.22 -14.65
CA GLU A 308 -25.00 38.23 -16.08
C GLU A 308 -26.49 38.18 -16.32
N PHE A 309 -27.18 37.37 -15.53
CA PHE A 309 -28.61 37.11 -15.74
C PHE A 309 -29.44 38.38 -15.60
N CYS A 310 -28.91 39.31 -14.81
CA CYS A 310 -29.57 40.58 -14.52
C CYS A 310 -29.23 41.66 -15.55
N GLU A 311 -27.99 41.66 -16.03
CA GLU A 311 -27.57 42.56 -17.09
C GLU A 311 -28.34 42.30 -18.39
N ASN A 312 -28.81 41.08 -18.58
CA ASN A 312 -29.54 40.72 -19.81
C ASN A 312 -31.06 40.69 -19.66
N LEU A 313 -31.56 41.00 -18.46
CA LEU A 313 -32.99 41.20 -18.27
C LEU A 313 -33.40 42.48 -18.98
N SER A 314 -34.54 42.44 -19.68
CA SER A 314 -34.95 43.52 -20.58
C SER A 314 -34.81 44.91 -19.94
N ALA A 315 -34.37 45.87 -20.75
CA ALA A 315 -33.99 47.20 -20.27
C ALA A 315 -35.20 48.04 -19.83
N ASP A 316 -35.84 47.61 -18.75
CA ASP A 316 -36.98 48.32 -18.14
C ASP A 316 -37.46 47.62 -16.86
N CYS A 317 -37.73 46.33 -16.95
CA CYS A 317 -38.18 45.56 -15.79
C CYS A 317 -36.98 45.06 -14.97
N ARG A 318 -35.79 45.55 -15.32
CA ARG A 318 -34.56 45.29 -14.56
C ARG A 318 -34.73 45.66 -13.08
N GLU A 319 -34.81 46.96 -12.81
CA GLU A 319 -35.06 47.48 -11.47
C GLU A 319 -36.06 46.60 -10.72
N ASN A 320 -37.20 46.35 -11.35
CA ASN A 320 -38.27 45.48 -10.83
C ASN A 320 -37.81 44.07 -10.41
N VAL A 321 -37.58 43.17 -11.37
CA VAL A 321 -37.19 41.77 -11.09
C VAL A 321 -35.99 41.62 -10.17
N ILE A 322 -34.94 42.41 -10.42
CA ILE A 322 -33.77 42.37 -9.56
C ILE A 322 -34.18 42.64 -8.13
N MET A 323 -35.06 43.62 -7.95
CA MET A 323 -35.52 43.98 -6.61
C MET A 323 -36.49 42.94 -6.06
N THR A 324 -37.57 42.71 -6.80
CA THR A 324 -38.65 41.84 -6.34
C THR A 324 -38.29 40.34 -6.28
N GLN A 325 -37.53 39.86 -7.26
CA GLN A 325 -37.27 38.43 -7.37
C GLN A 325 -35.86 38.00 -6.99
N ILE A 326 -34.86 38.53 -7.68
CA ILE A 326 -33.48 38.05 -7.52
C ILE A 326 -32.94 38.30 -6.11
N LEU A 327 -32.97 39.58 -5.70
CA LEU A 327 -32.42 40.04 -4.42
C LEU A 327 -32.80 39.18 -3.19
N PRO A 328 -34.10 38.86 -3.00
CA PRO A 328 -34.46 38.00 -1.86
C PRO A 328 -33.62 36.72 -1.79
N CYS A 329 -33.37 36.10 -2.95
CA CYS A 329 -32.61 34.87 -3.08
C CYS A 329 -31.15 35.10 -2.76
N ILE A 330 -30.61 36.20 -3.29
CA ILE A 330 -29.22 36.55 -3.06
C ILE A 330 -28.98 36.66 -1.57
N LYS A 331 -29.93 37.29 -0.86
CA LYS A 331 -29.86 37.45 0.58
C LYS A 331 -29.66 36.14 1.33
N GLU A 332 -29.99 35.02 0.68
CA GLU A 332 -29.81 33.70 1.27
C GLU A 332 -28.49 33.03 0.89
N LEU A 333 -28.11 33.18 -0.38
CA LEU A 333 -26.83 32.67 -0.84
C LEU A 333 -25.63 33.35 -0.16
N VAL A 334 -25.88 34.50 0.47
CA VAL A 334 -24.88 35.12 1.32
C VAL A 334 -24.82 34.34 2.63
N SER A 335 -25.99 34.03 3.19
CA SER A 335 -26.11 33.30 4.46
C SER A 335 -25.96 31.79 4.28
N ASP A 336 -25.44 31.40 3.12
CA ASP A 336 -25.31 29.99 2.75
C ASP A 336 -24.36 29.22 3.65
N ALA A 337 -24.61 27.92 3.75
CA ALA A 337 -23.82 27.03 4.59
C ALA A 337 -22.56 26.47 3.90
N ASN A 338 -22.33 26.84 2.64
CA ASN A 338 -21.23 26.31 1.86
C ASN A 338 -20.29 27.39 1.30
N GLN A 339 -19.00 27.17 1.48
CA GLN A 339 -17.96 28.13 1.10
C GLN A 339 -17.94 28.43 -0.41
N HIS A 340 -18.25 27.44 -1.22
CA HIS A 340 -18.17 27.63 -2.67
C HIS A 340 -19.32 28.48 -3.22
N VAL A 341 -20.45 28.42 -2.54
CA VAL A 341 -21.63 29.21 -2.90
C VAL A 341 -21.40 30.69 -2.58
N LYS A 342 -20.95 30.96 -1.36
CA LYS A 342 -20.67 32.32 -0.92
C LYS A 342 -19.58 32.95 -1.76
N SER A 343 -18.46 32.24 -1.90
CA SER A 343 -17.32 32.77 -2.62
C SER A 343 -17.65 33.08 -4.08
N ALA A 344 -18.62 32.36 -4.63
CA ALA A 344 -19.10 32.64 -5.98
C ALA A 344 -19.75 34.03 -5.99
N LEU A 345 -20.73 34.23 -5.10
CA LEU A 345 -21.41 35.52 -4.98
C LEU A 345 -20.45 36.67 -4.75
N ALA A 346 -19.61 36.57 -3.71
CA ALA A 346 -18.66 37.61 -3.33
C ALA A 346 -17.87 38.16 -4.53
N SER A 347 -17.80 37.35 -5.59
CA SER A 347 -17.09 37.70 -6.82
C SER A 347 -18.01 38.08 -8.00
N VAL A 348 -19.23 38.54 -7.69
CA VAL A 348 -20.16 39.06 -8.71
C VAL A 348 -21.18 40.06 -8.13
N ILE A 349 -21.68 39.76 -6.93
CA ILE A 349 -22.70 40.54 -6.19
C ILE A 349 -22.70 42.05 -6.39
N MET A 350 -21.49 42.62 -6.51
CA MET A 350 -21.32 44.06 -6.51
C MET A 350 -21.22 44.65 -7.90
N GLY A 351 -21.55 43.85 -8.89
CA GLY A 351 -21.72 44.31 -10.25
C GLY A 351 -23.18 44.62 -10.50
N LEU A 352 -23.98 44.54 -9.44
CA LEU A 352 -25.37 44.92 -9.48
C LEU A 352 -25.53 46.44 -9.29
N SER A 353 -24.44 47.08 -8.89
CA SER A 353 -24.41 48.53 -8.62
C SER A 353 -24.71 49.40 -9.86
N PRO A 354 -24.04 49.14 -11.00
CA PRO A 354 -24.38 49.92 -12.21
C PRO A 354 -25.89 49.99 -12.56
N ILE A 355 -26.64 48.92 -12.30
CA ILE A 355 -28.06 48.84 -12.70
C ILE A 355 -29.10 49.24 -11.64
N LEU A 356 -28.76 49.07 -10.36
CA LEU A 356 -29.64 49.50 -9.28
C LEU A 356 -29.54 51.01 -8.98
N GLY A 357 -28.53 51.65 -9.56
CA GLY A 357 -28.30 53.09 -9.36
C GLY A 357 -27.37 53.39 -8.21
N LYS A 358 -27.79 54.29 -7.33
CA LYS A 358 -26.98 54.67 -6.17
C LYS A 358 -27.81 54.68 -4.88
N ASP A 359 -29.08 55.05 -5.00
CA ASP A 359 -29.98 55.10 -3.84
C ASP A 359 -30.22 53.71 -3.30
N ASN A 360 -30.40 52.75 -4.20
CA ASN A 360 -30.71 51.37 -3.86
C ASN A 360 -29.49 50.54 -3.42
N THR A 361 -28.33 50.82 -4.01
CA THR A 361 -27.07 50.19 -3.61
C THR A 361 -26.74 50.49 -2.14
N ILE A 362 -27.12 51.68 -1.67
CA ILE A 362 -26.98 52.04 -0.26
C ILE A 362 -28.12 51.44 0.58
N GLU A 363 -29.32 51.39 -0.01
CA GLU A 363 -30.52 50.86 0.67
C GLU A 363 -30.42 49.37 1.01
N HIS A 364 -30.02 48.56 0.03
CA HIS A 364 -30.11 47.09 0.13
C HIS A 364 -28.78 46.36 -0.10
N LEU A 365 -28.00 46.82 -1.07
CA LEU A 365 -26.74 46.19 -1.45
C LEU A 365 -25.63 46.29 -0.39
N LEU A 366 -25.54 47.40 0.32
CA LEU A 366 -24.51 47.56 1.34
C LEU A 366 -24.69 46.67 2.56
N PRO A 367 -25.93 46.53 3.07
CA PRO A 367 -26.13 45.47 4.04
C PRO A 367 -25.60 44.12 3.57
N LEU A 368 -25.62 43.89 2.26
CA LEU A 368 -25.13 42.64 1.67
C LEU A 368 -23.61 42.65 1.54
N PHE A 369 -23.10 43.68 0.89
CA PHE A 369 -21.67 43.92 0.70
C PHE A 369 -20.85 43.88 2.00
N LEU A 370 -21.51 44.20 3.11
CA LEU A 370 -20.85 44.25 4.42
C LEU A 370 -21.13 42.99 5.26
N ALA A 371 -22.01 42.13 4.77
CA ALA A 371 -22.29 40.84 5.41
C ALA A 371 -21.15 39.88 5.12
N GLN A 372 -20.84 39.73 3.83
CA GLN A 372 -19.73 38.92 3.34
C GLN A 372 -18.39 39.33 3.97
N LEU A 373 -18.20 40.65 4.08
CA LEU A 373 -17.00 41.21 4.68
C LEU A 373 -16.82 40.82 6.16
N LYS A 374 -17.92 40.47 6.83
CA LYS A 374 -17.88 40.02 8.25
C LYS A 374 -17.60 38.53 8.36
N ASP A 375 -17.66 37.84 7.22
CA ASP A 375 -17.44 36.41 7.11
C ASP A 375 -16.03 36.01 7.57
N GLU A 376 -15.96 34.94 8.36
CA GLU A 376 -14.70 34.42 8.89
C GLU A 376 -13.90 33.69 7.81
N CYS A 377 -14.61 33.22 6.78
CA CYS A 377 -13.97 32.57 5.65
C CYS A 377 -13.00 33.51 4.95
N PRO A 378 -11.71 33.14 4.89
CA PRO A 378 -10.67 33.89 4.20
C PRO A 378 -10.95 34.11 2.72
N GLU A 379 -11.23 33.05 1.96
CA GLU A 379 -11.45 33.21 0.53
C GLU A 379 -12.55 34.20 0.21
N VAL A 380 -13.60 34.26 1.05
CA VAL A 380 -14.75 35.14 0.84
C VAL A 380 -14.36 36.62 0.82
N ARG A 381 -13.63 37.06 1.84
CA ARG A 381 -13.22 38.46 1.98
C ARG A 381 -12.29 38.90 0.86
N LEU A 382 -11.31 38.06 0.53
CA LEU A 382 -10.37 38.33 -0.56
C LEU A 382 -11.08 38.84 -1.81
N ASN A 383 -12.03 38.04 -2.31
CA ASN A 383 -12.86 38.42 -3.47
C ASN A 383 -13.61 39.73 -3.27
N ILE A 384 -14.14 39.94 -2.07
CA ILE A 384 -14.83 41.19 -1.76
C ILE A 384 -13.83 42.35 -1.62
N ILE A 385 -12.58 42.04 -1.26
CA ILE A 385 -11.51 43.05 -1.24
C ILE A 385 -11.09 43.30 -2.67
N SER A 386 -11.05 42.24 -3.46
CA SER A 386 -10.57 42.30 -4.83
C SER A 386 -11.49 43.07 -5.78
N ASN A 387 -12.77 43.12 -5.47
CA ASN A 387 -13.71 43.84 -6.33
C ASN A 387 -14.16 45.20 -5.79
N LEU A 388 -13.27 46.17 -5.95
CA LEU A 388 -13.55 47.59 -5.69
C LEU A 388 -13.42 48.34 -7.02
N ASP A 389 -14.01 47.76 -8.08
CA ASP A 389 -13.89 48.28 -9.44
C ASP A 389 -15.08 49.16 -9.83
N CYS A 390 -16.29 48.60 -9.71
CA CYS A 390 -17.53 49.33 -10.00
C CYS A 390 -18.25 49.79 -8.72
N VAL A 391 -17.62 49.50 -7.57
CA VAL A 391 -18.12 49.91 -6.27
C VAL A 391 -17.22 51.01 -5.70
N ASN A 392 -16.02 51.15 -6.27
CA ASN A 392 -15.12 52.26 -5.92
C ASN A 392 -15.64 53.58 -6.46
N GLU A 393 -16.37 53.52 -7.57
CA GLU A 393 -16.85 54.69 -8.30
C GLU A 393 -18.22 55.20 -7.82
N VAL A 394 -18.97 54.35 -7.11
CA VAL A 394 -20.37 54.61 -6.76
C VAL A 394 -20.57 54.92 -5.27
N ILE A 395 -20.02 54.08 -4.40
CA ILE A 395 -20.27 54.20 -2.94
C ILE A 395 -19.16 54.92 -2.18
N GLY A 396 -19.41 55.19 -0.89
CA GLY A 396 -18.54 56.00 -0.04
C GLY A 396 -17.15 55.47 0.27
N ILE A 397 -16.45 56.20 1.15
CA ILE A 397 -15.04 55.96 1.44
C ILE A 397 -14.78 55.54 2.91
N ARG A 398 -15.35 56.30 3.85
CA ARG A 398 -15.20 56.02 5.28
C ARG A 398 -16.09 54.85 5.71
N GLN A 399 -17.11 54.56 4.88
CA GLN A 399 -18.04 53.45 5.06
C GLN A 399 -17.32 52.11 5.25
N LEU A 400 -16.38 51.83 4.35
CA LEU A 400 -15.65 50.57 4.32
C LEU A 400 -14.93 50.28 5.63
N SER A 401 -14.39 51.34 6.24
CA SER A 401 -13.54 51.23 7.44
C SER A 401 -14.16 50.49 8.62
N GLN A 402 -15.50 50.46 8.69
CA GLN A 402 -16.21 49.79 9.78
C GLN A 402 -15.86 48.30 9.90
N SER A 403 -15.91 47.58 8.79
CA SER A 403 -15.55 46.18 8.80
C SER A 403 -14.28 45.86 8.01
N LEU A 404 -13.67 46.88 7.40
CA LEU A 404 -12.34 46.73 6.78
C LEU A 404 -11.20 46.62 7.80
N LEU A 405 -11.45 47.09 9.04
CA LEU A 405 -10.52 46.91 10.15
C LEU A 405 -10.39 45.43 10.52
N PRO A 406 -11.51 44.76 10.91
CA PRO A 406 -11.35 43.33 11.19
C PRO A 406 -10.95 42.54 9.95
N ALA A 407 -11.48 42.92 8.79
CA ALA A 407 -11.18 42.24 7.52
C ALA A 407 -9.69 42.22 7.23
N ILE A 408 -9.10 43.41 7.13
CA ILE A 408 -7.67 43.54 6.88
C ILE A 408 -6.80 43.05 8.02
N VAL A 409 -7.35 43.00 9.24
CA VAL A 409 -6.61 42.47 10.38
C VAL A 409 -6.58 40.95 10.43
N GLU A 410 -7.72 40.30 10.19
CA GLU A 410 -7.75 38.84 10.25
C GLU A 410 -7.03 38.16 9.10
N LEU A 411 -7.21 38.69 7.89
CA LEU A 411 -6.51 38.21 6.70
C LEU A 411 -4.98 38.18 6.88
N ALA A 412 -4.44 39.23 7.49
CA ALA A 412 -3.01 39.34 7.79
C ALA A 412 -2.53 38.41 8.90
N GLU A 413 -3.46 37.70 9.52
CA GLU A 413 -3.17 36.82 10.64
C GLU A 413 -3.67 35.39 10.35
N ASP A 414 -4.02 35.15 9.08
CA ASP A 414 -4.56 33.85 8.66
C ASP A 414 -3.51 32.78 8.82
N ALA A 415 -3.95 31.62 9.30
CA ALA A 415 -3.05 30.48 9.54
C ALA A 415 -2.35 29.98 8.27
N LYS A 416 -2.82 30.44 7.10
CA LYS A 416 -2.22 30.07 5.82
C LYS A 416 -1.27 31.15 5.27
N TRP A 417 0.02 30.85 5.33
CA TRP A 417 1.09 31.72 4.86
C TRP A 417 0.76 32.38 3.53
N ARG A 418 0.04 31.69 2.67
CA ARG A 418 -0.08 32.18 1.32
C ARG A 418 -1.31 33.06 1.14
N VAL A 419 -2.17 33.09 2.16
CA VAL A 419 -3.23 34.09 2.21
C VAL A 419 -2.60 35.39 2.66
N ARG A 420 -1.82 35.32 3.75
CA ARG A 420 -1.13 36.47 4.28
C ARG A 420 -0.31 37.12 3.19
N LEU A 421 0.38 36.32 2.39
CA LEU A 421 1.09 36.83 1.23
C LEU A 421 0.18 37.80 0.45
N ALA A 422 -1.08 37.40 0.22
CA ALA A 422 -2.04 38.16 -0.61
C ALA A 422 -2.31 39.60 -0.16
N ILE A 423 -2.72 39.81 1.09
CA ILE A 423 -2.94 41.18 1.55
C ILE A 423 -1.65 42.00 1.56
N ILE A 424 -0.56 41.39 2.02
CA ILE A 424 0.75 41.99 1.90
C ILE A 424 0.93 42.44 0.45
N GLU A 425 0.60 41.53 -0.46
CA GLU A 425 0.73 41.79 -1.89
C GLU A 425 -0.25 42.88 -2.32
N TYR A 426 -1.43 42.90 -1.69
CA TYR A 426 -2.46 43.88 -2.02
C TYR A 426 -2.14 45.28 -1.51
N MET A 427 -1.47 45.37 -0.37
CA MET A 427 -1.28 46.64 0.34
C MET A 427 -0.86 47.81 -0.57
N PRO A 428 0.12 47.61 -1.48
CA PRO A 428 0.50 48.67 -2.42
C PRO A 428 -0.61 49.14 -3.38
N LEU A 429 -1.62 48.30 -3.59
CA LEU A 429 -2.77 48.66 -4.43
C LEU A 429 -3.88 49.32 -3.61
N LEU A 430 -3.78 49.23 -2.29
CA LEU A 430 -4.73 49.87 -1.39
C LEU A 430 -4.26 51.25 -0.97
N ALA A 431 -3.30 51.82 -1.71
CA ALA A 431 -2.85 53.19 -1.52
C ALA A 431 -3.52 54.12 -2.54
N GLY A 432 -3.58 53.67 -3.79
CA GLY A 432 -4.21 54.42 -4.87
C GLY A 432 -5.73 54.38 -4.83
N GLN A 433 -6.28 53.75 -3.79
CA GLN A 433 -7.72 53.65 -3.61
C GLN A 433 -8.21 53.93 -2.17
N LEU A 434 -7.28 54.08 -1.22
CA LEU A 434 -7.64 54.43 0.17
C LEU A 434 -6.75 55.48 0.86
N GLY A 435 -5.57 55.73 0.29
CA GLY A 435 -4.73 56.87 0.66
C GLY A 435 -4.13 56.95 2.06
N VAL A 436 -3.55 58.12 2.34
CA VAL A 436 -2.89 58.46 3.61
C VAL A 436 -3.85 58.44 4.81
N GLU A 437 -5.11 58.80 4.55
CA GLU A 437 -6.17 58.83 5.56
C GLU A 437 -6.47 57.45 6.19
N PHE A 438 -6.76 56.45 5.34
CA PHE A 438 -7.14 55.12 5.82
C PHE A 438 -6.02 54.43 6.61
N PHE A 439 -4.83 54.33 6.01
CA PHE A 439 -3.66 53.80 6.69
C PHE A 439 -3.43 54.63 7.94
N ASP A 440 -3.41 53.98 9.10
CA ASP A 440 -3.33 54.70 10.36
C ASP A 440 -2.48 54.00 11.41
N GLU A 441 -2.87 54.14 12.68
CA GLU A 441 -2.21 53.49 13.81
C GLU A 441 -2.42 51.96 13.77
N LYS A 442 -3.70 51.56 13.89
CA LYS A 442 -4.10 50.14 13.94
C LYS A 442 -4.05 49.46 12.56
N LEU A 443 -2.84 49.41 11.98
CA LEU A 443 -2.63 48.87 10.63
C LEU A 443 -1.16 48.80 10.26
N ASN A 444 -0.33 49.62 10.90
CA ASN A 444 1.11 49.61 10.61
C ASN A 444 1.84 48.61 11.48
N SER A 445 1.39 48.44 12.71
CA SER A 445 1.81 47.31 13.56
C SER A 445 1.57 45.99 12.85
N LEU A 446 0.50 45.97 12.04
CA LEU A 446 0.20 44.89 11.12
C LEU A 446 1.29 44.84 10.06
N CYS A 447 1.50 45.95 9.35
CA CYS A 447 2.49 45.99 8.26
C CYS A 447 3.92 45.71 8.69
N MET A 448 4.10 45.36 9.96
CA MET A 448 5.42 45.14 10.54
C MET A 448 5.51 43.90 11.41
N ALA A 449 4.38 43.36 11.85
CA ALA A 449 4.37 42.06 12.51
C ALA A 449 4.61 40.98 11.45
N TRP A 450 4.66 41.44 10.19
CA TRP A 450 4.98 40.59 9.06
C TRP A 450 6.48 40.43 8.89
N LEU A 451 7.25 41.34 9.46
CA LEU A 451 8.69 41.28 9.33
C LEU A 451 9.25 40.30 10.34
N VAL A 452 8.45 39.98 11.34
CA VAL A 452 8.83 39.02 12.36
C VAL A 452 8.21 37.64 12.01
N ASP A 453 7.63 37.53 10.81
CA ASP A 453 6.88 36.34 10.40
C ASP A 453 7.78 35.13 10.24
N HIS A 454 7.30 33.99 10.73
CA HIS A 454 8.10 32.78 10.68
C HIS A 454 8.32 32.34 9.24
N VAL A 455 7.26 32.17 8.47
CA VAL A 455 7.38 31.88 7.03
C VAL A 455 8.29 32.90 6.40
N TYR A 456 9.05 32.49 5.38
CA TYR A 456 10.12 33.35 4.84
C TYR A 456 9.66 34.37 3.79
N ALA A 457 9.00 33.88 2.74
CA ALA A 457 8.58 34.74 1.64
C ALA A 457 7.64 35.86 2.10
N ILE A 458 7.08 35.73 3.29
CA ILE A 458 6.28 36.79 3.89
C ILE A 458 7.16 37.93 4.39
N ARG A 459 8.29 37.60 5.02
CA ARG A 459 9.31 38.59 5.38
C ARG A 459 9.91 39.23 4.14
N GLU A 460 10.07 38.45 3.09
CA GLU A 460 10.56 38.94 1.81
C GLU A 460 9.62 40.02 1.27
N ALA A 461 8.34 39.68 1.11
CA ALA A 461 7.33 40.57 0.54
C ALA A 461 6.90 41.71 1.46
N ALA A 462 7.03 41.51 2.77
CA ALA A 462 6.70 42.54 3.78
C ALA A 462 7.75 43.64 3.86
N THR A 463 8.96 43.34 3.37
CA THR A 463 10.01 44.33 3.17
C THR A 463 9.80 45.01 1.80
N SER A 464 9.40 44.22 0.80
CA SER A 464 8.96 44.75 -0.48
C SER A 464 7.79 45.68 -0.29
N ASN A 465 7.07 45.50 0.79
CA ASN A 465 5.91 46.34 1.11
C ASN A 465 6.32 47.78 1.40
N LEU A 466 7.39 47.96 2.17
CA LEU A 466 7.80 49.27 2.63
C LEU A 466 8.43 50.09 1.49
N LYS A 467 9.16 49.41 0.61
CA LYS A 467 9.73 50.05 -0.58
C LYS A 467 8.64 50.44 -1.60
N LYS A 468 7.58 49.64 -1.67
CA LYS A 468 6.45 49.96 -2.54
C LYS A 468 5.57 51.06 -1.94
N LEU A 469 5.47 51.11 -0.61
CA LEU A 469 4.73 52.16 0.08
C LEU A 469 5.49 53.49 0.04
N VAL A 470 6.81 53.40 0.21
CA VAL A 470 7.65 54.60 0.11
C VAL A 470 7.53 55.24 -1.28
N GLU A 471 7.77 54.45 -2.32
CA GLU A 471 7.70 54.92 -3.71
C GLU A 471 6.33 55.48 -4.07
N LYS A 472 5.34 55.22 -3.22
CA LYS A 472 4.01 55.75 -3.40
C LYS A 472 3.68 56.89 -2.42
N PHE A 473 4.50 57.06 -1.38
CA PHE A 473 4.21 58.02 -0.31
C PHE A 473 5.28 59.07 -0.02
N GLY A 474 6.11 59.39 -1.02
CA GLY A 474 7.23 60.31 -0.83
C GLY A 474 8.19 59.83 0.25
N LYS A 475 9.01 60.73 0.77
CA LYS A 475 9.95 60.37 1.85
C LYS A 475 9.61 61.04 3.18
N GLU A 476 8.44 61.67 3.24
CA GLU A 476 8.02 62.43 4.43
C GLU A 476 7.52 61.50 5.53
N TRP A 477 6.38 60.85 5.28
CA TRP A 477 5.72 59.94 6.24
C TRP A 477 6.68 58.97 6.94
N ALA A 478 7.60 58.41 6.17
CA ALA A 478 8.56 57.41 6.65
C ALA A 478 9.20 57.80 7.99
N HIS A 479 9.79 59.00 8.03
CA HIS A 479 10.46 59.50 9.23
C HIS A 479 9.50 59.58 10.43
N ALA A 480 8.24 59.85 10.15
CA ALA A 480 7.25 60.04 11.20
C ALA A 480 6.81 58.72 11.84
N THR A 481 6.29 57.81 11.01
CA THR A 481 5.70 56.57 11.52
C THR A 481 6.60 55.35 11.40
N ILE A 482 6.93 54.98 10.16
CA ILE A 482 7.65 53.73 9.89
C ILE A 482 9.00 53.63 10.60
N ILE A 483 9.98 54.39 10.12
CA ILE A 483 11.39 54.18 10.52
C ILE A 483 11.58 54.05 12.04
N PRO A 484 10.91 54.92 12.83
CA PRO A 484 10.88 54.76 14.28
C PRO A 484 10.63 53.32 14.76
N LYS A 485 9.81 52.59 14.02
CA LYS A 485 9.51 51.20 14.39
C LYS A 485 10.40 50.16 13.69
N VAL A 486 10.92 50.50 12.51
CA VAL A 486 11.89 49.66 11.79
C VAL A 486 13.19 49.54 12.58
N LEU A 487 13.64 50.66 13.16
CA LEU A 487 14.79 50.66 14.05
C LEU A 487 14.45 50.03 15.40
N ALA A 488 13.19 50.11 15.81
CA ALA A 488 12.73 49.47 17.04
C ALA A 488 12.73 47.94 16.88
N MET A 489 13.59 47.47 15.99
CA MET A 489 13.79 46.06 15.82
C MET A 489 15.23 45.71 16.20
N SER A 490 16.14 46.65 15.95
CA SER A 490 17.55 46.53 16.31
C SER A 490 17.75 46.22 17.79
N GLY A 491 16.65 46.21 18.55
CA GLY A 491 16.70 45.88 19.97
C GLY A 491 16.14 44.51 20.34
N ASP A 492 15.68 43.75 19.36
CA ASP A 492 15.07 42.44 19.62
C ASP A 492 16.11 41.42 20.08
N PRO A 493 15.84 40.71 21.20
CA PRO A 493 16.79 39.77 21.81
C PRO A 493 17.15 38.57 20.92
N ASN A 494 16.45 38.47 19.80
CA ASN A 494 16.58 37.38 18.84
C ASN A 494 17.30 37.97 17.64
N TYR A 495 18.44 37.40 17.29
CA TYR A 495 19.34 38.03 16.34
C TYR A 495 18.82 38.06 14.91
N LEU A 496 17.88 37.18 14.63
CA LEU A 496 17.29 37.12 13.31
C LEU A 496 16.46 38.37 13.05
N HIS A 497 16.01 39.01 14.12
CA HIS A 497 15.18 40.19 13.99
C HIS A 497 16.03 41.45 13.90
N ARG A 498 17.10 41.52 14.68
CA ARG A 498 18.08 42.60 14.52
C ARG A 498 18.45 42.69 13.06
N MET A 499 18.73 41.53 12.47
CA MET A 499 19.05 41.37 11.08
C MET A 499 18.02 42.00 10.16
N THR A 500 16.74 41.78 10.47
CA THR A 500 15.66 42.36 9.68
C THR A 500 15.81 43.88 9.63
N THR A 501 16.23 44.50 10.73
CA THR A 501 16.45 45.94 10.75
C THR A 501 17.29 46.37 9.55
N LEU A 502 18.37 45.64 9.29
CA LEU A 502 19.31 46.00 8.24
C LEU A 502 18.72 45.80 6.86
N PHE A 503 18.20 44.60 6.58
CA PHE A 503 17.51 44.32 5.31
C PHE A 503 16.40 45.34 5.08
N CYS A 504 15.76 45.73 6.16
CA CYS A 504 14.66 46.69 6.13
C CYS A 504 15.19 48.07 5.80
N ILE A 505 16.38 48.39 6.31
CA ILE A 505 17.04 49.64 5.98
C ILE A 505 17.54 49.57 4.54
N ASN A 506 18.22 48.47 4.22
CA ASN A 506 18.85 48.29 2.90
C ASN A 506 17.97 48.60 1.70
N VAL A 507 16.65 48.51 1.88
CA VAL A 507 15.75 48.78 0.74
C VAL A 507 15.12 50.17 0.77
N LEU A 508 15.07 50.79 1.95
CA LEU A 508 14.45 52.11 2.05
C LEU A 508 15.39 53.19 1.55
N SER A 509 16.65 53.12 1.98
CA SER A 509 17.72 53.99 1.50
C SER A 509 17.74 54.14 -0.02
N GLU A 510 17.18 53.14 -0.72
CA GLU A 510 17.01 53.19 -2.18
C GLU A 510 16.28 54.46 -2.58
N VAL A 511 15.06 54.63 -2.06
CA VAL A 511 14.21 55.77 -2.38
C VAL A 511 13.90 56.62 -1.14
N CYS A 512 14.92 57.28 -0.61
CA CYS A 512 14.80 58.07 0.63
C CYS A 512 15.60 59.36 0.59
N GLY A 513 16.42 59.52 -0.46
CA GLY A 513 17.33 60.67 -0.58
C GLY A 513 18.49 60.58 0.40
N GLN A 514 19.37 61.58 0.35
CA GLN A 514 20.55 61.61 1.20
C GLN A 514 20.19 61.88 2.66
N ASP A 515 19.14 62.69 2.85
CA ASP A 515 18.68 63.17 4.14
C ASP A 515 18.47 62.08 5.20
N ILE A 516 17.39 61.31 5.02
CA ILE A 516 16.88 60.39 6.05
C ILE A 516 17.77 59.16 6.26
N THR A 517 18.58 58.82 5.26
CA THR A 517 19.50 57.71 5.35
C THR A 517 20.70 58.04 6.24
N THR A 518 21.15 59.29 6.18
CA THR A 518 22.29 59.76 6.97
C THR A 518 21.87 60.12 8.41
N LYS A 519 20.66 60.69 8.56
CA LYS A 519 20.17 61.17 9.86
C LYS A 519 19.59 60.14 10.85
N HIS A 520 18.47 59.50 10.50
CA HIS A 520 17.81 58.59 11.44
C HIS A 520 18.22 57.12 11.27
N MET A 521 18.70 56.80 10.07
CA MET A 521 19.01 55.42 9.68
C MET A 521 20.44 55.02 10.00
N LEU A 522 21.41 55.85 9.59
CA LEU A 522 22.82 55.52 9.77
C LEU A 522 23.26 55.24 11.22
N PRO A 523 22.90 56.13 12.18
CA PRO A 523 23.40 55.93 13.55
C PRO A 523 23.02 54.57 14.13
N THR A 524 22.00 53.96 13.54
CA THR A 524 21.53 52.65 13.98
C THR A 524 22.45 51.56 13.45
N VAL A 525 22.72 51.62 12.15
CA VAL A 525 23.60 50.68 11.47
C VAL A 525 24.93 50.53 12.20
N LEU A 526 25.63 51.65 12.37
CA LEU A 526 26.92 51.67 13.07
C LEU A 526 26.79 51.09 14.48
N ARG A 527 25.68 51.36 15.14
CA ARG A 527 25.46 50.94 16.51
C ARG A 527 25.32 49.41 16.65
N MET A 528 24.94 48.75 15.55
CA MET A 528 24.73 47.30 15.56
C MET A 528 26.03 46.57 15.24
N ALA A 529 27.02 47.31 14.76
CA ALA A 529 28.32 46.74 14.45
C ALA A 529 29.05 46.24 15.69
N GLY A 530 28.33 46.18 16.81
CA GLY A 530 28.91 45.71 18.07
C GLY A 530 28.13 44.52 18.58
N ASP A 531 27.32 43.94 17.70
CA ASP A 531 26.44 42.84 18.06
C ASP A 531 27.32 41.65 18.47
N PRO A 532 27.02 41.03 19.62
CA PRO A 532 27.76 39.86 20.07
C PRO A 532 27.64 38.67 19.12
N VAL A 533 26.58 38.66 18.32
CA VAL A 533 26.37 37.64 17.29
C VAL A 533 27.06 38.06 16.01
N ALA A 534 27.84 37.16 15.45
CA ALA A 534 28.63 37.48 14.27
C ALA A 534 27.75 37.77 13.05
N ASN A 535 26.71 36.97 12.87
CA ASN A 535 25.86 37.07 11.68
C ASN A 535 25.44 38.50 11.36
N VAL A 536 24.96 39.21 12.38
CA VAL A 536 24.58 40.61 12.26
C VAL A 536 25.73 41.46 11.71
N ARG A 537 26.90 41.29 12.31
CA ARG A 537 28.04 42.16 12.03
C ARG A 537 28.44 42.20 10.56
N PHE A 538 28.51 41.03 9.89
CA PHE A 538 28.89 41.01 8.47
C PHE A 538 27.78 41.53 7.59
N ASN A 539 26.56 41.43 8.10
CA ASN A 539 25.43 42.06 7.45
C ASN A 539 25.45 43.56 7.61
N VAL A 540 26.15 44.05 8.65
CA VAL A 540 26.41 45.49 8.80
C VAL A 540 27.27 45.95 7.63
N ALA A 541 28.37 45.24 7.41
CA ALA A 541 29.29 45.57 6.35
C ALA A 541 28.60 45.54 5.00
N LYS A 542 27.84 44.47 4.75
CA LYS A 542 27.09 44.30 3.50
C LYS A 542 26.07 45.43 3.34
N SER A 543 25.48 45.85 4.46
CA SER A 543 24.45 46.87 4.47
C SER A 543 24.99 48.27 4.18
N LEU A 544 26.22 48.52 4.61
CA LEU A 544 26.90 49.80 4.38
C LEU A 544 27.18 50.00 2.88
N GLN A 545 27.39 48.90 2.18
CA GLN A 545 27.77 48.91 0.79
C GLN A 545 26.56 49.17 -0.12
N LYS A 546 25.38 48.70 0.29
CA LYS A 546 24.17 48.98 -0.46
C LYS A 546 23.81 50.46 -0.28
N ILE A 547 24.15 51.01 0.88
CA ILE A 547 23.87 52.42 1.21
C ILE A 547 25.05 53.34 0.89
N GLY A 548 26.05 52.79 0.21
CA GLY A 548 27.24 53.53 -0.21
C GLY A 548 26.98 54.76 -1.08
N PRO A 549 26.49 54.56 -2.33
CA PRO A 549 26.41 55.65 -3.32
C PRO A 549 25.48 56.80 -2.94
N ILE A 550 24.88 56.70 -1.76
CA ILE A 550 23.80 57.59 -1.33
C ILE A 550 24.32 58.66 -0.37
N LEU A 551 25.45 58.37 0.29
CA LEU A 551 25.99 59.23 1.34
C LEU A 551 26.83 60.42 0.82
N ASP A 552 27.36 61.20 1.77
CA ASP A 552 28.16 62.38 1.48
C ASP A 552 29.64 62.02 1.37
N ASN A 553 30.40 62.88 0.70
CA ASN A 553 31.86 62.79 0.60
C ASN A 553 32.55 62.70 1.97
N SER A 554 32.06 63.48 2.94
CA SER A 554 32.66 63.53 4.29
C SER A 554 31.96 62.65 5.35
N THR A 555 30.72 62.25 5.10
CA THR A 555 30.00 61.29 5.96
C THR A 555 30.64 59.89 5.85
N LEU A 556 31.04 59.55 4.63
CA LEU A 556 31.73 58.30 4.36
C LEU A 556 33.13 58.29 4.98
N GLN A 557 33.78 59.45 5.00
CA GLN A 557 35.11 59.59 5.59
C GLN A 557 35.06 59.67 7.11
N SER A 558 34.00 60.29 7.64
CA SER A 558 33.89 60.57 9.07
C SER A 558 33.44 59.38 9.90
N GLU A 559 32.31 58.78 9.54
CA GLU A 559 31.63 57.81 10.41
C GLU A 559 31.54 56.38 9.87
N VAL A 560 31.40 56.25 8.55
CA VAL A 560 31.29 54.94 7.90
C VAL A 560 32.63 54.19 7.84
N LYS A 561 33.68 54.88 7.37
CA LYS A 561 35.01 54.28 7.20
C LYS A 561 35.64 53.73 8.49
N PRO A 562 35.78 54.57 9.54
CA PRO A 562 36.29 54.13 10.84
C PRO A 562 35.57 52.93 11.51
N ILE A 563 34.42 52.52 10.98
CA ILE A 563 33.71 51.37 11.54
C ILE A 563 34.17 50.05 10.90
N LEU A 564 34.14 50.02 9.56
CA LEU A 564 34.68 48.90 8.80
C LEU A 564 36.09 48.54 9.27
N GLU A 565 36.89 49.58 9.54
CA GLU A 565 38.26 49.40 10.00
C GLU A 565 38.37 48.59 11.30
N LYS A 566 37.46 48.82 12.24
CA LYS A 566 37.42 48.02 13.46
C LYS A 566 36.80 46.65 13.21
N LEU A 567 35.94 46.56 12.19
CA LEU A 567 35.31 45.30 11.77
C LEU A 567 36.31 44.31 11.15
N THR A 568 37.33 44.85 10.49
CA THR A 568 38.37 44.04 9.86
C THR A 568 39.13 43.20 10.89
N GLN A 569 39.35 43.75 12.07
CA GLN A 569 40.00 43.02 13.16
C GLN A 569 38.99 42.12 13.88
N ASP A 570 38.50 41.10 13.17
CA ASP A 570 37.47 40.21 13.72
C ASP A 570 37.96 38.77 13.86
N GLN A 571 37.65 38.18 15.02
CA GLN A 571 37.90 36.76 15.31
C GLN A 571 36.96 35.83 14.52
N ASP A 572 36.22 36.42 13.57
CA ASP A 572 35.26 35.71 12.75
C ASP A 572 35.40 36.21 11.32
N VAL A 573 36.30 35.53 10.58
CA VAL A 573 36.60 35.78 9.16
C VAL A 573 35.47 36.38 8.31
N ASP A 574 34.27 35.83 8.46
CA ASP A 574 33.11 36.27 7.69
C ASP A 574 32.91 37.77 7.75
N VAL A 575 33.07 38.34 8.94
CA VAL A 575 32.89 39.78 9.12
C VAL A 575 33.95 40.56 8.35
N LYS A 576 35.22 40.15 8.44
CA LYS A 576 36.28 40.89 7.78
C LYS A 576 36.20 40.87 6.25
N TYR A 577 35.64 39.80 5.69
CA TYR A 577 35.60 39.60 4.24
C TYR A 577 34.59 40.51 3.54
N PHE A 578 33.33 40.43 3.97
CA PHE A 578 32.25 41.30 3.47
C PHE A 578 32.56 42.77 3.79
N ALA A 579 33.42 42.97 4.78
CA ALA A 579 33.85 44.30 5.18
C ALA A 579 35.13 44.70 4.46
N GLN A 580 35.88 43.71 4.00
CA GLN A 580 37.08 43.98 3.22
C GLN A 580 36.65 44.51 1.88
N GLU A 581 35.62 43.87 1.31
CA GLU A 581 35.14 44.18 -0.02
C GLU A 581 34.32 45.47 -0.04
N ALA A 582 33.61 45.74 1.06
CA ALA A 582 32.91 47.00 1.23
C ALA A 582 33.90 48.16 1.06
N LEU A 583 35.04 48.03 1.72
CA LEU A 583 36.12 49.01 1.64
C LEU A 583 36.64 49.16 0.21
N THR A 584 36.67 48.07 -0.55
CA THR A 584 37.15 48.08 -1.94
C THR A 584 36.09 48.57 -2.94
N VAL A 585 34.82 48.40 -2.60
CA VAL A 585 33.72 48.82 -3.49
C VAL A 585 33.48 50.33 -3.39
N LEU A 586 33.92 50.93 -2.29
CA LEU A 586 33.72 52.36 -2.04
C LEU A 586 35.00 53.14 -1.73
N SER A 587 36.16 52.58 -2.08
CA SER A 587 37.49 53.20 -1.82
C SER A 587 37.90 53.30 -0.35
N VAL B 15 5.64 -3.38 48.00
CA VAL B 15 4.41 -4.00 47.42
C VAL B 15 3.35 -2.92 47.21
N LEU B 16 2.66 -3.01 46.07
CA LEU B 16 1.66 -2.04 45.61
C LEU B 16 2.33 -0.85 44.93
N ILE B 17 3.64 -0.70 45.16
CA ILE B 17 4.46 0.25 44.43
C ILE B 17 5.11 -0.49 43.25
N ASP B 18 4.62 -1.71 43.01
CA ASP B 18 4.93 -2.48 41.81
C ASP B 18 3.95 -2.13 40.70
N GLU B 19 4.04 -0.87 40.27
CA GLU B 19 3.31 -0.39 39.13
C GLU B 19 4.24 -0.34 37.91
N LEU B 20 3.85 -1.15 36.92
CA LEU B 20 4.48 -1.18 35.62
C LEU B 20 3.73 -0.24 34.67
N ARG B 21 4.47 0.77 34.20
CA ARG B 21 3.97 1.77 33.27
C ARG B 21 4.94 1.81 32.10
N ASN B 22 5.18 0.62 31.52
CA ASN B 22 5.91 0.48 30.28
C ASN B 22 5.10 1.09 29.16
N GLU B 23 5.70 1.18 27.97
CA GLU B 23 4.90 1.47 26.81
C GLU B 23 4.17 0.20 26.43
N ASP B 24 3.54 -0.33 27.49
CA ASP B 24 2.40 -1.26 27.52
C ASP B 24 2.43 -2.54 26.69
N VAL B 25 1.26 -2.85 26.12
CA VAL B 25 0.99 -4.12 25.46
C VAL B 25 1.46 -5.26 26.37
N GLN B 26 2.34 -6.10 25.85
CA GLN B 26 2.67 -7.40 26.44
C GLN B 26 3.21 -7.34 27.86
N LEU B 27 3.73 -6.19 28.27
CA LEU B 27 4.37 -6.10 29.58
C LEU B 27 3.43 -5.62 30.68
N ARG B 28 2.53 -4.71 30.33
CA ARG B 28 1.50 -4.25 31.28
C ARG B 28 0.43 -5.33 31.42
N LEU B 29 0.23 -6.11 30.36
CA LEU B 29 -0.66 -7.28 30.38
C LEU B 29 -0.18 -8.37 31.35
N ASN B 30 1.13 -8.63 31.36
CA ASN B 30 1.69 -9.66 32.24
C ASN B 30 1.61 -9.26 33.72
N SER B 31 1.80 -7.99 34.00
CA SER B 31 1.78 -7.49 35.37
C SER B 31 0.37 -7.47 35.92
N ILE B 32 -0.61 -7.36 35.03
CA ILE B 32 -1.98 -7.28 35.49
C ILE B 32 -2.55 -8.67 35.79
N LYS B 33 -2.01 -9.70 35.13
CA LYS B 33 -2.46 -11.07 35.35
C LYS B 33 -1.87 -11.60 36.65
N LYS B 34 -0.81 -10.93 37.09
CA LYS B 34 -0.10 -11.29 38.29
C LYS B 34 -0.83 -10.68 39.50
N LEU B 35 -2.09 -10.33 39.29
CA LEU B 35 -2.86 -9.58 40.27
C LEU B 35 -3.49 -10.45 41.37
N SER B 36 -3.68 -11.73 41.04
CA SER B 36 -4.27 -12.70 41.97
C SER B 36 -3.29 -13.19 43.01
N THR B 37 -2.04 -12.73 42.92
CA THR B 37 -0.99 -13.11 43.85
C THR B 37 -0.44 -11.91 44.62
N ILE B 38 -0.77 -10.70 44.16
CA ILE B 38 -0.53 -9.51 44.98
C ILE B 38 -1.34 -9.63 46.28
N ALA B 39 -2.53 -10.21 46.21
CA ALA B 39 -3.37 -10.41 47.39
C ALA B 39 -3.19 -11.77 48.11
N LEU B 40 -2.78 -12.82 47.38
CA LEU B 40 -2.43 -14.09 48.02
C LEU B 40 -1.30 -13.85 49.02
N ALA B 41 -0.53 -12.78 48.79
CA ALA B 41 0.62 -12.44 49.62
C ALA B 41 0.44 -11.14 50.43
N LEU B 42 -0.33 -10.19 49.89
CA LEU B 42 -0.74 -9.01 50.65
C LEU B 42 -1.91 -9.38 51.57
N GLY B 43 -2.30 -8.45 52.45
CA GLY B 43 -3.39 -8.69 53.40
C GLY B 43 -4.77 -8.76 52.76
N VAL B 44 -5.74 -9.30 53.49
CA VAL B 44 -7.14 -9.26 53.08
C VAL B 44 -7.59 -7.80 53.12
N GLU B 45 -7.30 -7.15 54.24
CA GLU B 45 -7.77 -5.79 54.53
C GLU B 45 -7.07 -4.74 53.67
N ARG B 46 -5.77 -4.93 53.46
CA ARG B 46 -5.00 -4.04 52.59
C ARG B 46 -5.43 -4.13 51.12
N THR B 47 -5.91 -5.31 50.72
CA THR B 47 -6.47 -5.50 49.39
C THR B 47 -7.70 -4.62 49.24
N ARG B 48 -8.61 -4.71 50.21
CA ARG B 48 -9.76 -3.81 50.30
C ARG B 48 -9.31 -2.35 50.37
N SER B 49 -8.47 -2.05 51.37
CA SER B 49 -8.05 -0.68 51.61
C SER B 49 -7.13 -0.15 50.51
N GLU B 50 -6.00 -0.82 50.25
CA GLU B 50 -5.02 -0.32 49.26
C GLU B 50 -5.25 -0.77 47.81
N LEU B 51 -5.32 -2.08 47.56
CA LEU B 51 -5.39 -2.58 46.19
C LEU B 51 -6.62 -2.08 45.47
N LEU B 52 -7.80 -2.41 46.00
CA LEU B 52 -9.07 -2.08 45.32
C LEU B 52 -9.17 -0.66 44.76
N PRO B 53 -8.91 0.38 45.61
CA PRO B 53 -9.00 1.78 45.16
C PRO B 53 -8.11 2.12 43.96
N PHE B 54 -6.87 1.64 44.04
CA PHE B 54 -5.86 1.85 43.01
C PHE B 54 -6.41 1.46 41.62
N LEU B 55 -7.16 0.37 41.56
CA LEU B 55 -7.61 -0.19 40.29
C LEU B 55 -8.91 0.42 39.80
N THR B 56 -9.26 1.61 40.29
CA THR B 56 -10.50 2.28 39.89
C THR B 56 -10.20 3.50 39.04
N ASP B 57 -9.10 4.18 39.35
CA ASP B 57 -8.73 5.45 38.71
C ASP B 57 -7.29 5.46 38.21
N THR B 58 -6.80 4.29 37.81
CA THR B 58 -5.44 4.16 37.29
C THR B 58 -5.40 3.45 35.95
N ILE B 59 -6.35 2.55 35.73
CA ILE B 59 -6.28 1.66 34.57
C ILE B 59 -7.09 2.19 33.37
N TYR B 60 -6.35 2.87 32.49
CA TYR B 60 -6.83 3.44 31.21
C TYR B 60 -5.87 2.97 30.10
N ASP B 61 -5.82 1.65 29.96
CA ASP B 61 -4.91 0.97 29.04
C ASP B 61 -5.70 0.58 27.80
N GLU B 62 -5.16 -0.39 27.05
CA GLU B 62 -5.85 -0.93 25.88
C GLU B 62 -6.72 -2.13 26.27
N ASP B 63 -7.56 -2.55 25.33
CA ASP B 63 -8.52 -3.65 25.52
C ASP B 63 -7.93 -5.04 25.84
N GLU B 64 -6.66 -5.26 25.52
CA GLU B 64 -5.95 -6.49 25.87
C GLU B 64 -5.85 -6.59 27.40
N VAL B 65 -5.27 -5.54 27.98
CA VAL B 65 -4.99 -5.44 29.41
C VAL B 65 -6.25 -5.40 30.26
N LEU B 66 -7.24 -4.62 29.84
CA LEU B 66 -8.42 -4.36 30.64
C LEU B 66 -9.29 -5.60 30.80
N LEU B 67 -9.24 -6.46 29.79
CA LEU B 67 -9.97 -7.71 29.78
C LEU B 67 -9.42 -8.64 30.84
N ALA B 68 -8.11 -8.63 31.03
CA ALA B 68 -7.52 -9.42 32.11
C ALA B 68 -8.03 -8.96 33.46
N LEU B 69 -8.20 -7.64 33.63
CA LEU B 69 -8.67 -7.05 34.88
C LEU B 69 -10.13 -7.41 35.26
N ALA B 70 -11.06 -7.21 34.32
CA ALA B 70 -12.43 -7.63 34.54
C ALA B 70 -12.46 -9.07 35.06
N GLU B 71 -11.97 -10.00 34.24
CA GLU B 71 -12.13 -11.43 34.51
C GLU B 71 -11.36 -11.84 35.75
N GLN B 72 -10.32 -11.07 36.06
CA GLN B 72 -9.60 -11.23 37.30
C GLN B 72 -10.55 -10.94 38.47
N LEU B 73 -11.25 -9.81 38.37
CA LEU B 73 -12.12 -9.36 39.45
C LEU B 73 -13.37 -10.20 39.64
N GLY B 74 -13.74 -11.00 38.65
CA GLY B 74 -14.87 -11.92 38.78
C GLY B 74 -14.58 -13.10 39.70
N THR B 75 -13.36 -13.14 40.23
CA THR B 75 -12.96 -14.22 41.09
C THR B 75 -12.14 -13.75 42.28
N PHE B 76 -12.14 -12.43 42.49
CA PHE B 76 -11.50 -11.82 43.65
C PHE B 76 -12.26 -11.98 44.99
N THR B 77 -13.40 -12.67 44.97
CA THR B 77 -14.27 -12.79 46.15
C THR B 77 -13.52 -13.34 47.34
N THR B 78 -12.97 -14.52 47.16
CA THR B 78 -12.31 -15.26 48.22
C THR B 78 -10.94 -14.62 48.59
N LEU B 79 -10.72 -13.39 48.13
CA LEU B 79 -9.50 -12.63 48.34
C LEU B 79 -9.79 -11.26 48.99
N VAL B 80 -11.05 -10.85 48.92
CA VAL B 80 -11.50 -9.61 49.55
C VAL B 80 -12.09 -9.89 50.95
N GLY B 81 -12.25 -11.18 51.27
CA GLY B 81 -12.67 -11.57 52.60
C GLY B 81 -13.88 -12.48 52.63
N GLY B 82 -14.29 -12.95 51.45
CA GLY B 82 -15.48 -13.81 51.30
C GLY B 82 -16.70 -13.01 50.91
N PRO B 83 -17.91 -13.60 51.06
CA PRO B 83 -19.15 -12.89 50.73
C PRO B 83 -19.29 -11.56 51.50
N GLU B 84 -19.01 -11.61 52.80
CA GLU B 84 -19.26 -10.49 53.71
C GLU B 84 -18.84 -9.12 53.17
N TYR B 85 -17.92 -9.12 52.20
CA TYR B 85 -17.36 -7.86 51.69
C TYR B 85 -17.35 -7.78 50.17
N VAL B 86 -17.91 -8.78 49.49
CA VAL B 86 -17.84 -8.84 48.02
C VAL B 86 -18.23 -7.52 47.37
N HIS B 87 -18.92 -6.67 48.12
CA HIS B 87 -19.39 -5.36 47.60
C HIS B 87 -18.26 -4.37 47.37
N CYS B 88 -17.08 -4.67 47.91
CA CYS B 88 -15.87 -3.91 47.64
C CYS B 88 -15.34 -4.05 46.21
N LEU B 89 -15.89 -5.01 45.45
CA LEU B 89 -15.50 -5.25 44.07
C LEU B 89 -16.34 -4.43 43.10
N LEU B 90 -17.35 -3.74 43.62
CA LEU B 90 -18.22 -2.97 42.75
C LEU B 90 -17.49 -1.77 42.17
N PRO B 91 -16.82 -0.96 43.00
CA PRO B 91 -16.16 0.24 42.54
C PRO B 91 -15.34 0.08 41.24
N PRO B 92 -14.47 -0.95 41.14
CA PRO B 92 -13.73 -1.09 39.89
C PRO B 92 -14.56 -1.64 38.71
N LEU B 93 -15.28 -2.73 38.95
CA LEU B 93 -16.13 -3.34 37.93
C LEU B 93 -17.13 -2.35 37.35
N GLU B 94 -17.70 -1.52 38.21
CA GLU B 94 -18.60 -0.49 37.75
C GLU B 94 -17.85 0.46 36.81
N SER B 95 -16.65 0.86 37.21
CA SER B 95 -15.79 1.73 36.42
C SER B 95 -15.51 1.12 35.05
N LEU B 96 -15.15 -0.16 35.04
CA LEU B 96 -14.93 -0.91 33.81
C LEU B 96 -16.18 -0.92 32.97
N ALA B 97 -17.31 -1.29 33.57
CA ALA B 97 -18.60 -1.35 32.87
C ALA B 97 -19.02 -0.07 32.11
N THR B 98 -18.11 0.88 31.92
CA THR B 98 -18.44 2.19 31.35
C THR B 98 -17.52 2.60 30.21
N VAL B 99 -16.51 1.76 29.96
CA VAL B 99 -15.49 2.08 28.97
C VAL B 99 -16.08 2.01 27.55
N GLU B 100 -15.48 2.74 26.61
CA GLU B 100 -16.03 2.83 25.25
C GLU B 100 -16.03 1.48 24.56
N GLU B 101 -14.96 0.70 24.79
CA GLU B 101 -14.79 -0.56 24.09
C GLU B 101 -15.73 -1.65 24.58
N THR B 102 -16.55 -2.13 23.64
CA THR B 102 -17.69 -3.00 23.90
C THR B 102 -17.37 -4.45 24.31
N VAL B 103 -16.10 -4.82 24.27
CA VAL B 103 -15.69 -6.16 24.69
C VAL B 103 -15.36 -6.15 26.18
N VAL B 104 -14.87 -5.00 26.65
CA VAL B 104 -14.40 -4.86 28.03
C VAL B 104 -15.59 -4.67 28.96
N ARG B 105 -16.54 -3.84 28.52
CA ARG B 105 -17.78 -3.68 29.24
C ARG B 105 -18.41 -5.03 29.47
N ASP B 106 -18.44 -5.85 28.41
CA ASP B 106 -19.03 -7.18 28.48
C ASP B 106 -18.44 -8.08 29.54
N LYS B 107 -17.12 -8.09 29.68
CA LYS B 107 -16.47 -8.87 30.74
C LYS B 107 -16.81 -8.32 32.13
N ALA B 108 -16.71 -7.01 32.26
CA ALA B 108 -17.04 -6.34 33.50
C ALA B 108 -18.40 -6.81 33.87
N VAL B 109 -19.36 -6.68 32.93
CA VAL B 109 -20.71 -7.18 33.18
C VAL B 109 -20.73 -8.67 33.57
N GLU B 110 -20.09 -9.51 32.79
CA GLU B 110 -20.06 -10.94 33.10
C GLU B 110 -19.57 -11.21 34.52
N SER B 111 -18.67 -10.33 34.98
CA SER B 111 -18.05 -10.45 36.30
C SER B 111 -18.98 -9.99 37.40
N LEU B 112 -19.64 -8.83 37.20
CA LEU B 112 -20.71 -8.36 38.12
C LEU B 112 -21.82 -9.39 38.32
N ARG B 113 -22.37 -9.87 37.22
CA ARG B 113 -23.30 -10.99 37.23
C ARG B 113 -22.83 -12.10 38.09
N ALA B 114 -21.61 -12.58 37.80
CA ALA B 114 -21.02 -13.68 38.55
C ALA B 114 -21.14 -13.40 40.03
N ILE B 115 -20.58 -12.26 40.46
CA ILE B 115 -20.47 -11.93 41.89
C ILE B 115 -21.75 -11.38 42.57
N SER B 116 -22.79 -11.10 41.80
CA SER B 116 -24.06 -10.65 42.39
C SER B 116 -24.69 -11.77 43.23
N HIS B 117 -24.35 -13.00 42.90
CA HIS B 117 -24.92 -14.15 43.57
C HIS B 117 -24.35 -14.36 44.94
N GLU B 118 -23.28 -13.65 45.27
CA GLU B 118 -22.64 -13.81 46.57
C GLU B 118 -23.09 -12.72 47.52
N HIS B 119 -23.68 -11.67 46.97
CA HIS B 119 -24.38 -10.70 47.78
C HIS B 119 -25.52 -11.39 48.49
N SER B 120 -25.60 -11.25 49.82
CA SER B 120 -26.80 -11.64 50.57
C SER B 120 -28.00 -10.78 50.12
N PRO B 121 -29.24 -11.29 50.27
CA PRO B 121 -30.38 -10.51 49.77
C PRO B 121 -30.38 -9.03 50.18
N SER B 122 -29.94 -8.76 51.42
CA SER B 122 -29.76 -7.40 51.92
C SER B 122 -28.67 -6.62 51.19
N ASP B 123 -27.42 -7.07 51.28
CA ASP B 123 -26.31 -6.49 50.52
C ASP B 123 -26.66 -6.24 49.03
N LEU B 124 -27.47 -7.14 48.47
CA LEU B 124 -27.94 -7.01 47.11
C LEU B 124 -28.65 -5.67 46.98
N GLU B 125 -29.50 -5.34 47.97
CA GLU B 125 -30.35 -4.16 47.94
C GLU B 125 -29.55 -2.94 48.37
N ALA B 126 -28.71 -3.11 49.39
CA ALA B 126 -27.81 -2.03 49.82
C ALA B 126 -26.90 -1.54 48.68
N HIS B 127 -26.21 -2.47 48.02
CA HIS B 127 -25.09 -2.11 47.19
C HIS B 127 -25.31 -2.34 45.71
N PHE B 128 -25.73 -3.55 45.36
CA PHE B 128 -25.83 -3.93 43.94
C PHE B 128 -26.86 -3.11 43.19
N VAL B 129 -28.09 -3.09 43.70
CA VAL B 129 -29.20 -2.41 43.03
C VAL B 129 -28.91 -0.92 42.72
N PRO B 130 -28.39 -0.16 43.72
CA PRO B 130 -27.99 1.21 43.43
C PRO B 130 -26.97 1.31 42.30
N LEU B 131 -26.10 0.31 42.16
CA LEU B 131 -25.14 0.28 41.06
C LEU B 131 -25.89 0.16 39.74
N VAL B 132 -26.80 -0.82 39.68
CA VAL B 132 -27.67 -0.97 38.51
C VAL B 132 -28.31 0.36 38.14
N LYS B 133 -29.04 0.97 39.10
CA LYS B 133 -29.75 2.24 38.92
C LYS B 133 -28.79 3.36 38.53
N ARG B 134 -27.61 3.34 39.12
CA ARG B 134 -26.56 4.30 38.81
C ARG B 134 -26.17 4.19 37.35
N LEU B 135 -26.00 2.93 36.91
CA LEU B 135 -25.67 2.61 35.52
C LEU B 135 -26.86 2.83 34.60
N ALA B 136 -28.02 2.32 35.00
CA ALA B 136 -29.20 2.39 34.15
C ALA B 136 -29.60 3.82 33.86
N GLY B 137 -29.37 4.70 34.84
CA GLY B 137 -29.75 6.09 34.67
C GLY B 137 -28.62 7.00 34.19
N GLY B 138 -27.40 6.46 34.14
CA GLY B 138 -26.20 7.23 33.78
C GLY B 138 -26.27 7.95 32.46
N ASP B 139 -25.41 8.96 32.33
CA ASP B 139 -25.46 9.89 31.21
C ASP B 139 -24.96 9.29 29.89
N TRP B 140 -24.01 8.36 30.01
CA TRP B 140 -23.35 7.72 28.87
C TRP B 140 -24.04 6.43 28.44
N PHE B 141 -24.22 6.27 27.14
CA PHE B 141 -24.86 5.07 26.58
C PHE B 141 -24.13 3.76 26.89
N THR B 142 -22.84 3.83 27.18
CA THR B 142 -22.07 2.63 27.46
C THR B 142 -22.47 2.13 28.82
N SER B 143 -22.86 3.06 29.69
CA SER B 143 -23.32 2.71 31.03
C SER B 143 -24.71 2.14 30.99
N ARG B 144 -25.51 2.66 30.08
CA ARG B 144 -26.87 2.21 29.99
C ARG B 144 -26.98 0.85 29.35
N THR B 145 -26.09 0.51 28.43
CA THR B 145 -26.10 -0.85 27.87
C THR B 145 -25.66 -1.88 28.92
N SER B 146 -24.61 -1.56 29.68
CA SER B 146 -24.19 -2.46 30.76
C SER B 146 -25.33 -2.79 31.71
N ALA B 147 -26.20 -1.81 31.94
CA ALA B 147 -27.29 -1.93 32.88
C ALA B 147 -28.25 -3.01 32.45
N CYS B 148 -28.48 -3.09 31.13
CA CYS B 148 -29.40 -4.05 30.54
C CYS B 148 -29.12 -5.47 30.94
N GLY B 149 -27.88 -5.76 31.29
CA GLY B 149 -27.50 -7.11 31.51
C GLY B 149 -27.35 -7.42 32.96
N LEU B 150 -27.94 -6.60 33.84
CA LEU B 150 -27.83 -6.90 35.28
C LEU B 150 -29.18 -7.03 35.99
N PHE B 151 -30.24 -6.60 35.29
CA PHE B 151 -31.59 -6.70 35.82
C PHE B 151 -31.98 -8.14 36.18
N SER B 152 -31.85 -9.06 35.24
CA SER B 152 -32.25 -10.45 35.45
C SER B 152 -31.66 -11.13 36.66
N VAL B 153 -30.37 -10.94 36.94
CA VAL B 153 -29.73 -11.74 38.01
C VAL B 153 -30.15 -11.27 39.36
N CYS B 154 -30.38 -9.96 39.51
CA CYS B 154 -30.67 -9.40 40.83
C CYS B 154 -32.17 -9.43 41.20
N TYR B 155 -33.04 -9.26 40.21
CA TYR B 155 -34.49 -9.27 40.40
C TYR B 155 -35.09 -10.39 41.29
N PRO B 156 -34.70 -11.65 41.09
CA PRO B 156 -35.41 -12.67 41.86
C PRO B 156 -35.24 -12.62 43.39
N ARG B 157 -34.24 -11.88 43.88
CA ARG B 157 -34.03 -11.84 45.34
C ARG B 157 -34.33 -10.51 46.01
N VAL B 158 -34.49 -9.44 45.22
CA VAL B 158 -34.88 -8.14 45.77
C VAL B 158 -36.34 -8.16 46.22
N SER B 159 -36.73 -7.17 47.05
CA SER B 159 -38.12 -7.08 47.55
C SER B 159 -39.10 -6.70 46.45
N SER B 160 -40.38 -6.98 46.71
CA SER B 160 -41.44 -6.68 45.77
C SER B 160 -41.39 -5.24 45.27
N ALA B 161 -41.01 -4.33 46.16
CA ALA B 161 -41.03 -2.90 45.88
C ALA B 161 -39.88 -2.49 44.98
N VAL B 162 -38.75 -3.18 45.15
CA VAL B 162 -37.56 -2.89 44.37
C VAL B 162 -37.71 -3.48 42.97
N LYS B 163 -38.40 -4.62 42.88
CA LYS B 163 -38.80 -5.19 41.61
C LYS B 163 -39.54 -4.17 40.75
N ALA B 164 -40.49 -3.44 41.35
CA ALA B 164 -41.22 -2.38 40.64
C ALA B 164 -40.26 -1.34 40.09
N GLU B 165 -39.35 -0.87 40.94
CA GLU B 165 -38.38 0.15 40.51
C GLU B 165 -37.54 -0.39 39.37
N LEU B 166 -37.10 -1.64 39.51
CA LEU B 166 -36.34 -2.27 38.45
C LEU B 166 -37.14 -2.38 37.16
N ARG B 167 -38.38 -2.81 37.24
CA ARG B 167 -39.20 -2.92 36.04
C ARG B 167 -39.33 -1.56 35.34
N GLN B 168 -39.50 -0.50 36.12
CA GLN B 168 -39.66 0.84 35.57
C GLN B 168 -38.40 1.30 34.84
N TYR B 169 -37.25 0.84 35.35
CA TYR B 169 -35.94 1.14 34.76
C TYR B 169 -35.66 0.45 33.44
N PHE B 170 -35.86 -0.87 33.40
CA PHE B 170 -35.77 -1.62 32.16
C PHE B 170 -36.73 -1.02 31.15
N ARG B 171 -37.92 -0.64 31.60
CA ARG B 171 -38.86 -0.02 30.71
C ARG B 171 -38.22 1.20 30.07
N ASN B 172 -37.71 2.13 30.87
CA ASN B 172 -37.04 3.33 30.32
C ASN B 172 -35.94 3.00 29.31
N LEU B 173 -35.15 1.97 29.60
CA LEU B 173 -34.06 1.57 28.69
C LEU B 173 -34.56 1.17 27.31
N CYS B 174 -35.65 0.42 27.21
CA CYS B 174 -36.23 0.12 25.90
C CYS B 174 -36.64 1.37 25.11
N SER B 175 -36.88 2.48 25.80
CA SER B 175 -37.27 3.74 25.15
C SER B 175 -36.12 4.72 24.97
N ASP B 176 -34.89 4.19 24.97
CA ASP B 176 -33.67 4.98 24.95
C ASP B 176 -33.47 5.81 23.66
N ASP B 177 -32.77 6.94 23.77
CA ASP B 177 -32.62 7.85 22.63
C ASP B 177 -31.55 7.36 21.67
N THR B 178 -30.69 6.49 22.17
CA THR B 178 -29.68 5.88 21.33
C THR B 178 -30.12 4.47 20.96
N PRO B 179 -29.90 4.06 19.70
CA PRO B 179 -30.16 2.68 19.29
C PRO B 179 -29.27 1.66 20.01
N MET B 180 -28.04 2.03 20.37
CA MET B 180 -27.18 1.12 21.11
C MET B 180 -27.87 0.55 22.35
N VAL B 181 -28.55 1.40 23.12
CA VAL B 181 -29.13 0.94 24.39
C VAL B 181 -30.38 0.11 24.13
N ARG B 182 -31.13 0.49 23.10
CA ARG B 182 -32.28 -0.26 22.70
C ARG B 182 -31.89 -1.66 22.24
N ARG B 183 -30.79 -1.75 21.49
CA ARG B 183 -30.28 -3.07 21.11
C ARG B 183 -29.99 -3.89 22.38
N ALA B 184 -29.38 -3.26 23.38
CA ALA B 184 -28.95 -4.00 24.56
C ALA B 184 -30.15 -4.43 25.36
N ALA B 185 -31.20 -3.62 25.32
CA ALA B 185 -32.44 -3.93 26.03
C ALA B 185 -33.19 -5.05 25.30
N ALA B 186 -33.25 -4.94 23.98
CA ALA B 186 -33.90 -5.96 23.16
C ALA B 186 -33.38 -7.37 23.47
N SER B 187 -32.06 -7.52 23.60
CA SER B 187 -31.44 -8.82 23.78
C SER B 187 -31.58 -9.37 25.17
N LYS B 188 -31.68 -8.51 26.17
CA LYS B 188 -31.81 -9.04 27.54
C LYS B 188 -33.26 -9.15 27.99
N LEU B 189 -34.18 -8.70 27.15
CA LEU B 189 -35.60 -8.74 27.41
C LEU B 189 -36.07 -10.16 27.71
N GLY B 190 -35.69 -11.10 26.85
CA GLY B 190 -36.09 -12.49 27.02
C GLY B 190 -35.74 -13.05 28.38
N GLU B 191 -34.47 -12.91 28.77
CA GLU B 191 -34.03 -13.54 30.00
C GLU B 191 -34.52 -12.79 31.20
N PHE B 192 -34.87 -11.51 30.99
CA PHE B 192 -35.49 -10.71 32.03
C PHE B 192 -36.97 -11.07 32.21
N ALA B 193 -37.68 -11.23 31.11
CA ALA B 193 -39.06 -11.73 31.13
C ALA B 193 -39.20 -13.01 31.96
N LYS B 194 -38.15 -13.81 31.95
CA LYS B 194 -38.19 -15.12 32.59
C LYS B 194 -38.23 -15.05 34.11
N VAL B 195 -37.60 -14.02 34.67
CA VAL B 195 -37.53 -13.96 36.12
C VAL B 195 -38.67 -13.10 36.66
N LEU B 196 -39.44 -12.50 35.75
CA LEU B 196 -40.67 -11.79 36.10
C LEU B 196 -41.83 -12.76 36.24
N GLU B 197 -42.80 -12.33 37.05
CA GLU B 197 -44.05 -13.03 37.31
C GLU B 197 -45.01 -12.76 36.13
N LEU B 198 -45.89 -13.73 35.83
CA LEU B 198 -46.72 -13.70 34.60
C LEU B 198 -47.65 -12.48 34.47
N ASP B 199 -48.14 -11.99 35.60
CA ASP B 199 -48.99 -10.80 35.64
C ASP B 199 -48.31 -9.64 34.90
N ASN B 200 -46.98 -9.59 35.03
CA ASN B 200 -46.17 -8.51 34.47
C ASN B 200 -45.53 -8.85 33.15
N VAL B 201 -45.46 -10.14 32.82
CA VAL B 201 -45.02 -10.49 31.48
C VAL B 201 -46.12 -10.11 30.49
N LYS B 202 -47.37 -10.31 30.89
CA LYS B 202 -48.50 -9.98 30.05
C LYS B 202 -48.72 -8.47 29.94
N SER B 203 -48.43 -7.75 31.01
CA SER B 203 -48.77 -6.31 31.04
C SER B 203 -47.61 -5.36 30.79
N GLU B 204 -46.41 -5.76 31.17
CA GLU B 204 -45.24 -4.89 31.09
C GLU B 204 -44.27 -5.37 30.02
N ILE B 205 -43.98 -6.67 29.98
CA ILE B 205 -43.11 -7.18 28.93
C ILE B 205 -43.72 -7.01 27.55
N ILE B 206 -44.87 -7.63 27.29
CA ILE B 206 -45.45 -7.65 25.93
C ILE B 206 -45.47 -6.30 25.19
N PRO B 207 -45.94 -5.20 25.83
CA PRO B 207 -45.87 -3.95 25.09
C PRO B 207 -44.44 -3.62 24.70
N MET B 208 -43.51 -3.82 25.64
CA MET B 208 -42.09 -3.52 25.45
C MET B 208 -41.58 -4.32 24.28
N PHE B 209 -41.92 -5.59 24.29
CA PHE B 209 -41.54 -6.51 23.23
C PHE B 209 -42.02 -5.97 21.87
N SER B 210 -43.33 -6.07 21.63
CA SER B 210 -44.01 -5.48 20.49
C SER B 210 -43.36 -4.20 19.94
N ASN B 211 -43.01 -3.29 20.85
CA ASN B 211 -42.37 -2.01 20.50
C ASN B 211 -41.00 -2.21 19.88
N LEU B 212 -40.16 -2.97 20.58
CA LEU B 212 -38.85 -3.31 20.08
C LEU B 212 -38.92 -4.04 18.73
N ALA B 213 -39.79 -5.04 18.62
CA ALA B 213 -40.00 -5.78 17.39
C ALA B 213 -40.37 -4.96 16.16
N SER B 214 -40.59 -3.66 16.33
CA SER B 214 -40.99 -2.84 15.19
C SER B 214 -40.26 -1.52 15.20
N ASP B 215 -39.19 -1.47 15.97
CA ASP B 215 -38.24 -0.38 15.92
C ASP B 215 -37.96 -0.01 14.47
N GLU B 216 -37.67 1.26 14.19
CA GLU B 216 -37.28 1.59 12.81
C GLU B 216 -36.02 0.79 12.39
N GLN B 217 -35.00 0.84 13.26
CA GLN B 217 -33.71 0.18 13.05
C GLN B 217 -33.81 -1.34 12.91
N ASP B 218 -33.39 -1.86 11.75
CA ASP B 218 -33.33 -3.30 11.45
C ASP B 218 -32.59 -4.03 12.57
N SER B 219 -31.52 -3.38 12.99
CA SER B 219 -30.61 -3.83 14.00
C SER B 219 -31.25 -4.18 15.33
N VAL B 220 -32.39 -3.58 15.64
CA VAL B 220 -33.07 -3.83 16.90
C VAL B 220 -34.10 -4.92 16.65
N ARG B 221 -34.93 -4.74 15.62
CA ARG B 221 -35.97 -5.72 15.21
C ARG B 221 -35.42 -7.13 15.08
N LEU B 222 -34.16 -7.21 14.67
CA LEU B 222 -33.44 -8.45 14.54
C LEU B 222 -33.35 -9.17 15.88
N LEU B 223 -33.06 -8.44 16.96
CA LEU B 223 -32.98 -9.07 18.28
C LEU B 223 -34.37 -9.35 18.87
N ALA B 224 -35.42 -9.03 18.11
CA ALA B 224 -36.77 -9.33 18.57
C ALA B 224 -37.00 -10.83 18.61
N VAL B 225 -36.39 -11.54 17.65
CA VAL B 225 -36.70 -12.95 17.40
C VAL B 225 -36.38 -13.87 18.57
N GLU B 226 -35.18 -13.79 19.13
CA GLU B 226 -34.85 -14.62 20.31
C GLU B 226 -35.79 -14.31 21.48
N ALA B 227 -36.12 -13.02 21.64
CA ALA B 227 -37.04 -12.57 22.68
C ALA B 227 -38.38 -13.28 22.51
N CYS B 228 -38.79 -13.35 21.25
CA CYS B 228 -40.04 -14.01 20.83
C CYS B 228 -40.03 -15.49 21.21
N VAL B 229 -39.00 -16.20 20.73
CA VAL B 229 -38.68 -17.56 21.20
C VAL B 229 -38.78 -17.67 22.72
N ASN B 230 -38.16 -16.75 23.46
CA ASN B 230 -38.20 -16.81 24.91
C ASN B 230 -39.57 -16.55 25.51
N ILE B 231 -40.32 -15.62 24.91
CA ILE B 231 -41.63 -15.29 25.43
C ILE B 231 -42.65 -16.39 25.16
N ALA B 232 -42.62 -16.94 23.95
CA ALA B 232 -43.48 -18.07 23.56
C ALA B 232 -43.41 -19.18 24.60
N GLN B 233 -42.19 -19.55 24.99
CA GLN B 233 -41.94 -20.59 25.98
C GLN B 233 -42.62 -20.33 27.30
N LEU B 234 -42.67 -19.07 27.72
CA LEU B 234 -43.27 -18.68 29.00
C LEU B 234 -44.81 -18.69 29.02
N LEU B 235 -45.42 -18.53 27.84
CA LEU B 235 -46.88 -18.42 27.75
C LEU B 235 -47.58 -19.76 27.44
N PRO B 236 -48.86 -19.90 27.84
CA PRO B 236 -49.67 -21.05 27.45
C PRO B 236 -50.27 -20.88 26.05
N GLN B 237 -50.53 -21.99 25.37
CA GLN B 237 -51.09 -22.01 24.01
C GLN B 237 -52.20 -20.97 23.75
N GLU B 238 -53.18 -20.91 24.66
CA GLU B 238 -54.27 -19.92 24.62
C GLU B 238 -53.76 -18.53 24.19
N ASP B 239 -53.03 -17.90 25.11
CA ASP B 239 -52.48 -16.54 24.97
C ASP B 239 -51.50 -16.33 23.80
N LEU B 240 -51.03 -17.42 23.19
CA LEU B 240 -50.02 -17.30 22.13
C LEU B 240 -50.47 -16.62 20.83
N GLU B 241 -51.76 -16.71 20.52
CA GLU B 241 -52.29 -16.09 19.31
C GLU B 241 -52.45 -14.57 19.46
N ALA B 242 -52.97 -14.16 20.62
CA ALA B 242 -53.22 -12.74 20.92
C ALA B 242 -51.96 -11.93 21.20
N LEU B 243 -50.93 -12.60 21.75
CA LEU B 243 -49.74 -11.90 22.30
C LEU B 243 -48.38 -12.10 21.60
N VAL B 244 -48.24 -13.09 20.74
CA VAL B 244 -46.95 -13.36 20.09
C VAL B 244 -47.05 -13.53 18.56
N MET B 245 -48.08 -14.25 18.12
CA MET B 245 -48.17 -14.58 16.73
C MET B 245 -48.14 -13.37 15.77
N PRO B 246 -48.80 -12.25 16.12
CA PRO B 246 -48.72 -11.18 15.13
C PRO B 246 -47.27 -10.79 14.91
N THR B 247 -46.55 -10.59 16.01
CA THR B 247 -45.15 -10.18 15.93
C THR B 247 -44.24 -11.20 15.23
N LEU B 248 -44.45 -12.49 15.52
CA LEU B 248 -43.69 -13.55 14.85
C LEU B 248 -43.98 -13.57 13.37
N ARG B 249 -45.21 -13.30 12.98
CA ARG B 249 -45.56 -13.37 11.57
C ARG B 249 -45.03 -12.12 10.88
N GLN B 250 -45.10 -10.99 11.57
CA GLN B 250 -44.57 -9.74 11.05
C GLN B 250 -43.10 -9.92 10.79
N ALA B 251 -42.41 -10.54 11.77
CA ALA B 251 -40.98 -10.86 11.71
C ALA B 251 -40.62 -11.68 10.48
N ALA B 252 -41.37 -12.75 10.25
CA ALA B 252 -41.14 -13.64 9.11
C ALA B 252 -41.26 -12.88 7.81
N GLU B 253 -42.15 -11.90 7.75
CA GLU B 253 -42.38 -11.18 6.52
C GLU B 253 -41.62 -9.85 6.49
N ASP B 254 -40.79 -9.62 7.50
CA ASP B 254 -40.08 -8.37 7.71
C ASP B 254 -39.30 -7.88 6.48
N LYS B 255 -39.19 -6.56 6.34
CA LYS B 255 -38.56 -5.94 5.17
C LYS B 255 -37.10 -6.26 4.98
N SER B 256 -36.35 -6.41 6.07
CA SER B 256 -34.91 -6.59 5.96
C SER B 256 -34.55 -8.06 6.09
N TRP B 257 -33.74 -8.52 5.15
CA TRP B 257 -33.25 -9.89 5.17
C TRP B 257 -32.57 -10.25 6.49
N ARG B 258 -32.09 -9.26 7.23
CA ARG B 258 -31.41 -9.56 8.47
C ARG B 258 -32.38 -10.12 9.49
N VAL B 259 -33.53 -9.47 9.66
CA VAL B 259 -34.57 -9.95 10.55
C VAL B 259 -35.07 -11.31 10.08
N ARG B 260 -35.34 -11.44 8.78
CA ARG B 260 -35.76 -12.72 8.22
C ARG B 260 -34.69 -13.78 8.43
N TYR B 261 -33.41 -13.40 8.39
CA TYR B 261 -32.38 -14.37 8.66
C TYR B 261 -32.56 -15.01 10.05
N MET B 262 -32.76 -14.17 11.06
CA MET B 262 -32.94 -14.61 12.44
C MET B 262 -34.17 -15.49 12.68
N VAL B 263 -35.17 -15.38 11.82
CA VAL B 263 -36.33 -16.25 11.93
C VAL B 263 -35.99 -17.65 11.42
N ALA B 264 -35.37 -17.71 10.25
CA ALA B 264 -34.91 -18.99 9.74
C ALA B 264 -33.94 -19.65 10.73
N ASP B 265 -32.96 -18.87 11.20
CA ASP B 265 -31.91 -19.40 12.08
C ASP B 265 -32.38 -19.88 13.44
N LYS B 266 -33.41 -19.26 13.97
CA LYS B 266 -33.98 -19.71 15.23
C LYS B 266 -35.30 -20.47 15.06
N PHE B 267 -35.52 -21.06 13.89
CA PHE B 267 -36.82 -21.63 13.55
C PHE B 267 -37.21 -22.84 14.37
N THR B 268 -36.40 -23.88 14.29
CA THR B 268 -36.68 -25.10 15.02
C THR B 268 -36.89 -24.87 16.51
N GLU B 269 -36.47 -23.71 17.02
CA GLU B 269 -36.64 -23.37 18.44
C GLU B 269 -37.98 -22.69 18.65
N LEU B 270 -38.38 -21.89 17.66
CA LEU B 270 -39.67 -21.22 17.64
C LEU B 270 -40.80 -22.25 17.75
N GLN B 271 -40.72 -23.30 16.90
CA GLN B 271 -41.68 -24.38 16.94
C GLN B 271 -41.79 -24.97 18.33
N LYS B 272 -40.68 -25.44 18.90
CA LYS B 272 -40.67 -26.07 20.24
C LYS B 272 -41.31 -25.19 21.31
N ALA B 273 -41.33 -23.89 21.06
CA ALA B 273 -41.84 -22.92 22.02
C ALA B 273 -43.34 -22.80 21.92
N VAL B 274 -43.85 -22.74 20.69
CA VAL B 274 -45.26 -22.42 20.45
C VAL B 274 -46.23 -23.60 20.70
N GLY B 275 -46.15 -24.62 19.84
CA GLY B 275 -47.02 -25.78 19.97
C GLY B 275 -46.87 -26.72 18.79
N PRO B 276 -47.26 -28.00 18.97
CA PRO B 276 -47.35 -28.89 17.82
C PRO B 276 -48.41 -28.39 16.86
N GLU B 277 -49.48 -27.81 17.39
CA GLU B 277 -50.59 -27.32 16.55
C GLU B 277 -50.35 -25.98 15.83
N ILE B 278 -49.90 -24.96 16.57
CA ILE B 278 -49.57 -23.67 15.97
C ILE B 278 -48.46 -23.82 14.93
N THR B 279 -47.55 -24.77 15.14
CA THR B 279 -46.52 -25.01 14.13
C THR B 279 -47.21 -25.29 12.80
N LYS B 280 -48.05 -26.34 12.79
CA LYS B 280 -48.76 -26.79 11.59
C LYS B 280 -49.68 -25.69 11.01
N THR B 281 -50.30 -24.93 11.90
CA THR B 281 -51.19 -23.83 11.55
C THR B 281 -50.49 -22.63 10.90
N ASP B 282 -49.43 -22.14 11.57
CA ASP B 282 -48.76 -20.88 11.25
C ASP B 282 -47.33 -21.02 10.76
N LEU B 283 -46.56 -21.92 11.38
CA LEU B 283 -45.11 -22.04 11.05
C LEU B 283 -44.79 -22.71 9.72
N VAL B 284 -45.31 -23.93 9.51
CA VAL B 284 -45.18 -24.66 8.25
C VAL B 284 -45.34 -23.81 6.97
N PRO B 285 -46.37 -22.94 6.91
CA PRO B 285 -46.44 -22.02 5.76
C PRO B 285 -45.35 -20.93 5.74
N ALA B 286 -44.87 -20.51 6.91
CA ALA B 286 -43.90 -19.42 6.98
C ALA B 286 -42.53 -19.92 6.58
N PHE B 287 -42.29 -21.18 6.90
CA PHE B 287 -41.07 -21.89 6.55
C PHE B 287 -40.91 -22.02 5.03
N GLN B 288 -42.00 -22.36 4.35
CA GLN B 288 -42.04 -22.39 2.88
C GLN B 288 -41.60 -21.08 2.21
N ASN B 289 -41.88 -19.97 2.88
CA ASN B 289 -41.60 -18.65 2.31
C ASN B 289 -40.15 -18.30 2.54
N LEU B 290 -39.64 -18.79 3.68
CA LEU B 290 -38.24 -18.64 4.06
C LEU B 290 -37.39 -19.42 3.10
N MET B 291 -37.80 -20.66 2.82
CA MET B 291 -37.15 -21.51 1.80
C MET B 291 -37.09 -20.84 0.42
N LYS B 292 -37.77 -19.69 0.29
CA LYS B 292 -37.91 -19.01 -1.00
C LYS B 292 -37.37 -17.61 -0.96
N ASP B 293 -36.88 -17.20 0.21
CA ASP B 293 -36.43 -15.83 0.42
C ASP B 293 -35.55 -15.35 -0.72
N CYS B 294 -35.71 -14.09 -1.10
CA CYS B 294 -34.94 -13.54 -2.21
C CYS B 294 -33.44 -13.47 -1.89
N GLU B 295 -33.08 -13.54 -0.60
CA GLU B 295 -31.67 -13.44 -0.22
C GLU B 295 -31.04 -14.79 0.13
N ALA B 296 -29.97 -15.10 -0.59
CA ALA B 296 -29.26 -16.40 -0.49
C ALA B 296 -28.98 -16.95 0.93
N GLU B 297 -28.67 -16.06 1.87
CA GLU B 297 -28.30 -16.49 3.22
C GLU B 297 -29.50 -17.01 4.00
N VAL B 298 -30.69 -16.50 3.70
CA VAL B 298 -31.89 -16.92 4.41
C VAL B 298 -32.32 -18.31 3.95
N ARG B 299 -32.28 -18.53 2.64
CA ARG B 299 -32.55 -19.83 2.04
C ARG B 299 -31.69 -20.90 2.69
N ALA B 300 -30.38 -20.63 2.71
CA ALA B 300 -29.42 -21.49 3.37
C ALA B 300 -29.78 -21.72 4.83
N ALA B 301 -30.20 -20.65 5.50
CA ALA B 301 -30.49 -20.73 6.93
C ALA B 301 -31.66 -21.65 7.21
N ALA B 302 -32.64 -21.61 6.32
CA ALA B 302 -33.81 -22.42 6.48
C ALA B 302 -33.49 -23.85 6.10
N SER B 303 -32.51 -24.05 5.21
CA SER B 303 -32.21 -25.41 4.74
C SER B 303 -31.69 -26.29 5.87
N HIS B 304 -30.69 -25.79 6.59
CA HIS B 304 -30.10 -26.51 7.72
C HIS B 304 -31.17 -27.05 8.65
N LYS B 305 -32.31 -26.37 8.67
CA LYS B 305 -33.38 -26.68 9.59
C LYS B 305 -34.35 -27.77 9.11
N VAL B 306 -34.39 -27.97 7.79
CA VAL B 306 -35.34 -28.88 7.18
C VAL B 306 -35.50 -30.19 7.95
N LYS B 307 -34.39 -30.87 8.20
CA LYS B 307 -34.43 -32.17 8.88
C LYS B 307 -34.84 -32.06 10.34
N GLU B 308 -34.26 -31.11 11.06
CA GLU B 308 -34.57 -30.95 12.48
C GLU B 308 -36.04 -30.61 12.74
N PHE B 309 -36.62 -29.87 11.81
CA PHE B 309 -37.99 -29.35 11.89
C PHE B 309 -39.07 -30.39 11.54
N CYS B 310 -38.88 -31.09 10.43
CA CYS B 310 -39.75 -32.21 10.04
C CYS B 310 -39.74 -33.29 11.10
N GLU B 311 -38.57 -33.58 11.63
CA GLU B 311 -38.42 -34.53 12.74
C GLU B 311 -39.36 -34.18 13.89
N ASN B 312 -39.44 -32.88 14.20
CA ASN B 312 -40.14 -32.42 15.39
C ASN B 312 -41.66 -32.14 15.30
N LEU B 313 -42.22 -32.21 14.10
CA LEU B 313 -43.68 -32.23 13.92
C LEU B 313 -44.25 -33.35 14.76
N SER B 314 -45.54 -33.23 15.11
CA SER B 314 -46.17 -34.21 15.98
C SER B 314 -46.30 -35.57 15.30
N ALA B 315 -46.26 -36.63 16.10
CA ALA B 315 -46.35 -38.01 15.64
C ALA B 315 -47.40 -38.22 14.54
N ASP B 316 -48.54 -37.54 14.67
CA ASP B 316 -49.72 -37.73 13.82
C ASP B 316 -49.55 -37.27 12.35
N CYS B 317 -49.99 -36.05 12.06
CA CYS B 317 -49.66 -35.32 10.85
C CYS B 317 -48.13 -35.17 10.65
N ARG B 318 -47.39 -36.26 10.62
CA ARG B 318 -45.95 -36.12 10.44
C ARG B 318 -45.59 -36.42 9.00
N GLU B 319 -45.71 -37.69 8.60
CA GLU B 319 -45.44 -38.11 7.24
C GLU B 319 -46.24 -37.29 6.26
N ASN B 320 -47.50 -37.04 6.61
CA ASN B 320 -48.39 -36.22 5.79
C ASN B 320 -47.82 -34.82 5.57
N VAL B 321 -47.52 -34.11 6.65
CA VAL B 321 -47.03 -32.74 6.52
C VAL B 321 -45.74 -32.67 5.70
N ILE B 322 -44.83 -33.65 5.87
CA ILE B 322 -43.59 -33.71 5.09
C ILE B 322 -43.87 -34.02 3.63
N MET B 323 -44.66 -35.07 3.42
CA MET B 323 -45.03 -35.53 2.11
C MET B 323 -45.67 -34.38 1.33
N THR B 324 -46.62 -33.70 1.98
CA THR B 324 -47.49 -32.75 1.29
C THR B 324 -46.94 -31.33 1.24
N GLN B 325 -46.28 -30.92 2.32
CA GLN B 325 -45.92 -29.51 2.50
C GLN B 325 -44.47 -29.20 2.20
N ILE B 326 -43.56 -29.85 2.94
CA ILE B 326 -42.14 -29.50 2.89
C ILE B 326 -41.50 -30.00 1.60
N LEU B 327 -41.82 -31.22 1.22
CA LEU B 327 -41.17 -31.88 0.11
C LEU B 327 -41.20 -31.13 -1.24
N PRO B 328 -42.36 -30.56 -1.65
CA PRO B 328 -42.34 -29.78 -2.90
C PRO B 328 -41.36 -28.60 -2.91
N CYS B 329 -41.20 -27.91 -1.78
CA CYS B 329 -40.29 -26.78 -1.67
C CYS B 329 -38.83 -27.19 -1.87
N ILE B 330 -38.43 -28.26 -1.18
CA ILE B 330 -37.09 -28.85 -1.32
C ILE B 330 -36.75 -29.09 -2.79
N LYS B 331 -37.64 -29.74 -3.53
CA LYS B 331 -37.44 -30.03 -4.95
C LYS B 331 -36.91 -28.84 -5.73
N GLU B 332 -37.45 -27.65 -5.44
CA GLU B 332 -36.98 -26.43 -6.05
C GLU B 332 -35.57 -26.11 -5.56
N LEU B 333 -35.38 -26.19 -4.24
CA LEU B 333 -34.11 -25.86 -3.55
C LEU B 333 -32.91 -26.65 -4.09
N VAL B 334 -33.16 -27.91 -4.40
CA VAL B 334 -32.22 -28.82 -5.03
C VAL B 334 -31.61 -28.22 -6.33
N SER B 335 -32.40 -27.37 -6.98
CA SER B 335 -32.03 -26.69 -8.23
C SER B 335 -31.51 -25.28 -8.00
N ASP B 336 -31.39 -24.88 -6.73
CA ASP B 336 -31.07 -23.49 -6.39
C ASP B 336 -29.80 -23.00 -7.10
N ALA B 337 -29.82 -21.75 -7.53
CA ALA B 337 -28.70 -21.14 -8.25
C ALA B 337 -27.48 -20.88 -7.37
N ASN B 338 -27.66 -21.04 -6.06
CA ASN B 338 -26.60 -20.81 -5.10
C ASN B 338 -25.93 -22.08 -4.57
N GLN B 339 -24.62 -22.16 -4.77
CA GLN B 339 -23.79 -23.26 -4.25
C GLN B 339 -24.01 -23.57 -2.76
N HIS B 340 -23.87 -22.54 -1.93
CA HIS B 340 -23.86 -22.68 -0.47
C HIS B 340 -25.21 -23.16 0.06
N VAL B 341 -26.27 -22.79 -0.64
CA VAL B 341 -27.62 -23.20 -0.29
C VAL B 341 -27.75 -24.71 -0.43
N LYS B 342 -27.49 -25.21 -1.65
CA LYS B 342 -27.58 -26.64 -1.97
C LYS B 342 -26.77 -27.49 -1.00
N SER B 343 -25.55 -27.03 -0.67
CA SER B 343 -24.68 -27.72 0.26
C SER B 343 -25.40 -27.97 1.57
N ALA B 344 -25.99 -26.91 2.14
CA ALA B 344 -26.60 -26.96 3.48
C ALA B 344 -27.70 -28.01 3.53
N LEU B 345 -28.47 -28.05 2.46
CA LEU B 345 -29.55 -29.02 2.26
C LEU B 345 -28.98 -30.43 2.16
N ALA B 346 -28.01 -30.62 1.26
CA ALA B 346 -27.37 -31.91 1.06
C ALA B 346 -26.87 -32.52 2.37
N SER B 347 -26.44 -31.65 3.28
CA SER B 347 -25.89 -32.06 4.56
C SER B 347 -26.93 -32.63 5.53
N VAL B 348 -28.22 -32.35 5.29
CA VAL B 348 -29.30 -32.85 6.18
C VAL B 348 -30.46 -33.55 5.45
N ILE B 349 -30.48 -33.45 4.11
CA ILE B 349 -31.64 -33.89 3.31
C ILE B 349 -32.00 -35.34 3.59
N MET B 350 -31.02 -36.25 3.48
CA MET B 350 -31.32 -37.67 3.58
C MET B 350 -31.73 -38.14 4.97
N GLY B 351 -31.58 -37.25 5.95
CA GLY B 351 -32.08 -37.50 7.29
C GLY B 351 -33.58 -37.62 7.34
N LEU B 352 -34.22 -37.45 6.18
CA LEU B 352 -35.68 -37.58 6.04
C LEU B 352 -36.16 -39.02 5.85
N SER B 353 -35.25 -39.90 5.45
CA SER B 353 -35.60 -41.29 5.14
C SER B 353 -36.20 -42.09 6.29
N PRO B 354 -35.52 -42.18 7.45
CA PRO B 354 -36.04 -43.03 8.54
C PRO B 354 -37.43 -42.60 9.07
N ILE B 355 -37.73 -41.30 9.04
CA ILE B 355 -39.06 -40.80 9.46
C ILE B 355 -40.14 -40.90 8.39
N LEU B 356 -39.80 -41.49 7.24
CA LEU B 356 -40.77 -41.73 6.16
C LEU B 356 -40.98 -43.20 5.79
N GLY B 357 -40.27 -44.11 6.45
CA GLY B 357 -40.36 -45.54 6.12
C GLY B 357 -39.68 -45.85 4.81
N LYS B 358 -39.82 -47.09 4.35
CA LYS B 358 -39.08 -47.56 3.17
C LYS B 358 -39.61 -47.04 1.83
N ASP B 359 -40.87 -47.35 1.54
CA ASP B 359 -41.41 -47.17 0.18
C ASP B 359 -41.66 -45.72 -0.19
N ASN B 360 -41.91 -44.88 0.83
CA ASN B 360 -42.08 -43.44 0.63
C ASN B 360 -40.76 -42.75 0.30
N THR B 361 -39.69 -43.21 0.93
CA THR B 361 -38.35 -42.76 0.58
C THR B 361 -38.05 -43.06 -0.88
N ILE B 362 -38.17 -44.33 -1.26
CA ILE B 362 -37.90 -44.75 -2.63
C ILE B 362 -38.60 -43.82 -3.63
N GLU B 363 -39.92 -43.81 -3.60
CA GLU B 363 -40.73 -43.10 -4.59
C GLU B 363 -40.51 -41.59 -4.62
N HIS B 364 -40.33 -40.99 -3.44
CA HIS B 364 -40.31 -39.52 -3.33
C HIS B 364 -38.95 -38.90 -3.02
N LEU B 365 -38.26 -39.38 -1.98
CA LEU B 365 -36.98 -38.80 -1.52
C LEU B 365 -35.79 -39.07 -2.44
N LEU B 366 -35.63 -40.34 -2.82
CA LEU B 366 -34.50 -40.84 -3.61
C LEU B 366 -34.17 -40.02 -4.87
N PRO B 367 -35.18 -39.63 -5.68
CA PRO B 367 -34.89 -38.86 -6.90
C PRO B 367 -34.06 -37.62 -6.65
N LEU B 368 -34.29 -37.00 -5.49
CA LEU B 368 -33.60 -35.78 -5.08
C LEU B 368 -32.19 -36.08 -4.56
N PHE B 369 -32.11 -37.09 -3.69
CA PHE B 369 -30.84 -37.63 -3.24
C PHE B 369 -29.98 -37.97 -4.45
N LEU B 370 -30.60 -38.52 -5.49
CA LEU B 370 -29.90 -38.82 -6.75
C LEU B 370 -29.68 -37.58 -7.61
N ALA B 371 -30.46 -36.53 -7.37
CA ALA B 371 -30.28 -35.28 -8.11
C ALA B 371 -29.10 -34.48 -7.55
N GLN B 372 -29.00 -34.45 -6.22
CA GLN B 372 -27.93 -33.77 -5.49
C GLN B 372 -26.56 -34.36 -5.81
N LEU B 373 -26.54 -35.69 -5.94
CA LEU B 373 -25.32 -36.47 -6.22
C LEU B 373 -24.84 -36.35 -7.67
N LYS B 374 -25.64 -35.70 -8.50
CA LYS B 374 -25.33 -35.48 -9.91
C LYS B 374 -24.85 -34.06 -10.17
N ASP B 375 -24.82 -33.25 -9.11
CA ASP B 375 -24.46 -31.84 -9.23
C ASP B 375 -22.97 -31.63 -9.38
N GLU B 376 -22.61 -30.66 -10.21
CA GLU B 376 -21.23 -30.27 -10.43
C GLU B 376 -20.42 -30.04 -9.13
N CYS B 377 -20.83 -29.04 -8.35
CA CYS B 377 -20.13 -28.61 -7.12
C CYS B 377 -19.79 -29.74 -6.15
N PRO B 378 -18.49 -29.89 -5.81
CA PRO B 378 -17.99 -30.90 -4.89
C PRO B 378 -18.52 -30.72 -3.46
N GLU B 379 -18.55 -29.47 -2.97
CA GLU B 379 -19.06 -29.15 -1.62
C GLU B 379 -20.42 -29.80 -1.38
N VAL B 380 -21.16 -30.01 -2.46
CA VAL B 380 -22.51 -30.58 -2.43
C VAL B 380 -22.52 -32.10 -2.44
N ARG B 381 -21.89 -32.69 -3.46
CA ARG B 381 -21.96 -34.14 -3.62
C ARG B 381 -21.11 -34.86 -2.59
N LEU B 382 -20.04 -34.20 -2.17
CA LEU B 382 -19.21 -34.71 -1.08
C LEU B 382 -20.03 -34.68 0.21
N ASN B 383 -20.80 -33.61 0.38
CA ASN B 383 -21.68 -33.41 1.53
C ASN B 383 -22.74 -34.53 1.65
N ILE B 384 -23.17 -35.06 0.50
CA ILE B 384 -24.12 -36.16 0.42
C ILE B 384 -23.52 -37.50 0.88
N ILE B 385 -22.34 -37.80 0.33
CA ILE B 385 -21.54 -38.97 0.72
C ILE B 385 -21.29 -38.98 2.22
N SER B 386 -20.91 -37.83 2.76
CA SER B 386 -20.81 -37.61 4.20
C SER B 386 -21.95 -38.26 4.98
N ASN B 387 -23.15 -38.28 4.39
CA ASN B 387 -24.36 -38.76 5.04
C ASN B 387 -24.79 -40.15 4.57
N LEU B 388 -24.04 -40.71 3.62
CA LEU B 388 -24.45 -41.92 2.88
C LEU B 388 -25.13 -43.02 3.72
N ASP B 389 -24.70 -43.19 4.97
CA ASP B 389 -25.13 -44.30 5.84
C ASP B 389 -26.58 -44.27 6.29
N CYS B 390 -27.06 -43.08 6.67
CA CYS B 390 -28.43 -42.88 7.16
C CYS B 390 -29.49 -43.43 6.21
N VAL B 391 -29.11 -43.60 4.94
CA VAL B 391 -29.97 -44.08 3.88
C VAL B 391 -29.85 -45.59 3.64
N ASN B 392 -28.63 -46.12 3.59
CA ASN B 392 -28.47 -47.56 3.37
C ASN B 392 -29.01 -48.40 4.53
N GLU B 393 -29.15 -47.77 5.69
CA GLU B 393 -29.75 -48.42 6.86
C GLU B 393 -31.28 -48.49 6.77
N VAL B 394 -31.84 -47.96 5.68
CA VAL B 394 -33.29 -48.00 5.46
C VAL B 394 -33.64 -48.64 4.12
N ILE B 395 -33.11 -48.11 3.02
CA ILE B 395 -33.34 -48.67 1.67
C ILE B 395 -32.14 -49.43 1.11
N GLY B 396 -32.29 -49.92 -0.13
CA GLY B 396 -31.32 -50.81 -0.77
C GLY B 396 -29.86 -50.35 -0.90
N ILE B 397 -29.00 -51.31 -1.21
CA ILE B 397 -27.57 -51.06 -1.44
C ILE B 397 -27.29 -50.62 -2.88
N ARG B 398 -27.79 -51.39 -3.85
CA ARG B 398 -27.68 -51.05 -5.27
C ARG B 398 -28.60 -49.88 -5.64
N GLN B 399 -29.69 -49.73 -4.89
CA GLN B 399 -30.58 -48.56 -4.96
C GLN B 399 -29.80 -47.30 -4.57
N LEU B 400 -28.91 -47.45 -3.59
CA LEU B 400 -28.02 -46.38 -3.16
C LEU B 400 -26.88 -46.17 -4.17
N SER B 401 -26.14 -47.25 -4.44
CA SER B 401 -24.87 -47.22 -5.20
C SER B 401 -24.94 -46.60 -6.60
N GLN B 402 -25.25 -47.41 -7.62
CA GLN B 402 -25.40 -46.93 -8.99
C GLN B 402 -26.06 -45.56 -9.03
N SER B 403 -25.40 -44.61 -9.68
CA SER B 403 -25.72 -43.16 -9.68
C SER B 403 -24.82 -42.38 -8.71
N LEU B 404 -24.02 -43.12 -7.96
CA LEU B 404 -22.89 -42.60 -7.18
C LEU B 404 -21.61 -42.99 -7.91
N LEU B 405 -21.79 -43.51 -9.14
CA LEU B 405 -20.72 -44.01 -9.99
C LEU B 405 -19.79 -42.89 -10.46
N PRO B 406 -20.25 -42.05 -11.43
CA PRO B 406 -19.37 -41.01 -11.97
C PRO B 406 -19.10 -39.93 -10.95
N ALA B 407 -19.69 -40.08 -9.77
CA ALA B 407 -19.54 -39.15 -8.65
C ALA B 407 -18.17 -39.32 -8.00
N ILE B 408 -17.94 -40.50 -7.43
CA ILE B 408 -16.63 -40.91 -6.91
C ILE B 408 -15.56 -40.61 -7.94
N VAL B 409 -15.86 -40.98 -9.18
CA VAL B 409 -15.02 -40.69 -10.34
C VAL B 409 -14.73 -39.19 -10.48
N GLU B 410 -15.77 -38.36 -10.45
CA GLU B 410 -15.61 -36.92 -10.70
C GLU B 410 -14.85 -36.23 -9.57
N LEU B 411 -15.21 -36.56 -8.33
CA LEU B 411 -14.59 -36.02 -7.14
C LEU B 411 -13.12 -36.37 -7.04
N ALA B 412 -12.61 -37.15 -7.98
CA ALA B 412 -11.22 -37.61 -7.90
C ALA B 412 -10.36 -36.99 -9.00
N GLU B 413 -10.99 -36.38 -9.99
CA GLU B 413 -10.29 -35.55 -10.98
C GLU B 413 -10.51 -34.08 -10.65
N ASP B 414 -10.91 -33.80 -9.42
CA ASP B 414 -11.32 -32.46 -9.05
C ASP B 414 -10.14 -31.54 -8.77
N ALA B 415 -10.20 -30.33 -9.33
CA ALA B 415 -9.14 -29.33 -9.17
C ALA B 415 -8.63 -29.24 -7.74
N LYS B 416 -9.52 -29.10 -6.77
CA LYS B 416 -9.11 -28.97 -5.36
C LYS B 416 -8.50 -30.26 -4.78
N TRP B 417 -7.18 -30.24 -4.57
CA TRP B 417 -6.45 -31.40 -4.08
C TRP B 417 -7.00 -31.94 -2.76
N ARG B 418 -7.58 -31.06 -1.97
CA ARG B 418 -8.16 -31.43 -0.70
C ARG B 418 -9.31 -32.41 -0.95
N VAL B 419 -10.02 -32.21 -2.06
CA VAL B 419 -11.12 -33.09 -2.48
C VAL B 419 -10.58 -34.42 -3.03
N ARG B 420 -9.63 -34.32 -3.95
CA ARG B 420 -8.90 -35.49 -4.41
C ARG B 420 -8.47 -36.32 -3.19
N LEU B 421 -7.73 -35.70 -2.28
CA LEU B 421 -7.24 -36.39 -1.11
C LEU B 421 -8.38 -37.05 -0.32
N ALA B 422 -9.60 -36.50 -0.45
CA ALA B 422 -10.74 -36.98 0.34
C ALA B 422 -11.25 -38.31 -0.21
N ILE B 423 -11.44 -38.35 -1.53
CA ILE B 423 -11.82 -39.57 -2.20
C ILE B 423 -10.86 -40.73 -1.86
N ILE B 424 -9.57 -40.55 -2.11
CA ILE B 424 -8.55 -41.55 -1.75
C ILE B 424 -8.78 -42.11 -0.33
N GLU B 425 -9.04 -41.23 0.64
CA GLU B 425 -9.29 -41.65 2.01
C GLU B 425 -10.59 -42.42 2.12
N TYR B 426 -11.61 -41.93 1.40
CA TYR B 426 -12.91 -42.60 1.30
C TYR B 426 -12.90 -43.89 0.46
N MET B 427 -11.73 -44.33 0.00
CA MET B 427 -11.67 -45.51 -0.87
C MET B 427 -11.80 -46.82 -0.07
N PRO B 428 -10.88 -47.09 0.88
CA PRO B 428 -11.07 -48.25 1.75
C PRO B 428 -12.43 -48.30 2.48
N LEU B 429 -12.94 -47.13 2.87
CA LEU B 429 -14.23 -47.02 3.56
C LEU B 429 -15.44 -47.42 2.68
N LEU B 430 -15.39 -47.02 1.42
CA LEU B 430 -16.45 -47.30 0.44
C LEU B 430 -16.46 -48.76 0.02
N ALA B 431 -15.28 -49.37 0.01
CA ALA B 431 -15.10 -50.76 -0.40
C ALA B 431 -15.89 -51.75 0.46
N GLY B 432 -16.10 -51.41 1.73
CA GLY B 432 -16.84 -52.27 2.67
C GLY B 432 -18.34 -52.11 2.61
N GLN B 433 -18.80 -51.41 1.57
CA GLN B 433 -20.22 -51.18 1.29
C GLN B 433 -20.43 -51.00 -0.21
N LEU B 434 -19.58 -51.65 -1.00
CA LEU B 434 -19.65 -51.59 -2.45
C LEU B 434 -19.08 -52.85 -3.10
N GLY B 435 -18.02 -53.39 -2.50
CA GLY B 435 -17.37 -54.61 -3.00
C GLY B 435 -16.47 -54.39 -4.20
N VAL B 436 -15.74 -55.43 -4.59
CA VAL B 436 -14.83 -55.40 -5.74
C VAL B 436 -15.58 -55.41 -7.08
N GLU B 437 -16.86 -55.81 -7.03
CA GLU B 437 -17.73 -55.70 -8.20
C GLU B 437 -17.67 -54.27 -8.75
N PHE B 438 -18.11 -53.31 -7.94
CA PHE B 438 -17.99 -51.88 -8.23
C PHE B 438 -16.55 -51.50 -8.63
N PHE B 439 -15.56 -52.10 -7.94
CA PHE B 439 -14.14 -51.88 -8.24
C PHE B 439 -13.71 -52.60 -9.52
N ASP B 440 -14.11 -52.04 -10.66
CA ASP B 440 -13.83 -52.63 -11.98
C ASP B 440 -12.68 -51.90 -12.67
N GLU B 441 -12.63 -52.02 -14.00
CA GLU B 441 -11.53 -51.46 -14.80
C GLU B 441 -11.38 -49.94 -14.65
N LYS B 442 -12.40 -49.29 -14.09
CA LYS B 442 -12.46 -47.81 -13.96
C LYS B 442 -12.02 -47.30 -12.58
N LEU B 443 -12.74 -47.72 -11.55
CA LEU B 443 -12.42 -47.38 -10.18
C LEU B 443 -11.02 -47.88 -9.77
N ASN B 444 -10.49 -48.84 -10.53
CA ASN B 444 -9.14 -49.31 -10.30
C ASN B 444 -8.09 -48.55 -11.11
N SER B 445 -8.48 -48.02 -12.26
CA SER B 445 -7.56 -47.18 -13.04
C SER B 445 -7.56 -45.73 -12.52
N LEU B 446 -8.31 -45.52 -11.44
CA LEU B 446 -8.39 -44.24 -10.75
C LEU B 446 -7.31 -44.21 -9.69
N CYS B 447 -7.19 -45.29 -8.92
CA CYS B 447 -6.14 -45.43 -7.91
C CYS B 447 -4.76 -45.28 -8.50
N MET B 448 -4.69 -45.34 -9.83
CA MET B 448 -3.43 -45.31 -10.54
C MET B 448 -3.05 -43.87 -10.89
N ALA B 449 -3.98 -43.14 -11.52
CA ALA B 449 -3.74 -41.75 -11.96
C ALA B 449 -3.39 -40.82 -10.78
N TRP B 450 -3.67 -41.31 -9.58
CA TRP B 450 -3.31 -40.62 -8.34
C TRP B 450 -1.83 -40.77 -8.03
N LEU B 451 -1.26 -41.92 -8.42
CA LEU B 451 0.16 -42.19 -8.18
C LEU B 451 1.01 -41.27 -9.04
N VAL B 452 0.37 -40.74 -10.08
CA VAL B 452 1.01 -39.85 -11.04
C VAL B 452 0.42 -38.43 -10.95
N ASP B 453 -0.31 -38.16 -9.86
CA ASP B 453 -0.85 -36.81 -9.59
C ASP B 453 0.28 -35.82 -9.41
N HIS B 454 -0.05 -34.53 -9.47
CA HIS B 454 0.95 -33.48 -9.30
C HIS B 454 1.29 -33.18 -7.86
N VAL B 455 0.29 -33.19 -6.99
CA VAL B 455 0.47 -32.84 -5.58
C VAL B 455 1.02 -34.00 -4.76
N TYR B 456 2.20 -33.80 -4.20
CA TYR B 456 2.89 -34.81 -3.38
C TYR B 456 1.99 -35.48 -2.34
N ALA B 457 1.04 -34.73 -1.80
CA ALA B 457 0.18 -35.28 -0.77
C ALA B 457 -0.72 -36.38 -1.29
N ILE B 458 -0.99 -36.36 -2.59
CA ILE B 458 -1.87 -37.34 -3.24
C ILE B 458 -1.09 -38.57 -3.68
N ARG B 459 0.09 -38.33 -4.26
CA ARG B 459 1.05 -39.38 -4.54
C ARG B 459 1.27 -40.23 -3.29
N GLU B 460 1.73 -39.58 -2.23
CA GLU B 460 2.02 -40.22 -0.97
C GLU B 460 0.80 -40.96 -0.41
N ALA B 461 -0.38 -40.40 -0.63
CA ALA B 461 -1.63 -41.01 -0.17
C ALA B 461 -2.02 -42.20 -1.03
N ALA B 462 -1.91 -42.03 -2.35
CA ALA B 462 -2.24 -43.08 -3.32
C ALA B 462 -1.41 -44.34 -3.12
N THR B 463 -0.13 -44.14 -2.79
CA THR B 463 0.76 -45.24 -2.44
C THR B 463 0.25 -46.01 -1.21
N SER B 464 0.01 -45.31 -0.11
CA SER B 464 -0.51 -45.94 1.10
C SER B 464 -1.86 -46.58 0.83
N ASN B 465 -2.62 -45.93 -0.05
CA ASN B 465 -3.94 -46.40 -0.44
C ASN B 465 -3.97 -47.82 -1.03
N LEU B 466 -2.97 -48.16 -1.83
CA LEU B 466 -2.84 -49.48 -2.41
C LEU B 466 -2.61 -50.55 -1.33
N LYS B 467 -1.63 -50.27 -0.48
CA LYS B 467 -1.34 -51.08 0.71
C LYS B 467 -2.60 -51.29 1.54
N LYS B 468 -3.51 -50.32 1.50
CA LYS B 468 -4.74 -50.39 2.29
C LYS B 468 -5.77 -51.33 1.65
N LEU B 469 -5.93 -51.22 0.33
CA LEU B 469 -6.90 -52.05 -0.39
C LEU B 469 -6.51 -53.53 -0.39
N VAL B 470 -5.21 -53.79 -0.37
CA VAL B 470 -4.69 -55.16 -0.40
C VAL B 470 -5.02 -55.91 0.88
N GLU B 471 -4.86 -55.24 2.02
CA GLU B 471 -5.28 -55.78 3.30
C GLU B 471 -6.77 -56.10 3.27
N LYS B 472 -7.55 -55.15 2.76
CA LYS B 472 -8.99 -55.32 2.61
C LYS B 472 -9.40 -56.46 1.68
N PHE B 473 -8.69 -56.64 0.56
CA PHE B 473 -9.13 -57.58 -0.49
C PHE B 473 -8.30 -58.84 -0.68
N GLY B 474 -7.09 -58.87 -0.14
CA GLY B 474 -6.26 -60.06 -0.25
C GLY B 474 -5.35 -60.07 -1.47
N LYS B 475 -4.39 -61.00 -1.49
CA LYS B 475 -3.31 -60.98 -2.49
C LYS B 475 -3.60 -61.64 -3.83
N GLU B 476 -4.65 -62.45 -3.92
CA GLU B 476 -5.06 -62.98 -5.21
C GLU B 476 -5.64 -61.86 -6.05
N TRP B 477 -6.26 -60.90 -5.37
CA TRP B 477 -6.83 -59.71 -6.00
C TRP B 477 -5.73 -58.74 -6.45
N ALA B 478 -4.71 -58.58 -5.61
CA ALA B 478 -3.60 -57.67 -5.88
C ALA B 478 -2.81 -58.03 -7.13
N HIS B 479 -2.60 -59.33 -7.35
CA HIS B 479 -1.80 -59.80 -8.48
C HIS B 479 -2.55 -59.73 -9.80
N ALA B 480 -3.89 -59.70 -9.70
CA ALA B 480 -4.78 -59.71 -10.86
C ALA B 480 -5.13 -58.32 -11.42
N THR B 481 -5.05 -57.29 -10.57
CA THR B 481 -5.50 -55.95 -10.97
C THR B 481 -4.53 -54.83 -10.63
N ILE B 482 -3.95 -54.90 -9.43
CA ILE B 482 -3.03 -53.86 -8.96
C ILE B 482 -1.62 -54.03 -9.50
N ILE B 483 -0.97 -55.15 -9.17
CA ILE B 483 0.46 -55.36 -9.50
C ILE B 483 0.82 -55.18 -10.98
N PRO B 484 0.02 -55.75 -11.91
CA PRO B 484 0.27 -55.43 -13.32
C PRO B 484 0.48 -53.93 -13.48
N LYS B 485 -0.55 -53.15 -13.20
CA LYS B 485 -0.55 -51.73 -13.51
C LYS B 485 0.60 -50.97 -12.85
N VAL B 486 0.92 -51.32 -11.61
CA VAL B 486 2.04 -50.72 -10.92
C VAL B 486 3.33 -50.95 -11.69
N LEU B 487 3.50 -52.17 -12.21
CA LEU B 487 4.70 -52.51 -12.94
C LEU B 487 4.81 -51.73 -14.24
N ALA B 488 3.67 -51.52 -14.92
CA ALA B 488 3.64 -50.73 -16.14
C ALA B 488 4.34 -49.38 -15.99
N MET B 489 4.34 -48.86 -14.77
CA MET B 489 4.94 -47.57 -14.47
C MET B 489 6.47 -47.57 -14.65
N SER B 490 7.08 -48.74 -14.53
CA SER B 490 8.52 -48.87 -14.72
C SER B 490 8.90 -48.68 -16.19
N GLY B 491 7.91 -48.46 -17.05
CA GLY B 491 8.15 -48.22 -18.46
C GLY B 491 7.94 -46.78 -18.93
N ASP B 492 7.54 -45.92 -18.00
CA ASP B 492 7.27 -44.52 -18.29
C ASP B 492 8.55 -43.77 -18.72
N PRO B 493 8.43 -42.81 -19.67
CA PRO B 493 9.62 -42.04 -20.05
C PRO B 493 9.96 -40.93 -19.03
N ASN B 494 9.24 -40.91 -17.91
CA ASN B 494 9.43 -39.89 -16.88
C ASN B 494 9.94 -40.55 -15.60
N TYR B 495 11.22 -40.38 -15.32
CA TYR B 495 11.87 -41.10 -14.21
C TYR B 495 11.21 -40.94 -12.84
N LEU B 496 10.34 -39.94 -12.69
CA LEU B 496 9.58 -39.71 -11.43
C LEU B 496 8.52 -40.80 -11.28
N HIS B 497 7.84 -41.10 -12.40
CA HIS B 497 6.83 -42.14 -12.43
C HIS B 497 7.49 -43.48 -12.35
N ARG B 498 8.59 -43.62 -13.09
CA ARG B 498 9.39 -44.82 -13.10
C ARG B 498 9.86 -45.14 -11.70
N MET B 499 10.17 -44.09 -10.95
CA MET B 499 10.65 -44.20 -9.59
C MET B 499 9.52 -44.58 -8.62
N THR B 500 8.27 -44.30 -8.99
CA THR B 500 7.14 -44.62 -8.12
C THR B 500 6.77 -46.09 -8.12
N THR B 501 7.09 -46.78 -9.21
CA THR B 501 6.94 -48.25 -9.29
C THR B 501 7.61 -48.85 -8.07
N LEU B 502 8.87 -48.46 -7.87
CA LEU B 502 9.64 -48.89 -6.70
C LEU B 502 8.89 -48.60 -5.42
N PHE B 503 8.43 -47.36 -5.26
CA PHE B 503 7.75 -46.94 -4.03
C PHE B 503 6.51 -47.79 -3.73
N CYS B 504 5.67 -48.01 -4.75
CA CYS B 504 4.50 -48.89 -4.65
C CYS B 504 4.86 -50.30 -4.18
N ILE B 505 5.94 -50.83 -4.74
CA ILE B 505 6.45 -52.14 -4.37
C ILE B 505 6.91 -52.16 -2.91
N ASN B 506 7.79 -51.21 -2.55
CA ASN B 506 8.27 -51.08 -1.16
C ASN B 506 7.13 -51.19 -0.15
N VAL B 507 5.94 -50.82 -0.60
CA VAL B 507 4.76 -50.77 0.24
C VAL B 507 3.92 -52.03 0.02
N LEU B 508 3.68 -52.36 -1.24
CA LEU B 508 2.93 -53.56 -1.62
C LEU B 508 3.60 -54.87 -1.17
N SER B 509 4.93 -54.92 -1.28
CA SER B 509 5.70 -56.08 -0.86
C SER B 509 5.41 -56.52 0.56
N GLU B 510 5.13 -55.56 1.44
CA GLU B 510 4.85 -55.84 2.85
C GLU B 510 3.68 -56.80 3.01
N VAL B 511 2.58 -56.48 2.33
CA VAL B 511 1.33 -57.18 2.54
C VAL B 511 1.06 -58.22 1.47
N CYS B 512 2.06 -58.49 0.63
CA CYS B 512 1.90 -59.45 -0.46
C CYS B 512 2.62 -60.78 -0.24
N GLY B 513 3.02 -61.04 1.00
CA GLY B 513 3.63 -62.32 1.37
C GLY B 513 4.97 -62.57 0.69
N GLN B 514 5.30 -63.84 0.48
CA GLN B 514 6.61 -64.20 -0.05
C GLN B 514 6.63 -64.54 -1.54
N ASP B 515 5.77 -65.46 -1.96
CA ASP B 515 5.75 -65.93 -3.36
C ASP B 515 5.45 -64.85 -4.39
N ILE B 516 4.43 -64.02 -4.13
CA ILE B 516 4.04 -62.97 -5.07
C ILE B 516 5.14 -61.92 -5.23
N THR B 517 5.82 -61.59 -4.12
CA THR B 517 6.92 -60.62 -4.14
C THR B 517 8.09 -61.08 -5.02
N THR B 518 8.56 -62.31 -4.79
CA THR B 518 9.69 -62.90 -5.53
C THR B 518 9.39 -63.11 -7.01
N LYS B 519 8.16 -63.57 -7.32
CA LYS B 519 7.76 -63.88 -8.68
C LYS B 519 7.31 -62.66 -9.49
N HIS B 520 6.42 -61.85 -8.91
CA HIS B 520 5.77 -60.76 -9.65
C HIS B 520 6.43 -59.40 -9.55
N MET B 521 7.05 -59.11 -8.40
CA MET B 521 7.60 -57.79 -8.17
C MET B 521 9.13 -57.73 -8.33
N LEU B 522 9.82 -58.51 -7.50
CA LEU B 522 11.29 -58.60 -7.54
C LEU B 522 11.93 -58.43 -8.93
N PRO B 523 11.51 -59.24 -9.94
CA PRO B 523 12.10 -59.21 -11.28
C PRO B 523 12.13 -57.83 -11.92
N THR B 524 11.15 -57.00 -11.60
CA THR B 524 11.06 -55.64 -12.14
C THR B 524 12.05 -54.73 -11.42
N VAL B 525 12.16 -54.90 -10.09
CA VAL B 525 13.14 -54.18 -9.29
C VAL B 525 14.53 -54.46 -9.86
N LEU B 526 14.89 -55.74 -9.92
CA LEU B 526 16.16 -56.17 -10.50
C LEU B 526 16.32 -55.60 -11.90
N ARG B 527 15.29 -55.77 -12.73
CA ARG B 527 15.32 -55.30 -14.12
C ARG B 527 15.71 -53.84 -14.22
N MET B 528 15.09 -53.01 -13.37
CA MET B 528 15.30 -51.58 -13.37
C MET B 528 16.72 -51.15 -12.99
N ALA B 529 17.55 -52.11 -12.60
CA ALA B 529 18.93 -51.85 -12.20
C ALA B 529 19.74 -51.17 -13.30
N GLY B 530 19.31 -51.32 -14.54
CA GLY B 530 20.03 -50.74 -15.66
C GLY B 530 19.37 -49.50 -16.21
N ASP B 531 19.02 -48.57 -15.33
CA ASP B 531 18.29 -47.38 -15.75
C ASP B 531 19.25 -46.27 -16.17
N PRO B 532 19.01 -45.65 -17.36
CA PRO B 532 19.88 -44.59 -17.85
C PRO B 532 19.93 -43.37 -16.92
N VAL B 533 18.98 -43.28 -15.99
CA VAL B 533 18.92 -42.20 -15.03
C VAL B 533 19.35 -42.73 -13.67
N ALA B 534 20.32 -42.05 -13.07
CA ALA B 534 20.94 -42.51 -11.81
C ALA B 534 19.99 -42.46 -10.62
N ASN B 535 19.26 -41.37 -10.49
CA ASN B 535 18.33 -41.21 -9.39
C ASN B 535 17.33 -42.37 -9.26
N VAL B 536 17.25 -43.20 -10.31
CA VAL B 536 16.45 -44.42 -10.26
C VAL B 536 17.27 -45.57 -9.69
N ARG B 537 18.43 -45.79 -10.28
CA ARG B 537 19.29 -46.91 -9.92
C ARG B 537 19.51 -46.99 -8.41
N PHE B 538 19.79 -45.86 -7.80
CA PHE B 538 20.11 -45.84 -6.37
C PHE B 538 18.87 -46.18 -5.53
N ASN B 539 17.71 -45.72 -6.00
CA ASN B 539 16.44 -46.10 -5.39
C ASN B 539 16.17 -47.59 -5.56
N VAL B 540 16.53 -48.11 -6.73
CA VAL B 540 16.48 -49.55 -6.98
C VAL B 540 17.18 -50.34 -5.87
N ALA B 541 18.39 -49.88 -5.50
CA ALA B 541 19.16 -50.49 -4.42
C ALA B 541 18.48 -50.28 -3.08
N LYS B 542 17.93 -49.10 -2.87
CA LYS B 542 17.18 -48.77 -1.65
C LYS B 542 15.99 -49.70 -1.48
N SER B 543 15.24 -49.84 -2.58
CA SER B 543 14.07 -50.69 -2.63
C SER B 543 14.42 -52.14 -2.31
N LEU B 544 15.62 -52.56 -2.72
CA LEU B 544 16.08 -53.92 -2.49
C LEU B 544 16.38 -54.18 -1.03
N GLN B 545 16.95 -53.19 -0.36
CA GLN B 545 17.25 -53.27 1.07
C GLN B 545 15.95 -53.33 1.87
N LYS B 546 14.90 -52.72 1.33
CA LYS B 546 13.59 -52.67 1.98
C LYS B 546 12.77 -53.97 1.76
N ILE B 547 12.78 -54.49 0.54
CA ILE B 547 12.06 -55.74 0.21
C ILE B 547 12.82 -57.01 0.61
N GLY B 548 14.12 -56.86 0.84
CA GLY B 548 15.01 -57.95 1.25
C GLY B 548 14.47 -58.84 2.35
N PRO B 549 14.29 -58.29 3.56
CA PRO B 549 13.72 -58.96 4.74
C PRO B 549 12.78 -60.13 4.46
N ILE B 550 11.97 -60.03 3.42
CA ILE B 550 10.97 -61.05 3.08
C ILE B 550 11.40 -61.99 1.95
N LEU B 551 12.36 -61.55 1.13
CA LEU B 551 12.96 -62.37 0.07
C LEU B 551 13.51 -63.68 0.59
N ASP B 552 13.94 -64.54 -0.33
CA ASP B 552 14.52 -65.83 0.04
C ASP B 552 16.03 -65.78 0.22
N ASN B 553 16.52 -66.61 1.13
CA ASN B 553 17.94 -66.82 1.34
C ASN B 553 18.65 -67.29 0.07
N SER B 554 18.04 -68.23 -0.64
CA SER B 554 18.58 -68.71 -1.91
C SER B 554 18.02 -67.91 -3.11
N THR B 555 17.78 -66.62 -2.89
CA THR B 555 17.40 -65.67 -3.94
C THR B 555 18.24 -64.41 -3.81
N LEU B 556 18.44 -63.98 -2.57
CA LEU B 556 19.33 -62.89 -2.22
C LEU B 556 20.78 -63.17 -2.64
N GLN B 557 21.15 -64.45 -2.62
CA GLN B 557 22.48 -64.88 -3.03
C GLN B 557 22.53 -65.08 -4.55
N SER B 558 21.50 -65.71 -5.09
CA SER B 558 21.46 -66.06 -6.51
C SER B 558 21.11 -64.90 -7.44
N GLU B 559 20.08 -64.14 -7.10
CA GLU B 559 19.49 -63.13 -8.00
C GLU B 559 19.75 -61.69 -7.60
N VAL B 560 19.76 -61.43 -6.29
CA VAL B 560 19.85 -60.08 -5.73
C VAL B 560 21.30 -59.60 -5.58
N LYS B 561 22.13 -60.42 -4.92
CA LYS B 561 23.55 -60.10 -4.66
C LYS B 561 24.34 -59.68 -5.90
N PRO B 562 24.31 -60.49 -6.98
CA PRO B 562 24.99 -60.11 -8.21
C PRO B 562 24.69 -58.68 -8.66
N ILE B 563 23.41 -58.32 -8.69
CA ILE B 563 22.94 -57.00 -9.13
C ILE B 563 23.33 -55.88 -8.16
N LEU B 564 23.28 -56.17 -6.86
CA LEU B 564 23.82 -55.28 -5.83
C LEU B 564 25.30 -55.05 -6.08
N GLU B 565 26.01 -56.15 -6.31
CA GLU B 565 27.44 -56.13 -6.59
C GLU B 565 27.76 -55.25 -7.81
N LYS B 566 27.13 -55.54 -8.95
CA LYS B 566 27.41 -54.79 -10.19
C LYS B 566 27.03 -53.32 -10.11
N LEU B 567 26.17 -52.98 -9.15
CA LEU B 567 25.76 -51.60 -8.92
C LEU B 567 26.88 -50.80 -8.27
N THR B 568 27.72 -51.49 -7.50
CA THR B 568 28.90 -50.85 -6.92
C THR B 568 29.89 -50.46 -8.02
N GLN B 569 29.81 -51.15 -9.15
CA GLN B 569 30.63 -50.83 -10.33
C GLN B 569 30.08 -49.62 -11.10
N ASP B 570 29.65 -48.58 -10.38
CA ASP B 570 29.01 -47.41 -10.97
C ASP B 570 29.68 -46.13 -10.47
N GLN B 571 29.98 -45.21 -11.39
CA GLN B 571 30.77 -44.01 -11.06
C GLN B 571 29.98 -42.83 -10.48
N ASP B 572 28.66 -42.97 -10.41
CA ASP B 572 27.82 -42.02 -9.65
C ASP B 572 28.07 -42.23 -8.16
N VAL B 573 28.28 -41.13 -7.42
CA VAL B 573 28.66 -41.17 -6.01
C VAL B 573 27.60 -41.82 -5.10
N ASP B 574 26.40 -41.26 -5.12
CA ASP B 574 25.32 -41.77 -4.28
C ASP B 574 24.91 -43.20 -4.65
N VAL B 575 24.89 -43.50 -5.95
CA VAL B 575 24.53 -44.84 -6.40
C VAL B 575 25.39 -45.89 -5.71
N LYS B 576 26.70 -45.80 -5.91
CA LYS B 576 27.63 -46.81 -5.39
C LYS B 576 27.58 -46.93 -3.86
N TYR B 577 27.13 -45.85 -3.20
CA TYR B 577 27.05 -45.81 -1.74
C TYR B 577 25.89 -46.63 -1.19
N PHE B 578 24.69 -46.45 -1.74
CA PHE B 578 23.51 -47.16 -1.27
C PHE B 578 23.57 -48.65 -1.60
N ALA B 579 24.13 -48.97 -2.78
CA ALA B 579 24.39 -50.35 -3.14
C ALA B 579 25.36 -50.94 -2.12
N GLN B 580 26.41 -50.19 -1.81
CA GLN B 580 27.37 -50.57 -0.79
C GLN B 580 26.72 -50.60 0.60
N GLU B 581 25.59 -49.91 0.74
CA GLU B 581 24.86 -49.87 2.02
C GLU B 581 23.85 -51.01 2.14
N ALA B 582 23.14 -51.29 1.05
CA ALA B 582 22.21 -52.41 1.00
C ALA B 582 22.90 -53.72 1.38
N LEU B 583 24.07 -53.96 0.79
CA LEU B 583 24.85 -55.18 1.04
C LEU B 583 24.92 -55.53 2.51
N THR B 584 25.31 -54.54 3.33
CA THR B 584 25.60 -54.75 4.76
C THR B 584 24.38 -54.69 5.68
N VAL B 585 23.37 -53.92 5.30
CA VAL B 585 22.12 -53.87 6.07
C VAL B 585 21.31 -55.16 5.85
N LEU B 586 21.68 -55.91 4.81
CA LEU B 586 21.08 -57.20 4.50
C LEU B 586 21.88 -58.39 5.05
N SER B 587 23.11 -58.12 5.49
CA SER B 587 24.01 -59.13 6.09
C SER B 587 24.46 -60.23 5.10
N LEU B 588 24.76 -59.83 3.86
CA LEU B 588 25.05 -60.76 2.77
C LEU B 588 26.46 -60.59 2.20
N ALA B 589 27.13 -59.51 2.58
CA ALA B 589 28.49 -59.23 2.10
C ALA B 589 29.56 -59.66 3.11
N ILE C 13 -4.16 43.64 -14.31
CA ILE C 13 -3.53 44.25 -13.10
C ILE C 13 -3.40 43.25 -11.91
N ALA C 14 -4.50 43.11 -11.17
CA ALA C 14 -4.55 42.36 -9.91
C ALA C 14 -5.27 41.02 -10.03
N VAL C 15 -5.66 40.65 -11.25
CA VAL C 15 -6.28 39.35 -11.50
C VAL C 15 -5.27 38.27 -11.13
N LEU C 16 -4.01 38.52 -11.46
CA LEU C 16 -2.91 37.59 -11.18
C LEU C 16 -2.89 37.13 -9.72
N ILE C 17 -3.11 38.07 -8.81
CA ILE C 17 -3.02 37.80 -7.37
C ILE C 17 -4.13 36.86 -6.86
N ASP C 18 -5.30 36.90 -7.51
CA ASP C 18 -6.43 36.04 -7.15
C ASP C 18 -6.14 34.61 -7.55
N GLU C 19 -5.82 34.43 -8.82
CA GLU C 19 -5.50 33.11 -9.36
C GLU C 19 -4.19 32.58 -8.79
N LEU C 20 -3.32 33.48 -8.34
CA LEU C 20 -2.06 33.08 -7.71
C LEU C 20 -2.22 32.60 -6.26
N ARG C 21 -3.47 32.55 -5.79
CA ARG C 21 -3.77 32.05 -4.46
C ARG C 21 -4.30 30.61 -4.54
N ASN C 22 -5.62 30.45 -4.45
CA ASN C 22 -6.31 29.23 -4.88
C ASN C 22 -5.88 27.85 -4.29
N GLU C 23 -4.98 27.82 -3.31
CA GLU C 23 -4.47 26.53 -2.78
C GLU C 23 -3.68 25.81 -3.89
N ASP C 24 -3.11 26.63 -4.77
CA ASP C 24 -2.18 26.24 -5.85
C ASP C 24 -2.30 24.83 -6.50
N VAL C 25 -3.51 24.50 -6.96
CA VAL C 25 -3.69 23.31 -7.78
C VAL C 25 -2.97 23.54 -9.13
N GLN C 26 -3.50 22.92 -10.19
CA GLN C 26 -3.03 23.19 -11.54
C GLN C 26 -3.40 24.63 -11.91
N LEU C 27 -4.40 25.17 -11.22
CA LEU C 27 -4.92 26.50 -11.47
C LEU C 27 -3.86 27.56 -11.16
N ARG C 28 -2.81 27.13 -10.47
CA ARG C 28 -1.63 27.95 -10.26
C ARG C 28 -0.84 28.10 -11.57
N LEU C 29 -0.44 26.96 -12.14
CA LEU C 29 0.21 26.89 -13.45
C LEU C 29 -0.66 27.55 -14.50
N ASN C 30 -1.88 27.00 -14.66
CA ASN C 30 -2.78 27.35 -15.76
C ASN C 30 -2.92 28.85 -15.90
N SER C 31 -2.54 29.55 -14.85
CA SER C 31 -2.60 31.00 -14.81
C SER C 31 -1.25 31.67 -14.91
N ILE C 32 -0.18 30.96 -14.54
CA ILE C 32 1.15 31.53 -14.63
C ILE C 32 1.69 31.45 -16.09
N LYS C 33 1.13 30.53 -16.87
CA LYS C 33 1.43 30.42 -18.31
C LYS C 33 0.63 31.46 -19.06
N LYS C 34 -0.44 31.92 -18.42
CA LYS C 34 -1.27 33.02 -18.91
C LYS C 34 -0.50 34.35 -18.79
N LEU C 35 0.77 34.29 -18.43
CA LEU C 35 1.61 35.47 -18.23
C LEU C 35 1.86 36.27 -19.53
N SER C 36 1.88 35.58 -20.65
CA SER C 36 2.05 36.22 -21.95
C SER C 36 0.85 37.09 -22.31
N THR C 37 -0.34 36.69 -21.87
CA THR C 37 -1.57 37.51 -22.06
C THR C 37 -1.64 38.70 -21.11
N ILE C 38 -1.61 38.45 -19.80
CA ILE C 38 -1.56 39.53 -18.80
C ILE C 38 -0.65 40.67 -19.26
N ALA C 39 0.48 40.32 -19.86
CA ALA C 39 1.46 41.28 -20.41
C ALA C 39 0.95 41.99 -21.67
N LEU C 40 0.47 41.21 -22.65
CA LEU C 40 -0.12 41.78 -23.86
C LEU C 40 -1.46 42.42 -23.54
N ALA C 41 -2.10 41.96 -22.47
CA ALA C 41 -3.31 42.59 -21.92
C ALA C 41 -2.97 43.96 -21.32
N LEU C 42 -1.82 44.03 -20.64
CA LEU C 42 -1.27 45.30 -20.19
C LEU C 42 -0.51 45.96 -21.34
N GLY C 43 -0.03 47.18 -21.09
CA GLY C 43 0.81 47.87 -22.07
C GLY C 43 2.15 47.19 -22.19
N VAL C 44 2.67 47.13 -23.43
CA VAL C 44 4.00 46.55 -23.70
C VAL C 44 5.11 47.53 -23.25
N GLU C 45 4.93 48.02 -22.03
CA GLU C 45 5.80 48.97 -21.35
C GLU C 45 5.50 48.87 -19.86
N ARG C 46 4.21 48.71 -19.55
CA ARG C 46 3.71 48.48 -18.18
C ARG C 46 4.46 47.34 -17.49
N THR C 47 4.66 46.26 -18.24
CA THR C 47 5.41 45.06 -17.86
C THR C 47 6.71 45.39 -17.10
N ARG C 48 7.50 46.28 -17.70
CA ARG C 48 8.74 46.75 -17.11
C ARG C 48 8.52 47.30 -15.69
N SER C 49 7.49 48.12 -15.54
CA SER C 49 7.18 48.84 -14.29
C SER C 49 6.39 48.00 -13.27
N GLU C 50 5.33 47.35 -13.75
CA GLU C 50 4.39 46.64 -12.89
C GLU C 50 4.87 45.23 -12.52
N LEU C 51 4.56 44.24 -13.36
CA LEU C 51 4.73 42.83 -12.98
C LEU C 51 6.15 42.29 -13.09
N LEU C 52 7.09 43.10 -13.56
CA LEU C 52 8.45 42.62 -13.54
C LEU C 52 8.96 42.53 -12.10
N PRO C 53 9.08 43.68 -11.40
CA PRO C 53 9.50 43.61 -10.01
C PRO C 53 8.62 42.68 -9.16
N PHE C 54 7.32 42.67 -9.45
CA PHE C 54 6.35 41.78 -8.79
C PHE C 54 6.72 40.29 -8.94
N LEU C 55 7.34 39.94 -10.05
CA LEU C 55 7.70 38.56 -10.34
C LEU C 55 9.00 38.16 -9.65
N THR C 56 9.78 39.16 -9.25
CA THR C 56 11.11 38.96 -8.69
C THR C 56 11.07 38.55 -7.21
N ASP C 57 10.05 39.01 -6.50
CA ASP C 57 10.02 38.95 -5.03
C ASP C 57 8.66 38.52 -4.42
N THR C 58 8.01 37.57 -5.08
CA THR C 58 6.70 37.07 -4.64
C THR C 58 6.57 35.57 -4.85
N ILE C 59 6.80 35.11 -6.09
CA ILE C 59 6.50 33.74 -6.49
C ILE C 59 7.54 32.69 -6.03
N TYR C 60 7.19 31.96 -4.97
CA TYR C 60 8.08 30.98 -4.35
C TYR C 60 7.39 29.64 -4.09
N ASP C 61 6.92 29.02 -5.18
CA ASP C 61 6.04 27.85 -5.15
C ASP C 61 6.70 26.52 -5.58
N GLU C 62 5.88 25.54 -5.94
CA GLU C 62 6.34 24.21 -6.41
C GLU C 62 7.11 24.31 -7.72
N ASP C 63 7.99 23.34 -7.97
CA ASP C 63 8.92 23.43 -9.12
C ASP C 63 8.31 23.33 -10.52
N GLU C 64 7.18 22.63 -10.66
CA GLU C 64 6.44 22.61 -11.93
C GLU C 64 6.04 24.05 -12.36
N VAL C 65 5.64 24.87 -11.38
CA VAL C 65 5.22 26.26 -11.59
C VAL C 65 6.37 27.21 -11.93
N LEU C 66 7.44 27.10 -11.16
CA LEU C 66 8.64 27.90 -11.36
C LEU C 66 9.26 27.59 -12.71
N LEU C 67 9.20 26.32 -13.10
CA LEU C 67 9.59 25.88 -14.44
C LEU C 67 8.81 26.63 -15.50
N ALA C 68 7.51 26.78 -15.24
CA ALA C 68 6.63 27.51 -16.12
C ALA C 68 7.05 28.98 -16.18
N LEU C 69 7.42 29.53 -15.03
CA LEU C 69 7.85 30.92 -14.97
C LEU C 69 9.18 31.14 -15.70
N ALA C 70 10.17 30.32 -15.37
CA ALA C 70 11.48 30.38 -16.01
C ALA C 70 11.35 30.32 -17.53
N GLU C 71 10.64 29.30 -18.02
CA GLU C 71 10.42 29.10 -19.45
C GLU C 71 9.75 30.32 -20.05
N GLN C 72 8.68 30.78 -19.38
CA GLN C 72 7.99 32.01 -19.75
C GLN C 72 9.00 33.11 -20.01
N LEU C 73 9.85 33.36 -19.01
CA LEU C 73 10.77 34.50 -19.00
C LEU C 73 11.74 34.55 -20.17
N GLY C 74 12.16 33.37 -20.65
CA GLY C 74 13.01 33.30 -21.83
C GLY C 74 12.39 33.92 -23.07
N THR C 75 11.07 34.11 -23.03
CA THR C 75 10.31 34.57 -24.20
C THR C 75 9.60 35.91 -24.01
N PHE C 76 10.16 36.77 -23.16
CA PHE C 76 9.56 38.08 -22.88
C PHE C 76 10.24 39.26 -23.57
N THR C 77 11.32 38.97 -24.30
CA THR C 77 12.11 39.99 -24.98
C THR C 77 11.22 40.98 -25.74
N THR C 78 10.39 40.46 -26.64
CA THR C 78 9.54 41.31 -27.48
C THR C 78 8.34 41.91 -26.71
N LEU C 79 7.98 41.24 -25.62
CA LEU C 79 6.86 41.59 -24.76
C LEU C 79 7.23 42.63 -23.69
N VAL C 80 8.48 43.08 -23.69
CA VAL C 80 8.93 44.11 -22.74
C VAL C 80 9.44 45.36 -23.46
N GLY C 81 9.67 45.22 -24.76
CA GLY C 81 10.16 46.32 -25.59
C GLY C 81 11.06 45.85 -26.71
N GLY C 82 11.57 44.62 -26.57
CA GLY C 82 12.51 44.05 -27.52
C GLY C 82 13.94 43.99 -26.95
N PRO C 83 14.95 43.92 -27.83
CA PRO C 83 16.37 44.01 -27.49
C PRO C 83 16.74 45.20 -26.60
N GLU C 84 16.11 46.36 -26.82
CA GLU C 84 16.38 47.54 -25.99
C GLU C 84 16.33 47.28 -24.49
N TYR C 85 15.30 46.56 -24.06
CA TYR C 85 14.96 46.47 -22.64
C TYR C 85 15.16 45.09 -21.99
N VAL C 86 16.07 44.28 -22.52
CA VAL C 86 16.31 42.92 -21.99
C VAL C 86 16.90 42.88 -20.58
N HIS C 87 17.70 43.88 -20.24
CA HIS C 87 18.36 43.96 -18.94
C HIS C 87 17.38 43.99 -17.77
N CYS C 88 16.12 44.26 -18.06
CA CYS C 88 15.07 44.28 -17.05
C CYS C 88 14.63 42.86 -16.67
N LEU C 89 14.93 41.90 -17.54
CA LEU C 89 14.55 40.50 -17.32
C LEU C 89 15.53 39.70 -16.44
N LEU C 90 16.65 40.30 -16.09
CA LEU C 90 17.66 39.60 -15.32
C LEU C 90 17.21 39.33 -13.89
N PRO C 91 16.79 40.39 -13.16
CA PRO C 91 16.41 40.24 -11.75
C PRO C 91 15.50 39.04 -11.38
N PRO C 92 14.35 38.85 -12.07
CA PRO C 92 13.52 37.69 -11.72
C PRO C 92 14.14 36.35 -12.13
N LEU C 93 14.97 36.35 -13.18
CA LEU C 93 15.68 35.16 -13.63
C LEU C 93 16.83 34.80 -12.71
N GLU C 94 17.66 35.80 -12.42
CA GLU C 94 18.75 35.63 -11.46
C GLU C 94 18.27 35.00 -10.17
N SER C 95 17.01 35.24 -9.82
CA SER C 95 16.46 34.69 -8.58
C SER C 95 16.07 33.22 -8.69
N LEU C 96 15.54 32.84 -9.84
CA LEU C 96 15.21 31.43 -10.10
C LEU C 96 16.49 30.63 -10.29
N ALA C 97 17.51 31.29 -10.85
CA ALA C 97 18.84 30.71 -10.98
C ALA C 97 19.53 30.48 -9.63
N THR C 98 18.78 30.67 -8.55
CA THR C 98 19.30 30.66 -7.18
C THR C 98 18.52 29.69 -6.27
N VAL C 99 17.33 29.29 -6.75
CA VAL C 99 16.42 28.36 -6.08
C VAL C 99 17.08 27.01 -5.73
N GLU C 100 16.62 26.37 -4.67
CA GLU C 100 17.15 25.08 -4.21
C GLU C 100 17.00 23.92 -5.20
N GLU C 101 15.84 23.80 -5.83
CA GLU C 101 15.56 22.67 -6.72
C GLU C 101 16.16 22.83 -8.12
N THR C 102 17.13 21.98 -8.44
CA THR C 102 17.97 22.10 -9.66
C THR C 102 17.25 22.07 -11.01
N VAL C 103 16.13 21.37 -11.08
CA VAL C 103 15.30 21.32 -12.29
C VAL C 103 14.95 22.75 -12.72
N VAL C 104 14.81 23.62 -11.70
CA VAL C 104 14.44 25.02 -11.88
C VAL C 104 15.62 25.88 -12.32
N ARG C 105 16.68 25.92 -11.49
CA ARG C 105 17.88 26.66 -11.84
C ARG C 105 18.23 26.42 -13.29
N ASP C 106 18.19 25.16 -13.71
CA ASP C 106 18.60 24.75 -15.04
C ASP C 106 17.82 25.47 -16.13
N LYS C 107 16.49 25.50 -15.99
CA LYS C 107 15.66 26.23 -16.93
C LYS C 107 15.94 27.72 -16.82
N ALA C 108 16.25 28.15 -15.60
CA ALA C 108 16.55 29.55 -15.33
C ALA C 108 17.79 29.94 -16.11
N VAL C 109 18.82 29.11 -15.99
CA VAL C 109 20.07 29.30 -16.72
C VAL C 109 19.84 29.18 -18.23
N GLU C 110 18.99 28.22 -18.61
CA GLU C 110 18.60 28.02 -20.02
C GLU C 110 18.02 29.28 -20.63
N SER C 111 17.18 29.97 -19.87
CA SER C 111 16.59 31.20 -20.33
C SER C 111 17.59 32.35 -20.26
N LEU C 112 18.47 32.34 -19.26
CA LEU C 112 19.46 33.39 -19.14
C LEU C 112 20.46 33.38 -20.28
N ARG C 113 20.93 32.19 -20.65
CA ARG C 113 21.78 31.99 -21.84
C ARG C 113 21.02 32.42 -23.08
N ALA C 114 19.72 32.11 -23.12
CA ALA C 114 18.85 32.42 -24.26
C ALA C 114 18.72 33.92 -24.53
N ILE C 115 18.46 34.70 -23.48
CA ILE C 115 18.28 36.14 -23.64
C ILE C 115 19.60 36.87 -23.71
N SER C 116 20.69 36.19 -23.35
CA SER C 116 22.02 36.80 -23.37
C SER C 116 22.44 37.29 -24.76
N HIS C 117 21.93 36.68 -25.81
CA HIS C 117 22.22 37.13 -27.16
C HIS C 117 21.46 38.40 -27.52
N GLU C 118 20.27 38.55 -26.95
CA GLU C 118 19.40 39.69 -27.24
C GLU C 118 20.00 41.01 -26.74
N HIS C 119 20.86 40.90 -25.73
CA HIS C 119 21.63 42.04 -25.23
C HIS C 119 22.51 42.62 -26.31
N SER C 120 22.81 43.91 -26.20
CA SER C 120 23.83 44.52 -27.03
C SER C 120 25.19 44.10 -26.48
N PRO C 121 26.24 44.18 -27.31
CA PRO C 121 27.62 43.96 -26.87
C PRO C 121 28.05 44.82 -25.68
N SER C 122 27.40 45.97 -25.48
CA SER C 122 27.68 46.80 -24.32
C SER C 122 26.85 46.36 -23.13
N ASP C 123 25.57 46.10 -23.40
CA ASP C 123 24.63 45.61 -22.37
C ASP C 123 25.09 44.34 -21.64
N LEU C 124 25.87 43.48 -22.32
CA LEU C 124 26.46 42.28 -21.70
C LEU C 124 27.40 42.64 -20.55
N GLU C 125 28.32 43.55 -20.82
CA GLU C 125 29.27 44.04 -19.83
C GLU C 125 28.55 44.86 -18.78
N ALA C 126 27.57 45.64 -19.23
CA ALA C 126 26.88 46.57 -18.35
C ALA C 126 26.05 45.85 -17.29
N HIS C 127 25.38 44.77 -17.68
CA HIS C 127 24.35 44.18 -16.84
C HIS C 127 24.53 42.68 -16.66
N PHE C 128 24.82 41.98 -17.75
CA PHE C 128 24.87 40.51 -17.74
C PHE C 128 26.10 39.99 -17.01
N VAL C 129 27.27 40.55 -17.36
CA VAL C 129 28.53 40.14 -16.75
C VAL C 129 28.55 40.33 -15.21
N PRO C 130 28.06 41.48 -14.72
CA PRO C 130 27.92 41.69 -13.27
C PRO C 130 27.07 40.61 -12.64
N LEU C 131 26.05 40.14 -13.36
CA LEU C 131 25.19 39.06 -12.90
C LEU C 131 25.96 37.74 -12.76
N VAL C 132 26.63 37.30 -13.83
CA VAL C 132 27.48 36.10 -13.76
C VAL C 132 28.37 36.19 -12.52
N LYS C 133 29.16 37.26 -12.48
CA LYS C 133 30.01 37.62 -11.35
C LYS C 133 29.30 37.56 -10.00
N ARG C 134 28.10 38.11 -9.92
CA ARG C 134 27.31 38.06 -8.70
C ARG C 134 27.07 36.63 -8.29
N LEU C 135 26.46 35.85 -9.20
CA LEU C 135 26.13 34.44 -8.96
C LEU C 135 27.39 33.64 -8.64
N ALA C 136 28.46 33.92 -9.38
CA ALA C 136 29.74 33.28 -9.14
C ALA C 136 30.26 33.52 -7.72
N GLY C 137 30.14 34.76 -7.25
CA GLY C 137 30.61 35.12 -5.90
C GLY C 137 29.67 34.74 -4.78
N GLY C 138 28.40 34.44 -5.10
CA GLY C 138 27.32 34.31 -4.12
C GLY C 138 27.54 33.38 -2.94
N ASP C 139 26.77 33.55 -1.88
CA ASP C 139 26.91 32.68 -0.71
C ASP C 139 26.35 31.27 -0.95
N TRP C 140 25.18 31.20 -1.59
CA TRP C 140 24.53 29.91 -1.92
C TRP C 140 25.39 29.13 -2.91
N PHE C 141 25.57 27.82 -2.68
CA PHE C 141 26.24 26.97 -3.67
C PHE C 141 25.44 26.89 -4.96
N THR C 142 24.13 26.78 -4.80
CA THR C 142 23.15 26.86 -5.87
C THR C 142 23.42 28.07 -6.76
N SER C 143 23.80 29.20 -6.15
CA SER C 143 24.12 30.39 -6.93
C SER C 143 25.35 30.14 -7.79
N ARG C 144 26.40 29.58 -7.21
CA ARG C 144 27.65 29.35 -7.93
C ARG C 144 27.49 28.32 -9.05
N THR C 145 26.90 27.16 -8.75
CA THR C 145 26.66 26.12 -9.76
C THR C 145 25.94 26.62 -11.00
N SER C 146 25.03 27.56 -10.83
CA SER C 146 24.30 28.11 -11.95
C SER C 146 25.13 29.15 -12.70
N ALA C 147 26.18 29.65 -12.04
CA ALA C 147 27.06 30.64 -12.61
C ALA C 147 27.97 29.96 -13.61
N CYS C 148 28.42 28.75 -13.27
CA CYS C 148 29.23 27.94 -14.17
C CYS C 148 28.66 27.93 -15.58
N GLY C 149 27.35 27.75 -15.69
CA GLY C 149 26.67 27.65 -16.97
C GLY C 149 26.45 28.95 -17.71
N LEU C 150 27.05 30.04 -17.24
CA LEU C 150 26.86 31.31 -17.94
C LEU C 150 28.14 31.88 -18.53
N PHE C 151 29.25 31.15 -18.42
CA PHE C 151 30.54 31.65 -18.92
C PHE C 151 30.70 31.57 -20.41
N SER C 152 30.50 30.37 -20.96
CA SER C 152 30.69 30.09 -22.39
C SER C 152 29.80 30.92 -23.32
N VAL C 153 28.68 31.43 -22.81
CA VAL C 153 27.78 32.22 -23.64
C VAL C 153 28.36 33.58 -23.95
N CYS C 154 28.64 34.34 -22.89
CA CYS C 154 29.01 35.74 -23.02
C CYS C 154 30.51 36.00 -23.15
N TYR C 155 31.33 34.97 -22.95
CA TYR C 155 32.78 35.13 -23.06
C TYR C 155 33.28 35.68 -24.42
N PRO C 156 32.84 35.09 -25.56
CA PRO C 156 33.33 35.60 -26.87
C PRO C 156 32.87 37.01 -27.22
N ARG C 157 31.74 37.42 -26.66
CA ARG C 157 31.14 38.72 -26.98
C ARG C 157 31.70 39.87 -26.15
N VAL C 158 32.43 39.55 -25.07
CA VAL C 158 33.08 40.58 -24.27
C VAL C 158 34.42 40.96 -24.85
N SER C 159 34.98 42.05 -24.33
CA SER C 159 36.31 42.54 -24.70
C SER C 159 37.44 41.64 -24.16
N SER C 160 38.62 41.79 -24.77
CA SER C 160 39.82 41.05 -24.39
C SER C 160 40.07 41.22 -22.89
N ALA C 161 39.94 42.45 -22.41
CA ALA C 161 40.17 42.80 -21.02
C ALA C 161 39.23 42.09 -20.05
N VAL C 162 37.98 41.88 -20.45
CA VAL C 162 36.98 41.21 -19.60
C VAL C 162 37.15 39.68 -19.64
N LYS C 163 37.47 39.16 -20.82
CA LYS C 163 37.78 37.73 -20.98
C LYS C 163 38.68 37.30 -19.82
N ALA C 164 39.61 38.18 -19.46
CA ALA C 164 40.64 37.92 -18.42
C ALA C 164 40.09 37.65 -17.02
N GLU C 165 39.07 38.40 -16.63
CA GLU C 165 38.45 38.24 -15.32
C GLU C 165 37.68 36.94 -15.28
N LEU C 166 36.94 36.67 -16.35
CA LEU C 166 36.05 35.50 -16.43
C LEU C 166 36.80 34.19 -16.20
N ARG C 167 37.95 34.06 -16.86
CA ARG C 167 38.78 32.87 -16.70
C ARG C 167 39.16 32.67 -15.24
N GLN C 168 39.42 33.77 -14.52
CA GLN C 168 39.76 33.74 -13.09
C GLN C 168 38.58 33.28 -12.24
N TYR C 169 37.39 33.78 -12.56
CA TYR C 169 36.17 33.36 -11.88
C TYR C 169 35.88 31.88 -12.08
N PHE C 170 35.90 31.44 -13.34
CA PHE C 170 35.79 30.01 -13.64
C PHE C 170 36.81 29.24 -12.79
N ARG C 171 38.07 29.67 -12.88
CA ARG C 171 39.18 29.05 -12.17
C ARG C 171 38.90 28.91 -10.67
N ASN C 172 38.21 29.90 -10.13
CA ASN C 172 37.85 29.88 -8.73
C ASN C 172 36.74 28.90 -8.47
N LEU C 173 35.82 28.79 -9.42
CA LEU C 173 34.73 27.81 -9.33
C LEU C 173 35.24 26.37 -9.29
N CYS C 174 36.34 26.09 -9.98
CA CYS C 174 36.90 24.73 -10.04
C CYS C 174 37.56 24.28 -8.76
N SER C 175 37.99 25.22 -7.93
CA SER C 175 38.63 24.88 -6.65
C SER C 175 37.75 25.31 -5.49
N ASP C 176 36.45 25.36 -5.77
CA ASP C 176 35.45 25.75 -4.81
C ASP C 176 35.46 24.81 -3.60
N ASP C 177 35.00 25.34 -2.47
CA ASP C 177 34.95 24.61 -1.19
C ASP C 177 34.02 23.41 -1.26
N THR C 178 33.15 23.40 -2.26
CA THR C 178 32.00 22.52 -2.29
C THR C 178 31.98 21.60 -3.50
N PRO C 179 31.83 20.28 -3.26
CA PRO C 179 31.86 19.32 -4.34
C PRO C 179 30.83 19.66 -5.41
N MET C 180 29.64 20.08 -4.96
CA MET C 180 28.57 20.45 -5.85
C MET C 180 29.03 21.45 -6.92
N VAL C 181 29.83 22.42 -6.50
CA VAL C 181 30.29 23.44 -7.43
C VAL C 181 31.42 22.92 -8.34
N ARG C 182 32.33 22.13 -7.78
CA ARG C 182 33.42 21.54 -8.58
C ARG C 182 32.93 20.66 -9.77
N ARG C 183 31.91 19.85 -9.54
CA ARG C 183 31.32 19.05 -10.61
C ARG C 183 30.71 19.93 -11.69
N ALA C 184 30.15 21.07 -11.31
CA ALA C 184 29.50 21.97 -12.25
C ALA C 184 30.56 22.60 -13.12
N ALA C 185 31.67 22.96 -12.50
CA ALA C 185 32.81 23.52 -13.23
C ALA C 185 33.34 22.48 -14.21
N ALA C 186 33.45 21.23 -13.74
CA ALA C 186 33.89 20.11 -14.56
C ALA C 186 32.96 19.87 -15.75
N SER C 187 31.66 19.84 -15.49
CA SER C 187 30.68 19.56 -16.53
C SER C 187 30.57 20.66 -17.53
N LYS C 188 31.10 21.84 -17.19
CA LYS C 188 31.09 22.94 -18.13
C LYS C 188 32.49 23.27 -18.64
N LEU C 189 33.47 22.57 -18.08
CA LEU C 189 34.87 22.74 -18.44
C LEU C 189 35.06 22.61 -19.93
N GLY C 190 34.67 21.45 -20.48
CA GLY C 190 34.80 21.19 -21.92
C GLY C 190 34.17 22.24 -22.84
N GLU C 191 32.89 22.54 -22.62
CA GLU C 191 32.16 23.50 -23.45
C GLU C 191 32.78 24.91 -23.39
N PHE C 192 33.37 25.25 -22.24
CA PHE C 192 34.00 26.57 -22.04
C PHE C 192 35.28 26.66 -22.85
N ALA C 193 36.13 25.65 -22.73
CA ALA C 193 37.38 25.59 -23.47
C ALA C 193 37.17 25.89 -24.95
N LYS C 194 35.95 25.66 -25.42
CA LYS C 194 35.62 25.81 -26.84
C LYS C 194 35.59 27.23 -27.38
N VAL C 195 35.34 28.20 -26.51
CA VAL C 195 35.29 29.62 -26.92
C VAL C 195 36.60 30.35 -26.63
N LEU C 196 37.49 29.71 -25.87
CA LEU C 196 38.78 30.29 -25.51
C LEU C 196 39.77 30.18 -26.65
N GLU C 197 40.60 31.21 -26.78
CA GLU C 197 41.76 31.21 -27.67
C GLU C 197 42.79 30.16 -27.21
N LEU C 198 43.62 29.65 -28.13
CA LEU C 198 44.51 28.51 -27.82
C LEU C 198 45.41 28.67 -26.61
N ASP C 199 46.25 29.70 -26.59
CA ASP C 199 47.13 29.99 -25.45
C ASP C 199 46.43 29.68 -24.14
N ASN C 200 45.15 30.04 -24.09
CA ASN C 200 44.33 29.90 -22.89
C ASN C 200 43.75 28.51 -22.67
N VAL C 201 43.45 27.79 -23.74
CA VAL C 201 43.08 26.38 -23.57
C VAL C 201 44.32 25.62 -23.11
N LYS C 202 45.47 25.97 -23.69
CA LYS C 202 46.72 25.35 -23.36
C LYS C 202 47.17 25.69 -21.94
N SER C 203 47.11 26.97 -21.57
CA SER C 203 47.67 27.44 -20.30
C SER C 203 46.66 27.61 -19.15
N GLU C 204 45.40 27.84 -19.48
CA GLU C 204 44.40 28.08 -18.44
C GLU C 204 43.50 26.86 -18.25
N ILE C 205 42.97 26.28 -19.33
CA ILE C 205 42.07 25.11 -19.20
C ILE C 205 42.79 23.88 -18.66
N ILE C 206 43.94 23.55 -19.25
CA ILE C 206 44.63 22.31 -18.89
C ILE C 206 44.94 22.12 -17.38
N PRO C 207 45.52 23.14 -16.70
CA PRO C 207 45.68 22.95 -15.27
C PRO C 207 44.35 22.74 -14.53
N MET C 208 43.32 23.50 -14.90
CA MET C 208 41.97 23.30 -14.36
C MET C 208 41.50 21.88 -14.62
N PHE C 209 41.73 21.41 -15.84
CA PHE C 209 41.39 20.06 -16.24
C PHE C 209 42.06 19.01 -15.38
N SER C 210 43.36 19.15 -15.10
CA SER C 210 44.06 18.12 -14.34
C SER C 210 43.70 18.08 -12.86
N ASN C 211 43.65 19.25 -12.20
CA ASN C 211 43.22 19.32 -10.78
C ASN C 211 41.86 18.66 -10.56
N LEU C 212 40.93 18.96 -11.47
CA LEU C 212 39.59 18.41 -11.42
C LEU C 212 39.63 16.92 -11.67
N ALA C 213 40.63 16.46 -12.43
CA ALA C 213 40.73 15.05 -12.78
C ALA C 213 41.43 14.28 -11.68
N SER C 214 42.14 15.01 -10.84
CA SER C 214 42.80 14.44 -9.68
C SER C 214 42.02 14.80 -8.42
N ASP C 215 40.78 15.25 -8.61
CA ASP C 215 39.88 15.63 -7.52
C ASP C 215 39.73 14.54 -6.47
N GLU C 216 39.44 14.98 -5.25
CA GLU C 216 39.33 14.11 -4.11
C GLU C 216 38.17 13.14 -4.25
N GLN C 217 37.25 13.44 -5.17
CA GLN C 217 35.96 12.76 -5.24
C GLN C 217 35.62 12.16 -6.63
N ASP C 218 35.17 10.92 -6.64
CA ASP C 218 34.81 10.16 -7.84
C ASP C 218 33.92 10.94 -8.82
N SER C 219 32.86 11.52 -8.29
CA SER C 219 31.89 12.32 -9.03
C SER C 219 32.47 13.49 -9.84
N VAL C 220 33.58 14.04 -9.37
CA VAL C 220 34.19 15.16 -10.06
C VAL C 220 35.05 14.65 -11.22
N ARG C 221 36.07 13.83 -10.89
CA ARG C 221 37.04 13.32 -11.86
C ARG C 221 36.34 12.67 -13.04
N LEU C 222 35.30 11.88 -12.73
CA LEU C 222 34.43 11.30 -13.73
C LEU C 222 34.03 12.30 -14.81
N LEU C 223 33.65 13.51 -14.39
CA LEU C 223 33.15 14.54 -15.31
C LEU C 223 34.26 15.22 -16.11
N ALA C 224 35.50 14.99 -15.68
CA ALA C 224 36.68 15.54 -16.37
C ALA C 224 37.06 14.65 -17.57
N VAL C 225 36.95 13.34 -17.38
CA VAL C 225 37.22 12.35 -18.44
C VAL C 225 36.34 12.63 -19.65
N GLU C 226 35.09 12.99 -19.37
CA GLU C 226 34.16 13.45 -20.38
C GLU C 226 34.71 14.70 -21.05
N ALA C 227 35.19 15.64 -20.24
CA ALA C 227 35.69 16.91 -20.75
C ALA C 227 37.00 16.75 -21.51
N CYS C 228 37.71 15.67 -21.22
CA CYS C 228 39.00 15.38 -21.86
C CYS C 228 38.88 15.26 -23.38
N VAL C 229 37.78 14.66 -23.84
CA VAL C 229 37.51 14.52 -25.28
C VAL C 229 37.46 15.88 -25.96
N ASN C 230 36.53 16.72 -25.49
CA ASN C 230 36.34 18.08 -25.99
C ASN C 230 37.65 18.83 -26.17
N ILE C 231 38.57 18.62 -25.23
CA ILE C 231 39.82 19.33 -25.20
C ILE C 231 40.77 18.73 -26.21
N ALA C 232 41.05 17.43 -26.07
CA ALA C 232 41.92 16.71 -27.01
C ALA C 232 41.60 17.09 -28.45
N GLN C 233 40.30 17.13 -28.75
CA GLN C 233 39.78 17.60 -30.03
C GLN C 233 40.44 18.89 -30.50
N LEU C 234 40.49 19.89 -29.62
CA LEU C 234 40.99 21.22 -29.97
C LEU C 234 42.52 21.32 -29.95
N LEU C 235 43.19 20.31 -29.41
CA LEU C 235 44.67 20.29 -29.37
C LEU C 235 45.34 19.55 -30.55
N PRO C 236 46.53 20.01 -30.98
CA PRO C 236 47.31 19.28 -31.99
C PRO C 236 48.02 18.02 -31.45
N GLN C 237 48.60 17.24 -32.36
CA GLN C 237 49.24 15.97 -32.05
C GLN C 237 50.31 16.08 -30.96
N GLU C 238 51.23 17.04 -31.14
CA GLU C 238 52.41 17.20 -30.28
C GLU C 238 52.02 17.59 -28.86
N ASP C 239 51.19 18.63 -28.76
CA ASP C 239 50.72 19.15 -27.47
C ASP C 239 49.89 18.12 -26.67
N LEU C 240 49.36 17.12 -27.35
CA LEU C 240 48.57 16.07 -26.70
C LEU C 240 49.35 15.19 -25.74
N GLU C 241 50.52 14.72 -26.16
CA GLU C 241 51.34 13.84 -25.30
C GLU C 241 51.89 14.55 -24.08
N ALA C 242 52.24 15.81 -24.27
CA ALA C 242 52.85 16.62 -23.22
C ALA C 242 51.84 17.06 -22.15
N LEU C 243 50.61 17.37 -22.56
CA LEU C 243 49.65 18.01 -21.67
C LEU C 243 48.46 17.14 -21.25
N VAL C 244 47.80 16.51 -22.21
CA VAL C 244 46.60 15.71 -21.95
C VAL C 244 46.93 14.27 -21.52
N MET C 245 47.88 13.65 -22.21
CA MET C 245 48.07 12.19 -22.11
C MET C 245 48.36 11.62 -20.72
N PRO C 246 49.34 12.20 -19.99
CA PRO C 246 49.55 11.67 -18.64
C PRO C 246 48.26 11.56 -17.81
N THR C 247 47.31 12.47 -18.05
CA THR C 247 46.07 12.52 -17.26
C THR C 247 45.03 11.47 -17.66
N LEU C 248 44.91 11.22 -18.97
CA LEU C 248 43.98 10.22 -19.49
C LEU C 248 44.44 8.80 -19.17
N ARG C 249 45.73 8.64 -18.90
CA ARG C 249 46.30 7.37 -18.49
C ARG C 249 45.84 7.01 -17.08
N GLN C 250 46.00 7.95 -16.15
CA GLN C 250 45.53 7.79 -14.77
C GLN C 250 44.03 7.53 -14.71
N ALA C 251 43.31 8.01 -15.71
CA ALA C 251 41.87 7.81 -15.81
C ALA C 251 41.51 6.35 -16.04
N ALA C 252 42.38 5.63 -16.73
CA ALA C 252 42.16 4.22 -17.06
C ALA C 252 42.27 3.27 -15.86
N GLU C 253 43.17 3.59 -14.92
CA GLU C 253 43.36 2.78 -13.72
C GLU C 253 43.00 3.50 -12.41
N ASP C 254 41.97 4.34 -12.49
CA ASP C 254 41.44 5.08 -11.34
C ASP C 254 40.77 4.11 -10.36
N LYS C 255 40.88 4.38 -9.05
CA LYS C 255 40.27 3.54 -8.00
C LYS C 255 38.80 3.28 -8.30
N SER C 256 38.08 4.36 -8.58
CA SER C 256 36.64 4.33 -8.79
C SER C 256 36.29 3.70 -10.13
N TRP C 257 35.37 2.75 -10.11
CA TRP C 257 34.89 2.15 -11.34
C TRP C 257 34.08 3.12 -12.20
N ARG C 258 33.39 4.07 -11.56
CA ARG C 258 32.62 5.08 -12.28
C ARG C 258 33.49 5.95 -13.19
N VAL C 259 34.73 6.22 -12.74
CA VAL C 259 35.72 6.94 -13.56
C VAL C 259 36.23 6.07 -14.70
N ARG C 260 36.34 4.76 -14.44
CA ARG C 260 36.88 3.84 -15.42
C ARG C 260 35.82 3.48 -16.43
N TYR C 261 34.57 3.45 -15.98
CA TYR C 261 33.44 3.16 -16.85
C TYR C 261 33.35 4.24 -17.92
N MET C 262 33.69 5.47 -17.52
CA MET C 262 33.56 6.65 -18.36
C MET C 262 34.58 6.70 -19.50
N VAL C 263 35.83 6.34 -19.17
CA VAL C 263 36.89 6.20 -20.16
C VAL C 263 36.47 5.11 -21.13
N ALA C 264 36.11 3.95 -20.59
CA ALA C 264 35.68 2.81 -21.38
C ALA C 264 34.42 3.12 -22.15
N ASP C 265 33.54 3.93 -21.58
CA ASP C 265 32.33 4.35 -22.26
C ASP C 265 32.64 5.23 -23.46
N LYS C 266 33.62 6.13 -23.30
CA LYS C 266 33.91 7.14 -24.34
C LYS C 266 35.25 6.92 -25.05
N PHE C 267 35.57 5.65 -25.30
CA PHE C 267 36.87 5.25 -25.83
C PHE C 267 37.01 5.56 -27.32
N THR C 268 35.94 5.30 -28.08
CA THR C 268 35.92 5.60 -29.50
C THR C 268 35.75 7.08 -29.76
N GLU C 269 35.39 7.84 -28.73
CA GLU C 269 35.42 9.27 -28.85
C GLU C 269 36.85 9.76 -28.69
N LEU C 270 37.55 9.13 -27.74
CA LEU C 270 38.95 9.43 -27.44
C LEU C 270 39.82 9.13 -28.64
N GLN C 271 39.84 7.86 -29.06
CA GLN C 271 40.48 7.47 -30.32
C GLN C 271 40.30 8.53 -31.40
N LYS C 272 39.08 8.69 -31.90
CA LYS C 272 38.78 9.64 -32.97
C LYS C 272 39.46 10.98 -32.74
N ALA C 273 39.39 11.46 -31.50
CA ALA C 273 39.91 12.78 -31.14
C ALA C 273 41.42 12.81 -30.86
N VAL C 274 41.99 11.66 -30.51
CA VAL C 274 43.39 11.59 -30.09
C VAL C 274 44.35 11.38 -31.27
N GLY C 275 43.81 10.92 -32.40
CA GLY C 275 44.59 10.62 -33.58
C GLY C 275 45.05 9.17 -33.62
N PRO C 276 45.27 8.63 -34.83
CA PRO C 276 45.75 7.27 -35.04
C PRO C 276 47.09 6.97 -34.33
N GLU C 277 47.96 7.97 -34.25
CA GLU C 277 49.31 7.83 -33.68
C GLU C 277 49.36 7.42 -32.19
N ILE C 278 48.55 8.10 -31.36
CA ILE C 278 48.47 7.83 -29.91
C ILE C 278 47.59 6.61 -29.62
N THR C 279 46.44 6.54 -30.31
CA THR C 279 45.50 5.43 -30.18
C THR C 279 46.16 4.07 -29.96
N LYS C 280 47.11 3.72 -30.83
CA LYS C 280 47.80 2.43 -30.75
C LYS C 280 48.87 2.39 -29.66
N THR C 281 49.72 3.43 -29.61
CA THR C 281 50.81 3.50 -28.62
C THR C 281 50.32 3.60 -27.17
N ASP C 282 49.14 4.21 -26.97
CA ASP C 282 48.63 4.57 -25.63
C ASP C 282 47.28 3.99 -25.23
N LEU C 283 46.33 3.99 -26.16
CA LEU C 283 44.98 3.53 -25.86
C LEU C 283 44.89 2.01 -25.73
N VAL C 284 45.38 1.30 -26.73
CA VAL C 284 45.28 -0.17 -26.78
C VAL C 284 45.61 -0.92 -25.46
N PRO C 285 46.71 -0.55 -24.76
CA PRO C 285 46.97 -1.25 -23.48
C PRO C 285 45.89 -0.99 -22.42
N ALA C 286 45.32 0.21 -22.40
CA ALA C 286 44.24 0.55 -21.47
C ALA C 286 42.93 -0.19 -21.82
N PHE C 287 42.62 -0.28 -23.10
CA PHE C 287 41.47 -1.03 -23.59
C PHE C 287 41.58 -2.50 -23.19
N GLN C 288 42.81 -2.99 -23.11
CA GLN C 288 43.07 -4.34 -22.62
C GLN C 288 42.82 -4.44 -21.13
N ASN C 289 43.13 -3.35 -20.41
CA ASN C 289 42.92 -3.30 -18.96
C ASN C 289 41.44 -3.20 -18.59
N LEU C 290 40.68 -2.50 -19.43
CA LEU C 290 39.25 -2.27 -19.20
C LEU C 290 38.41 -3.53 -19.42
N MET C 291 38.71 -4.27 -20.48
CA MET C 291 38.07 -5.56 -20.72
C MET C 291 38.45 -6.56 -19.63
N LYS C 292 39.61 -6.33 -19.00
CA LYS C 292 40.06 -7.15 -17.88
C LYS C 292 39.46 -6.69 -16.55
N ASP C 293 38.84 -5.50 -16.54
CA ASP C 293 38.34 -4.86 -15.32
C ASP C 293 37.50 -5.78 -14.44
N CYS C 294 37.65 -5.64 -13.12
CA CYS C 294 36.95 -6.52 -12.20
C CYS C 294 35.48 -6.12 -11.93
N GLU C 295 34.97 -5.17 -12.71
CA GLU C 295 33.56 -4.81 -12.61
C GLU C 295 32.81 -5.04 -13.91
N ALA C 296 31.79 -5.90 -13.83
CA ALA C 296 30.98 -6.34 -14.97
C ALA C 296 30.46 -5.22 -15.88
N GLU C 297 30.40 -4.00 -15.34
CA GLU C 297 29.88 -2.83 -16.06
C GLU C 297 30.93 -2.20 -16.99
N VAL C 298 32.17 -2.10 -16.50
CA VAL C 298 33.32 -1.65 -17.28
C VAL C 298 33.70 -2.68 -18.35
N ARG C 299 33.46 -3.96 -18.07
CA ARG C 299 33.67 -5.00 -19.06
C ARG C 299 32.64 -4.92 -20.20
N ALA C 300 31.38 -4.65 -19.85
CA ALA C 300 30.32 -4.50 -20.83
C ALA C 300 30.50 -3.22 -21.65
N ALA C 301 30.91 -2.14 -20.98
CA ALA C 301 31.13 -0.86 -21.62
C ALA C 301 32.17 -1.00 -22.72
N ALA C 302 33.28 -1.66 -22.40
CA ALA C 302 34.36 -1.89 -23.35
C ALA C 302 33.91 -2.74 -24.53
N SER C 303 33.22 -3.85 -24.24
CA SER C 303 32.81 -4.82 -25.26
C SER C 303 31.99 -4.21 -26.40
N HIS C 304 31.17 -3.21 -26.09
CA HIS C 304 30.37 -2.49 -27.10
C HIS C 304 31.24 -1.71 -28.07
N LYS C 305 32.47 -1.44 -27.66
CA LYS C 305 33.38 -0.65 -28.46
C LYS C 305 34.48 -1.50 -29.07
N VAL C 306 34.20 -2.78 -29.30
CA VAL C 306 35.14 -3.64 -30.00
C VAL C 306 35.03 -3.38 -31.51
N LYS C 307 33.79 -3.25 -32.00
CA LYS C 307 33.58 -3.06 -33.42
C LYS C 307 34.06 -1.74 -34.02
N GLU C 308 34.08 -0.68 -33.24
CA GLU C 308 34.53 0.62 -33.74
C GLU C 308 36.01 0.81 -33.53
N PHE C 309 36.48 0.43 -32.34
CA PHE C 309 37.88 0.60 -31.95
C PHE C 309 38.81 -0.03 -33.00
N CYS C 310 38.59 -1.31 -33.31
CA CYS C 310 39.39 -2.06 -34.27
C CYS C 310 39.14 -1.69 -35.74
N GLU C 311 38.06 -0.96 -35.98
CA GLU C 311 37.66 -0.56 -37.32
C GLU C 311 38.27 0.79 -37.70
N ASN C 312 38.30 1.72 -36.75
CA ASN C 312 38.81 3.06 -37.00
C ASN C 312 40.32 3.24 -36.81
N LEU C 313 41.00 2.16 -36.41
CA LEU C 313 42.46 2.12 -36.41
C LEU C 313 42.98 2.42 -37.82
N SER C 314 44.28 2.71 -37.93
CA SER C 314 44.87 3.02 -39.22
C SER C 314 45.08 1.75 -40.03
N ALA C 315 44.69 1.81 -41.31
CA ALA C 315 44.96 0.73 -42.24
C ALA C 315 46.47 0.51 -42.37
N ASP C 316 47.21 1.10 -41.44
CA ASP C 316 48.68 1.04 -41.36
C ASP C 316 49.17 -0.36 -40.93
N CYS C 317 48.69 -0.80 -39.76
CA CYS C 317 49.08 -2.08 -39.15
C CYS C 317 48.00 -2.49 -38.15
N ARG C 318 46.76 -2.36 -38.61
CA ARG C 318 45.55 -2.70 -37.85
C ARG C 318 45.43 -4.19 -37.58
N GLU C 319 45.49 -4.97 -38.66
CA GLU C 319 45.16 -6.39 -38.62
C GLU C 319 45.96 -7.14 -37.55
N ASN C 320 47.23 -6.80 -37.42
CA ASN C 320 48.10 -7.46 -36.44
C ASN C 320 47.68 -7.25 -34.99
N VAL C 321 47.54 -5.99 -34.58
CA VAL C 321 47.18 -5.66 -33.18
C VAL C 321 45.78 -6.15 -32.77
N ILE C 322 44.94 -6.43 -33.77
CA ILE C 322 43.65 -7.09 -33.53
C ILE C 322 43.88 -8.51 -33.00
N MET C 323 44.81 -9.25 -33.61
CA MET C 323 45.04 -10.65 -33.25
C MET C 323 46.16 -10.85 -32.25
N THR C 324 47.09 -9.90 -32.19
CA THR C 324 48.22 -9.98 -31.29
C THR C 324 47.87 -9.46 -29.87
N GLN C 325 46.90 -8.54 -29.80
CA GLN C 325 46.53 -7.85 -28.55
C GLN C 325 45.06 -7.99 -28.14
N ILE C 326 44.15 -7.60 -29.02
CA ILE C 326 42.71 -7.56 -28.75
C ILE C 326 42.06 -8.95 -28.65
N LEU C 327 42.25 -9.78 -29.67
CA LEU C 327 41.63 -11.12 -29.73
C LEU C 327 42.05 -12.06 -28.62
N PRO C 328 43.31 -11.96 -28.15
CA PRO C 328 43.67 -12.61 -26.89
C PRO C 328 42.72 -12.26 -25.74
N CYS C 329 42.29 -11.00 -25.67
CA CYS C 329 41.37 -10.54 -24.63
C CYS C 329 39.91 -10.89 -24.89
N ILE C 330 39.55 -11.06 -26.16
CA ILE C 330 38.18 -11.41 -26.55
C ILE C 330 37.80 -12.83 -26.14
N LYS C 331 38.65 -13.80 -26.45
CA LYS C 331 38.44 -15.20 -26.08
C LYS C 331 38.04 -15.36 -24.61
N GLU C 332 38.57 -14.48 -23.76
CA GLU C 332 38.33 -14.51 -22.32
C GLU C 332 36.93 -13.97 -22.00
N LEU C 333 36.52 -12.91 -22.71
CA LEU C 333 35.25 -12.23 -22.45
C LEU C 333 34.01 -12.98 -22.93
N VAL C 334 34.22 -14.10 -23.61
CA VAL C 334 33.14 -15.00 -24.01
C VAL C 334 32.92 -16.04 -22.93
N SER C 335 34.00 -16.38 -22.22
CA SER C 335 33.97 -17.31 -21.10
C SER C 335 33.70 -16.58 -19.78
N ASP C 336 33.03 -15.43 -19.89
CA ASP C 336 32.68 -14.60 -18.74
C ASP C 336 31.48 -15.20 -18.02
N ALA C 337 31.38 -14.92 -16.73
CA ALA C 337 30.26 -15.38 -15.91
C ALA C 337 29.07 -14.45 -16.04
N ASN C 338 29.36 -13.17 -16.33
CA ASN C 338 28.35 -12.13 -16.45
C ASN C 338 27.71 -12.08 -17.85
N GLN C 339 26.38 -12.18 -17.90
CA GLN C 339 25.67 -12.28 -19.17
C GLN C 339 25.51 -10.97 -19.92
N HIS C 340 25.73 -9.86 -19.24
CA HIS C 340 25.68 -8.55 -19.89
C HIS C 340 26.94 -8.34 -20.71
N VAL C 341 28.05 -8.91 -20.24
CA VAL C 341 29.31 -8.96 -20.99
C VAL C 341 29.17 -9.92 -22.17
N LYS C 342 28.74 -11.15 -21.90
CA LYS C 342 28.51 -12.13 -22.98
C LYS C 342 27.63 -11.50 -24.05
N SER C 343 26.64 -10.73 -23.63
CA SER C 343 25.74 -10.03 -24.54
C SER C 343 26.43 -8.80 -25.13
N ALA C 344 27.18 -8.10 -24.30
CA ALA C 344 27.88 -6.88 -24.72
C ALA C 344 28.82 -7.16 -25.87
N LEU C 345 29.61 -8.23 -25.75
CA LEU C 345 30.56 -8.62 -26.78
C LEU C 345 29.87 -9.31 -27.94
N ALA C 346 28.90 -10.16 -27.64
CA ALA C 346 28.16 -10.91 -28.67
C ALA C 346 27.69 -10.03 -29.84
N SER C 347 26.95 -8.98 -29.50
CA SER C 347 26.25 -8.13 -30.48
C SER C 347 27.15 -7.33 -31.44
N VAL C 348 28.47 -7.47 -31.32
CA VAL C 348 29.39 -6.77 -32.20
C VAL C 348 30.52 -7.66 -32.73
N ILE C 349 30.82 -8.73 -31.98
CA ILE C 349 31.96 -9.61 -32.29
C ILE C 349 31.94 -10.11 -33.74
N MET C 350 30.73 -10.24 -34.30
CA MET C 350 30.57 -10.71 -35.68
C MET C 350 31.11 -9.72 -36.73
N GLY C 351 31.07 -8.44 -36.41
CA GLY C 351 31.45 -7.38 -37.34
C GLY C 351 32.95 -7.21 -37.57
N LEU C 352 33.74 -7.98 -36.82
CA LEU C 352 35.18 -8.06 -37.05
C LEU C 352 35.47 -8.64 -38.43
N SER C 353 34.93 -9.82 -38.70
CA SER C 353 35.24 -10.62 -39.90
C SER C 353 35.58 -9.86 -41.22
N PRO C 354 34.72 -8.91 -41.66
CA PRO C 354 35.06 -8.22 -42.92
C PRO C 354 36.42 -7.52 -42.90
N ILE C 355 36.97 -7.35 -41.71
CA ILE C 355 38.24 -6.66 -41.53
C ILE C 355 39.42 -7.65 -41.60
N LEU C 356 39.22 -8.84 -41.07
CA LEU C 356 40.29 -9.84 -40.98
C LEU C 356 40.55 -10.59 -42.29
N GLY C 357 39.49 -11.07 -42.93
CA GLY C 357 39.63 -11.82 -44.18
C GLY C 357 39.21 -13.27 -43.99
N LYS C 358 38.81 -13.90 -45.09
CA LYS C 358 38.23 -15.24 -45.05
C LYS C 358 39.04 -16.23 -44.21
N ASP C 359 40.37 -16.11 -44.25
CA ASP C 359 41.27 -17.08 -43.61
C ASP C 359 41.33 -16.95 -42.08
N ASN C 360 41.43 -15.72 -41.59
CA ASN C 360 41.51 -15.45 -40.16
C ASN C 360 40.19 -15.65 -39.42
N THR C 361 39.09 -15.48 -40.15
CA THR C 361 37.75 -15.68 -39.59
C THR C 361 37.48 -17.16 -39.27
N ILE C 362 37.97 -18.06 -40.12
CA ILE C 362 37.83 -19.50 -39.90
C ILE C 362 38.73 -19.99 -38.76
N GLU C 363 39.89 -19.35 -38.63
CA GLU C 363 40.85 -19.71 -37.59
C GLU C 363 40.38 -19.30 -36.19
N HIS C 364 40.29 -17.99 -35.95
CA HIS C 364 40.04 -17.46 -34.60
C HIS C 364 38.60 -17.06 -34.34
N LEU C 365 37.94 -16.49 -35.35
CA LEU C 365 36.60 -15.89 -35.17
C LEU C 365 35.42 -16.86 -35.12
N LEU C 366 35.66 -18.13 -35.47
CA LEU C 366 34.60 -19.14 -35.56
C LEU C 366 34.46 -20.04 -34.32
N PRO C 367 35.58 -20.44 -33.68
CA PRO C 367 35.42 -21.25 -32.46
C PRO C 367 34.96 -20.42 -31.26
N LEU C 368 34.98 -19.10 -31.42
CA LEU C 368 34.33 -18.18 -30.50
C LEU C 368 32.84 -18.26 -30.74
N PHE C 369 32.45 -18.00 -31.99
CA PHE C 369 31.06 -17.99 -32.44
C PHE C 369 30.27 -19.28 -32.11
N LEU C 370 30.92 -20.44 -32.19
CA LEU C 370 30.29 -21.73 -31.86
C LEU C 370 30.06 -21.90 -30.35
N ALA C 371 30.69 -21.04 -29.54
CA ALA C 371 30.56 -21.08 -28.09
C ALA C 371 29.41 -20.18 -27.62
N GLN C 372 29.30 -19.01 -28.24
CA GLN C 372 28.23 -18.05 -27.97
C GLN C 372 26.88 -18.51 -28.49
N LEU C 373 26.88 -19.04 -29.71
CA LEU C 373 25.68 -19.52 -30.39
C LEU C 373 25.00 -20.69 -29.68
N LYS C 374 25.58 -21.13 -28.56
CA LYS C 374 25.01 -22.21 -27.77
C LYS C 374 25.20 -21.98 -26.27
N ASP C 375 24.54 -20.95 -25.75
CA ASP C 375 24.63 -20.61 -24.32
C ASP C 375 23.26 -20.56 -23.64
N GLU C 376 23.26 -20.73 -22.32
CA GLU C 376 22.04 -20.67 -21.49
C GLU C 376 21.19 -19.41 -21.70
N CYS C 377 21.86 -18.31 -22.07
CA CYS C 377 21.21 -17.00 -22.17
C CYS C 377 20.77 -16.65 -23.58
N PRO C 378 19.44 -16.65 -23.84
CA PRO C 378 18.89 -16.29 -25.14
C PRO C 378 19.42 -14.94 -25.65
N GLU C 379 19.62 -13.99 -24.75
CA GLU C 379 20.10 -12.66 -25.14
C GLU C 379 21.52 -12.71 -25.74
N VAL C 380 22.23 -13.82 -25.57
CA VAL C 380 23.56 -13.96 -26.16
C VAL C 380 23.43 -14.52 -27.57
N ARG C 381 22.84 -15.71 -27.71
CA ARG C 381 22.75 -16.35 -29.01
C ARG C 381 21.81 -15.64 -29.97
N LEU C 382 20.78 -14.99 -29.41
CA LEU C 382 19.79 -14.22 -30.18
C LEU C 382 20.40 -12.97 -30.82
N ASN C 383 21.34 -12.33 -30.11
CA ASN C 383 22.14 -11.22 -30.64
C ASN C 383 22.98 -11.63 -31.86
N ILE C 384 23.49 -12.87 -31.84
CA ILE C 384 24.33 -13.40 -32.92
C ILE C 384 23.52 -13.58 -34.20
N ILE C 385 22.45 -14.38 -34.13
CA ILE C 385 21.58 -14.64 -35.28
C ILE C 385 21.22 -13.33 -35.99
N SER C 386 21.12 -12.26 -35.20
CA SER C 386 20.64 -10.96 -35.67
C SER C 386 21.58 -10.27 -36.65
N ASN C 387 22.87 -10.29 -36.32
CA ASN C 387 23.89 -9.61 -37.12
C ASN C 387 24.85 -10.59 -37.80
N LEU C 388 24.39 -11.22 -38.88
CA LEU C 388 25.20 -12.16 -39.66
C LEU C 388 25.41 -11.69 -41.10
N ASP C 389 25.18 -10.39 -41.33
CA ASP C 389 25.27 -9.80 -42.66
C ASP C 389 26.72 -9.74 -43.14
N CYS C 390 27.59 -9.12 -42.35
CA CYS C 390 29.00 -9.01 -42.68
C CYS C 390 29.76 -10.32 -42.48
N VAL C 391 29.04 -11.43 -42.42
CA VAL C 391 29.63 -12.77 -42.33
C VAL C 391 29.07 -13.63 -43.46
N ASN C 392 29.23 -13.11 -44.69
CA ASN C 392 28.68 -13.76 -45.88
C ASN C 392 29.43 -13.37 -47.16
N GLU C 393 29.80 -12.09 -47.24
CA GLU C 393 30.70 -11.61 -48.28
C GLU C 393 32.12 -12.07 -47.95
N VAL C 394 32.32 -12.43 -46.68
CA VAL C 394 33.62 -12.91 -46.18
C VAL C 394 33.70 -14.45 -46.27
N ILE C 395 32.98 -15.15 -45.40
CA ILE C 395 32.96 -16.63 -45.40
C ILE C 395 31.73 -17.22 -46.11
N GLY C 396 31.67 -18.55 -46.12
CA GLY C 396 30.63 -19.28 -46.83
C GLY C 396 29.26 -19.26 -46.18
N ILE C 397 28.27 -19.73 -46.93
CA ILE C 397 26.89 -19.82 -46.48
C ILE C 397 26.62 -21.16 -45.76
N ARG C 398 27.62 -22.05 -45.79
CA ARG C 398 27.53 -23.36 -45.16
C ARG C 398 28.31 -23.47 -43.84
N GLN C 399 29.45 -22.78 -43.77
CA GLN C 399 30.30 -22.76 -42.58
C GLN C 399 29.49 -22.48 -41.32
N LEU C 400 28.59 -21.50 -41.41
CA LEU C 400 27.68 -21.10 -40.34
C LEU C 400 26.41 -21.98 -40.29
N SER C 401 25.94 -22.37 -41.47
CA SER C 401 24.69 -23.12 -41.67
C SER C 401 24.40 -24.22 -40.63
N GLN C 402 25.44 -24.98 -40.31
CA GLN C 402 25.32 -26.24 -39.56
C GLN C 402 24.86 -26.07 -38.11
N SER C 403 25.41 -25.06 -37.42
CA SER C 403 25.17 -24.90 -35.99
C SER C 403 24.13 -23.83 -35.67
N LEU C 404 23.65 -23.17 -36.72
CA LEU C 404 22.62 -22.15 -36.60
C LEU C 404 21.23 -22.76 -36.45
N LEU C 405 21.13 -24.08 -36.62
CA LEU C 405 19.85 -24.76 -36.53
C LEU C 405 19.43 -25.13 -35.11
N PRO C 406 20.32 -25.83 -34.35
CA PRO C 406 19.95 -26.17 -32.96
C PRO C 406 19.65 -24.94 -32.11
N ALA C 407 20.35 -23.84 -32.38
CA ALA C 407 20.11 -22.57 -31.69
C ALA C 407 18.73 -22.00 -32.01
N ILE C 408 18.29 -22.14 -33.27
CA ILE C 408 16.94 -21.73 -33.67
C ILE C 408 15.90 -22.65 -33.03
N VAL C 409 16.18 -23.95 -33.05
CA VAL C 409 15.28 -24.96 -32.47
C VAL C 409 15.12 -24.80 -30.96
N GLU C 410 16.14 -24.28 -30.29
CA GLU C 410 16.12 -24.17 -28.83
C GLU C 410 15.44 -22.89 -28.33
N LEU C 411 15.34 -21.90 -29.22
CA LEU C 411 14.75 -20.61 -28.87
C LEU C 411 13.26 -20.51 -29.24
N ALA C 412 12.86 -21.27 -30.27
CA ALA C 412 11.50 -21.24 -30.80
C ALA C 412 10.56 -22.25 -30.09
N GLU C 413 11.06 -22.79 -28.98
CA GLU C 413 10.29 -23.71 -28.13
C GLU C 413 10.31 -23.22 -26.67
N ASP C 414 11.06 -22.14 -26.44
CA ASP C 414 11.32 -21.55 -25.12
C ASP C 414 10.07 -21.29 -24.28
N ALA C 415 10.24 -21.40 -22.95
CA ALA C 415 9.17 -21.12 -22.00
C ALA C 415 8.64 -19.69 -22.17
N LYS C 416 9.49 -18.69 -21.92
CA LYS C 416 9.09 -17.28 -21.99
C LYS C 416 8.77 -16.85 -23.44
N TRP C 417 7.49 -16.54 -23.68
CA TRP C 417 6.98 -16.23 -25.02
C TRP C 417 7.72 -15.11 -25.74
N ARG C 418 8.35 -14.23 -24.98
CA ARG C 418 9.05 -13.09 -25.53
C ARG C 418 10.35 -13.55 -26.22
N VAL C 419 10.96 -14.59 -25.68
CA VAL C 419 12.14 -15.21 -26.29
C VAL C 419 11.75 -15.90 -27.60
N ARG C 420 10.69 -16.72 -27.55
CA ARG C 420 10.12 -17.33 -28.75
C ARG C 420 9.84 -16.29 -29.84
N LEU C 421 9.17 -15.21 -29.47
CA LEU C 421 8.77 -14.16 -30.41
C LEU C 421 9.96 -13.50 -31.11
N ALA C 422 11.15 -13.62 -30.51
CA ALA C 422 12.34 -12.94 -31.03
C ALA C 422 13.06 -13.64 -32.22
N ILE C 423 12.90 -14.96 -32.37
CA ILE C 423 13.45 -15.66 -33.54
C ILE C 423 12.56 -15.49 -34.76
N ILE C 424 11.28 -15.75 -34.55
CA ILE C 424 10.24 -15.65 -35.56
C ILE C 424 10.24 -14.29 -36.23
N GLU C 425 10.46 -13.24 -35.43
CA GLU C 425 10.57 -11.88 -35.93
C GLU C 425 11.87 -11.64 -36.69
N TYR C 426 12.86 -12.50 -36.45
CA TYR C 426 14.16 -12.40 -37.12
C TYR C 426 14.31 -13.39 -38.28
N MET C 427 13.21 -14.03 -38.66
CA MET C 427 13.21 -14.95 -39.80
C MET C 427 13.19 -14.23 -41.16
N PRO C 428 12.46 -13.08 -41.27
CA PRO C 428 12.44 -12.31 -42.53
C PRO C 428 13.82 -11.88 -43.05
N LEU C 429 14.76 -11.62 -42.14
CA LEU C 429 16.11 -11.23 -42.50
C LEU C 429 17.03 -12.44 -42.69
N LEU C 430 16.47 -13.63 -42.59
CA LEU C 430 17.17 -14.88 -42.88
C LEU C 430 16.49 -15.62 -44.01
N ALA C 431 15.67 -14.89 -44.77
CA ALA C 431 14.84 -15.47 -45.82
C ALA C 431 15.60 -15.78 -47.11
N GLY C 432 15.97 -14.73 -47.85
CA GLY C 432 16.67 -14.87 -49.13
C GLY C 432 18.17 -14.75 -49.00
N GLN C 433 18.70 -15.16 -47.84
CA GLN C 433 20.11 -14.98 -47.50
C GLN C 433 20.83 -16.28 -47.13
N LEU C 434 20.18 -17.12 -46.34
CA LEU C 434 20.80 -18.34 -45.83
C LEU C 434 20.57 -19.57 -46.70
N GLY C 435 19.50 -19.56 -47.48
CA GLY C 435 19.24 -20.62 -48.45
C GLY C 435 17.78 -20.77 -48.84
N VAL C 436 17.58 -21.32 -50.04
CA VAL C 436 16.27 -21.78 -50.47
C VAL C 436 16.08 -23.19 -49.90
N GLU C 437 17.19 -23.92 -49.79
CA GLU C 437 17.21 -25.28 -49.22
C GLU C 437 17.73 -25.28 -47.77
N PHE C 438 17.85 -24.08 -47.22
CA PHE C 438 18.10 -23.86 -45.79
C PHE C 438 16.86 -24.30 -45.00
N PHE C 439 15.69 -23.92 -45.51
CA PHE C 439 14.40 -24.29 -44.95
C PHE C 439 13.90 -25.62 -45.54
N ASP C 440 14.57 -26.72 -45.20
CA ASP C 440 14.10 -28.05 -45.59
C ASP C 440 12.90 -28.47 -44.73
N GLU C 441 12.49 -29.74 -44.83
CA GLU C 441 11.38 -30.25 -44.03
C GLU C 441 11.69 -30.28 -42.52
N LYS C 442 12.66 -29.47 -42.10
CA LYS C 442 13.04 -29.35 -40.69
C LYS C 442 12.84 -27.92 -40.14
N LEU C 443 13.08 -26.92 -40.97
CA LEU C 443 12.92 -25.52 -40.57
C LEU C 443 11.62 -24.93 -41.13
N ASN C 444 10.85 -25.76 -41.80
CA ASN C 444 9.58 -25.34 -42.38
C ASN C 444 8.39 -25.78 -41.53
N SER C 445 8.52 -26.97 -40.93
CA SER C 445 7.53 -27.48 -39.97
C SER C 445 7.63 -26.69 -38.67
N LEU C 446 8.86 -26.46 -38.22
CA LEU C 446 9.18 -25.63 -37.05
C LEU C 446 8.67 -24.21 -37.24
N CYS C 447 8.20 -23.93 -38.45
CA CYS C 447 7.73 -22.62 -38.87
C CYS C 447 6.21 -22.66 -39.05
N MET C 448 5.61 -23.75 -38.60
CA MET C 448 4.16 -23.90 -38.57
C MET C 448 3.63 -24.34 -37.20
N ALA C 449 4.54 -24.72 -36.30
CA ALA C 449 4.20 -24.86 -34.88
C ALA C 449 4.15 -23.47 -34.21
N TRP C 450 4.48 -22.44 -34.98
CA TRP C 450 4.42 -21.06 -34.54
C TRP C 450 3.11 -20.39 -34.93
N LEU C 451 2.57 -20.82 -36.06
CA LEU C 451 1.28 -20.32 -36.58
C LEU C 451 0.14 -20.61 -35.62
N VAL C 452 0.28 -21.72 -34.90
CA VAL C 452 -0.76 -22.24 -34.05
C VAL C 452 -0.30 -22.18 -32.58
N ASP C 453 0.69 -21.32 -32.31
CA ASP C 453 1.20 -21.06 -30.97
C ASP C 453 0.10 -20.42 -30.12
N HIS C 454 -0.02 -20.82 -28.85
CA HIS C 454 -1.13 -20.37 -28.02
C HIS C 454 -1.00 -18.95 -27.44
N VAL C 455 -0.16 -18.13 -28.08
CA VAL C 455 0.02 -16.72 -27.70
C VAL C 455 -0.09 -15.89 -28.98
N TYR C 456 -1.00 -14.91 -29.01
CA TYR C 456 -1.31 -14.19 -30.26
C TYR C 456 -0.13 -13.50 -30.97
N ALA C 457 0.67 -12.77 -30.21
CA ALA C 457 1.76 -11.95 -30.77
C ALA C 457 2.83 -12.78 -31.49
N ILE C 458 2.99 -14.02 -31.04
CA ILE C 458 3.95 -14.97 -31.60
C ILE C 458 3.22 -15.98 -32.52
N ARG C 459 2.01 -15.61 -32.90
CA ARG C 459 1.13 -16.42 -33.75
C ARG C 459 0.74 -15.56 -34.94
N GLU C 460 0.46 -14.30 -34.67
CA GLU C 460 0.15 -13.33 -35.71
C GLU C 460 1.41 -12.89 -36.45
N ALA C 461 2.55 -12.93 -35.76
CA ALA C 461 3.84 -12.66 -36.39
C ALA C 461 4.27 -13.86 -37.24
N ALA C 462 4.01 -15.05 -36.72
CA ALA C 462 4.35 -16.28 -37.42
C ALA C 462 3.66 -16.35 -38.79
N THR C 463 2.53 -15.68 -38.89
CA THR C 463 1.81 -15.58 -40.16
C THR C 463 2.43 -14.46 -41.01
N SER C 464 2.38 -13.22 -40.52
CA SER C 464 2.97 -12.05 -41.22
C SER C 464 4.41 -12.28 -41.67
N ASN C 465 5.04 -13.30 -41.10
CA ASN C 465 6.34 -13.75 -41.52
C ASN C 465 6.21 -14.84 -42.59
N LEU C 466 5.31 -15.80 -42.38
CA LEU C 466 5.07 -16.86 -43.38
C LEU C 466 4.25 -16.35 -44.55
N LYS C 467 3.53 -15.25 -44.35
CA LYS C 467 2.73 -14.62 -45.39
C LYS C 467 3.62 -14.17 -46.55
N LYS C 468 4.37 -13.08 -46.33
CA LYS C 468 5.26 -12.54 -47.34
C LYS C 468 6.45 -13.46 -47.65
N LEU C 469 6.67 -14.49 -46.83
CA LEU C 469 7.77 -15.45 -47.04
C LEU C 469 7.73 -16.17 -48.39
N VAL C 470 7.13 -15.51 -49.37
CA VAL C 470 7.21 -15.90 -50.77
C VAL C 470 7.80 -14.69 -51.50
N GLU C 471 8.97 -14.27 -51.01
CA GLU C 471 9.65 -13.08 -51.50
C GLU C 471 10.13 -13.37 -52.91
N LYS C 472 11.25 -14.06 -53.02
CA LYS C 472 11.84 -14.45 -54.29
C LYS C 472 11.59 -15.94 -54.60
N PHE C 473 10.49 -16.49 -54.08
CA PHE C 473 10.13 -17.89 -54.26
C PHE C 473 8.72 -18.00 -54.82
N GLY C 474 8.60 -18.01 -56.15
CA GLY C 474 7.30 -18.00 -56.85
C GLY C 474 6.29 -18.99 -56.31
N LYS C 475 5.89 -19.94 -57.14
CA LYS C 475 5.03 -21.02 -56.67
C LYS C 475 5.81 -22.33 -56.59
N GLU C 476 7.06 -22.28 -57.07
CA GLU C 476 7.92 -23.47 -57.18
C GLU C 476 8.57 -23.90 -55.87
N TRP C 477 8.51 -23.03 -54.86
CA TRP C 477 8.95 -23.38 -53.52
C TRP C 477 7.76 -23.36 -52.54
N ALA C 478 6.73 -22.59 -52.89
CA ALA C 478 5.50 -22.52 -52.10
C ALA C 478 4.74 -23.84 -52.10
N HIS C 479 4.08 -24.18 -53.21
CA HIS C 479 3.36 -25.44 -53.34
C HIS C 479 4.25 -26.68 -53.15
N ALA C 480 5.57 -26.46 -53.17
CA ALA C 480 6.54 -27.55 -53.04
C ALA C 480 6.97 -27.80 -51.58
N THR C 481 6.61 -26.90 -50.68
CA THR C 481 6.95 -27.06 -49.26
C THR C 481 5.83 -26.58 -48.33
N ILE C 482 5.20 -25.46 -48.66
CA ILE C 482 4.26 -24.80 -47.75
C ILE C 482 2.77 -25.12 -47.98
N ILE C 483 2.31 -25.00 -49.22
CA ILE C 483 0.88 -25.19 -49.51
C ILE C 483 0.37 -26.56 -49.04
N PRO C 484 1.12 -27.64 -49.30
CA PRO C 484 0.73 -28.92 -48.70
C PRO C 484 0.55 -28.84 -47.17
N LYS C 485 1.56 -28.29 -46.48
CA LYS C 485 1.54 -28.17 -45.01
C LYS C 485 0.33 -27.39 -44.48
N VAL C 486 -0.08 -26.36 -45.21
CA VAL C 486 -1.28 -25.58 -44.90
C VAL C 486 -2.53 -26.43 -45.03
N LEU C 487 -2.78 -26.95 -46.24
CA LEU C 487 -3.99 -27.75 -46.51
C LEU C 487 -4.18 -28.83 -45.45
N ALA C 488 -3.09 -29.51 -45.12
CA ALA C 488 -3.08 -30.57 -44.10
C ALA C 488 -4.00 -30.27 -42.92
N MET C 489 -4.01 -29.02 -42.47
CA MET C 489 -4.72 -28.60 -41.26
C MET C 489 -6.24 -28.51 -41.39
N SER C 490 -6.75 -28.48 -42.62
CA SER C 490 -8.21 -28.38 -42.82
C SER C 490 -8.97 -29.64 -42.42
N GLY C 491 -8.32 -30.51 -41.65
CA GLY C 491 -8.92 -31.73 -41.12
C GLY C 491 -8.73 -31.91 -39.63
N ASP C 492 -7.96 -31.01 -39.00
CA ASP C 492 -7.69 -31.03 -37.56
C ASP C 492 -8.98 -31.08 -36.73
N PRO C 493 -9.01 -31.87 -35.63
CA PRO C 493 -10.14 -31.78 -34.70
C PRO C 493 -10.21 -30.42 -33.99
N ASN C 494 -9.05 -29.79 -33.82
CA ASN C 494 -8.96 -28.47 -33.21
C ASN C 494 -9.37 -27.36 -34.18
N TYR C 495 -10.62 -26.92 -34.06
CA TYR C 495 -11.28 -26.07 -35.08
C TYR C 495 -10.53 -24.79 -35.44
N LEU C 496 -9.70 -24.31 -34.51
CA LEU C 496 -8.93 -23.08 -34.72
C LEU C 496 -7.81 -23.26 -35.74
N HIS C 497 -7.37 -24.49 -35.93
CA HIS C 497 -6.31 -24.82 -36.90
C HIS C 497 -6.88 -24.90 -38.31
N ARG C 498 -8.08 -25.47 -38.45
CA ARG C 498 -8.83 -25.44 -39.71
C ARG C 498 -9.03 -24.01 -40.19
N MET C 499 -9.33 -23.13 -39.23
CA MET C 499 -9.44 -21.70 -39.45
C MET C 499 -8.09 -21.12 -39.90
N THR C 500 -7.00 -21.53 -39.25
CA THR C 500 -5.66 -21.10 -39.60
C THR C 500 -5.22 -21.60 -41.01
N THR C 501 -6.01 -22.49 -41.59
CA THR C 501 -5.84 -22.90 -42.98
C THR C 501 -6.24 -21.75 -43.91
N LEU C 502 -7.27 -21.01 -43.50
CA LEU C 502 -7.84 -19.92 -44.29
C LEU C 502 -6.97 -18.67 -44.27
N PHE C 503 -6.50 -18.28 -43.09
CA PHE C 503 -5.64 -17.09 -42.96
C PHE C 503 -4.37 -17.22 -43.80
N CYS C 504 -3.93 -18.45 -44.02
CA CYS C 504 -2.76 -18.77 -44.84
C CYS C 504 -3.07 -18.78 -46.34
N ILE C 505 -4.22 -19.36 -46.70
CA ILE C 505 -4.69 -19.37 -48.08
C ILE C 505 -5.15 -17.96 -48.50
N ASN C 506 -5.53 -17.14 -47.50
CA ASN C 506 -5.85 -15.73 -47.72
C ASN C 506 -4.71 -14.97 -48.39
N VAL C 507 -3.50 -15.19 -47.91
CA VAL C 507 -2.37 -14.34 -48.27
C VAL C 507 -1.42 -14.95 -49.32
N LEU C 508 -1.34 -16.28 -49.37
CA LEU C 508 -0.51 -16.95 -50.37
C LEU C 508 -1.03 -16.74 -51.80
N SER C 509 -2.35 -16.71 -51.96
CA SER C 509 -3.00 -16.57 -53.27
C SER C 509 -2.70 -15.26 -54.00
N GLU C 510 -2.08 -14.31 -53.31
CA GLU C 510 -1.69 -13.01 -53.87
C GLU C 510 -0.27 -13.06 -54.41
N VAL C 511 0.65 -13.47 -53.54
CA VAL C 511 2.08 -13.56 -53.86
C VAL C 511 2.39 -14.68 -54.87
N CYS C 512 1.44 -15.60 -55.05
CA CYS C 512 1.55 -16.65 -56.07
C CYS C 512 0.79 -16.25 -57.34
N GLY C 513 -0.53 -16.10 -57.21
CA GLY C 513 -1.39 -15.64 -58.30
C GLY C 513 -2.67 -16.46 -58.51
N GLN C 514 -3.47 -16.01 -59.48
CA GLN C 514 -4.67 -16.72 -59.92
C GLN C 514 -4.29 -18.06 -60.56
N ASP C 515 -3.27 -18.01 -61.42
CA ASP C 515 -2.76 -19.17 -62.14
C ASP C 515 -2.04 -20.18 -61.25
N ILE C 516 -2.31 -20.12 -59.94
CA ILE C 516 -1.70 -21.02 -58.93
C ILE C 516 -2.73 -21.47 -57.90
N THR C 517 -3.64 -20.57 -57.57
CA THR C 517 -4.77 -20.84 -56.66
C THR C 517 -5.75 -21.86 -57.26
N THR C 518 -5.96 -21.75 -58.57
CA THR C 518 -7.02 -22.46 -59.32
C THR C 518 -7.27 -23.91 -58.90
N LYS C 519 -6.23 -24.74 -58.90
CA LYS C 519 -6.38 -26.19 -58.70
C LYS C 519 -5.67 -26.74 -57.46
N HIS C 520 -5.08 -25.84 -56.66
CA HIS C 520 -4.32 -26.24 -55.48
C HIS C 520 -4.94 -25.78 -54.15
N MET C 521 -5.07 -24.48 -53.97
CA MET C 521 -5.69 -23.93 -52.76
C MET C 521 -7.21 -23.91 -52.85
N LEU C 522 -7.73 -23.51 -54.01
CA LEU C 522 -9.17 -23.36 -54.25
C LEU C 522 -10.05 -24.59 -53.94
N PRO C 523 -9.62 -25.80 -54.35
CA PRO C 523 -10.41 -27.01 -54.05
C PRO C 523 -10.47 -27.37 -52.56
N THR C 524 -9.66 -26.69 -51.74
CA THR C 524 -9.65 -26.94 -50.30
C THR C 524 -10.51 -25.92 -49.56
N VAL C 525 -10.50 -24.67 -50.03
CA VAL C 525 -11.32 -23.61 -49.45
C VAL C 525 -12.79 -23.87 -49.72
N LEU C 526 -13.13 -24.08 -50.99
CA LEU C 526 -14.51 -24.34 -51.41
C LEU C 526 -15.11 -25.53 -50.66
N ARG C 527 -14.24 -26.49 -50.33
CA ARG C 527 -14.61 -27.70 -49.61
C ARG C 527 -15.07 -27.44 -48.19
N MET C 528 -14.46 -26.44 -47.55
CA MET C 528 -14.70 -26.16 -46.12
C MET C 528 -16.06 -25.55 -45.81
N ALA C 529 -16.80 -25.19 -46.86
CA ALA C 529 -18.16 -24.67 -46.72
C ALA C 529 -19.07 -25.61 -45.92
N GLY C 530 -18.71 -26.88 -45.89
CA GLY C 530 -19.43 -27.87 -45.09
C GLY C 530 -18.62 -28.21 -43.84
N ASP C 531 -19.03 -27.61 -42.72
CA ASP C 531 -18.27 -27.74 -41.48
C ASP C 531 -19.17 -27.63 -40.25
N PRO C 532 -19.10 -28.63 -39.35
CA PRO C 532 -19.93 -28.71 -38.14
C PRO C 532 -19.71 -27.59 -37.11
N VAL C 533 -18.57 -26.90 -37.17
CA VAL C 533 -18.31 -25.75 -36.28
C VAL C 533 -18.66 -24.43 -36.99
N ALA C 534 -19.82 -23.89 -36.60
CA ALA C 534 -20.39 -22.68 -37.19
C ALA C 534 -19.39 -21.55 -37.36
N ASN C 535 -18.35 -21.58 -36.52
CA ASN C 535 -17.34 -20.53 -36.47
C ASN C 535 -16.40 -20.54 -37.67
N VAL C 536 -16.25 -21.70 -38.30
CA VAL C 536 -15.34 -21.84 -39.45
C VAL C 536 -16.05 -21.45 -40.74
N ARG C 537 -17.36 -21.68 -40.79
CA ARG C 537 -18.20 -21.41 -41.96
C ARG C 537 -18.13 -19.98 -42.49
N PHE C 538 -18.32 -19.00 -41.61
CA PHE C 538 -18.33 -17.59 -42.03
C PHE C 538 -16.95 -17.09 -42.42
N ASN C 539 -15.92 -17.70 -41.85
CA ASN C 539 -14.54 -17.35 -42.17
C ASN C 539 -14.15 -17.80 -43.57
N VAL C 540 -14.79 -18.87 -44.05
CA VAL C 540 -14.67 -19.32 -45.44
C VAL C 540 -15.14 -18.21 -46.38
N ALA C 541 -16.24 -17.56 -46.01
CA ALA C 541 -16.82 -16.47 -46.78
C ALA C 541 -15.88 -15.27 -46.83
N LYS C 542 -15.29 -14.93 -45.69
CA LYS C 542 -14.31 -13.84 -45.60
C LYS C 542 -13.06 -14.20 -46.40
N SER C 543 -12.76 -15.49 -46.42
CA SER C 543 -11.63 -16.04 -47.16
C SER C 543 -11.88 -15.97 -48.66
N LEU C 544 -13.13 -16.25 -49.07
CA LEU C 544 -13.53 -16.20 -50.47
C LEU C 544 -13.63 -14.77 -51.00
N GLN C 545 -14.08 -13.86 -50.15
CA GLN C 545 -14.11 -12.42 -50.43
C GLN C 545 -12.71 -11.90 -50.76
N LYS C 546 -11.70 -12.56 -50.20
CA LYS C 546 -10.30 -12.15 -50.33
C LYS C 546 -9.67 -12.70 -51.62
N ILE C 547 -9.90 -13.99 -51.89
CA ILE C 547 -9.35 -14.64 -53.06
C ILE C 547 -10.16 -14.31 -54.31
N GLY C 548 -11.39 -13.84 -54.10
CA GLY C 548 -12.29 -13.44 -55.18
C GLY C 548 -11.63 -12.57 -56.24
N PRO C 549 -11.19 -11.34 -55.86
CA PRO C 549 -10.53 -10.41 -56.76
C PRO C 549 -9.51 -11.07 -57.70
N ILE C 550 -8.65 -11.93 -57.15
CA ILE C 550 -7.60 -12.59 -57.92
C ILE C 550 -8.17 -13.67 -58.88
N LEU C 551 -9.20 -14.40 -58.43
CA LEU C 551 -9.82 -15.45 -59.25
C LEU C 551 -10.61 -14.89 -60.45
N ASP C 552 -10.94 -15.77 -61.40
CA ASP C 552 -11.66 -15.33 -62.62
C ASP C 552 -13.14 -15.71 -62.64
N ASN C 553 -13.88 -14.99 -63.48
CA ASN C 553 -15.34 -15.12 -63.60
C ASN C 553 -15.86 -16.52 -63.95
N SER C 554 -15.03 -17.35 -64.58
CA SER C 554 -15.43 -18.69 -65.01
C SER C 554 -15.58 -19.70 -63.85
N THR C 555 -14.66 -19.64 -62.89
CA THR C 555 -14.72 -20.52 -61.72
C THR C 555 -15.76 -20.03 -60.70
N LEU C 556 -16.07 -18.74 -60.75
CA LEU C 556 -16.95 -18.10 -59.77
C LEU C 556 -18.45 -18.30 -60.03
N GLN C 557 -18.81 -18.61 -61.27
CA GLN C 557 -20.22 -18.73 -61.69
C GLN C 557 -20.83 -20.12 -61.48
N SER C 558 -20.00 -21.13 -61.29
CA SER C 558 -20.47 -22.52 -61.18
C SER C 558 -19.96 -23.24 -59.93
N GLU C 559 -18.93 -22.69 -59.31
CA GLU C 559 -18.35 -23.28 -58.10
C GLU C 559 -18.45 -22.36 -56.87
N VAL C 560 -18.03 -21.10 -57.03
CA VAL C 560 -18.06 -20.13 -55.94
C VAL C 560 -19.50 -19.65 -55.68
N LYS C 561 -20.29 -19.60 -56.74
CA LYS C 561 -21.70 -19.20 -56.67
C LYS C 561 -22.57 -20.10 -55.73
N PRO C 562 -22.64 -21.43 -56.01
CA PRO C 562 -23.52 -22.30 -55.20
C PRO C 562 -23.00 -22.57 -53.78
N ILE C 563 -21.77 -22.14 -53.50
CA ILE C 563 -21.16 -22.29 -52.18
C ILE C 563 -21.52 -21.11 -51.27
N LEU C 564 -21.42 -19.89 -51.80
CA LEU C 564 -21.75 -18.67 -51.06
C LEU C 564 -23.24 -18.57 -50.72
N GLU C 565 -24.07 -19.20 -51.56
CA GLU C 565 -25.52 -19.18 -51.37
C GLU C 565 -26.00 -20.20 -50.33
N LYS C 566 -25.40 -21.39 -50.33
CA LYS C 566 -25.76 -22.46 -49.39
C LYS C 566 -25.26 -22.18 -47.95
N LEU C 567 -24.81 -20.95 -47.72
CA LEU C 567 -24.39 -20.50 -46.39
C LEU C 567 -25.44 -19.60 -45.77
N THR C 568 -26.00 -18.70 -46.57
CA THR C 568 -27.12 -17.86 -46.15
C THR C 568 -28.38 -18.68 -45.81
N GLN C 569 -28.39 -19.93 -46.26
CA GLN C 569 -29.50 -20.85 -46.02
C GLN C 569 -29.49 -21.39 -44.60
N ASP C 570 -28.30 -21.56 -44.04
CA ASP C 570 -28.13 -22.04 -42.67
C ASP C 570 -28.47 -20.93 -41.67
N GLN C 571 -29.24 -21.28 -40.65
CA GLN C 571 -29.77 -20.31 -39.67
C GLN C 571 -28.71 -19.78 -38.69
N ASP C 572 -27.76 -19.03 -39.21
CA ASP C 572 -26.71 -18.40 -38.41
C ASP C 572 -26.62 -16.91 -38.75
N VAL C 573 -26.46 -16.08 -37.71
CA VAL C 573 -26.44 -14.62 -37.82
C VAL C 573 -25.30 -14.10 -38.71
N ASP C 574 -24.05 -14.27 -38.23
CA ASP C 574 -22.87 -13.74 -38.91
C ASP C 574 -22.35 -14.61 -40.05
N VAL C 575 -22.85 -15.84 -40.16
CA VAL C 575 -22.56 -16.67 -41.33
C VAL C 575 -23.20 -16.07 -42.58
N LYS C 576 -24.52 -15.82 -42.51
CA LYS C 576 -25.25 -15.23 -43.64
C LYS C 576 -25.10 -13.70 -43.75
N TYR C 577 -23.96 -13.22 -43.25
CA TYR C 577 -23.60 -11.81 -43.34
C TYR C 577 -22.38 -11.67 -44.25
N PHE C 578 -21.36 -12.50 -44.01
CA PHE C 578 -20.15 -12.52 -44.82
C PHE C 578 -20.38 -13.19 -46.17
N ALA C 579 -21.46 -13.97 -46.26
CA ALA C 579 -21.84 -14.62 -47.50
C ALA C 579 -22.69 -13.69 -48.37
N GLN C 580 -23.57 -12.91 -47.73
CA GLN C 580 -24.50 -12.03 -48.43
C GLN C 580 -23.86 -10.69 -48.80
N GLU C 581 -22.63 -10.47 -48.33
CA GLU C 581 -21.91 -9.24 -48.57
C GLU C 581 -20.74 -9.43 -49.54
N ALA C 582 -20.09 -10.59 -49.48
CA ALA C 582 -18.98 -10.95 -50.36
C ALA C 582 -19.42 -11.17 -51.82
N LEU C 583 -20.68 -11.58 -51.99
CA LEU C 583 -21.30 -11.67 -53.31
C LEU C 583 -21.43 -10.30 -53.95
N THR C 584 -21.61 -9.27 -53.12
CA THR C 584 -21.73 -7.88 -53.59
C THR C 584 -20.36 -7.20 -53.74
N VAL C 585 -19.32 -7.82 -53.17
CA VAL C 585 -17.94 -7.34 -53.32
C VAL C 585 -17.41 -7.55 -54.75
N LEU C 586 -17.98 -8.53 -55.44
CA LEU C 586 -17.63 -8.82 -56.83
C LEU C 586 -18.77 -8.46 -57.79
N SER C 587 -19.72 -7.66 -57.28
CA SER C 587 -20.90 -7.19 -58.02
C SER C 587 -21.83 -8.31 -58.53
N LEU C 588 -21.73 -9.48 -57.92
CA LEU C 588 -22.58 -10.64 -58.25
C LEU C 588 -23.75 -10.76 -57.26
N ALA C 589 -24.50 -9.66 -57.11
CA ALA C 589 -25.60 -9.58 -56.14
C ALA C 589 -26.95 -9.88 -56.76
N ILE D 13 -14.06 -42.12 11.96
CA ILE D 13 -13.14 -41.79 10.83
C ILE D 13 -13.85 -41.22 9.60
N ALA D 14 -15.05 -41.69 9.31
CA ALA D 14 -15.88 -41.14 8.24
C ALA D 14 -16.18 -39.65 8.48
N VAL D 15 -16.45 -39.30 9.73
CA VAL D 15 -16.66 -37.91 10.10
C VAL D 15 -15.36 -37.14 9.92
N LEU D 16 -14.25 -37.75 10.34
CA LEU D 16 -12.91 -37.15 10.36
C LEU D 16 -12.36 -36.81 8.97
N ILE D 17 -12.47 -37.73 8.02
CA ILE D 17 -12.12 -37.45 6.64
C ILE D 17 -12.92 -36.23 6.20
N ASP D 18 -14.24 -36.42 6.13
CA ASP D 18 -15.25 -35.43 5.74
C ASP D 18 -14.94 -34.03 6.22
N GLU D 19 -14.69 -33.87 7.51
CA GLU D 19 -14.47 -32.54 8.08
C GLU D 19 -13.03 -32.02 8.00
N LEU D 20 -12.14 -32.79 7.38
CA LEU D 20 -10.76 -32.36 7.16
C LEU D 20 -10.55 -31.71 5.79
N ARG D 21 -11.67 -31.40 5.13
CA ARG D 21 -11.64 -30.70 3.85
C ARG D 21 -12.38 -29.37 3.97
N ASN D 22 -13.70 -29.47 4.07
CA ASN D 22 -14.64 -28.34 3.89
C ASN D 22 -14.50 -27.69 2.50
N GLU D 23 -14.45 -26.36 2.54
CA GLU D 23 -13.44 -25.61 1.81
C GLU D 23 -12.42 -25.42 2.94
N ASP D 24 -11.18 -25.12 2.62
CA ASP D 24 -10.22 -25.07 3.73
C ASP D 24 -10.51 -23.94 4.72
N VAL D 25 -11.25 -24.26 5.79
CA VAL D 25 -11.39 -23.33 6.92
C VAL D 25 -10.81 -23.99 8.18
N GLN D 26 -10.72 -23.22 9.25
CA GLN D 26 -10.08 -23.71 10.47
C GLN D 26 -11.02 -24.34 11.45
N LEU D 27 -12.16 -24.79 10.94
CA LEU D 27 -13.00 -25.77 11.62
C LEU D 27 -12.60 -27.18 11.14
N ARG D 28 -11.39 -27.24 10.61
CA ARG D 28 -10.66 -28.48 10.45
C ARG D 28 -9.58 -28.54 11.54
N LEU D 29 -9.19 -27.36 12.03
CA LEU D 29 -8.35 -27.27 13.23
C LEU D 29 -9.12 -27.70 14.46
N ASN D 30 -10.41 -27.33 14.52
CA ASN D 30 -11.31 -27.77 15.59
C ASN D 30 -11.48 -29.26 15.53
N SER D 31 -11.50 -29.77 14.30
CA SER D 31 -11.70 -31.17 14.01
C SER D 31 -10.51 -32.00 14.49
N ILE D 32 -9.31 -31.48 14.27
CA ILE D 32 -8.08 -32.14 14.70
C ILE D 32 -8.04 -32.43 16.20
N LYS D 33 -8.71 -31.59 16.99
CA LYS D 33 -8.74 -31.72 18.43
C LYS D 33 -9.61 -32.89 18.90
N LYS D 34 -10.70 -33.16 18.20
CA LYS D 34 -11.57 -34.28 18.56
C LYS D 34 -10.85 -35.64 18.59
N LEU D 35 -9.57 -35.63 18.23
CA LEU D 35 -8.77 -36.86 18.08
C LEU D 35 -8.82 -37.82 19.26
N SER D 36 -8.59 -37.31 20.47
CA SER D 36 -8.62 -38.16 21.66
C SER D 36 -10.05 -38.47 22.15
N THR D 37 -11.02 -38.35 21.26
CA THR D 37 -12.39 -38.76 21.51
C THR D 37 -12.83 -39.68 20.37
N ILE D 38 -12.17 -39.54 19.22
CA ILE D 38 -12.29 -40.51 18.14
C ILE D 38 -11.47 -41.76 18.50
N ALA D 39 -10.36 -41.53 19.22
CA ALA D 39 -9.54 -42.60 19.76
C ALA D 39 -10.26 -43.39 20.86
N LEU D 40 -11.32 -42.80 21.43
CA LEU D 40 -12.18 -43.49 22.41
C LEU D 40 -13.53 -43.89 21.82
N ALA D 41 -13.60 -44.06 20.49
CA ALA D 41 -14.85 -44.44 19.83
C ALA D 41 -14.73 -45.84 19.24
N LEU D 42 -13.66 -46.06 18.46
CA LEU D 42 -13.09 -47.37 18.27
C LEU D 42 -12.21 -47.52 19.50
N GLY D 43 -12.25 -48.68 20.15
CA GLY D 43 -11.68 -48.83 21.50
C GLY D 43 -10.25 -48.37 21.79
N VAL D 44 -9.37 -49.33 22.07
CA VAL D 44 -7.94 -49.06 22.20
C VAL D 44 -7.21 -49.92 21.17
N GLU D 45 -7.99 -50.49 20.26
CA GLU D 45 -7.51 -51.50 19.32
C GLU D 45 -7.56 -50.98 17.89
N ARG D 46 -8.74 -50.52 17.49
CA ARG D 46 -8.98 -50.07 16.12
C ARG D 46 -8.35 -48.71 15.83
N THR D 47 -7.95 -48.01 16.90
CA THR D 47 -7.27 -46.73 16.77
C THR D 47 -5.82 -46.99 16.34
N ARG D 48 -5.21 -47.97 16.98
CA ARG D 48 -3.83 -48.36 16.70
C ARG D 48 -3.68 -49.01 15.32
N SER D 49 -4.80 -49.50 14.79
CA SER D 49 -4.80 -50.25 13.54
C SER D 49 -5.36 -49.46 12.36
N GLU D 50 -6.11 -48.40 12.65
CA GLU D 50 -6.78 -47.66 11.60
C GLU D 50 -6.53 -46.16 11.66
N LEU D 51 -6.52 -45.61 12.87
CA LEU D 51 -6.37 -44.17 13.02
C LEU D 51 -4.93 -43.72 12.80
N LEU D 52 -3.99 -44.39 13.46
CA LEU D 52 -2.59 -44.01 13.34
C LEU D 52 -1.97 -44.20 11.96
N PRO D 53 -2.36 -45.26 11.23
CA PRO D 53 -2.00 -45.26 9.81
C PRO D 53 -2.59 -44.09 9.03
N PHE D 54 -3.83 -43.70 9.33
CA PHE D 54 -4.54 -42.62 8.64
C PHE D 54 -3.87 -41.29 8.91
N LEU D 55 -3.54 -41.08 10.17
CA LEU D 55 -2.99 -39.85 10.65
C LEU D 55 -1.53 -39.64 10.26
N THR D 56 -1.10 -40.27 9.17
CA THR D 56 0.28 -40.19 8.73
C THR D 56 0.38 -39.68 7.29
N ASP D 57 0.15 -40.59 6.35
CA ASP D 57 0.21 -40.27 4.91
C ASP D 57 -0.97 -39.39 4.50
N THR D 58 -1.47 -38.60 5.46
CA THR D 58 -2.68 -37.79 5.25
C THR D 58 -2.56 -36.31 5.65
N ILE D 59 -1.80 -36.02 6.70
CA ILE D 59 -1.79 -34.65 7.25
C ILE D 59 -0.61 -33.76 6.83
N TYR D 60 -0.88 -32.90 5.86
CA TYR D 60 0.05 -31.87 5.37
C TYR D 60 -0.73 -30.55 5.23
N ASP D 61 -0.61 -29.72 6.27
CA ASP D 61 -1.58 -28.69 6.59
C ASP D 61 -0.89 -27.43 7.17
N GLU D 62 -1.66 -26.38 7.44
CA GLU D 62 -1.13 -25.17 8.05
C GLU D 62 -0.48 -25.49 9.39
N ASP D 63 0.57 -24.75 9.75
CA ASP D 63 1.40 -25.16 10.90
C ASP D 63 0.80 -24.83 12.26
N GLU D 64 -0.52 -24.81 12.32
CA GLU D 64 -1.27 -24.63 13.54
C GLU D 64 -2.02 -25.92 13.74
N VAL D 65 -2.57 -26.44 12.66
CA VAL D 65 -3.36 -27.67 12.70
C VAL D 65 -2.47 -28.81 13.15
N LEU D 66 -1.38 -29.06 12.43
CA LEU D 66 -0.56 -30.23 12.74
C LEU D 66 0.38 -30.01 13.94
N LEU D 67 0.47 -28.77 14.38
CA LEU D 67 1.05 -28.48 15.67
C LEU D 67 0.14 -29.02 16.78
N ALA D 68 -1.16 -28.92 16.57
CA ALA D 68 -2.13 -29.45 17.52
C ALA D 68 -2.15 -30.96 17.44
N LEU D 69 -1.89 -31.49 16.25
CA LEU D 69 -1.77 -32.94 16.06
C LEU D 69 -0.58 -33.47 16.86
N ALA D 70 0.59 -32.91 16.57
CA ALA D 70 1.83 -33.28 17.22
C ALA D 70 1.61 -33.40 18.71
N GLU D 71 1.23 -32.28 19.32
CA GLU D 71 1.07 -32.19 20.77
C GLU D 71 0.15 -33.30 21.29
N GLN D 72 -0.93 -33.57 20.56
CA GLN D 72 -1.85 -34.65 20.95
C GLN D 72 -1.18 -36.00 21.01
N LEU D 73 -0.43 -36.33 19.96
CA LEU D 73 0.27 -37.61 19.85
C LEU D 73 1.16 -37.89 21.06
N GLY D 74 1.92 -36.89 21.51
CA GLY D 74 2.73 -37.01 22.73
C GLY D 74 1.99 -37.67 23.88
N THR D 75 0.67 -37.48 23.93
CA THR D 75 -0.15 -37.89 25.06
C THR D 75 -0.99 -39.14 24.79
N PHE D 76 -0.84 -39.69 23.58
CA PHE D 76 -1.63 -40.84 23.15
C PHE D 76 -1.12 -42.18 23.66
N THR D 77 -0.38 -42.16 24.76
CA THR D 77 0.28 -43.36 25.27
C THR D 77 -0.71 -44.36 25.87
N THR D 78 -1.55 -43.91 26.79
CA THR D 78 -2.58 -44.77 27.39
C THR D 78 -3.73 -45.02 26.40
N LEU D 79 -3.81 -44.17 25.39
CA LEU D 79 -4.88 -44.18 24.40
C LEU D 79 -4.62 -45.18 23.28
N VAL D 80 -3.45 -45.79 23.31
CA VAL D 80 -3.05 -46.80 22.34
C VAL D 80 -2.75 -48.14 23.04
N GLY D 81 -2.85 -48.16 24.37
CA GLY D 81 -2.76 -49.40 25.15
C GLY D 81 -1.55 -49.55 26.07
N GLY D 82 -1.10 -48.43 26.64
CA GLY D 82 0.03 -48.43 27.55
C GLY D 82 1.39 -48.58 26.86
N PRO D 83 2.48 -48.66 27.66
CA PRO D 83 3.87 -48.76 27.17
C PRO D 83 4.11 -49.95 26.23
N GLU D 84 3.31 -50.99 26.36
CA GLU D 84 3.30 -52.11 25.42
C GLU D 84 3.30 -51.62 23.96
N TYR D 85 2.61 -50.51 23.70
CA TYR D 85 2.29 -50.10 22.33
C TYR D 85 2.84 -48.74 21.84
N VAL D 86 3.66 -48.07 22.65
CA VAL D 86 4.18 -46.75 22.26
C VAL D 86 4.89 -46.67 20.92
N HIS D 87 5.60 -47.72 20.54
CA HIS D 87 6.32 -47.72 19.26
C HIS D 87 5.38 -47.30 18.12
N CYS D 88 4.12 -47.67 18.28
CA CYS D 88 3.05 -47.38 17.32
C CYS D 88 2.98 -45.89 16.97
N LEU D 89 3.27 -45.05 17.94
CA LEU D 89 3.16 -43.62 17.79
C LEU D 89 4.35 -42.97 17.07
N LEU D 90 5.36 -43.76 16.69
CA LEU D 90 6.48 -43.21 15.93
C LEU D 90 6.09 -42.77 14.51
N PRO D 91 5.63 -43.69 13.63
CA PRO D 91 5.50 -43.32 12.22
C PRO D 91 5.03 -41.89 11.98
N PRO D 92 3.87 -41.46 12.54
CA PRO D 92 3.42 -40.08 12.26
C PRO D 92 4.30 -39.00 12.88
N LEU D 93 4.81 -39.26 14.07
CA LEU D 93 5.74 -38.34 14.72
C LEU D 93 7.07 -38.22 13.97
N GLU D 94 7.49 -39.30 13.31
CA GLU D 94 8.66 -39.24 12.43
C GLU D 94 8.33 -38.37 11.22
N SER D 95 7.11 -38.55 10.72
CA SER D 95 6.67 -37.79 9.57
C SER D 95 6.75 -36.29 9.85
N LEU D 96 6.24 -35.87 11.01
CA LEU D 96 6.21 -34.45 11.40
C LEU D 96 7.57 -33.90 11.77
N ALA D 97 8.47 -34.74 12.26
CA ALA D 97 9.82 -34.28 12.57
C ALA D 97 10.53 -33.95 11.27
N THR D 98 9.88 -34.23 10.16
CA THR D 98 10.49 -34.13 8.85
C THR D 98 10.09 -32.85 8.15
N VAL D 99 9.04 -32.25 8.70
CA VAL D 99 8.34 -31.05 8.17
C VAL D 99 9.26 -29.83 8.01
N GLU D 100 9.05 -29.07 6.95
CA GLU D 100 9.84 -27.87 6.70
C GLU D 100 9.71 -26.88 7.84
N GLU D 101 8.48 -26.60 8.28
CA GLU D 101 8.30 -25.54 9.28
C GLU D 101 8.82 -25.95 10.64
N THR D 102 9.85 -25.25 11.09
CA THR D 102 10.57 -25.58 12.33
C THR D 102 9.69 -25.72 13.56
N VAL D 103 8.78 -24.77 13.75
CA VAL D 103 7.92 -24.75 14.95
C VAL D 103 7.16 -26.08 15.17
N VAL D 104 6.98 -26.84 14.10
CA VAL D 104 6.30 -28.10 14.16
C VAL D 104 7.29 -29.20 14.50
N ARG D 105 8.48 -29.15 13.92
CA ARG D 105 9.48 -30.18 14.17
C ARG D 105 9.83 -30.22 15.64
N ASP D 106 9.84 -29.05 16.26
CA ASP D 106 10.20 -28.95 17.66
C ASP D 106 9.03 -29.36 18.55
N LYS D 107 7.82 -29.25 18.04
CA LYS D 107 6.68 -29.82 18.74
C LYS D 107 6.69 -31.33 18.61
N ALA D 108 7.11 -31.80 17.43
CA ALA D 108 7.17 -33.24 17.15
C ALA D 108 8.31 -33.91 17.92
N VAL D 109 9.47 -33.26 17.95
CA VAL D 109 10.61 -33.71 18.77
C VAL D 109 10.21 -33.79 20.24
N GLU D 110 9.59 -32.71 20.72
CA GLU D 110 9.20 -32.59 22.11
C GLU D 110 8.30 -33.76 22.55
N SER D 111 7.35 -34.11 21.68
CA SER D 111 6.45 -35.22 21.96
C SER D 111 7.16 -36.55 21.81
N LEU D 112 8.20 -36.58 20.97
CA LEU D 112 9.06 -37.76 20.87
C LEU D 112 9.88 -37.96 22.13
N ARG D 113 10.51 -36.90 22.63
CA ARG D 113 11.20 -36.98 23.93
C ARG D 113 10.20 -37.45 24.96
N ALA D 114 9.02 -36.83 24.94
CA ALA D 114 7.94 -37.17 25.84
C ALA D 114 7.69 -38.68 25.82
N ILE D 115 7.44 -39.25 24.65
CA ILE D 115 7.11 -40.67 24.60
C ILE D 115 8.30 -41.61 24.81
N SER D 116 9.52 -41.10 24.62
CA SER D 116 10.75 -41.91 24.77
C SER D 116 10.86 -42.57 26.15
N HIS D 117 10.27 -41.93 27.15
CA HIS D 117 10.32 -42.43 28.52
C HIS D 117 9.33 -43.57 28.74
N GLU D 118 8.32 -43.64 27.88
CA GLU D 118 7.32 -44.69 27.93
C GLU D 118 7.77 -45.94 27.18
N HIS D 119 8.84 -45.79 26.40
CA HIS D 119 9.51 -46.92 25.76
C HIS D 119 10.34 -47.68 26.79
N SER D 120 10.26 -49.01 26.79
CA SER D 120 11.12 -49.85 27.64
C SER D 120 12.56 -49.89 27.09
N PRO D 121 13.56 -50.34 27.92
CA PRO D 121 14.97 -50.30 27.46
C PRO D 121 15.20 -51.18 26.23
N SER D 122 14.45 -52.27 26.15
CA SER D 122 14.37 -53.14 25.01
C SER D 122 13.74 -52.42 23.81
N ASP D 123 12.58 -51.79 24.04
CA ASP D 123 11.81 -51.04 23.01
C ASP D 123 12.59 -49.89 22.39
N LEU D 124 13.37 -49.18 23.22
CA LEU D 124 14.26 -48.11 22.76
C LEU D 124 15.22 -48.57 21.65
N GLU D 125 15.94 -49.65 21.94
CA GLU D 125 16.91 -50.24 21.01
C GLU D 125 16.25 -50.86 19.78
N ALA D 126 14.98 -51.23 19.92
CA ALA D 126 14.23 -51.88 18.86
C ALA D 126 13.62 -50.93 17.79
N HIS D 127 13.03 -49.81 18.20
CA HIS D 127 12.38 -48.91 17.24
C HIS D 127 12.86 -47.47 17.31
N PHE D 128 12.99 -46.96 18.53
CA PHE D 128 13.25 -45.55 18.72
C PHE D 128 14.60 -45.14 18.14
N VAL D 129 15.66 -45.88 18.48
CA VAL D 129 16.99 -45.59 17.94
C VAL D 129 17.00 -45.66 16.39
N PRO D 130 16.54 -46.80 15.81
CA PRO D 130 16.35 -46.81 14.36
C PRO D 130 15.71 -45.51 13.86
N LEU D 131 14.77 -44.96 14.63
CA LEU D 131 14.11 -43.70 14.33
C LEU D 131 15.13 -42.56 14.33
N VAL D 132 15.91 -42.47 15.41
CA VAL D 132 16.92 -41.44 15.54
C VAL D 132 17.87 -41.54 14.37
N LYS D 133 18.35 -42.76 14.15
CA LYS D 133 19.28 -43.09 13.08
C LYS D 133 18.78 -42.61 11.71
N ARG D 134 17.57 -43.00 11.31
CA ARG D 134 17.03 -42.64 9.98
C ARG D 134 17.03 -41.14 9.77
N LEU D 135 16.74 -40.42 10.84
CA LEU D 135 16.78 -38.97 10.82
C LEU D 135 18.23 -38.46 10.83
N ALA D 136 19.01 -38.94 11.79
CA ALA D 136 20.38 -38.47 11.98
C ALA D 136 21.26 -38.61 10.72
N GLY D 137 20.89 -39.54 9.85
CA GLY D 137 21.53 -39.69 8.55
C GLY D 137 20.59 -39.40 7.40
N GLY D 138 19.42 -38.82 7.69
CA GLY D 138 18.40 -38.52 6.67
C GLY D 138 18.87 -37.58 5.58
N ASP D 139 18.23 -37.65 4.43
CA ASP D 139 18.69 -36.90 3.25
C ASP D 139 18.52 -35.38 3.39
N TRP D 140 17.58 -34.97 4.24
CA TRP D 140 17.23 -33.55 4.41
C TRP D 140 17.75 -32.93 5.71
N PHE D 141 17.97 -31.62 5.70
CA PHE D 141 18.47 -30.91 6.89
C PHE D 141 17.41 -30.78 7.96
N THR D 142 16.16 -30.70 7.54
CA THR D 142 15.06 -30.75 8.47
C THR D 142 15.17 -32.04 9.30
N SER D 143 15.12 -33.19 8.61
CA SER D 143 15.21 -34.51 9.27
C SER D 143 16.42 -34.68 10.17
N ARG D 144 17.55 -34.08 9.80
CA ARG D 144 18.77 -34.14 10.60
C ARG D 144 18.72 -33.33 11.91
N THR D 145 18.16 -32.11 11.85
CA THR D 145 18.06 -31.24 13.05
C THR D 145 17.16 -31.85 14.13
N SER D 146 15.94 -32.26 13.75
CA SER D 146 15.07 -32.99 14.66
C SER D 146 15.83 -34.06 15.42
N ALA D 147 16.84 -34.65 14.81
CA ALA D 147 17.60 -35.72 15.44
C ALA D 147 18.48 -35.23 16.58
N CYS D 148 19.06 -34.04 16.44
CA CYS D 148 19.93 -33.47 17.47
C CYS D 148 19.22 -33.43 18.82
N GLY D 149 17.92 -33.24 18.80
CA GLY D 149 17.16 -33.18 20.03
C GLY D 149 16.72 -34.54 20.48
N LEU D 150 17.35 -35.58 19.95
CA LEU D 150 16.89 -36.92 20.28
C LEU D 150 17.96 -37.84 20.86
N PHE D 151 19.21 -37.39 20.90
CA PHE D 151 20.27 -38.26 21.40
C PHE D 151 20.18 -38.48 22.90
N SER D 152 20.09 -37.38 23.64
CA SER D 152 20.14 -37.43 25.10
C SER D 152 18.87 -37.99 25.74
N VAL D 153 17.89 -38.35 24.92
CA VAL D 153 16.65 -38.87 25.50
C VAL D 153 16.72 -40.38 25.71
N CYS D 154 17.47 -41.04 24.83
CA CYS D 154 17.62 -42.50 24.87
C CYS D 154 19.03 -42.95 25.26
N TYR D 155 20.03 -42.16 24.88
CA TYR D 155 21.43 -42.46 25.18
C TYR D 155 21.71 -43.21 26.50
N PRO D 156 21.24 -42.67 27.66
CA PRO D 156 21.57 -43.36 28.91
C PRO D 156 20.86 -44.69 29.14
N ARG D 157 19.71 -44.93 28.51
CA ARG D 157 18.95 -46.15 28.81
C ARG D 157 19.12 -47.33 27.82
N VAL D 158 19.99 -47.16 26.84
CA VAL D 158 20.37 -48.23 25.91
C VAL D 158 21.63 -48.94 26.40
N SER D 159 21.98 -50.05 25.75
CA SER D 159 23.18 -50.82 26.09
C SER D 159 24.47 -50.03 25.86
N SER D 160 25.37 -50.12 26.83
CA SER D 160 26.74 -49.59 26.76
C SER D 160 27.30 -49.49 25.32
N ALA D 161 27.01 -50.51 24.52
CA ALA D 161 27.50 -50.62 23.15
C ALA D 161 26.89 -49.61 22.20
N VAL D 162 25.56 -49.52 22.18
CA VAL D 162 24.86 -48.65 21.21
C VAL D 162 25.14 -47.17 21.48
N LYS D 163 25.68 -46.85 22.66
CA LYS D 163 26.12 -45.50 22.94
C LYS D 163 27.16 -45.10 21.89
N ALA D 164 28.13 -45.98 21.65
CA ALA D 164 29.22 -45.73 20.71
C ALA D 164 28.77 -45.30 19.31
N GLU D 165 27.60 -45.76 18.89
CA GLU D 165 27.03 -45.32 17.62
C GLU D 165 26.40 -43.95 17.77
N LEU D 166 25.68 -43.76 18.86
CA LEU D 166 25.02 -42.48 19.12
C LEU D 166 26.07 -41.38 19.15
N ARG D 167 27.08 -41.55 20.01
CA ARG D 167 28.16 -40.58 20.14
C ARG D 167 28.78 -40.27 18.78
N GLN D 168 29.01 -41.33 17.99
CA GLN D 168 29.58 -41.22 16.65
C GLN D 168 28.62 -40.50 15.69
N TYR D 169 27.33 -40.78 15.83
CA TYR D 169 26.30 -40.18 14.98
C TYR D 169 26.15 -38.70 15.23
N PHE D 170 26.32 -38.29 16.49
CA PHE D 170 26.28 -36.89 16.86
C PHE D 170 27.46 -36.13 16.24
N ARG D 171 28.64 -36.73 16.35
CA ARG D 171 29.87 -36.12 15.87
C ARG D 171 29.77 -35.80 14.37
N ASN D 172 29.14 -36.70 13.62
CA ASN D 172 28.83 -36.46 12.21
C ASN D 172 27.97 -35.23 12.03
N LEU D 173 27.00 -35.07 12.94
CA LEU D 173 26.11 -33.94 12.86
C LEU D 173 26.84 -32.64 13.18
N CYS D 174 27.82 -32.69 14.06
CA CYS D 174 28.56 -31.48 14.45
C CYS D 174 29.37 -30.82 13.33
N SER D 175 29.76 -31.61 12.34
CA SER D 175 30.52 -31.10 11.20
C SER D 175 29.72 -31.25 9.90
N ASP D 176 28.40 -31.22 10.05
CA ASP D 176 27.43 -31.32 8.96
C ASP D 176 27.69 -30.32 7.83
N ASP D 177 27.19 -30.65 6.64
CA ASP D 177 27.36 -29.82 5.46
C ASP D 177 26.68 -28.45 5.60
N THR D 178 25.57 -28.40 6.35
CA THR D 178 24.76 -27.18 6.46
C THR D 178 24.72 -26.59 7.89
N PRO D 179 24.64 -25.25 7.99
CA PRO D 179 24.56 -24.55 9.29
C PRO D 179 23.35 -24.99 10.09
N MET D 180 22.18 -24.97 9.47
CA MET D 180 20.96 -25.48 10.11
C MET D 180 21.25 -26.58 11.11
N VAL D 181 22.04 -27.57 10.67
CA VAL D 181 22.31 -28.77 11.45
C VAL D 181 23.43 -28.56 12.46
N ARG D 182 24.42 -27.74 12.12
CA ARG D 182 25.48 -27.40 13.07
C ARG D 182 24.92 -26.60 14.25
N ARG D 183 24.17 -25.54 13.93
CA ARG D 183 23.34 -24.82 14.90
C ARG D 183 22.51 -25.78 15.77
N ALA D 184 21.78 -26.70 15.13
CA ALA D 184 20.96 -27.66 15.86
C ALA D 184 21.78 -28.45 16.86
N ALA D 185 23.00 -28.81 16.45
CA ALA D 185 23.90 -29.61 17.28
C ALA D 185 24.49 -28.78 18.42
N ALA D 186 25.03 -27.62 18.06
CA ALA D 186 25.61 -26.68 19.00
C ALA D 186 24.66 -26.39 20.18
N SER D 187 23.36 -26.33 19.88
CA SER D 187 22.35 -25.95 20.89
C SER D 187 21.72 -27.15 21.59
N LYS D 188 22.20 -28.35 21.26
CA LYS D 188 21.78 -29.58 21.92
C LYS D 188 22.97 -30.25 22.56
N LEU D 189 24.14 -29.67 22.34
CA LEU D 189 25.39 -30.15 22.93
C LEU D 189 25.35 -30.23 24.47
N GLY D 190 24.92 -29.15 25.10
CA GLY D 190 24.77 -29.10 26.55
C GLY D 190 23.88 -30.19 27.12
N GLU D 191 22.87 -30.59 26.35
CA GLU D 191 22.02 -31.69 26.76
C GLU D 191 22.80 -32.97 26.77
N PHE D 192 23.66 -33.12 25.77
CA PHE D 192 24.43 -34.34 25.57
C PHE D 192 25.55 -34.50 26.59
N ALA D 193 26.31 -33.43 26.81
CA ALA D 193 27.31 -33.40 27.87
C ALA D 193 26.76 -33.92 29.20
N LYS D 194 25.49 -33.65 29.47
CA LYS D 194 24.85 -33.97 30.74
C LYS D 194 24.38 -35.43 30.87
N VAL D 195 24.69 -36.26 29.88
CA VAL D 195 24.39 -37.70 29.96
C VAL D 195 25.61 -38.58 29.65
N LEU D 196 26.69 -37.95 29.23
CA LEU D 196 27.91 -38.65 28.87
C LEU D 196 28.79 -38.98 30.08
N GLU D 197 29.71 -39.93 29.90
CA GLU D 197 30.65 -40.32 30.92
C GLU D 197 31.73 -39.25 31.02
N LEU D 198 32.16 -38.94 32.23
CA LEU D 198 33.08 -37.82 32.46
C LEU D 198 34.38 -37.96 31.68
N ASP D 199 34.63 -39.17 31.20
CA ASP D 199 35.67 -39.40 30.22
C ASP D 199 35.24 -38.77 28.92
N ASN D 200 34.17 -39.30 28.33
CA ASN D 200 33.75 -38.97 26.97
C ASN D 200 33.47 -37.50 26.74
N VAL D 201 33.12 -36.78 27.81
CA VAL D 201 32.94 -35.33 27.75
C VAL D 201 34.25 -34.69 27.32
N LYS D 202 35.32 -35.08 28.01
CA LYS D 202 36.67 -34.58 27.76
C LYS D 202 37.28 -35.10 26.45
N SER D 203 36.89 -36.31 26.04
CA SER D 203 37.50 -36.96 24.88
C SER D 203 36.75 -36.67 23.59
N GLU D 204 35.44 -36.49 23.70
CA GLU D 204 34.56 -36.28 22.53
C GLU D 204 33.83 -34.94 22.50
N ILE D 205 33.28 -34.52 23.63
CA ILE D 205 32.52 -33.27 23.69
C ILE D 205 33.43 -32.06 23.56
N ILE D 206 34.52 -32.05 24.33
CA ILE D 206 35.46 -30.92 24.30
C ILE D 206 35.89 -30.57 22.85
N PRO D 207 36.39 -31.57 22.08
CA PRO D 207 36.70 -31.23 20.70
C PRO D 207 35.49 -30.80 19.87
N MET D 208 34.32 -31.39 20.12
CA MET D 208 33.10 -30.96 19.41
C MET D 208 32.76 -29.53 19.77
N PHE D 209 32.68 -29.25 21.07
CA PHE D 209 32.49 -27.90 21.59
C PHE D 209 33.47 -26.90 20.97
N SER D 210 34.74 -27.33 20.91
CA SER D 210 35.84 -26.51 20.46
C SER D 210 35.67 -26.02 19.02
N ASN D 211 35.19 -26.89 18.15
CA ASN D 211 35.04 -26.60 16.72
C ASN D 211 33.84 -25.73 16.44
N LEU D 212 32.70 -26.14 16.99
CA LEU D 212 31.47 -25.38 16.85
C LEU D 212 31.70 -23.99 17.38
N ALA D 213 32.46 -23.89 18.46
CA ALA D 213 32.77 -22.58 19.05
C ALA D 213 33.63 -21.72 18.14
N SER D 214 34.36 -22.35 17.24
CA SER D 214 35.20 -21.65 16.27
C SER D 214 34.72 -21.93 14.84
N ASP D 215 33.40 -22.00 14.68
CA ASP D 215 32.73 -22.14 13.38
C ASP D 215 33.00 -20.93 12.48
N GLU D 216 32.42 -20.94 11.28
CA GLU D 216 32.54 -19.80 10.39
C GLU D 216 31.48 -18.78 10.75
N GLN D 217 30.31 -19.28 11.15
CA GLN D 217 29.10 -18.48 11.34
C GLN D 217 28.88 -18.13 12.78
N ASP D 218 28.73 -16.84 13.06
CA ASP D 218 28.44 -16.39 14.42
C ASP D 218 27.18 -17.08 14.98
N SER D 219 26.20 -17.30 14.12
CA SER D 219 24.98 -18.04 14.47
C SER D 219 25.28 -19.45 15.05
N VAL D 220 26.49 -19.93 14.86
CA VAL D 220 26.89 -21.17 15.50
C VAL D 220 27.66 -20.85 16.78
N ARG D 221 28.67 -19.99 16.66
CA ARG D 221 29.57 -19.65 17.77
C ARG D 221 28.79 -19.17 19.00
N LEU D 222 27.82 -18.31 18.73
CA LEU D 222 26.87 -17.80 19.72
C LEU D 222 26.18 -18.91 20.54
N LEU D 223 25.94 -20.05 19.92
CA LEU D 223 25.19 -21.11 20.56
C LEU D 223 26.07 -21.89 21.49
N ALA D 224 27.38 -21.78 21.28
CA ALA D 224 28.37 -22.48 22.09
C ALA D 224 28.32 -22.00 23.52
N VAL D 225 28.36 -20.68 23.71
CA VAL D 225 28.39 -20.08 25.06
C VAL D 225 27.47 -20.76 26.06
N GLU D 226 26.23 -21.04 25.67
CA GLU D 226 25.29 -21.75 26.52
C GLU D 226 25.84 -23.14 26.90
N ALA D 227 26.45 -23.78 25.91
CA ALA D 227 27.03 -25.10 26.10
C ALA D 227 28.30 -25.04 26.95
N CYS D 228 28.99 -23.91 26.91
CA CYS D 228 30.14 -23.69 27.77
C CYS D 228 29.78 -23.76 29.26
N VAL D 229 28.63 -23.15 29.62
CA VAL D 229 28.06 -23.22 30.96
C VAL D 229 27.78 -24.67 31.34
N ASN D 230 27.07 -25.36 30.44
CA ASN D 230 26.71 -26.76 30.62
C ASN D 230 27.91 -27.66 30.87
N ILE D 231 28.98 -27.39 30.13
CA ILE D 231 30.22 -28.16 30.22
C ILE D 231 31.01 -27.78 31.47
N ALA D 232 31.29 -26.49 31.65
CA ALA D 232 32.01 -26.05 32.85
C ALA D 232 31.46 -26.75 34.10
N GLN D 233 30.13 -26.74 34.25
CA GLN D 233 29.44 -27.31 35.41
C GLN D 233 29.64 -28.81 35.60
N LEU D 234 30.19 -29.48 34.60
CA LEU D 234 30.41 -30.93 34.67
C LEU D 234 31.85 -31.28 35.09
N LEU D 235 32.77 -30.37 34.79
CA LEU D 235 34.19 -30.62 34.95
C LEU D 235 34.71 -30.10 36.30
N PRO D 236 35.59 -30.88 36.97
CA PRO D 236 36.17 -30.48 38.25
C PRO D 236 37.10 -29.27 38.12
N GLN D 237 37.18 -28.48 39.19
CA GLN D 237 37.86 -27.17 39.19
C GLN D 237 39.14 -27.07 38.33
N GLU D 238 39.94 -28.13 38.36
CA GLU D 238 41.26 -28.17 37.71
C GLU D 238 41.19 -28.12 36.18
N ASP D 239 40.41 -29.02 35.60
CA ASP D 239 40.28 -29.17 34.13
C ASP D 239 39.79 -27.93 33.39
N LEU D 240 38.94 -27.15 34.06
CA LEU D 240 38.35 -25.95 33.46
C LEU D 240 39.39 -25.05 32.81
N GLU D 241 40.57 -24.96 33.41
CA GLU D 241 41.62 -24.09 32.92
C GLU D 241 42.06 -24.42 31.49
N ALA D 242 42.18 -25.71 31.18
CA ALA D 242 42.80 -26.14 29.91
C ALA D 242 41.86 -26.81 28.89
N LEU D 243 40.54 -26.82 29.16
CA LEU D 243 39.59 -27.48 28.27
C LEU D 243 38.41 -26.60 27.86
N VAL D 244 38.01 -25.71 28.75
CA VAL D 244 36.89 -24.80 28.49
C VAL D 244 37.43 -23.40 28.31
N MET D 245 38.26 -23.00 29.28
CA MET D 245 38.74 -21.64 29.40
C MET D 245 39.31 -21.00 28.14
N PRO D 246 40.14 -21.72 27.35
CA PRO D 246 40.67 -21.03 26.17
C PRO D 246 39.55 -20.60 25.22
N THR D 247 38.54 -21.45 25.08
CA THR D 247 37.39 -21.17 24.23
C THR D 247 36.53 -20.05 24.83
N LEU D 248 36.46 -20.01 26.16
CA LEU D 248 35.68 -19.01 26.88
C LEU D 248 36.25 -17.61 26.71
N ARG D 249 37.57 -17.51 26.65
CA ARG D 249 38.27 -16.23 26.46
C ARG D 249 38.23 -15.73 25.01
N GLN D 250 37.86 -16.59 24.08
CA GLN D 250 37.69 -16.21 22.68
C GLN D 250 36.30 -15.63 22.47
N ALA D 251 35.30 -16.30 23.02
CA ALA D 251 33.91 -15.85 22.94
C ALA D 251 33.76 -14.41 23.45
N ALA D 252 34.20 -14.16 24.68
CA ALA D 252 34.17 -12.83 25.28
C ALA D 252 34.81 -11.74 24.40
N GLU D 253 35.48 -12.17 23.33
CA GLU D 253 36.18 -11.25 22.42
C GLU D 253 36.10 -11.68 20.94
N ASP D 254 35.14 -12.56 20.64
CA ASP D 254 34.79 -12.93 19.27
C ASP D 254 34.56 -11.66 18.44
N LYS D 255 34.69 -11.76 17.12
CA LYS D 255 34.48 -10.62 16.22
C LYS D 255 33.02 -10.13 16.25
N SER D 256 32.09 -11.07 16.31
CA SER D 256 30.67 -10.79 16.28
C SER D 256 30.13 -10.43 17.66
N TRP D 257 29.45 -9.28 17.74
CA TRP D 257 28.79 -8.82 18.96
C TRP D 257 27.72 -9.81 19.42
N ARG D 258 27.06 -10.44 18.45
CA ARG D 258 26.02 -11.45 18.72
C ARG D 258 26.51 -12.58 19.60
N VAL D 259 27.82 -12.83 19.54
CA VAL D 259 28.43 -13.85 20.37
C VAL D 259 28.76 -13.25 21.71
N ARG D 260 29.31 -12.04 21.69
CA ARG D 260 29.74 -11.36 22.91
C ARG D 260 28.56 -11.01 23.78
N TYR D 261 27.48 -10.55 23.15
CA TYR D 261 26.24 -10.31 23.84
C TYR D 261 25.83 -11.56 24.64
N MET D 262 25.93 -12.73 23.99
CA MET D 262 25.55 -13.98 24.64
C MET D 262 26.44 -14.33 25.83
N VAL D 263 27.65 -13.79 25.85
CA VAL D 263 28.53 -14.03 26.99
C VAL D 263 28.09 -13.15 28.16
N ALA D 264 27.88 -11.87 27.87
CA ALA D 264 27.41 -10.93 28.87
C ALA D 264 26.03 -11.37 29.38
N ASP D 265 25.17 -11.78 28.44
CA ASP D 265 23.82 -12.27 28.72
C ASP D 265 23.74 -13.42 29.74
N LYS D 266 24.83 -14.11 29.97
CA LYS D 266 24.85 -15.20 30.95
C LYS D 266 26.15 -15.26 31.75
N PHE D 267 26.74 -14.09 32.00
CA PHE D 267 27.99 -14.01 32.73
C PHE D 267 27.89 -14.57 34.14
N THR D 268 26.73 -14.42 34.77
CA THR D 268 26.54 -14.93 36.12
C THR D 268 26.37 -16.44 36.11
N GLU D 269 25.81 -16.93 35.01
CA GLU D 269 25.57 -18.35 34.85
C GLU D 269 26.88 -19.07 34.68
N LEU D 270 27.80 -18.44 33.95
CA LEU D 270 29.17 -18.87 33.78
C LEU D 270 29.92 -18.92 35.09
N GLN D 271 29.78 -17.89 35.92
CA GLN D 271 30.54 -17.82 37.17
C GLN D 271 30.05 -18.80 38.24
N LYS D 272 28.73 -18.95 38.38
CA LYS D 272 28.17 -19.91 39.32
C LYS D 272 28.24 -21.32 38.73
N ALA D 273 29.30 -21.53 37.94
CA ALA D 273 29.59 -22.79 37.26
C ALA D 273 31.11 -23.00 37.18
N VAL D 274 31.85 -21.91 37.37
CA VAL D 274 33.29 -21.90 37.20
C VAL D 274 34.01 -21.63 38.54
N GLY D 275 33.22 -21.36 39.58
CA GLY D 275 33.75 -21.15 40.92
C GLY D 275 34.33 -19.77 41.13
N PRO D 276 34.83 -19.49 42.34
CA PRO D 276 35.28 -18.15 42.70
C PRO D 276 36.73 -17.83 42.27
N GLU D 277 37.51 -18.88 42.00
CA GLU D 277 38.89 -18.77 41.50
C GLU D 277 38.97 -18.12 40.13
N ILE D 278 38.41 -18.80 39.12
CA ILE D 278 38.50 -18.36 37.71
C ILE D 278 37.70 -17.09 37.46
N THR D 279 36.79 -16.77 38.37
CA THR D 279 36.04 -15.53 38.31
C THR D 279 37.00 -14.36 38.58
N LYS D 280 37.74 -14.47 39.69
CA LYS D 280 38.65 -13.42 40.14
C LYS D 280 39.86 -13.28 39.22
N THR D 281 40.23 -14.39 38.59
CA THR D 281 41.35 -14.42 37.64
C THR D 281 40.91 -13.95 36.26
N ASP D 282 40.00 -14.70 35.65
CA ASP D 282 39.65 -14.50 34.24
C ASP D 282 38.39 -13.67 34.00
N LEU D 283 37.30 -14.02 34.69
CA LEU D 283 36.00 -13.39 34.46
C LEU D 283 35.98 -11.92 34.76
N VAL D 284 36.49 -11.53 35.92
CA VAL D 284 36.44 -10.12 36.32
C VAL D 284 37.10 -9.15 35.32
N PRO D 285 38.29 -9.48 34.78
CA PRO D 285 38.81 -8.69 33.64
C PRO D 285 37.96 -8.77 32.36
N ALA D 286 37.27 -9.89 32.15
CA ALA D 286 36.41 -10.05 30.98
C ALA D 286 35.09 -9.25 31.09
N PHE D 287 34.48 -9.33 32.27
CA PHE D 287 33.33 -8.50 32.64
C PHE D 287 33.62 -7.02 32.40
N GLN D 288 34.83 -6.58 32.79
CA GLN D 288 35.26 -5.18 32.62
C GLN D 288 35.19 -4.73 31.17
N ASN D 289 35.55 -5.63 30.26
CA ASN D 289 35.57 -5.27 28.85
C ASN D 289 34.19 -5.32 28.21
N LEU D 290 33.36 -6.24 28.69
CA LEU D 290 31.97 -6.31 28.28
C LEU D 290 31.27 -5.01 28.68
N MET D 291 31.71 -4.44 29.79
CA MET D 291 31.24 -3.13 30.23
C MET D 291 31.80 -1.96 29.39
N LYS D 292 32.93 -2.17 28.71
CA LYS D 292 33.56 -1.12 27.89
C LYS D 292 33.36 -1.34 26.38
N ASP D 293 32.78 -2.48 26.05
CA ASP D 293 32.45 -2.89 24.69
C ASP D 293 31.82 -1.79 23.84
N CYS D 294 32.09 -1.83 22.53
CA CYS D 294 31.60 -0.80 21.62
C CYS D 294 30.09 -0.90 21.32
N GLU D 295 29.58 -2.13 21.26
CA GLU D 295 28.16 -2.36 21.00
C GLU D 295 27.36 -2.22 22.27
N ALA D 296 26.43 -1.26 22.25
CA ALA D 296 25.62 -0.89 23.40
C ALA D 296 24.84 -2.07 24.00
N GLU D 297 24.38 -2.97 23.13
CA GLU D 297 23.61 -4.11 23.57
C GLU D 297 24.45 -5.02 24.45
N VAL D 298 25.72 -5.17 24.09
CA VAL D 298 26.68 -5.85 24.95
C VAL D 298 26.75 -5.14 26.31
N ARG D 299 26.88 -3.82 26.27
CA ARG D 299 27.04 -3.04 27.50
C ARG D 299 25.82 -3.12 28.41
N ALA D 300 24.64 -2.86 27.86
CA ALA D 300 23.38 -2.91 28.62
C ALA D 300 23.15 -4.28 29.26
N ALA D 301 23.48 -5.34 28.52
CA ALA D 301 23.35 -6.72 29.01
C ALA D 301 24.26 -6.95 30.21
N ALA D 302 25.48 -6.44 30.10
CA ALA D 302 26.49 -6.61 31.12
C ALA D 302 26.04 -5.93 32.41
N SER D 303 25.53 -4.72 32.28
CA SER D 303 25.03 -3.92 33.40
C SER D 303 23.93 -4.64 34.19
N HIS D 304 23.04 -5.35 33.48
CA HIS D 304 21.99 -6.15 34.13
C HIS D 304 22.56 -7.20 35.07
N LYS D 305 23.83 -7.52 34.90
CA LYS D 305 24.47 -8.52 35.75
C LYS D 305 25.13 -7.96 37.01
N VAL D 306 25.52 -6.68 36.96
CA VAL D 306 26.28 -6.02 38.03
C VAL D 306 25.98 -6.56 39.43
N LYS D 307 24.73 -6.45 39.88
CA LYS D 307 24.38 -6.84 41.23
C LYS D 307 24.69 -8.30 41.50
N GLU D 308 24.19 -9.18 40.65
CA GLU D 308 24.36 -10.61 40.84
C GLU D 308 25.82 -11.01 40.83
N PHE D 309 26.60 -10.42 39.94
CA PHE D 309 28.00 -10.74 39.79
C PHE D 309 28.73 -10.41 41.08
N CYS D 310 28.65 -9.13 41.47
CA CYS D 310 29.25 -8.64 42.71
C CYS D 310 28.77 -9.40 43.94
N GLU D 311 27.52 -9.88 43.89
CA GLU D 311 26.93 -10.64 44.98
C GLU D 311 27.57 -12.02 45.19
N ASN D 312 28.17 -12.58 44.13
CA ASN D 312 28.59 -13.98 44.19
C ASN D 312 30.04 -14.24 44.56
N LEU D 313 30.98 -13.48 43.98
CA LEU D 313 32.40 -13.67 44.29
C LEU D 313 32.55 -13.76 45.81
N SER D 314 33.47 -14.61 46.25
CA SER D 314 33.53 -15.08 47.65
C SER D 314 33.71 -13.97 48.70
N ALA D 315 33.35 -14.32 49.94
CA ALA D 315 33.50 -13.46 51.10
C ALA D 315 34.92 -12.89 51.27
N ASP D 316 35.93 -13.59 50.76
CA ASP D 316 37.32 -13.15 50.86
C ASP D 316 37.71 -11.93 50.00
N CYS D 317 37.31 -11.93 48.73
CA CYS D 317 37.69 -10.86 47.79
C CYS D 317 36.54 -9.89 47.49
N ARG D 318 35.33 -10.26 47.93
CA ARG D 318 34.08 -9.53 47.70
C ARG D 318 34.21 -8.01 47.71
N GLU D 319 34.54 -7.46 48.88
CA GLU D 319 34.66 -6.03 49.11
C GLU D 319 35.72 -5.35 48.25
N ASN D 320 36.87 -6.00 48.12
CA ASN D 320 38.01 -5.48 47.37
C ASN D 320 37.72 -5.34 45.89
N VAL D 321 37.43 -6.47 45.23
CA VAL D 321 37.20 -6.50 43.79
C VAL D 321 36.03 -5.63 43.32
N ILE D 322 35.15 -5.25 44.25
CA ILE D 322 34.07 -4.32 43.90
C ILE D 322 34.60 -2.90 43.93
N MET D 323 35.28 -2.55 45.02
CA MET D 323 35.78 -1.19 45.23
C MET D 323 36.90 -0.83 44.28
N THR D 324 37.64 -1.84 43.83
CA THR D 324 38.85 -1.61 43.02
C THR D 324 38.71 -1.89 41.51
N GLN D 325 37.93 -2.90 41.14
CA GLN D 325 37.84 -3.35 39.74
C GLN D 325 36.47 -3.21 39.05
N ILE D 326 35.38 -3.41 39.79
CA ILE D 326 34.03 -3.33 39.22
C ILE D 326 33.41 -1.93 39.37
N LEU D 327 33.76 -1.24 40.46
CA LEU D 327 33.25 0.12 40.68
C LEU D 327 33.68 1.13 39.61
N PRO D 328 35.01 1.25 39.33
CA PRO D 328 35.45 2.20 38.30
C PRO D 328 34.58 2.14 37.06
N CYS D 329 34.25 0.92 36.62
CA CYS D 329 33.40 0.67 35.46
C CYS D 329 32.07 1.41 35.57
N ILE D 330 31.36 1.18 36.68
CA ILE D 330 30.06 1.78 36.94
C ILE D 330 30.09 3.30 36.80
N LYS D 331 31.19 3.92 37.27
CA LYS D 331 31.36 5.38 37.21
C LYS D 331 31.29 5.93 35.78
N GLU D 332 31.96 5.25 34.86
CA GLU D 332 31.91 5.64 33.46
C GLU D 332 30.56 5.26 32.85
N LEU D 333 30.01 4.12 33.27
CA LEU D 333 28.70 3.65 32.77
C LEU D 333 27.50 4.47 33.22
N VAL D 334 27.62 5.17 34.35
CA VAL D 334 26.61 6.14 34.79
C VAL D 334 26.52 7.32 33.81
N SER D 335 27.65 7.67 33.22
CA SER D 335 27.75 8.77 32.25
C SER D 335 27.77 8.25 30.82
N ASP D 336 26.96 7.23 30.53
CA ASP D 336 26.93 6.61 29.21
C ASP D 336 26.25 7.52 28.20
N ALA D 337 26.60 7.34 26.92
CA ALA D 337 25.96 8.02 25.81
C ALA D 337 24.55 7.47 25.59
N ASN D 338 24.46 6.17 25.30
CA ASN D 338 23.20 5.44 25.12
C ASN D 338 22.34 5.45 26.39
N GLN D 339 21.06 5.81 26.23
CA GLN D 339 20.10 5.85 27.35
C GLN D 339 19.78 4.49 27.98
N HIS D 340 19.67 3.45 27.15
CA HIS D 340 19.30 2.09 27.60
C HIS D 340 20.29 1.48 28.57
N VAL D 341 21.57 1.82 28.40
CA VAL D 341 22.61 1.33 29.28
C VAL D 341 22.44 1.96 30.64
N LYS D 342 22.28 3.29 30.64
CA LYS D 342 22.01 4.05 31.85
C LYS D 342 20.77 3.53 32.59
N SER D 343 19.78 3.09 31.82
CA SER D 343 18.55 2.49 32.37
C SER D 343 18.83 1.16 33.05
N ALA D 344 19.36 0.22 32.29
CA ALA D 344 19.74 -1.10 32.81
C ALA D 344 20.56 -0.97 34.10
N LEU D 345 21.50 -0.01 34.13
CA LEU D 345 22.35 0.19 35.28
C LEU D 345 21.54 0.62 36.50
N ALA D 346 20.65 1.60 36.30
CA ALA D 346 19.85 2.15 37.39
C ALA D 346 18.96 1.10 38.04
N SER D 347 18.37 0.26 37.21
CA SER D 347 17.39 -0.73 37.66
C SER D 347 18.05 -1.85 38.43
N VAL D 348 19.36 -1.74 38.64
CA VAL D 348 20.13 -2.78 39.33
C VAL D 348 21.11 -2.23 40.37
N ILE D 349 21.54 -0.97 40.21
CA ILE D 349 22.70 -0.40 40.93
C ILE D 349 22.64 -0.43 42.46
N MET D 350 21.56 0.10 43.05
CA MET D 350 21.47 0.24 44.50
C MET D 350 21.34 -1.09 45.23
N GLY D 351 21.03 -2.14 44.46
CA GLY D 351 21.17 -3.52 44.96
C GLY D 351 22.51 -3.80 45.62
N LEU D 352 23.51 -3.00 45.25
CA LEU D 352 24.87 -3.05 45.82
C LEU D 352 24.93 -2.52 47.26
N SER D 353 23.98 -1.68 47.66
CA SER D 353 24.03 -1.03 48.96
C SER D 353 24.28 -1.96 50.15
N PRO D 354 23.58 -3.12 50.23
CA PRO D 354 23.88 -4.03 51.35
C PRO D 354 25.21 -4.76 51.18
N ILE D 355 25.65 -4.92 49.93
CA ILE D 355 26.89 -5.63 49.64
C ILE D 355 28.12 -4.85 50.10
N LEU D 356 27.94 -3.57 50.46
CA LEU D 356 29.08 -2.73 50.86
C LEU D 356 28.97 -2.17 52.28
N GLY D 357 27.87 -2.49 52.97
CA GLY D 357 27.58 -1.91 54.29
C GLY D 357 26.98 -0.53 54.14
N LYS D 358 26.66 0.11 55.26
CA LYS D 358 26.08 1.45 55.18
C LYS D 358 27.10 2.51 54.78
N ASP D 359 28.21 2.58 55.52
CA ASP D 359 29.13 3.70 55.41
C ASP D 359 29.77 3.83 54.03
N ASN D 360 30.15 2.71 53.42
CA ASN D 360 30.72 2.75 52.08
C ASN D 360 29.70 3.11 51.00
N THR D 361 28.42 2.81 51.25
CA THR D 361 27.36 3.17 50.32
C THR D 361 27.23 4.69 50.21
N ILE D 362 27.52 5.39 51.31
CA ILE D 362 27.44 6.85 51.32
C ILE D 362 28.58 7.54 50.54
N GLU D 363 29.82 7.18 50.83
CA GLU D 363 30.93 7.84 50.14
C GLU D 363 31.15 7.34 48.71
N HIS D 364 30.67 6.14 48.40
CA HIS D 364 30.93 5.53 47.09
C HIS D 364 29.74 5.36 46.15
N LEU D 365 28.58 4.96 46.69
CA LEU D 365 27.41 4.71 45.86
C LEU D 365 26.46 5.91 45.75
N LEU D 366 26.29 6.64 46.85
CA LEU D 366 25.37 7.78 46.89
C LEU D 366 25.66 8.89 45.86
N PRO D 367 26.94 9.21 45.60
CA PRO D 367 27.18 10.26 44.62
C PRO D 367 26.82 9.84 43.20
N LEU D 368 26.77 8.53 42.94
CA LEU D 368 26.33 8.02 41.64
C LEU D 368 24.83 8.10 41.58
N PHE D 369 24.20 7.26 42.40
CA PHE D 369 22.77 7.27 42.71
C PHE D 369 22.10 8.63 42.48
N LEU D 370 22.78 9.70 42.91
CA LEU D 370 22.30 11.08 42.68
C LEU D 370 22.53 11.60 41.27
N ALA D 371 23.66 11.25 40.66
CA ALA D 371 23.95 11.64 39.29
C ALA D 371 23.04 10.85 38.35
N GLN D 372 22.56 9.70 38.80
CA GLN D 372 21.60 8.90 38.04
C GLN D 372 20.19 9.44 38.18
N LEU D 373 19.84 9.90 39.40
CA LEU D 373 18.55 10.52 39.64
C LEU D 373 18.44 11.91 38.98
N LYS D 374 19.59 12.48 38.61
CA LYS D 374 19.65 13.78 37.92
C LYS D 374 19.48 13.68 36.39
N ASP D 375 19.56 12.46 35.86
CA ASP D 375 19.49 12.23 34.42
C ASP D 375 18.26 12.86 33.77
N GLU D 376 18.38 13.20 32.51
CA GLU D 376 17.32 13.85 31.75
C GLU D 376 16.25 12.82 31.31
N CYS D 377 16.67 11.57 31.17
CA CYS D 377 15.78 10.49 30.73
C CYS D 377 14.96 9.90 31.88
N PRO D 378 13.63 9.90 31.74
CA PRO D 378 12.67 9.44 32.76
C PRO D 378 12.79 7.97 33.15
N GLU D 379 13.26 7.14 32.23
CA GLU D 379 13.42 5.69 32.48
C GLU D 379 14.66 5.38 33.31
N VAL D 380 15.50 6.39 33.53
CA VAL D 380 16.66 6.24 34.40
C VAL D 380 16.25 6.66 35.81
N ARG D 381 15.55 7.78 35.89
CA ARG D 381 15.12 8.33 37.17
C ARG D 381 14.05 7.45 37.77
N LEU D 382 13.09 7.05 36.94
CA LEU D 382 12.01 6.18 37.35
C LEU D 382 12.58 4.90 37.95
N ASN D 383 13.48 4.23 37.23
CA ASN D 383 14.21 3.04 37.73
C ASN D 383 14.91 3.20 39.08
N ILE D 384 15.32 4.42 39.40
CA ILE D 384 15.96 4.71 40.68
C ILE D 384 14.93 4.79 41.80
N ILE D 385 13.80 5.44 41.51
CA ILE D 385 12.66 5.45 42.43
C ILE D 385 12.18 4.01 42.55
N SER D 386 11.70 3.46 41.43
CA SER D 386 11.15 2.10 41.32
C SER D 386 11.47 1.16 42.47
N ASN D 387 12.77 0.91 42.68
CA ASN D 387 13.23 0.22 43.89
C ASN D 387 14.27 1.03 44.68
N LEU D 388 13.79 1.70 45.73
CA LEU D 388 14.63 2.41 46.70
C LEU D 388 14.71 1.59 47.97
N ASP D 389 14.09 0.40 47.92
CA ASP D 389 14.05 -0.49 49.07
C ASP D 389 15.44 -0.94 49.42
N CYS D 390 16.27 -1.12 48.39
CA CYS D 390 17.70 -1.34 48.58
C CYS D 390 18.38 -0.12 49.23
N VAL D 391 17.80 1.05 48.94
CA VAL D 391 18.33 2.32 49.42
C VAL D 391 17.70 2.66 50.78
N ASN D 392 16.49 2.13 51.02
CA ASN D 392 15.82 2.23 52.32
C ASN D 392 16.45 1.29 53.36
N GLU D 393 17.13 0.25 52.88
CA GLU D 393 17.95 -0.58 53.74
C GLU D 393 19.11 0.23 54.31
N VAL D 394 19.63 1.18 53.52
CA VAL D 394 20.88 1.86 53.89
C VAL D 394 20.79 3.38 54.16
N ILE D 395 20.16 4.14 53.26
CA ILE D 395 20.12 5.62 53.42
C ILE D 395 18.73 6.29 53.53
N GLY D 396 18.55 7.04 54.62
CA GLY D 396 17.23 7.40 55.14
C GLY D 396 16.60 8.74 54.75
N ILE D 397 15.75 9.24 55.67
CA ILE D 397 14.90 10.43 55.47
C ILE D 397 15.66 11.73 55.12
N ARG D 398 16.68 12.06 55.93
CA ARG D 398 17.43 13.33 55.82
C ARG D 398 18.28 13.46 54.54
N GLN D 399 18.91 12.37 54.13
CA GLN D 399 19.60 12.32 52.83
C GLN D 399 18.71 11.66 51.78
N LEU D 400 17.40 11.81 51.96
CA LEU D 400 16.41 11.38 50.98
C LEU D 400 15.78 12.62 50.31
N SER D 401 15.30 13.54 51.15
CA SER D 401 14.42 14.67 50.76
C SER D 401 14.89 15.54 49.58
N GLN D 402 15.81 16.46 49.84
CA GLN D 402 16.24 17.51 48.88
C GLN D 402 16.71 17.00 47.51
N SER D 403 16.88 15.69 47.40
CA SER D 403 17.44 15.02 46.23
C SER D 403 16.42 14.86 45.10
N LEU D 404 15.29 14.20 45.40
CA LEU D 404 14.25 13.87 44.42
C LEU D 404 13.35 15.05 44.05
N LEU D 405 13.56 16.20 44.67
CA LEU D 405 12.78 17.41 44.37
C LEU D 405 12.83 17.76 42.86
N PRO D 406 13.98 18.24 42.34
CA PRO D 406 14.00 18.63 40.93
C PRO D 406 13.87 17.45 39.94
N ALA D 407 13.92 16.22 40.47
CA ALA D 407 13.68 15.01 39.68
C ALA D 407 12.18 14.80 39.47
N ILE D 408 11.43 14.82 40.57
CA ILE D 408 9.98 14.61 40.53
C ILE D 408 9.26 15.74 39.79
N VAL D 409 9.73 16.98 39.99
CA VAL D 409 9.14 18.17 39.37
C VAL D 409 9.16 18.11 37.84
N GLU D 410 10.07 17.31 37.31
CA GLU D 410 10.23 17.16 35.87
C GLU D 410 9.48 15.96 35.32
N LEU D 411 9.33 14.93 36.15
CA LEU D 411 8.59 13.72 35.79
C LEU D 411 7.08 14.00 35.81
N ALA D 412 6.66 14.83 36.76
CA ALA D 412 5.29 15.32 36.82
C ALA D 412 4.95 16.25 35.64
N GLU D 413 5.95 16.73 34.93
CA GLU D 413 5.72 17.56 33.75
C GLU D 413 6.14 16.83 32.48
N ASP D 414 6.48 15.54 32.62
CA ASP D 414 7.04 14.78 31.50
C ASP D 414 6.11 14.69 30.29
N ALA D 415 6.71 14.69 29.09
CA ALA D 415 5.98 14.59 27.82
C ALA D 415 5.15 13.32 27.66
N LYS D 416 5.53 12.25 28.35
CA LYS D 416 4.74 11.01 28.33
C LYS D 416 3.68 11.02 29.42
N TRP D 417 2.47 10.57 29.10
CA TRP D 417 1.40 10.61 30.10
C TRP D 417 1.51 9.50 31.15
N ARG D 418 1.81 8.27 30.73
CA ARG D 418 1.93 7.18 31.71
C ARG D 418 3.01 7.48 32.75
N VAL D 419 3.93 8.37 32.40
CA VAL D 419 5.01 8.80 33.30
C VAL D 419 4.51 9.77 34.36
N ARG D 420 3.67 10.71 33.95
CA ARG D 420 3.06 11.64 34.87
C ARG D 420 2.09 10.92 35.77
N LEU D 421 1.50 9.85 35.25
CA LEU D 421 0.60 9.00 36.01
C LEU D 421 1.32 8.27 37.12
N ALA D 422 2.51 7.73 36.83
CA ALA D 422 3.29 7.01 37.85
C ALA D 422 3.71 7.94 38.99
N ILE D 423 4.03 9.18 38.62
CA ILE D 423 4.44 10.19 39.58
C ILE D 423 3.33 10.54 40.57
N ILE D 424 2.11 10.63 40.06
CA ILE D 424 0.92 10.86 40.90
C ILE D 424 0.66 9.66 41.81
N GLU D 425 0.87 8.47 41.28
CA GLU D 425 0.67 7.24 42.05
C GLU D 425 1.69 7.07 43.15
N TYR D 426 2.91 7.55 42.91
CA TYR D 426 3.97 7.58 43.92
C TYR D 426 3.82 8.72 44.92
N MET D 427 3.06 9.75 44.55
CA MET D 427 2.88 10.94 45.37
C MET D 427 2.44 10.67 46.82
N PRO D 428 1.36 9.88 47.03
CA PRO D 428 0.96 9.64 48.42
C PRO D 428 1.93 8.69 49.13
N LEU D 429 2.65 7.88 48.36
CA LEU D 429 3.59 6.92 48.91
C LEU D 429 4.90 7.59 49.28
N LEU D 430 5.37 8.51 48.44
CA LEU D 430 6.56 9.32 48.76
C LEU D 430 6.20 10.46 49.71
N ALA D 431 5.49 10.09 50.76
CA ALA D 431 5.09 11.02 51.80
C ALA D 431 4.97 10.21 53.10
N GLY D 432 4.29 9.06 53.00
CA GLY D 432 4.15 8.13 54.12
C GLY D 432 5.36 7.26 54.35
N GLN D 433 6.11 7.01 53.27
CA GLN D 433 7.39 6.28 53.32
C GLN D 433 8.56 7.26 53.18
N LEU D 434 8.24 8.55 53.19
CA LEU D 434 9.22 9.64 53.22
C LEU D 434 9.10 10.40 54.53
N GLY D 435 8.01 11.16 54.69
CA GLY D 435 7.83 12.06 55.83
C GLY D 435 7.73 13.49 55.32
N VAL D 436 6.67 14.21 55.73
CA VAL D 436 6.34 15.44 55.03
C VAL D 436 5.86 16.70 55.78
N GLU D 437 6.69 17.73 55.60
CA GLU D 437 6.23 19.08 55.39
C GLU D 437 7.00 19.51 54.14
N PHE D 438 7.64 18.52 53.52
CA PHE D 438 8.34 18.62 52.23
C PHE D 438 7.38 19.05 51.12
N PHE D 439 6.09 18.75 51.29
CA PHE D 439 5.04 19.38 50.50
C PHE D 439 4.89 20.84 50.94
N ASP D 440 5.80 21.68 50.44
CA ASP D 440 5.82 23.10 50.78
C ASP D 440 5.04 23.94 49.75
N GLU D 441 5.69 24.95 49.17
CA GLU D 441 5.08 25.78 48.12
C GLU D 441 5.49 25.31 46.71
N LYS D 442 6.55 24.49 46.64
CA LYS D 442 7.06 23.98 45.38
C LYS D 442 6.26 22.77 44.86
N LEU D 443 6.03 21.79 45.74
CA LEU D 443 5.39 20.54 45.36
C LEU D 443 3.86 20.60 45.40
N ASN D 444 3.31 21.59 46.11
CA ASN D 444 1.87 21.74 46.25
C ASN D 444 1.15 22.29 45.01
N SER D 445 1.71 23.31 44.38
CA SER D 445 1.12 23.92 43.17
C SER D 445 1.39 23.08 41.93
N LEU D 446 2.09 21.97 42.14
CA LEU D 446 2.32 20.97 41.11
C LEU D 446 1.16 19.98 41.06
N CYS D 447 0.80 19.44 42.23
CA CYS D 447 -0.35 18.51 42.33
C CYS D 447 -1.65 19.17 41.89
N MET D 448 -1.72 20.48 42.08
CA MET D 448 -2.86 21.26 41.62
C MET D 448 -2.84 21.43 40.11
N ALA D 449 -1.64 21.57 39.54
CA ALA D 449 -1.49 21.68 38.09
C ALA D 449 -1.77 20.39 37.32
N TRP D 450 -2.00 19.28 38.04
CA TRP D 450 -2.38 18.00 37.42
C TRP D 450 -3.87 17.91 37.20
N LEU D 451 -4.61 18.76 37.92
CA LEU D 451 -6.07 18.78 37.84
C LEU D 451 -6.55 19.58 36.61
N VAL D 452 -5.61 19.95 35.75
CA VAL D 452 -5.91 20.66 34.51
C VAL D 452 -5.28 19.91 33.31
N ASP D 453 -4.63 18.79 33.60
CA ASP D 453 -3.90 18.00 32.61
C ASP D 453 -4.77 17.67 31.42
N HIS D 454 -4.21 17.81 30.23
CA HIS D 454 -4.95 17.56 28.98
C HIS D 454 -5.45 16.11 28.92
N VAL D 455 -4.72 15.20 29.55
CA VAL D 455 -5.12 13.79 29.63
C VAL D 455 -6.04 13.59 30.83
N TYR D 456 -7.24 13.07 30.59
CA TYR D 456 -8.20 12.88 31.69
C TYR D 456 -7.69 11.86 32.69
N ALA D 457 -7.14 10.76 32.19
CA ALA D 457 -6.62 9.68 33.02
C ALA D 457 -5.65 10.19 34.08
N ILE D 458 -5.10 11.38 33.85
CA ILE D 458 -4.24 12.07 34.82
C ILE D 458 -5.01 13.00 35.75
N ARG D 459 -6.03 13.67 35.21
CA ARG D 459 -6.89 14.52 36.02
C ARG D 459 -7.58 13.77 37.14
N GLU D 460 -8.16 12.61 36.80
CA GLU D 460 -8.84 11.74 37.77
C GLU D 460 -7.90 11.12 38.82
N ALA D 461 -6.72 10.70 38.38
CA ALA D 461 -5.71 10.19 39.29
C ALA D 461 -5.18 11.30 40.21
N ALA D 462 -5.23 12.55 39.75
CA ALA D 462 -4.82 13.72 40.53
C ALA D 462 -5.87 14.20 41.51
N THR D 463 -7.13 13.85 41.25
CA THR D 463 -8.25 14.10 42.18
C THR D 463 -8.15 13.14 43.36
N SER D 464 -7.94 11.86 43.07
CA SER D 464 -7.76 10.82 44.08
C SER D 464 -6.50 11.02 44.91
N ASN D 465 -5.49 11.64 44.30
CA ASN D 465 -4.21 11.87 44.95
C ASN D 465 -4.30 12.94 46.03
N LEU D 466 -5.10 13.98 45.76
CA LEU D 466 -5.32 15.05 46.71
C LEU D 466 -6.04 14.50 47.95
N LYS D 467 -7.06 13.67 47.70
CA LYS D 467 -7.78 12.93 48.74
C LYS D 467 -6.80 12.22 49.66
N LYS D 468 -6.13 11.20 49.13
CA LYS D 468 -5.15 10.40 49.86
C LYS D 468 -4.18 11.26 50.65
N LEU D 469 -3.88 12.45 50.10
CA LEU D 469 -2.94 13.37 50.72
C LEU D 469 -3.58 14.12 51.88
N VAL D 470 -4.81 14.60 51.68
CA VAL D 470 -5.55 15.31 52.74
C VAL D 470 -6.04 14.34 53.83
N GLU D 471 -6.21 13.07 53.48
CA GLU D 471 -6.48 12.00 54.46
C GLU D 471 -5.29 11.85 55.39
N LYS D 472 -4.09 12.00 54.82
CA LYS D 472 -2.86 11.85 55.57
C LYS D 472 -2.57 13.06 56.48
N PHE D 473 -2.93 14.27 56.03
CA PHE D 473 -2.54 15.49 56.74
C PHE D 473 -3.68 16.30 57.39
N GLY D 474 -4.93 15.91 57.13
CA GLY D 474 -6.09 16.56 57.76
C GLY D 474 -6.45 17.92 57.19
N LYS D 475 -7.37 18.59 57.88
CA LYS D 475 -7.87 19.91 57.47
C LYS D 475 -6.89 21.04 57.77
N GLU D 476 -5.93 20.76 58.65
CA GLU D 476 -5.00 21.76 59.18
C GLU D 476 -3.87 22.10 58.19
N TRP D 477 -3.32 21.09 57.53
CA TRP D 477 -2.33 21.26 56.47
C TRP D 477 -3.00 21.72 55.17
N ALA D 478 -4.26 21.31 54.99
CA ALA D 478 -5.06 21.69 53.82
C ALA D 478 -5.26 23.20 53.70
N HIS D 479 -5.82 23.82 54.75
CA HIS D 479 -6.05 25.26 54.79
C HIS D 479 -4.74 26.06 54.92
N ALA D 480 -3.70 25.41 55.47
CA ALA D 480 -2.40 26.07 55.63
C ALA D 480 -1.57 26.06 54.35
N THR D 481 -1.81 25.08 53.48
CA THR D 481 -0.96 24.89 52.29
C THR D 481 -1.71 24.87 50.95
N ILE D 482 -2.79 24.10 50.85
CA ILE D 482 -3.52 23.96 49.58
C ILE D 482 -4.46 25.14 49.29
N ILE D 483 -5.51 25.25 50.11
CA ILE D 483 -6.59 26.24 49.94
C ILE D 483 -6.13 27.69 49.67
N PRO D 484 -5.06 28.17 50.34
CA PRO D 484 -4.54 29.51 50.03
C PRO D 484 -4.19 29.72 48.56
N LYS D 485 -3.51 28.74 47.97
CA LYS D 485 -2.97 28.87 46.62
C LYS D 485 -4.04 28.75 45.53
N VAL D 486 -5.22 28.29 45.93
CA VAL D 486 -6.39 28.21 45.05
C VAL D 486 -7.12 29.57 45.00
N LEU D 487 -6.81 30.42 45.99
CA LEU D 487 -7.34 31.79 46.03
C LEU D 487 -6.47 32.76 45.23
N ALA D 488 -5.49 32.24 44.51
CA ALA D 488 -4.62 33.05 43.66
C ALA D 488 -5.00 32.90 42.19
N MET D 489 -5.50 31.73 41.82
CA MET D 489 -5.92 31.45 40.45
C MET D 489 -7.26 32.10 40.10
N SER D 490 -7.42 33.35 40.52
CA SER D 490 -8.63 34.13 40.23
C SER D 490 -8.41 35.04 39.02
N GLY D 491 -7.32 35.82 39.04
CA GLY D 491 -6.90 36.62 37.89
C GLY D 491 -6.45 35.71 36.77
N ASP D 492 -7.42 35.26 35.97
CA ASP D 492 -7.27 34.08 35.10
C ASP D 492 -7.91 34.30 33.71
N PRO D 493 -7.08 34.27 32.64
CA PRO D 493 -7.60 34.35 31.28
C PRO D 493 -7.81 32.97 30.63
N ASN D 494 -7.99 31.96 31.47
CA ASN D 494 -8.09 30.58 31.02
C ASN D 494 -8.96 29.78 32.00
N TYR D 495 -10.18 29.43 31.56
CA TYR D 495 -11.21 28.84 32.44
C TYR D 495 -10.90 27.47 33.07
N LEU D 496 -9.82 26.84 32.62
CA LEU D 496 -9.35 25.55 33.16
C LEU D 496 -8.86 25.66 34.62
N HIS D 497 -8.26 26.79 34.98
CA HIS D 497 -7.71 27.01 36.32
C HIS D 497 -8.81 27.00 37.38
N ARG D 498 -9.98 27.53 37.02
CA ARG D 498 -11.14 27.57 37.92
C ARG D 498 -12.02 26.33 37.79
N MET D 499 -11.89 25.62 36.66
CA MET D 499 -12.56 24.33 36.43
C MET D 499 -11.99 23.30 37.40
N THR D 500 -10.75 23.55 37.82
CA THR D 500 -10.09 22.85 38.90
C THR D 500 -10.85 23.11 40.19
N THR D 501 -10.83 24.37 40.62
CA THR D 501 -11.36 24.83 41.91
C THR D 501 -12.66 24.14 42.31
N LEU D 502 -13.49 23.81 41.32
CA LEU D 502 -14.83 23.28 41.51
C LEU D 502 -14.86 21.85 42.08
N PHE D 503 -14.30 20.91 41.33
CA PHE D 503 -14.31 19.49 41.71
C PHE D 503 -13.42 19.19 42.92
N CYS D 504 -12.54 20.13 43.27
CA CYS D 504 -11.74 20.05 44.49
C CYS D 504 -12.69 19.88 45.67
N ILE D 505 -13.54 20.88 45.84
CA ILE D 505 -14.51 20.99 46.94
C ILE D 505 -15.46 19.79 47.03
N ASN D 506 -15.85 19.26 45.86
CA ASN D 506 -16.69 18.06 45.78
C ASN D 506 -16.03 16.78 46.30
N VAL D 507 -14.71 16.83 46.48
CA VAL D 507 -13.94 15.67 46.93
C VAL D 507 -13.08 16.00 48.18
N LEU D 508 -12.84 17.29 48.42
CA LEU D 508 -12.06 17.75 49.58
C LEU D 508 -12.91 17.94 50.84
N SER D 509 -14.18 18.29 50.66
CA SER D 509 -15.10 18.56 51.77
C SER D 509 -15.26 17.39 52.74
N GLU D 510 -15.01 16.17 52.24
CA GLU D 510 -15.17 14.94 53.03
C GLU D 510 -13.93 14.62 53.87
N VAL D 511 -12.75 14.87 53.29
CA VAL D 511 -11.47 14.53 53.93
C VAL D 511 -10.95 15.65 54.85
N CYS D 512 -11.85 16.52 55.29
CA CYS D 512 -11.54 17.57 56.25
C CYS D 512 -12.45 17.45 57.48
N GLY D 513 -13.63 18.05 57.38
CA GLY D 513 -14.60 18.06 58.46
C GLY D 513 -15.67 19.12 58.24
N GLN D 514 -15.80 20.01 59.23
CA GLN D 514 -16.83 21.04 59.21
C GLN D 514 -16.27 22.44 59.51
N ASP D 515 -15.22 22.48 60.33
CA ASP D 515 -14.66 23.74 60.85
C ASP D 515 -14.00 24.60 59.77
N ILE D 516 -13.33 23.95 58.81
CA ILE D 516 -12.64 24.64 57.71
C ILE D 516 -13.37 24.44 56.36
N THR D 517 -14.33 23.52 56.34
CA THR D 517 -15.15 23.26 55.17
C THR D 517 -16.29 24.27 55.02
N THR D 518 -16.65 24.94 56.12
CA THR D 518 -17.79 25.85 56.15
C THR D 518 -17.39 27.33 56.07
N LYS D 519 -16.29 27.69 56.75
CA LYS D 519 -15.80 29.07 56.75
C LYS D 519 -14.92 29.38 55.54
N HIS D 520 -14.43 28.33 54.87
CA HIS D 520 -13.57 28.49 53.71
C HIS D 520 -14.12 27.75 52.48
N MET D 521 -14.34 26.44 52.60
CA MET D 521 -14.88 25.66 51.49
C MET D 521 -16.38 25.92 51.30
N LEU D 522 -16.73 27.20 51.28
CA LEU D 522 -18.10 27.69 51.05
C LEU D 522 -18.11 29.17 50.59
N PRO D 523 -17.59 30.12 51.42
CA PRO D 523 -17.55 31.52 50.96
C PRO D 523 -16.45 31.76 49.94
N THR D 524 -15.57 30.77 49.77
CA THR D 524 -14.56 30.76 48.71
C THR D 524 -15.24 30.59 47.34
N VAL D 525 -16.14 29.61 47.27
CA VAL D 525 -16.78 29.19 46.01
C VAL D 525 -17.63 30.29 45.38
N LEU D 526 -18.58 30.81 46.17
CA LEU D 526 -19.62 31.70 45.69
C LEU D 526 -19.13 33.16 45.54
N ARG D 527 -17.93 33.43 46.05
CA ARG D 527 -17.24 34.70 45.84
C ARG D 527 -16.87 34.85 44.35
N MET D 528 -16.62 33.71 43.70
CA MET D 528 -16.30 33.68 42.28
C MET D 528 -17.56 33.55 41.41
N ALA D 529 -18.12 34.69 41.03
CA ALA D 529 -19.33 34.74 40.22
C ALA D 529 -19.24 35.87 39.19
N GLY D 530 -19.48 35.54 37.92
CA GLY D 530 -19.38 36.51 36.82
C GLY D 530 -18.35 36.06 35.80
N ASP D 531 -18.57 34.86 35.26
CA ASP D 531 -17.60 34.14 34.40
C ASP D 531 -17.87 34.38 32.91
N PRO D 532 -16.92 35.02 32.18
CA PRO D 532 -17.01 35.15 30.72
C PRO D 532 -17.08 33.80 29.97
N VAL D 533 -16.69 32.71 30.64
CA VAL D 533 -16.82 31.36 30.10
C VAL D 533 -17.94 30.63 30.85
N ALA D 534 -18.58 29.67 30.19
CA ALA D 534 -19.79 29.04 30.72
C ALA D 534 -19.56 28.00 31.82
N ASN D 535 -19.22 26.77 31.41
CA ASN D 535 -19.25 25.56 32.26
C ASN D 535 -18.99 25.71 33.76
N VAL D 536 -17.97 26.48 34.13
CA VAL D 536 -17.55 26.62 35.54
C VAL D 536 -18.65 27.23 36.41
N ARG D 537 -19.59 27.92 35.76
CA ARG D 537 -20.74 28.48 36.45
C ARG D 537 -21.75 27.41 36.89
N PHE D 538 -22.42 26.76 35.93
CA PHE D 538 -23.53 25.84 36.25
C PHE D 538 -23.13 24.61 37.08
N ASN D 539 -21.83 24.31 37.10
CA ASN D 539 -21.29 23.22 37.92
C ASN D 539 -21.09 23.63 39.38
N VAL D 540 -21.35 24.89 39.69
CA VAL D 540 -21.43 25.38 41.07
C VAL D 540 -22.64 24.73 41.75
N ALA D 541 -23.61 24.32 40.94
CA ALA D 541 -24.76 23.54 41.41
C ALA D 541 -24.33 22.11 41.81
N LYS D 542 -23.54 21.48 40.96
CA LYS D 542 -22.95 20.18 41.25
C LYS D 542 -21.79 20.31 42.25
N SER D 543 -21.73 21.46 42.92
CA SER D 543 -20.74 21.74 43.96
C SER D 543 -21.36 21.68 45.35
N LEU D 544 -22.22 22.66 45.67
CA LEU D 544 -22.85 22.77 46.99
C LEU D 544 -23.78 21.59 47.32
N GLN D 545 -24.27 20.92 46.27
CA GLN D 545 -25.02 19.68 46.37
C GLN D 545 -24.28 18.65 47.22
N LYS D 546 -23.00 18.46 46.90
CA LYS D 546 -22.12 17.55 47.63
C LYS D 546 -21.98 17.94 49.10
N ILE D 547 -21.64 19.20 49.35
CA ILE D 547 -21.56 19.72 50.73
C ILE D 547 -22.97 20.01 51.27
N GLY D 548 -23.86 19.04 51.10
CA GLY D 548 -25.25 19.16 51.53
C GLY D 548 -25.48 18.79 52.99
N PRO D 549 -25.44 17.47 53.31
CA PRO D 549 -25.45 17.03 54.71
C PRO D 549 -24.19 17.44 55.49
N ILE D 550 -23.07 17.63 54.77
CA ILE D 550 -21.78 18.00 55.35
C ILE D 550 -21.82 19.37 56.07
N LEU D 551 -22.24 20.42 55.36
CA LEU D 551 -22.43 21.75 55.98
C LEU D 551 -23.49 21.67 57.08
N ASP D 552 -23.22 22.35 58.19
CA ASP D 552 -24.02 22.28 59.42
C ASP D 552 -25.55 22.32 59.21
N ASN D 553 -26.28 21.64 60.09
CA ASN D 553 -27.73 21.55 60.02
C ASN D 553 -28.44 22.88 60.38
N SER D 554 -27.81 23.99 60.00
CA SER D 554 -28.38 25.33 60.15
C SER D 554 -27.74 26.30 59.13
N THR D 555 -26.64 25.88 58.52
CA THR D 555 -25.94 26.65 57.49
C THR D 555 -26.65 26.50 56.14
N LEU D 556 -27.38 25.40 55.97
CA LEU D 556 -28.19 25.15 54.78
C LEU D 556 -29.27 26.21 54.53
N GLN D 557 -29.39 27.14 55.48
CA GLN D 557 -30.45 28.14 55.46
C GLN D 557 -29.93 29.59 55.41
N SER D 558 -28.78 29.84 56.03
CA SER D 558 -28.21 31.19 56.08
C SER D 558 -27.10 31.43 55.06
N GLU D 559 -26.66 30.37 54.39
CA GLU D 559 -25.57 30.46 53.41
C GLU D 559 -25.79 29.59 52.15
N VAL D 560 -26.41 28.42 52.32
CA VAL D 560 -26.68 27.51 51.20
C VAL D 560 -27.87 27.99 50.36
N LYS D 561 -28.96 28.34 51.05
CA LYS D 561 -30.23 28.71 50.38
C LYS D 561 -30.35 30.16 49.90
N PRO D 562 -29.79 31.14 50.65
CA PRO D 562 -29.89 32.56 50.23
C PRO D 562 -29.13 32.92 48.95
N ILE D 563 -28.42 31.95 48.36
CA ILE D 563 -27.63 32.19 47.15
C ILE D 563 -28.07 31.26 45.99
N LEU D 564 -28.94 30.31 46.30
CA LEU D 564 -29.49 29.37 45.30
C LEU D 564 -30.43 30.03 44.27
N GLU D 565 -30.34 31.36 44.14
CA GLU D 565 -31.27 32.12 43.29
C GLU D 565 -30.58 33.07 42.31
N LYS D 566 -29.55 33.79 42.77
CA LYS D 566 -28.84 34.75 41.92
C LYS D 566 -28.08 34.05 40.79
N LEU D 567 -27.79 32.76 40.98
CA LEU D 567 -26.98 31.98 40.06
C LEU D 567 -27.72 31.60 38.78
N THR D 568 -28.95 31.10 38.91
CA THR D 568 -29.72 30.59 37.77
C THR D 568 -30.37 31.70 36.93
N GLN D 569 -29.54 32.61 36.42
CA GLN D 569 -29.98 33.73 35.57
C GLN D 569 -28.89 34.03 34.53
N ASP D 570 -28.57 33.04 33.70
CA ASP D 570 -27.47 33.16 32.74
C ASP D 570 -27.93 33.15 31.28
N GLN D 571 -27.43 32.16 30.52
CA GLN D 571 -27.72 32.02 29.09
C GLN D 571 -27.30 30.66 28.49
N ASP D 572 -26.56 29.86 29.27
CA ASP D 572 -26.01 28.60 28.74
C ASP D 572 -26.59 27.34 29.38
N VAL D 573 -27.12 26.48 28.52
CA VAL D 573 -27.61 25.12 28.85
C VAL D 573 -28.33 24.94 30.21
N ASP D 574 -28.19 23.75 30.79
CA ASP D 574 -28.81 23.40 32.06
C ASP D 574 -28.19 24.20 33.21
N VAL D 575 -29.03 24.95 33.90
CA VAL D 575 -28.63 25.70 35.09
C VAL D 575 -29.66 25.43 36.19
N LYS D 576 -30.86 25.02 35.77
CA LYS D 576 -32.00 24.88 36.67
C LYS D 576 -32.59 23.46 36.72
N TYR D 577 -32.26 22.61 35.75
CA TYR D 577 -32.63 21.19 35.80
C TYR D 577 -31.66 20.45 36.71
N PHE D 578 -30.37 20.55 36.39
CA PHE D 578 -29.30 19.96 37.21
C PHE D 578 -29.31 20.52 38.64
N ALA D 579 -29.60 21.82 38.76
CA ALA D 579 -29.53 22.53 40.05
C ALA D 579 -30.69 22.25 41.02
N GLN D 580 -31.88 21.99 40.48
CA GLN D 580 -33.06 21.72 41.31
C GLN D 580 -32.98 20.32 41.95
N GLU D 581 -32.10 19.48 41.41
CA GLU D 581 -31.77 18.19 42.01
C GLU D 581 -30.88 18.39 43.24
N ALA D 582 -30.31 19.59 43.35
CA ALA D 582 -29.53 20.01 44.53
C ALA D 582 -30.39 20.88 45.46
N LEU D 583 -31.64 20.47 45.63
CA LEU D 583 -32.60 21.10 46.54
C LEU D 583 -33.64 20.07 46.99
N THR D 584 -33.72 18.96 46.24
CA THR D 584 -34.67 17.88 46.50
C THR D 584 -34.22 16.96 47.64
N VAL D 585 -32.90 16.72 47.73
CA VAL D 585 -32.34 15.82 48.75
C VAL D 585 -31.36 16.55 49.69
N LEU D 586 -31.79 17.70 50.24
CA LEU D 586 -30.94 18.53 51.11
C LEU D 586 -31.65 19.20 52.30
N SER D 587 -32.91 18.83 52.56
CA SER D 587 -33.76 19.47 53.60
C SER D 587 -34.04 20.95 53.31
N LEU D 588 -34.78 21.20 52.23
CA LEU D 588 -35.07 22.56 51.76
C LEU D 588 -36.50 22.68 51.20
N ALA D 589 -37.45 21.98 51.82
CA ALA D 589 -38.84 21.93 51.33
C ALA D 589 -39.60 23.24 51.50
N MET E 1 -22.49 -6.50 -23.92
CA MET E 1 -23.80 -6.19 -23.26
C MET E 1 -24.74 -5.47 -24.19
N ASP E 2 -24.21 -4.56 -25.00
CA ASP E 2 -25.03 -3.88 -25.98
C ASP E 2 -25.61 -4.90 -26.94
N LYS E 3 -24.95 -6.07 -26.99
CA LYS E 3 -25.26 -7.10 -27.96
C LYS E 3 -26.22 -8.14 -27.39
N VAL E 4 -26.58 -7.98 -26.13
CA VAL E 4 -27.45 -8.93 -25.44
C VAL E 4 -28.89 -8.90 -25.95
N LEU E 5 -29.54 -7.75 -25.83
CA LEU E 5 -30.85 -7.51 -26.41
C LEU E 5 -30.70 -6.25 -27.26
N ASN E 6 -31.80 -5.69 -27.74
CA ASN E 6 -31.79 -4.36 -28.38
C ASN E 6 -32.46 -3.33 -27.46
N ARG E 7 -32.63 -2.08 -27.93
CA ARG E 7 -33.31 -1.06 -27.12
C ARG E 7 -34.74 -1.39 -26.71
N GLU E 8 -35.56 -1.80 -27.68
CA GLU E 8 -36.96 -2.14 -27.45
C GLU E 8 -37.13 -3.18 -26.32
N GLU E 9 -36.38 -4.28 -26.42
CA GLU E 9 -36.38 -5.32 -25.40
C GLU E 9 -35.77 -4.81 -24.10
N SER E 10 -34.55 -4.28 -24.21
CA SER E 10 -33.81 -3.66 -23.11
C SER E 10 -34.73 -2.95 -22.14
N LEU E 11 -35.58 -2.06 -22.65
CA LEU E 11 -36.48 -1.29 -21.79
C LEU E 11 -37.63 -2.13 -21.27
N GLN E 12 -38.22 -2.96 -22.14
CA GLN E 12 -39.35 -3.82 -21.76
C GLN E 12 -38.98 -4.71 -20.60
N LEU E 13 -37.88 -5.45 -20.72
CA LEU E 13 -37.48 -6.40 -19.68
C LEU E 13 -37.23 -5.68 -18.35
N MET E 14 -36.75 -4.44 -18.45
CA MET E 14 -36.45 -3.61 -17.29
C MET E 14 -37.71 -3.14 -16.59
N ASP E 15 -38.76 -2.91 -17.38
CA ASP E 15 -40.08 -2.60 -16.84
C ASP E 15 -40.72 -3.79 -16.16
N LEU E 16 -40.67 -4.96 -16.80
CA LEU E 16 -41.25 -6.18 -16.26
C LEU E 16 -40.48 -6.71 -15.03
N LEU E 17 -39.45 -6.00 -14.62
CA LEU E 17 -38.72 -6.36 -13.42
C LEU E 17 -38.94 -5.29 -12.36
N GLY E 18 -39.64 -4.23 -12.74
CA GLY E 18 -39.80 -3.08 -11.86
C GLY E 18 -38.44 -2.56 -11.41
N LEU E 19 -37.50 -2.52 -12.35
CA LEU E 19 -36.17 -2.07 -12.06
C LEU E 19 -35.91 -0.74 -12.72
N GLU E 20 -35.38 0.19 -11.94
CA GLU E 20 -35.04 1.52 -12.46
C GLU E 20 -34.44 1.33 -13.85
N ARG E 21 -35.11 1.90 -14.85
CA ARG E 21 -34.72 1.72 -16.24
C ARG E 21 -33.22 2.02 -16.53
N SER E 22 -32.60 2.80 -15.64
CA SER E 22 -31.20 3.19 -15.76
C SER E 22 -30.19 2.06 -15.52
N ALA E 23 -30.66 0.92 -15.01
CA ALA E 23 -29.79 -0.14 -14.46
C ALA E 23 -29.60 -1.35 -15.38
N TRP E 24 -29.80 -1.14 -16.67
CA TRP E 24 -29.49 -2.18 -17.65
C TRP E 24 -27.99 -2.35 -17.63
N GLY E 25 -27.55 -3.60 -17.50
CA GLY E 25 -26.12 -3.92 -17.51
C GLY E 25 -25.64 -4.42 -16.16
N ASN E 26 -26.49 -4.22 -15.16
CA ASN E 26 -26.21 -4.71 -13.83
C ASN E 26 -26.79 -6.09 -13.63
N ILE E 27 -26.07 -7.12 -14.05
CA ILE E 27 -26.58 -8.48 -14.03
C ILE E 27 -27.10 -8.94 -12.66
N PRO E 28 -26.30 -8.76 -11.58
CA PRO E 28 -26.79 -9.25 -10.27
C PRO E 28 -28.07 -8.58 -9.72
N LEU E 29 -28.31 -7.30 -10.05
CA LEU E 29 -29.58 -6.65 -9.72
C LEU E 29 -30.69 -7.37 -10.46
N MET E 30 -30.64 -7.29 -11.79
CA MET E 30 -31.59 -7.92 -12.70
C MET E 30 -31.92 -9.36 -12.35
N ARG E 31 -30.88 -10.12 -12.01
CA ARG E 31 -31.04 -11.51 -11.58
C ARG E 31 -31.96 -11.57 -10.38
N LYS E 32 -31.58 -10.88 -9.32
CA LYS E 32 -32.32 -10.99 -8.06
C LYS E 32 -33.68 -10.30 -8.09
N ALA E 33 -33.82 -9.29 -8.94
CA ALA E 33 -35.10 -8.63 -9.16
C ALA E 33 -36.06 -9.53 -9.93
N TYR E 34 -35.51 -10.55 -10.59
CA TYR E 34 -36.31 -11.53 -11.34
C TYR E 34 -36.64 -12.75 -10.46
N LEU E 35 -35.74 -13.07 -9.54
CA LEU E 35 -35.95 -14.11 -8.52
C LEU E 35 -36.92 -13.60 -7.45
N LYS E 36 -37.31 -12.33 -7.57
CA LYS E 36 -38.22 -11.64 -6.63
C LYS E 36 -39.62 -11.48 -7.24
N LYS E 37 -39.68 -11.35 -8.56
CA LYS E 37 -40.93 -11.33 -9.32
C LYS E 37 -41.50 -12.75 -9.46
N CYS E 38 -40.63 -13.74 -9.53
CA CYS E 38 -41.03 -15.15 -9.62
C CYS E 38 -41.66 -15.61 -8.32
N LYS E 39 -41.37 -14.92 -7.23
CA LYS E 39 -41.99 -15.22 -5.95
C LYS E 39 -43.46 -14.73 -5.97
N GLU E 40 -43.78 -13.89 -6.95
CA GLU E 40 -45.17 -13.44 -7.21
C GLU E 40 -45.84 -14.08 -8.45
N PHE E 41 -45.63 -15.40 -8.62
CA PHE E 41 -46.25 -16.19 -9.70
C PHE E 41 -46.82 -17.52 -9.17
N HIS E 42 -46.93 -18.52 -10.04
CA HIS E 42 -47.64 -19.77 -9.74
C HIS E 42 -49.13 -19.42 -9.48
N PRO E 43 -49.83 -20.16 -8.60
CA PRO E 43 -51.07 -19.51 -8.12
C PRO E 43 -50.76 -18.17 -7.43
N ASP E 44 -50.86 -17.07 -8.19
CA ASP E 44 -50.39 -15.72 -7.76
C ASP E 44 -51.30 -15.07 -6.72
N ASP E 48 -50.77 -9.11 -16.12
CA ASP E 48 -51.09 -9.74 -14.84
C ASP E 48 -50.55 -11.17 -14.79
N GLU E 49 -50.82 -11.92 -15.85
CA GLU E 49 -50.29 -13.27 -16.05
C GLU E 49 -49.67 -13.34 -17.44
N GLU E 50 -50.17 -12.51 -18.34
CA GLU E 50 -49.64 -12.41 -19.70
C GLU E 50 -48.27 -11.76 -19.68
N LYS E 51 -47.99 -11.03 -18.61
CA LYS E 51 -46.69 -10.43 -18.31
C LYS E 51 -45.75 -11.47 -17.68
N MET E 52 -46.31 -12.29 -16.79
CA MET E 52 -45.60 -13.36 -16.07
C MET E 52 -44.79 -14.29 -16.98
N LYS E 53 -45.29 -14.54 -18.19
CA LYS E 53 -44.61 -15.39 -19.16
C LYS E 53 -43.88 -14.57 -20.23
N LYS E 54 -44.09 -13.26 -20.19
CA LYS E 54 -43.42 -12.33 -21.09
C LYS E 54 -42.08 -11.93 -20.49
N MET E 55 -42.09 -11.57 -19.20
CA MET E 55 -40.84 -11.32 -18.50
C MET E 55 -39.90 -12.50 -18.72
N ASN E 56 -40.46 -13.71 -18.69
CA ASN E 56 -39.74 -14.94 -19.03
C ASN E 56 -39.12 -14.90 -20.42
N THR E 57 -39.95 -14.89 -21.45
CA THR E 57 -39.46 -14.92 -22.83
C THR E 57 -38.34 -13.92 -23.04
N LEU E 58 -38.47 -12.74 -22.42
CA LEU E 58 -37.42 -11.75 -22.48
C LEU E 58 -36.22 -12.21 -21.67
N TYR E 59 -36.43 -12.48 -20.40
CA TYR E 59 -35.34 -12.78 -19.49
C TYR E 59 -34.50 -13.98 -19.92
N LYS E 60 -35.15 -15.00 -20.47
CA LYS E 60 -34.44 -16.17 -20.99
C LYS E 60 -33.55 -15.80 -22.17
N LYS E 61 -33.98 -14.86 -23.00
CA LYS E 61 -33.19 -14.42 -24.16
C LYS E 61 -31.97 -13.62 -23.72
N MET E 62 -32.12 -12.91 -22.61
CA MET E 62 -30.99 -12.15 -22.08
C MET E 62 -30.00 -13.04 -21.35
N GLU E 63 -30.49 -14.05 -20.62
CA GLU E 63 -29.61 -14.95 -19.87
C GLU E 63 -28.63 -15.61 -20.83
N ASP E 64 -29.09 -15.93 -22.04
CA ASP E 64 -28.25 -16.57 -23.05
C ASP E 64 -27.30 -15.58 -23.73
N GLY E 65 -27.79 -14.40 -24.07
CA GLY E 65 -26.97 -13.33 -24.63
C GLY E 65 -25.80 -12.97 -23.71
N VAL E 66 -26.09 -12.97 -22.42
CA VAL E 66 -25.12 -12.70 -21.37
C VAL E 66 -24.16 -13.89 -21.21
N LYS E 67 -24.65 -15.11 -21.47
CA LYS E 67 -23.79 -16.29 -21.41
C LYS E 67 -22.72 -16.25 -22.51
N TYR E 68 -23.03 -15.57 -23.62
CA TYR E 68 -22.07 -15.35 -24.70
C TYR E 68 -21.06 -14.28 -24.28
N ALA E 69 -21.58 -13.22 -23.68
CA ALA E 69 -20.73 -12.12 -23.17
C ALA E 69 -19.62 -12.63 -22.25
N HIS E 70 -19.90 -13.70 -21.51
CA HIS E 70 -18.97 -14.28 -20.54
C HIS E 70 -18.07 -15.38 -21.10
N GLN E 71 -18.34 -15.82 -22.33
CA GLN E 71 -17.48 -16.79 -23.01
C GLN E 71 -16.11 -16.14 -23.23
N PRO E 72 -15.02 -16.88 -22.94
CA PRO E 72 -13.68 -16.31 -23.12
C PRO E 72 -13.26 -16.36 -24.58
N ASP E 73 -12.29 -15.53 -24.95
CA ASP E 73 -11.82 -15.50 -26.34
C ASP E 73 -11.18 -16.82 -26.74
N PHE E 74 -11.53 -17.30 -27.94
CA PHE E 74 -10.96 -18.52 -28.54
C PHE E 74 -11.39 -19.82 -27.87
N GLY E 75 -12.36 -19.75 -26.97
CA GLY E 75 -12.86 -20.92 -26.27
C GLY E 75 -11.92 -21.45 -25.20
N GLY E 76 -11.15 -20.55 -24.58
CA GLY E 76 -10.22 -20.91 -23.51
C GLY E 76 -8.86 -21.39 -23.97
N PHE E 77 -8.78 -21.86 -25.22
CA PHE E 77 -7.52 -22.24 -25.86
C PHE E 77 -6.93 -20.95 -26.46
N TRP E 78 -5.60 -20.84 -26.46
CA TRP E 78 -4.90 -19.66 -27.00
C TRP E 78 -4.87 -18.44 -26.06
N ALA E 85 -6.33 -17.82 -10.61
CA ALA E 85 -7.40 -17.31 -9.75
C ALA E 85 -8.77 -17.45 -10.45
N SER E 86 -9.47 -18.55 -10.18
CA SER E 86 -10.78 -18.83 -10.80
C SER E 86 -11.69 -19.83 -10.06
N SER E 87 -12.47 -19.34 -9.09
CA SER E 87 -13.49 -20.15 -8.42
C SER E 87 -14.92 -19.61 -8.62
N LEU E 88 -15.36 -18.72 -7.71
CA LEU E 88 -16.71 -18.14 -7.76
C LEU E 88 -16.69 -16.64 -7.46
N ASN E 89 -17.37 -16.21 -6.39
CA ASN E 89 -17.43 -14.80 -6.02
C ASN E 89 -16.25 -14.39 -5.15
N PRO E 90 -15.52 -13.31 -5.51
CA PRO E 90 -14.33 -12.90 -4.76
C PRO E 90 -14.38 -13.21 -3.26
N GLY E 91 -15.25 -12.53 -2.52
CA GLY E 91 -15.42 -12.82 -1.10
C GLY E 91 -14.16 -12.59 -0.26
N VAL E 92 -14.16 -13.09 0.98
CA VAL E 92 -13.10 -12.83 1.98
C VAL E 92 -12.56 -11.39 1.90
N ASP E 93 -11.30 -11.19 2.27
CA ASP E 93 -10.67 -9.88 2.05
C ASP E 93 -10.02 -9.79 0.67
N ALA E 94 -10.83 -10.00 -0.38
CA ALA E 94 -10.38 -9.78 -1.75
C ALA E 94 -9.97 -8.33 -1.82
N ILE E 95 -9.05 -8.00 -2.72
CA ILE E 95 -8.60 -6.61 -2.80
C ILE E 95 -8.99 -5.96 -4.13
N TYR E 96 -10.06 -5.18 -4.11
CA TYR E 96 -10.66 -4.62 -5.34
C TYR E 96 -9.84 -3.49 -5.88
N CYS E 97 -9.46 -2.55 -5.02
CA CYS E 97 -8.45 -1.55 -5.37
C CYS E 97 -7.30 -1.80 -4.42
N LYS E 98 -6.29 -0.92 -4.38
CA LYS E 98 -5.18 -1.16 -3.43
C LYS E 98 -4.58 0.16 -3.01
N GLN E 99 -4.99 1.20 -3.72
CA GLN E 99 -4.70 2.57 -3.36
C GLN E 99 -5.74 3.30 -4.18
N TRP E 100 -6.37 4.34 -3.63
CA TRP E 100 -7.45 4.94 -4.38
C TRP E 100 -7.02 5.57 -5.69
N PRO E 101 -6.31 6.73 -5.67
CA PRO E 101 -6.14 7.33 -7.01
C PRO E 101 -5.31 6.43 -7.93
N GLU E 102 -4.23 5.85 -7.39
CA GLU E 102 -3.19 5.18 -8.18
C GLU E 102 -3.65 4.04 -9.06
N CYS E 103 -4.15 2.95 -8.48
CA CYS E 103 -4.57 1.81 -9.29
C CYS E 103 -5.50 2.25 -10.42
N VAL E 104 -6.24 3.35 -10.21
CA VAL E 104 -7.20 3.84 -11.20
C VAL E 104 -6.60 4.83 -12.20
N LYS E 105 -6.12 5.98 -11.71
CA LYS E 105 -5.51 7.00 -12.57
C LYS E 105 -4.32 6.40 -13.31
N LYS E 106 -3.58 7.25 -14.01
CA LYS E 106 -2.28 6.86 -14.59
C LYS E 106 -1.57 5.91 -13.60
N MET E 107 -1.92 4.62 -13.70
CA MET E 107 -1.61 3.59 -12.72
C MET E 107 -0.15 3.54 -12.27
N SER E 108 0.05 3.13 -11.01
CA SER E 108 1.34 2.61 -10.54
C SER E 108 1.10 1.14 -10.21
N THR E 109 1.77 0.24 -10.93
CA THR E 109 1.15 -1.09 -11.20
C THR E 109 1.75 -2.41 -10.65
N ASN E 110 2.82 -2.33 -9.85
CA ASN E 110 3.39 -3.55 -9.25
C ASN E 110 2.40 -4.47 -8.45
N CYS E 111 1.08 -4.18 -8.51
CA CYS E 111 0.05 -5.07 -7.88
C CYS E 111 -0.97 -5.74 -8.76
N ILE E 112 -1.61 -6.72 -8.13
CA ILE E 112 -2.68 -7.50 -8.69
C ILE E 112 -3.93 -7.44 -7.79
N CYS E 113 -4.59 -6.29 -7.86
CA CYS E 113 -5.89 -6.07 -7.26
C CYS E 113 -6.86 -6.21 -8.45
N LEU E 114 -8.06 -6.74 -8.21
CA LEU E 114 -9.02 -6.98 -9.31
C LEU E 114 -9.06 -5.83 -10.33
N LEU E 115 -8.81 -4.61 -9.85
CA LEU E 115 -8.87 -3.46 -10.72
C LEU E 115 -7.77 -3.55 -11.73
N CYS E 116 -6.56 -3.85 -11.24
CA CYS E 116 -5.31 -3.85 -12.02
C CYS E 116 -5.20 -5.11 -12.87
N LEU E 117 -5.74 -6.21 -12.36
CA LEU E 117 -5.81 -7.47 -13.08
C LEU E 117 -6.71 -7.28 -14.30
N LEU E 118 -7.95 -6.92 -14.05
CA LEU E 118 -8.90 -6.74 -15.13
C LEU E 118 -8.38 -5.75 -16.15
N ARG E 119 -7.71 -4.70 -15.71
CA ARG E 119 -7.15 -3.70 -16.63
C ARG E 119 -6.05 -4.31 -17.51
N MET E 120 -5.22 -5.17 -16.92
CA MET E 120 -4.24 -5.94 -17.68
C MET E 120 -4.99 -6.85 -18.65
N LYS E 121 -5.96 -7.62 -18.16
CA LYS E 121 -6.80 -8.45 -19.03
C LYS E 121 -7.28 -7.69 -20.27
N HIS E 122 -7.67 -6.43 -20.10
CA HIS E 122 -8.25 -5.68 -21.21
C HIS E 122 -7.18 -5.34 -22.23
N GLU E 123 -6.08 -4.74 -21.78
CA GLU E 123 -5.03 -4.30 -22.72
C GLU E 123 -4.23 -5.47 -23.28
N ASN E 124 -4.53 -6.67 -22.79
CA ASN E 124 -4.02 -7.92 -23.31
C ASN E 124 -4.94 -8.44 -24.41
N ARG E 125 -6.25 -8.35 -24.19
CA ARG E 125 -7.22 -8.81 -25.20
C ARG E 125 -7.30 -7.83 -26.36
N LYS E 126 -7.18 -6.55 -26.07
CA LYS E 126 -7.38 -5.58 -27.15
C LYS E 126 -6.25 -5.66 -28.18
N LEU E 127 -5.24 -6.49 -27.90
CA LEU E 127 -4.14 -6.77 -28.84
C LEU E 127 -4.58 -7.60 -30.04
N TYR E 128 -5.46 -8.58 -29.79
CA TYR E 128 -5.94 -9.47 -30.84
C TYR E 128 -7.37 -9.19 -31.27
N ARG E 129 -8.06 -8.36 -30.50
CA ARG E 129 -9.41 -7.94 -30.87
C ARG E 129 -9.33 -6.62 -31.62
N LYS E 130 -9.77 -6.65 -32.86
CA LYS E 130 -9.89 -5.45 -33.67
C LYS E 130 -11.17 -4.77 -33.18
N ASP E 131 -12.12 -5.62 -32.77
CA ASP E 131 -13.31 -5.27 -32.00
C ASP E 131 -13.00 -4.29 -30.85
N PRO E 132 -13.90 -3.33 -30.57
CA PRO E 132 -13.86 -2.62 -29.28
C PRO E 132 -14.64 -3.40 -28.21
N LEU E 133 -14.10 -3.46 -26.99
CA LEU E 133 -14.71 -4.21 -25.87
C LEU E 133 -15.70 -3.36 -25.09
N VAL E 134 -16.77 -3.98 -24.57
CA VAL E 134 -17.75 -3.27 -23.76
C VAL E 134 -18.14 -4.05 -22.50
N TRP E 135 -18.91 -3.41 -21.63
CA TRP E 135 -19.30 -3.95 -20.31
C TRP E 135 -19.97 -5.31 -20.42
N VAL E 136 -19.65 -6.16 -19.45
CA VAL E 136 -19.84 -7.63 -19.46
C VAL E 136 -19.16 -8.45 -20.57
N ASP E 137 -18.42 -7.81 -21.46
CA ASP E 137 -17.43 -8.59 -22.18
C ASP E 137 -16.16 -8.46 -21.35
N CYS E 138 -15.66 -7.23 -21.25
CA CYS E 138 -14.73 -6.85 -20.21
C CYS E 138 -15.52 -6.48 -18.95
N TYR E 139 -14.85 -6.37 -17.80
CA TYR E 139 -15.50 -6.03 -16.52
C TYR E 139 -14.64 -5.01 -15.76
N CYS E 140 -13.58 -4.56 -16.42
CA CYS E 140 -12.64 -3.62 -15.84
C CYS E 140 -13.37 -2.34 -15.53
N PHE E 141 -12.78 -1.54 -14.63
CA PHE E 141 -13.34 -0.23 -14.28
C PHE E 141 -13.64 0.61 -15.50
N ASP E 142 -12.67 0.75 -16.41
CA ASP E 142 -12.86 1.63 -17.58
C ASP E 142 -14.12 1.27 -18.37
N CYS E 143 -14.31 -0.02 -18.62
CA CYS E 143 -15.47 -0.51 -19.36
C CYS E 143 -16.80 -0.24 -18.63
N PHE E 144 -16.77 -0.37 -17.29
CA PHE E 144 -17.91 -0.09 -16.43
C PHE E 144 -18.18 1.37 -16.45
N ARG E 145 -17.21 2.15 -16.05
CA ARG E 145 -17.41 3.58 -15.94
C ARG E 145 -17.88 4.13 -17.25
N MET E 146 -17.62 3.38 -18.31
CA MET E 146 -17.99 3.75 -19.66
C MET E 146 -19.46 3.54 -19.87
N TRP E 147 -19.96 2.42 -19.38
CA TRP E 147 -21.30 1.93 -19.76
C TRP E 147 -22.41 2.76 -19.13
N PHE E 148 -22.47 2.74 -17.80
CA PHE E 148 -23.23 3.74 -17.06
C PHE E 148 -22.53 5.08 -17.30
N GLY E 149 -23.12 6.19 -16.89
CA GLY E 149 -22.53 7.46 -17.31
C GLY E 149 -21.58 8.08 -16.30
N LEU E 150 -20.69 7.28 -15.74
CA LEU E 150 -20.15 7.59 -14.41
C LEU E 150 -18.80 8.31 -14.32
N ASP E 151 -18.70 9.25 -13.38
CA ASP E 151 -17.51 10.08 -13.21
C ASP E 151 -16.50 9.38 -12.32
N LEU E 152 -15.24 9.44 -12.74
CA LEU E 152 -14.11 8.90 -11.98
C LEU E 152 -14.07 9.51 -10.58
N CYS E 153 -14.68 8.83 -9.63
CA CYS E 153 -14.68 9.28 -8.25
C CYS E 153 -14.82 8.11 -7.28
N GLU E 154 -14.48 8.37 -6.02
CA GLU E 154 -14.48 7.35 -5.00
C GLU E 154 -15.87 6.72 -4.75
N GLY E 155 -16.93 7.41 -5.17
CA GLY E 155 -18.26 6.80 -5.18
C GLY E 155 -18.33 5.69 -6.23
N THR E 156 -18.11 6.07 -7.49
CA THR E 156 -18.13 5.16 -8.66
C THR E 156 -17.37 3.84 -8.44
N LEU E 157 -16.22 3.88 -7.76
CA LEU E 157 -15.49 2.64 -7.47
C LEU E 157 -16.32 1.68 -6.61
N LEU E 158 -16.83 2.17 -5.49
CA LEU E 158 -17.73 1.39 -4.63
C LEU E 158 -18.91 0.73 -5.36
N LEU E 159 -19.49 1.43 -6.33
CA LEU E 159 -20.60 0.88 -7.13
C LEU E 159 -20.14 -0.29 -8.00
N TRP E 160 -19.07 -0.07 -8.75
CA TRP E 160 -18.35 -1.09 -9.56
C TRP E 160 -17.99 -2.34 -8.77
N CYS E 161 -17.35 -2.13 -7.64
CA CYS E 161 -16.89 -3.29 -6.92
C CYS E 161 -17.96 -3.86 -6.01
N ASP E 162 -19.18 -3.37 -6.17
CA ASP E 162 -20.36 -4.01 -5.60
C ASP E 162 -20.95 -5.02 -6.60
N ILE E 163 -20.76 -4.77 -7.90
CA ILE E 163 -21.16 -5.78 -8.87
C ILE E 163 -20.07 -6.89 -9.02
N ILE E 164 -18.80 -6.50 -8.95
CA ILE E 164 -17.68 -7.46 -9.04
C ILE E 164 -17.75 -8.47 -7.90
N GLY E 165 -17.98 -7.98 -6.68
CA GLY E 165 -18.15 -8.86 -5.51
C GLY E 165 -19.26 -9.90 -5.66
N GLN E 166 -20.04 -9.78 -6.73
CA GLN E 166 -21.18 -10.66 -6.96
C GLN E 166 -21.04 -11.45 -8.27
N THR E 167 -20.15 -11.00 -9.14
CA THR E 167 -19.84 -11.77 -10.35
C THR E 167 -18.86 -12.91 -10.08
N THR E 168 -19.12 -14.05 -10.70
CA THR E 168 -18.31 -15.27 -10.53
C THR E 168 -17.04 -15.26 -11.39
N TYR E 169 -15.86 -15.40 -10.77
CA TYR E 169 -14.55 -15.23 -11.46
C TYR E 169 -14.55 -15.38 -12.98
N ARG E 170 -14.73 -14.24 -13.64
CA ARG E 170 -14.89 -14.16 -15.09
C ARG E 170 -13.83 -13.30 -15.75
N ASP E 171 -13.10 -13.96 -16.65
CA ASP E 171 -11.85 -13.52 -17.28
C ASP E 171 -10.70 -13.48 -16.28
N LEU E 172 -10.95 -14.06 -15.10
CA LEU E 172 -10.07 -13.99 -13.91
C LEU E 172 -9.68 -12.55 -13.46
N MET F 1 -25.55 12.44 17.93
CA MET F 1 -26.97 12.74 18.28
C MET F 1 -27.11 12.57 19.78
N ASP F 2 -28.17 11.87 20.19
CA ASP F 2 -28.60 11.63 21.59
C ASP F 2 -28.65 12.81 22.58
N LYS F 3 -28.33 14.00 22.09
CA LYS F 3 -28.45 15.22 22.87
C LYS F 3 -28.95 16.24 21.86
N VAL F 4 -29.94 15.78 21.10
CA VAL F 4 -30.58 16.47 19.98
C VAL F 4 -31.97 15.87 20.03
N LEU F 5 -32.99 16.69 20.18
CA LEU F 5 -34.33 16.15 20.44
C LEU F 5 -34.33 14.99 21.47
N ASN F 6 -35.34 14.14 21.39
CA ASN F 6 -35.49 12.99 22.28
C ASN F 6 -36.28 11.93 21.55
N ARG F 7 -36.49 10.77 22.16
CA ARG F 7 -37.12 9.68 21.41
C ARG F 7 -38.43 10.07 20.73
N GLU F 8 -39.35 10.70 21.47
CA GLU F 8 -40.65 11.10 20.95
C GLU F 8 -40.55 12.10 19.79
N GLU F 9 -39.82 13.18 20.02
CA GLU F 9 -39.73 14.27 19.07
C GLU F 9 -38.97 13.87 17.82
N SER F 10 -37.93 13.05 17.99
CA SER F 10 -37.10 12.64 16.86
C SER F 10 -37.93 11.88 15.84
N LEU F 11 -38.77 10.98 16.32
CA LEU F 11 -39.73 10.29 15.47
C LEU F 11 -40.68 11.30 14.82
N GLN F 12 -41.21 12.19 15.66
CA GLN F 12 -42.25 13.13 15.28
C GLN F 12 -41.79 14.06 14.16
N LEU F 13 -40.57 14.57 14.29
CA LEU F 13 -39.96 15.39 13.24
C LEU F 13 -39.68 14.57 11.98
N MET F 14 -39.27 13.32 12.18
CA MET F 14 -38.89 12.40 11.10
C MET F 14 -40.09 11.98 10.26
N ASP F 15 -41.20 11.61 10.92
CA ASP F 15 -42.50 11.38 10.25
C ASP F 15 -42.95 12.62 9.45
N LEU F 16 -42.67 13.81 9.98
CA LEU F 16 -43.06 15.07 9.34
C LEU F 16 -42.22 15.44 8.12
N LEU F 17 -40.92 15.13 8.15
CA LEU F 17 -40.04 15.45 7.03
C LEU F 17 -40.31 14.59 5.81
N GLY F 18 -40.99 13.46 6.03
CA GLY F 18 -41.37 12.55 4.95
C GLY F 18 -40.29 11.49 4.77
N LEU F 19 -39.29 11.59 5.64
CA LEU F 19 -38.06 10.83 5.55
C LEU F 19 -38.19 9.53 6.31
N GLU F 20 -37.80 8.42 5.67
CA GLU F 20 -37.90 7.09 6.29
C GLU F 20 -37.34 7.10 7.71
N ARG F 21 -38.24 7.01 8.67
CA ARG F 21 -37.86 6.94 10.09
C ARG F 21 -36.66 6.02 10.20
N SER F 22 -35.62 6.43 10.92
CA SER F 22 -34.36 5.69 10.94
C SER F 22 -33.38 6.19 9.91
N ALA F 23 -33.63 7.35 9.34
CA ALA F 23 -32.56 8.08 8.71
C ALA F 23 -32.09 9.04 9.77
N TRP F 24 -32.60 8.87 10.98
CA TRP F 24 -32.33 9.78 12.07
C TRP F 24 -30.86 9.69 12.45
N GLY F 25 -30.17 10.81 12.27
CA GLY F 25 -28.72 10.88 12.44
C GLY F 25 -28.09 11.36 11.15
N ASN F 26 -28.75 11.03 10.04
CA ASN F 26 -28.31 11.39 8.70
C ASN F 26 -28.61 12.86 8.45
N ILE F 27 -27.83 13.76 9.06
CA ILE F 27 -28.12 15.19 9.02
C ILE F 27 -28.31 15.77 7.61
N PRO F 28 -27.36 15.52 6.71
CA PRO F 28 -27.51 16.05 5.36
C PRO F 28 -28.75 15.60 4.57
N LEU F 29 -29.39 14.51 4.99
CA LEU F 29 -30.57 14.09 4.25
C LEU F 29 -31.80 14.75 4.83
N MET F 30 -31.91 14.75 6.16
CA MET F 30 -33.05 15.41 6.83
C MET F 30 -33.05 16.92 6.61
N ARG F 31 -31.87 17.48 6.35
CA ARG F 31 -31.75 18.86 5.89
C ARG F 31 -32.20 19.01 4.45
N LYS F 32 -32.18 17.92 3.71
CA LYS F 32 -32.59 17.97 2.31
C LYS F 32 -34.11 17.82 2.16
N ALA F 33 -34.72 17.04 3.06
CA ALA F 33 -36.15 16.75 3.00
C ALA F 33 -36.96 17.85 3.68
N TYR F 34 -36.32 18.57 4.59
CA TYR F 34 -36.91 19.77 5.17
C TYR F 34 -37.09 20.83 4.10
N LEU F 35 -35.98 21.17 3.46
CA LEU F 35 -35.94 22.17 2.41
C LEU F 35 -36.99 21.86 1.37
N LYS F 36 -37.38 20.59 1.28
CA LYS F 36 -38.39 20.16 0.32
C LYS F 36 -39.82 20.47 0.81
N LYS F 37 -40.05 20.35 2.11
CA LYS F 37 -41.30 20.79 2.72
C LYS F 37 -41.47 22.31 2.54
N CYS F 38 -40.43 23.07 2.86
CA CYS F 38 -40.43 24.54 2.70
C CYS F 38 -40.46 24.98 1.24
N LYS F 39 -40.79 24.04 0.35
CA LYS F 39 -40.90 24.32 -1.09
C LYS F 39 -42.23 23.76 -1.64
N GLU F 40 -42.94 22.98 -0.83
CA GLU F 40 -44.23 22.38 -1.19
C GLU F 40 -45.35 22.85 -0.26
N GLU F 49 -54.30 17.41 13.68
CA GLU F 49 -53.23 17.38 12.70
C GLU F 49 -52.72 18.78 12.35
N GLU F 50 -51.44 19.03 12.65
CA GLU F 50 -50.78 20.30 12.32
C GLU F 50 -49.33 20.06 11.91
N LYS F 51 -48.86 20.79 10.90
CA LYS F 51 -47.58 20.49 10.26
C LYS F 51 -46.65 21.71 10.09
N MET F 52 -47.07 22.65 9.25
CA MET F 52 -46.35 23.89 8.88
C MET F 52 -45.38 24.45 9.93
N LYS F 53 -45.80 24.44 11.20
CA LYS F 53 -45.16 25.20 12.27
C LYS F 53 -44.39 24.35 13.25
N LYS F 54 -44.84 23.10 13.44
CA LYS F 54 -44.21 22.21 14.40
C LYS F 54 -42.91 21.69 13.83
N MET F 55 -42.88 21.49 12.52
CA MET F 55 -41.63 21.15 11.87
C MET F 55 -40.63 22.27 12.15
N ASN F 56 -40.91 23.45 11.61
CA ASN F 56 -40.03 24.60 11.79
C ASN F 56 -39.48 24.69 13.20
N THR F 57 -40.31 24.41 14.21
CA THR F 57 -39.87 24.53 15.60
C THR F 57 -39.10 23.31 16.09
N LEU F 58 -39.41 22.14 15.56
CA LEU F 58 -38.68 20.90 15.89
C LEU F 58 -37.33 20.85 15.16
N TYR F 59 -37.36 21.02 13.84
CA TYR F 59 -36.16 21.06 13.03
C TYR F 59 -35.28 22.23 13.45
N LYS F 60 -35.88 23.25 14.04
CA LYS F 60 -35.13 24.34 14.66
C LYS F 60 -34.48 23.86 15.97
N LYS F 61 -35.23 23.11 16.77
CA LYS F 61 -34.69 22.58 18.02
C LYS F 61 -33.50 21.71 17.69
N MET F 62 -33.67 20.83 16.70
CA MET F 62 -32.59 19.98 16.25
C MET F 62 -31.44 20.85 15.77
N GLU F 63 -31.69 21.59 14.68
CA GLU F 63 -30.76 22.55 14.08
C GLU F 63 -29.67 22.99 15.02
N ASP F 64 -30.05 23.27 16.27
CA ASP F 64 -29.12 23.78 17.25
C ASP F 64 -28.60 22.74 18.25
N GLY F 65 -29.41 21.74 18.57
CA GLY F 65 -28.94 20.62 19.40
C GLY F 65 -27.73 19.97 18.74
N VAL F 66 -27.74 20.02 17.41
CA VAL F 66 -26.64 19.60 16.55
C VAL F 66 -25.54 20.66 16.50
N LYS F 67 -25.94 21.93 16.41
CA LYS F 67 -24.99 23.06 16.43
C LYS F 67 -24.13 23.04 17.68
N TYR F 68 -24.57 22.27 18.68
CA TYR F 68 -23.82 22.07 19.92
C TYR F 68 -22.90 20.87 19.77
N ALA F 69 -23.42 19.82 19.15
CA ALA F 69 -22.65 18.60 18.93
C ALA F 69 -21.39 18.86 18.11
N HIS F 70 -21.49 19.79 17.15
CA HIS F 70 -20.37 20.09 16.28
C HIS F 70 -19.24 20.90 16.93
N GLN F 71 -19.54 21.67 17.97
CA GLN F 71 -18.54 22.52 18.64
C GLN F 71 -17.38 21.70 19.23
N PRO F 72 -16.13 22.18 19.09
CA PRO F 72 -14.94 21.52 19.63
C PRO F 72 -14.95 21.22 21.14
N ASP F 73 -13.93 20.51 21.61
CA ASP F 73 -13.75 20.25 23.06
C ASP F 73 -12.59 21.03 23.67
N PHE F 74 -12.78 21.48 24.90
CA PHE F 74 -11.69 22.03 25.69
C PHE F 74 -11.84 21.59 27.16
N SER F 87 -11.73 24.12 6.04
CA SER F 87 -12.56 24.83 5.05
C SER F 87 -14.05 24.48 5.22
N LEU F 88 -14.71 24.07 4.14
CA LEU F 88 -16.11 23.68 4.21
C LEU F 88 -16.44 22.34 3.53
N ASN F 89 -16.32 22.25 2.21
CA ASN F 89 -16.76 21.00 1.56
C ASN F 89 -15.67 20.08 0.96
N PRO F 90 -15.67 18.76 1.35
CA PRO F 90 -14.81 17.75 0.73
C PRO F 90 -15.24 17.39 -0.72
N GLY F 91 -16.49 16.92 -0.85
CA GLY F 91 -17.08 16.51 -2.13
C GLY F 91 -16.53 15.19 -2.61
N VAL F 92 -16.46 15.03 -3.93
CA VAL F 92 -15.78 13.89 -4.55
C VAL F 92 -14.52 14.36 -5.31
N ASP F 93 -13.47 14.62 -4.52
CA ASP F 93 -12.17 15.15 -4.97
C ASP F 93 -11.12 14.91 -3.87
N ALA F 94 -11.56 14.96 -2.62
CA ALA F 94 -10.78 14.48 -1.48
C ALA F 94 -10.99 12.98 -1.41
N ILE F 95 -9.99 12.29 -0.89
CA ILE F 95 -9.99 10.83 -0.91
C ILE F 95 -10.48 10.28 0.42
N TYR F 96 -11.48 9.40 0.37
CA TYR F 96 -12.09 8.83 1.58
C TYR F 96 -11.37 7.56 2.05
N CYS F 97 -10.81 6.79 1.11
CA CYS F 97 -10.12 5.54 1.39
C CYS F 97 -8.79 5.46 0.60
N LYS F 98 -7.85 4.64 1.07
CA LYS F 98 -6.66 4.25 0.29
C LYS F 98 -6.36 2.77 0.53
N GLN F 99 -6.62 1.94 -0.46
CA GLN F 99 -6.57 0.48 -0.26
C GLN F 99 -7.82 0.06 0.52
N TRP F 100 -8.92 -0.12 -0.21
CA TRP F 100 -10.28 -0.21 0.36
C TRP F 100 -10.47 -1.06 1.62
N PRO F 101 -10.38 -2.40 1.51
CA PRO F 101 -10.39 -3.15 2.77
C PRO F 101 -9.37 -2.63 3.83
N GLU F 102 -8.07 -2.57 3.48
CA GLU F 102 -6.99 -2.36 4.47
C GLU F 102 -6.97 -1.05 5.29
N CYS F 103 -7.68 -0.02 4.82
CA CYS F 103 -7.89 1.19 5.63
C CYS F 103 -9.09 0.97 6.52
N VAL F 104 -10.14 0.38 5.92
CA VAL F 104 -11.41 0.10 6.57
C VAL F 104 -11.29 -1.05 7.59
N LYS F 105 -10.18 -1.78 7.53
CA LYS F 105 -9.95 -2.86 8.48
C LYS F 105 -9.76 -2.27 9.89
N LYS F 106 -8.55 -1.75 10.15
CA LYS F 106 -8.22 -1.17 11.46
C LYS F 106 -7.22 -0.01 11.42
N MET F 107 -6.25 -0.04 12.34
CA MET F 107 -5.31 1.04 12.56
C MET F 107 -3.90 0.73 12.06
N SER F 108 -3.59 1.13 10.83
CA SER F 108 -2.21 1.00 10.30
C SER F 108 -1.78 2.30 9.63
N THR F 109 -2.48 3.38 9.99
CA THR F 109 -2.50 4.60 9.20
C THR F 109 -1.45 5.67 9.52
N ASN F 110 -1.31 6.56 8.55
CA ASN F 110 -0.86 7.93 8.73
C ASN F 110 -1.53 8.81 7.66
N CYS F 111 -2.46 8.21 6.90
CA CYS F 111 -3.08 8.85 5.72
C CYS F 111 -3.64 10.25 5.95
N ILE F 112 -3.64 11.08 4.91
CA ILE F 112 -4.53 12.25 4.89
C ILE F 112 -5.88 11.80 4.29
N CYS F 113 -6.08 10.47 4.27
CA CYS F 113 -7.33 9.86 3.79
C CYS F 113 -8.37 10.04 4.86
N LEU F 114 -9.61 10.21 4.44
CA LEU F 114 -10.65 10.64 5.35
C LEU F 114 -11.03 9.67 6.47
N LEU F 115 -11.27 8.39 6.17
CA LEU F 115 -11.61 7.45 7.26
C LEU F 115 -10.42 7.11 8.16
N CYS F 116 -9.30 7.76 7.91
CA CYS F 116 -8.14 7.64 8.78
C CYS F 116 -7.99 8.88 9.66
N LEU F 117 -8.12 10.08 9.09
CA LEU F 117 -8.19 11.29 9.92
C LEU F 117 -9.29 11.17 10.97
N LEU F 118 -10.49 10.81 10.54
CA LEU F 118 -11.58 10.72 11.47
C LEU F 118 -11.35 9.63 12.53
N ARG F 119 -10.70 8.53 12.13
CA ARG F 119 -10.40 7.42 13.05
C ARG F 119 -9.35 7.82 14.08
N MET F 120 -8.38 8.59 13.62
CA MET F 120 -7.37 9.17 14.48
C MET F 120 -7.98 10.24 15.38
N LYS F 121 -8.81 11.11 14.80
CA LYS F 121 -9.46 12.16 15.61
C LYS F 121 -10.24 11.54 16.76
N HIS F 122 -10.88 10.41 16.50
CA HIS F 122 -11.58 9.68 17.54
C HIS F 122 -10.65 9.22 18.66
N GLU F 123 -9.54 8.57 18.31
CA GLU F 123 -8.69 7.98 19.33
C GLU F 123 -7.90 9.02 20.13
N ASN F 124 -7.53 10.13 19.51
CA ASN F 124 -6.81 11.19 20.21
C ASN F 124 -7.69 11.94 21.19
N ARG F 125 -8.96 12.07 20.85
CA ARG F 125 -9.92 12.78 21.70
C ARG F 125 -10.30 12.01 22.96
N LYS F 126 -10.57 10.72 22.84
CA LYS F 126 -10.97 9.92 23.99
C LYS F 126 -9.83 9.79 25.00
N LEU F 127 -8.72 10.48 24.73
CA LEU F 127 -7.63 10.62 25.69
C LEU F 127 -7.91 11.83 26.59
N TYR F 128 -8.51 12.85 25.98
CA TYR F 128 -8.89 14.08 26.68
C TYR F 128 -10.29 13.99 27.34
N ARG F 129 -11.33 13.71 26.55
CA ARG F 129 -12.71 13.60 27.05
C ARG F 129 -12.94 12.39 27.95
N LYS F 130 -13.90 12.53 28.87
CA LYS F 130 -14.31 11.41 29.71
C LYS F 130 -15.44 10.59 29.05
N ASP F 131 -16.53 11.26 28.67
CA ASP F 131 -17.69 10.61 28.07
C ASP F 131 -17.38 10.05 26.70
N PRO F 132 -17.98 8.89 26.38
CA PRO F 132 -17.86 8.23 25.09
C PRO F 132 -18.32 9.08 23.89
N LEU F 133 -17.93 8.67 22.69
CA LEU F 133 -18.26 9.45 21.50
C LEU F 133 -19.36 8.84 20.65
N VAL F 134 -20.24 9.67 20.13
CA VAL F 134 -21.36 9.23 19.31
C VAL F 134 -21.37 9.99 17.97
N TRP F 135 -22.15 9.47 17.05
CA TRP F 135 -22.21 9.95 15.69
C TRP F 135 -22.53 11.42 15.73
N VAL F 136 -22.01 12.14 14.76
CA VAL F 136 -22.07 13.63 14.70
C VAL F 136 -21.55 14.38 15.92
N ASP F 137 -20.86 13.69 16.82
CA ASP F 137 -19.98 14.35 17.77
C ASP F 137 -18.67 13.65 17.56
N CYS F 138 -18.56 13.16 16.34
CA CYS F 138 -17.53 12.28 15.85
C CYS F 138 -18.19 11.69 14.64
N TYR F 139 -17.52 11.81 13.51
CA TYR F 139 -18.02 11.25 12.28
C TYR F 139 -17.27 10.00 11.84
N CYS F 140 -16.27 9.57 12.62
CA CYS F 140 -15.51 8.39 12.27
C CYS F 140 -16.44 7.26 11.80
N PHE F 141 -15.92 6.37 10.95
CA PHE F 141 -16.70 5.24 10.44
C PHE F 141 -17.28 4.29 11.52
N ASP F 142 -16.57 4.08 12.63
CA ASP F 142 -17.03 3.11 13.64
C ASP F 142 -18.18 3.66 14.44
N CYS F 143 -18.10 4.96 14.75
CA CYS F 143 -19.17 5.70 15.40
C CYS F 143 -20.41 5.58 14.54
N PHE F 144 -20.21 5.85 13.25
CA PHE F 144 -21.29 5.84 12.28
C PHE F 144 -21.91 4.46 12.27
N ARG F 145 -21.08 3.45 12.14
CA ARG F 145 -21.61 2.08 12.15
C ARG F 145 -22.32 1.80 13.45
N MET F 146 -21.66 2.10 14.56
CA MET F 146 -22.21 1.97 15.90
C MET F 146 -23.62 2.50 15.95
N TRP F 147 -23.84 3.65 15.28
CA TRP F 147 -25.11 4.41 15.36
C TRP F 147 -26.22 3.74 14.59
N PHE F 148 -26.09 3.71 13.27
CA PHE F 148 -26.96 2.89 12.44
C PHE F 148 -26.65 1.44 12.78
N GLY F 149 -27.36 0.50 12.23
CA GLY F 149 -27.14 -0.85 12.74
C GLY F 149 -26.26 -1.63 11.82
N LEU F 150 -25.19 -1.00 11.34
CA LEU F 150 -24.60 -1.40 10.07
C LEU F 150 -23.44 -2.37 10.15
N ASP F 151 -23.51 -3.41 9.32
CA ASP F 151 -22.44 -4.40 9.21
C ASP F 151 -21.35 -3.85 8.30
N LEU F 152 -20.23 -4.57 8.19
CA LEU F 152 -19.07 -4.07 7.44
C LEU F 152 -19.08 -4.37 5.93
N CYS F 153 -20.27 -4.51 5.38
CA CYS F 153 -20.48 -4.41 3.94
C CYS F 153 -19.77 -3.15 3.40
N GLU F 154 -19.47 -3.16 2.09
CA GLU F 154 -18.86 -2.00 1.42
C GLU F 154 -19.90 -1.06 0.80
N GLY F 155 -21.17 -1.47 0.81
CA GLY F 155 -22.25 -0.56 0.50
C GLY F 155 -22.55 0.34 1.70
N THR F 156 -22.06 -0.07 2.87
CA THR F 156 -22.13 0.70 4.12
C THR F 156 -21.19 1.89 4.03
N LEU F 157 -19.97 1.63 3.60
CA LEU F 157 -18.95 2.63 3.40
C LEU F 157 -19.39 3.67 2.37
N LEU F 158 -20.25 3.25 1.45
CA LEU F 158 -20.82 4.16 0.47
C LEU F 158 -21.86 5.08 1.10
N LEU F 159 -22.64 4.57 2.04
CA LEU F 159 -23.61 5.39 2.73
C LEU F 159 -22.89 6.46 3.55
N TRP F 160 -21.78 6.07 4.20
CA TRP F 160 -20.92 6.96 4.99
C TRP F 160 -20.21 7.99 4.13
N CYS F 161 -19.63 7.55 3.02
CA CYS F 161 -19.04 8.52 2.11
C CYS F 161 -20.05 9.59 1.76
N ASP F 162 -21.28 9.18 1.48
CA ASP F 162 -22.31 10.10 1.01
C ASP F 162 -22.66 11.13 2.06
N ILE F 163 -22.94 10.68 3.27
CA ILE F 163 -23.24 11.60 4.34
C ILE F 163 -22.01 12.42 4.77
N ILE F 164 -20.83 12.09 4.28
CA ILE F 164 -19.68 12.90 4.62
C ILE F 164 -19.36 13.89 3.50
N GLY F 165 -19.43 13.42 2.25
CA GLY F 165 -19.15 14.25 1.08
C GLY F 165 -20.03 15.48 1.08
N GLN F 166 -20.93 15.50 2.07
CA GLN F 166 -21.84 16.61 2.27
C GLN F 166 -21.48 17.40 3.52
N THR F 167 -21.20 16.72 4.63
CA THR F 167 -20.77 17.39 5.86
C THR F 167 -19.59 18.34 5.63
N THR F 168 -19.72 19.56 6.17
CA THR F 168 -18.66 20.58 6.22
C THR F 168 -17.46 20.08 7.01
N TYR F 169 -16.26 20.57 6.71
CA TYR F 169 -15.10 20.21 7.50
C TYR F 169 -15.30 20.53 8.98
N ARG F 170 -15.60 19.46 9.70
CA ARG F 170 -15.96 19.52 11.12
C ARG F 170 -15.26 18.45 11.94
N ASP F 171 -14.66 18.97 13.02
CA ASP F 171 -13.62 18.32 13.82
C ASP F 171 -12.48 17.86 12.90
N LEU F 172 -12.10 18.75 11.96
CA LEU F 172 -11.12 18.50 10.88
C LEU F 172 -10.89 17.02 10.52
N MET G 1 29.21 19.45 4.76
CA MET G 1 29.65 20.55 5.64
C MET G 1 30.48 21.55 4.87
N ASP G 2 29.83 22.43 4.12
CA ASP G 2 30.54 23.60 3.61
C ASP G 2 30.41 24.61 4.72
N LYS G 3 31.02 25.78 4.55
CA LYS G 3 30.96 26.82 5.60
C LYS G 3 31.35 26.25 6.98
N VAL G 4 32.25 25.26 6.98
CA VAL G 4 32.79 24.63 8.20
C VAL G 4 34.33 24.72 8.26
N LEU G 5 34.98 24.31 7.15
CA LEU G 5 36.42 24.48 6.99
C LEU G 5 36.75 25.00 5.59
N ASN G 6 37.94 25.56 5.45
CA ASN G 6 38.47 25.94 4.16
C ASN G 6 38.80 24.68 3.36
N ARG G 7 38.84 24.81 2.04
CA ARG G 7 39.21 23.69 1.15
C ARG G 7 40.55 23.09 1.56
N GLU G 8 41.57 23.95 1.61
CA GLU G 8 42.91 23.56 2.04
C GLU G 8 42.94 22.98 3.46
N GLU G 9 42.28 23.67 4.39
CA GLU G 9 42.22 23.24 5.79
C GLU G 9 41.58 21.86 5.96
N SER G 10 40.34 21.73 5.47
CA SER G 10 39.60 20.46 5.51
C SER G 10 40.46 19.29 5.01
N LEU G 11 41.14 19.51 3.89
CA LEU G 11 42.01 18.50 3.29
C LEU G 11 43.20 18.16 4.17
N GLN G 12 43.87 19.18 4.70
CA GLN G 12 45.01 18.99 5.59
C GLN G 12 44.60 18.07 6.74
N LEU G 13 43.55 18.48 7.45
CA LEU G 13 42.98 17.74 8.57
C LEU G 13 42.75 16.27 8.22
N MET G 14 42.24 16.04 7.01
CA MET G 14 41.85 14.71 6.56
C MET G 14 43.03 13.75 6.49
N ASP G 15 44.14 14.27 5.97
CA ASP G 15 45.40 13.54 5.91
C ASP G 15 45.95 13.30 7.31
N LEU G 16 45.83 14.31 8.16
CA LEU G 16 46.30 14.25 9.54
C LEU G 16 45.41 13.35 10.41
N LEU G 17 44.42 12.73 9.79
CA LEU G 17 43.52 11.81 10.46
C LEU G 17 43.74 10.37 9.96
N GLY G 18 44.57 10.23 8.93
CA GLY G 18 44.88 8.93 8.34
C GLY G 18 43.66 8.28 7.72
N LEU G 19 42.90 9.07 6.96
CA LEU G 19 41.65 8.61 6.34
C LEU G 19 41.52 9.19 4.93
N GLU G 20 40.71 8.53 4.10
CA GLU G 20 40.40 9.00 2.75
C GLU G 20 39.83 10.42 2.76
N ARG G 21 40.09 11.18 1.70
CA ARG G 21 39.47 12.50 1.55
C ARG G 21 38.22 12.53 0.67
N SER G 22 37.60 11.36 0.50
CA SER G 22 36.23 11.25 0.06
C SER G 22 35.34 11.35 1.30
N ALA G 23 35.90 10.89 2.43
CA ALA G 23 35.21 10.80 3.72
C ALA G 23 34.85 12.14 4.36
N TRP G 24 35.46 13.23 3.88
CA TRP G 24 35.14 14.55 4.41
C TRP G 24 33.65 14.76 4.32
N GLY G 25 33.01 14.85 5.48
CA GLY G 25 31.55 14.93 5.57
C GLY G 25 30.99 13.91 6.54
N ASN G 26 31.46 12.67 6.41
CA ASN G 26 31.12 11.58 7.31
C ASN G 26 31.75 11.81 8.68
N ILE G 27 31.06 12.56 9.52
CA ILE G 27 31.56 12.88 10.87
C ILE G 27 31.77 11.66 11.78
N PRO G 28 30.79 10.71 11.83
CA PRO G 28 30.93 9.53 12.67
C PRO G 28 32.32 8.88 12.59
N LEU G 29 32.90 8.85 11.39
CA LEU G 29 34.26 8.34 11.21
C LEU G 29 35.27 9.32 11.78
N MET G 30 35.17 10.58 11.35
CA MET G 30 36.02 11.67 11.86
C MET G 30 36.06 11.69 13.39
N ARG G 31 34.88 11.56 14.00
CA ARG G 31 34.72 11.47 15.47
C ARG G 31 35.11 10.11 16.07
N LYS G 32 35.75 9.25 15.27
CA LYS G 32 36.32 7.98 15.76
C LYS G 32 37.66 7.63 15.09
N ALA G 33 38.16 8.58 14.30
CA ALA G 33 39.50 8.49 13.73
C ALA G 33 40.40 9.54 14.37
N TYR G 34 39.78 10.45 15.13
CA TYR G 34 40.53 11.29 16.07
C TYR G 34 40.77 10.51 17.37
N LEU G 35 39.78 9.70 17.75
CA LEU G 35 39.89 8.82 18.91
C LEU G 35 40.81 7.63 18.64
N LYS G 36 41.64 7.76 17.60
CA LYS G 36 42.62 6.74 17.25
C LYS G 36 44.01 7.33 16.96
N LYS G 37 44.03 8.57 16.46
CA LYS G 37 45.29 9.24 16.11
C LYS G 37 46.10 9.71 17.32
N CYS G 38 45.41 10.25 18.31
CA CYS G 38 46.04 10.60 19.59
C CYS G 38 45.89 9.48 20.62
N LYS G 39 45.61 8.27 20.13
CA LYS G 39 45.58 7.05 20.94
C LYS G 39 46.90 6.26 20.71
N GLU G 40 47.97 7.01 20.43
CA GLU G 40 49.31 6.45 20.25
C GLU G 40 50.38 7.43 20.74
N PHE G 41 51.20 6.97 21.69
CA PHE G 41 52.24 7.81 22.32
C PHE G 41 53.63 7.44 21.84
N LYS G 51 54.13 18.19 15.33
CA LYS G 51 52.94 18.84 14.80
C LYS G 51 51.67 18.02 15.06
N MET G 52 51.54 17.52 16.28
CA MET G 52 50.38 16.72 16.72
C MET G 52 49.25 17.60 17.28
N LYS G 53 49.46 18.92 17.23
CA LYS G 53 48.51 19.91 17.71
C LYS G 53 48.04 20.86 16.60
N LYS G 54 48.36 20.50 15.35
CA LYS G 54 47.83 21.18 14.17
C LYS G 54 46.50 20.54 13.83
N MET G 55 46.40 19.25 14.14
CA MET G 55 45.17 18.48 14.05
C MET G 55 44.19 18.90 15.14
N ASN G 56 44.72 19.13 16.35
CA ASN G 56 43.92 19.60 17.49
C ASN G 56 43.23 20.95 17.25
N THR G 57 44.00 21.93 16.74
CA THR G 57 43.47 23.27 16.43
C THR G 57 42.46 23.24 15.28
N LEU G 58 42.64 22.29 14.38
CA LEU G 58 41.72 22.07 13.27
C LEU G 58 40.47 21.30 13.71
N TYR G 59 40.66 20.24 14.50
CA TYR G 59 39.54 19.45 14.98
C TYR G 59 38.55 20.28 15.79
N LYS G 60 39.06 21.13 16.68
CA LYS G 60 38.23 22.02 17.50
C LYS G 60 37.56 23.06 16.61
N LYS G 61 38.31 23.63 15.67
CA LYS G 61 37.77 24.55 14.67
C LYS G 61 36.71 23.86 13.80
N MET G 62 36.87 22.55 13.61
CA MET G 62 35.89 21.69 12.92
C MET G 62 34.68 21.45 13.82
N GLU G 63 34.96 20.96 15.03
CA GLU G 63 33.93 20.71 16.01
C GLU G 63 33.02 21.93 16.14
N ASP G 64 33.62 23.10 15.93
CA ASP G 64 32.89 24.38 15.94
C ASP G 64 31.89 24.50 14.78
N GLY G 65 32.30 24.08 13.59
CA GLY G 65 31.44 24.13 12.41
C GLY G 65 30.22 23.24 12.55
N VAL G 66 30.44 22.05 13.10
CA VAL G 66 29.39 21.03 13.29
C VAL G 66 28.27 21.46 14.25
N LYS G 67 28.65 21.93 15.43
CA LYS G 67 27.68 22.31 16.46
C LYS G 67 26.86 23.56 16.12
N TYR G 68 27.34 24.36 15.18
CA TYR G 68 26.60 25.52 14.69
C TYR G 68 25.53 25.09 13.70
N ALA G 69 25.79 23.98 13.01
CA ALA G 69 24.87 23.47 12.01
C ALA G 69 23.81 22.52 12.60
N HIS G 70 23.86 22.31 13.92
CA HIS G 70 22.85 21.56 14.66
C HIS G 70 22.00 22.51 15.50
N VAL G 92 10.76 -0.37 19.86
CA VAL G 92 12.03 -0.99 19.47
C VAL G 92 12.72 -0.20 18.36
N ASP G 93 13.66 -0.85 17.67
CA ASP G 93 14.44 -0.24 16.59
C ASP G 93 13.56 0.36 15.46
N ALA G 94 13.56 1.69 15.36
CA ALA G 94 12.75 2.42 14.38
C ALA G 94 13.27 2.23 12.95
N ILE G 95 12.36 2.34 11.99
CA ILE G 95 12.59 1.85 10.63
C ILE G 95 13.20 2.89 9.68
N TYR G 96 14.33 2.53 9.07
CA TYR G 96 15.11 3.42 8.19
C TYR G 96 14.50 3.62 6.81
N CYS G 97 13.78 2.61 6.32
CA CYS G 97 13.23 2.67 4.97
C CYS G 97 12.05 1.73 4.74
N LYS G 98 10.88 2.09 5.26
CA LYS G 98 9.65 1.36 4.91
C LYS G 98 9.42 1.55 3.41
N GLN G 99 9.02 0.48 2.73
CA GLN G 99 8.77 0.55 1.28
C GLN G 99 10.08 0.78 0.51
N TRP G 100 10.82 -0.31 0.31
CA TRP G 100 12.25 -0.24 -0.03
C TRP G 100 12.63 0.69 -1.23
N PRO G 101 12.56 0.17 -2.48
CA PRO G 101 13.04 1.04 -3.57
C PRO G 101 12.45 2.45 -3.55
N GLU G 102 11.13 2.58 -3.56
CA GLU G 102 10.47 3.88 -3.65
C GLU G 102 10.95 4.92 -2.64
N CYS G 103 11.00 4.57 -1.35
CA CYS G 103 11.41 5.54 -0.33
C CYS G 103 12.78 6.13 -0.65
N VAL G 104 13.73 5.25 -0.96
CA VAL G 104 15.07 5.64 -1.39
C VAL G 104 15.00 6.54 -2.62
N LYS G 105 14.11 6.20 -3.56
CA LYS G 105 13.93 6.96 -4.80
C LYS G 105 13.13 8.24 -4.56
N LYS G 106 11.82 8.14 -4.76
CA LYS G 106 10.89 9.26 -4.62
C LYS G 106 10.62 9.58 -3.15
N MET G 107 9.82 10.62 -2.93
CA MET G 107 9.22 10.93 -1.62
C MET G 107 8.05 9.99 -1.39
N SER G 108 7.45 10.03 -0.19
CA SER G 108 6.20 9.29 0.09
C SER G 108 5.48 9.94 1.28
N THR G 109 4.31 10.50 1.00
CA THR G 109 3.59 11.34 1.97
C THR G 109 3.01 10.48 3.07
N ASN G 110 2.92 11.06 4.27
CA ASN G 110 2.33 10.37 5.44
C ASN G 110 3.13 9.16 5.96
N CYS G 111 4.33 8.93 5.42
CA CYS G 111 5.15 7.75 5.75
C CYS G 111 5.89 7.90 7.09
N ILE G 112 5.59 7.00 8.04
CA ILE G 112 6.31 6.96 9.31
C ILE G 112 7.67 6.31 9.12
N CYS G 113 8.42 6.83 8.14
CA CYS G 113 9.71 6.28 7.72
C CYS G 113 10.75 6.70 8.72
N LEU G 114 11.99 6.68 8.29
CA LEU G 114 13.00 7.48 8.93
C LEU G 114 13.54 8.40 7.87
N LEU G 115 13.69 7.90 6.65
CA LEU G 115 14.27 8.74 5.59
C LEU G 115 13.28 9.76 5.08
N CYS G 116 12.00 9.43 5.16
CA CYS G 116 10.94 10.37 4.82
C CYS G 116 10.78 11.41 5.92
N LEU G 117 10.86 10.98 7.18
CA LEU G 117 10.94 11.92 8.31
C LEU G 117 11.96 13.03 8.08
N LEU G 118 13.15 12.66 7.64
CA LEU G 118 14.20 13.64 7.38
C LEU G 118 13.91 14.43 6.11
N ARG G 119 13.44 13.76 5.08
CA ARG G 119 13.19 14.39 3.78
C ARG G 119 12.00 15.33 3.86
N MET G 120 11.04 14.97 4.73
CA MET G 120 9.95 15.87 5.11
C MET G 120 10.44 17.08 5.91
N LYS G 121 11.15 16.84 7.01
CA LYS G 121 11.74 17.92 7.81
C LYS G 121 12.67 18.80 7.00
N HIS G 122 13.02 18.36 5.79
CA HIS G 122 13.84 19.17 4.87
C HIS G 122 13.04 20.27 4.19
N GLU G 123 12.02 19.88 3.42
CA GLU G 123 11.24 20.88 2.67
C GLU G 123 10.18 21.52 3.56
N ASN G 124 10.03 20.93 4.75
CA ASN G 124 9.29 21.55 5.82
C ASN G 124 10.10 22.72 6.34
N ARG G 125 11.41 22.59 6.32
CA ARG G 125 12.30 23.69 6.74
C ARG G 125 12.36 24.85 5.74
N LYS G 126 12.41 24.57 4.45
CA LYS G 126 12.63 25.62 3.44
C LYS G 126 11.38 26.49 3.16
N LEU G 127 10.35 26.30 3.99
CA LEU G 127 9.24 27.26 4.04
C LEU G 127 9.71 28.47 4.86
N TYR G 128 10.43 28.18 5.94
CA TYR G 128 10.91 29.17 6.90
C TYR G 128 12.31 29.70 6.59
N ARG G 129 13.14 28.87 6.00
CA ARG G 129 14.55 29.21 5.79
C ARG G 129 14.88 29.61 4.36
N LYS G 130 15.55 30.74 4.26
CA LYS G 130 15.99 31.37 3.02
C LYS G 130 17.02 30.49 2.27
N ASP G 131 18.13 30.19 2.92
CA ASP G 131 19.30 29.51 2.32
C ASP G 131 19.06 28.04 1.98
N PRO G 132 19.45 27.60 0.77
CA PRO G 132 19.50 26.17 0.42
C PRO G 132 20.25 25.33 1.46
N LEU G 133 19.64 24.24 1.91
CA LEU G 133 20.24 23.35 2.91
C LEU G 133 21.37 22.55 2.26
N VAL G 134 22.40 22.22 3.04
CA VAL G 134 23.41 21.26 2.61
C VAL G 134 23.73 20.26 3.71
N TRP G 135 24.33 19.13 3.33
CA TRP G 135 24.67 18.04 4.26
C TRP G 135 25.20 18.56 5.59
N VAL G 136 24.92 17.81 6.66
CA VAL G 136 25.23 18.20 8.06
C VAL G 136 24.53 19.48 8.57
N ASP G 137 23.50 19.93 7.87
CA ASP G 137 22.62 20.95 8.40
C ASP G 137 21.29 20.32 8.08
N CYS G 138 21.38 19.38 7.16
CA CYS G 138 20.32 18.43 6.89
C CYS G 138 20.98 17.07 6.80
N TYR G 139 20.35 16.08 7.41
CA TYR G 139 20.85 14.71 7.39
C TYR G 139 20.01 13.81 6.48
N CYS G 140 19.13 14.41 5.68
CA CYS G 140 18.20 13.68 4.81
C CYS G 140 18.94 12.98 3.66
N PHE G 141 18.22 12.28 2.80
CA PHE G 141 18.88 11.52 1.76
C PHE G 141 19.35 12.35 0.57
N ASP G 142 18.51 13.26 0.07
CA ASP G 142 18.91 14.06 -1.08
C ASP G 142 20.19 14.79 -0.74
N CYS G 143 20.17 15.53 0.37
CA CYS G 143 21.31 16.28 0.86
C CYS G 143 22.57 15.44 0.93
N PHE G 144 22.41 14.18 1.34
CA PHE G 144 23.49 13.21 1.44
C PHE G 144 24.08 12.86 0.06
N ARG G 145 23.24 12.33 -0.83
CA ARG G 145 23.74 11.92 -2.16
C ARG G 145 24.17 13.13 -3.00
N MET G 146 23.88 14.32 -2.52
CA MET G 146 24.21 15.56 -3.19
C MET G 146 25.58 16.03 -2.73
N TRP G 147 25.97 15.66 -1.52
CA TRP G 147 27.25 16.12 -0.98
C TRP G 147 28.37 15.19 -1.38
N PHE G 148 28.19 13.90 -1.10
CA PHE G 148 29.15 12.91 -1.56
C PHE G 148 28.90 12.69 -3.07
N GLY G 149 29.77 11.94 -3.72
CA GLY G 149 29.53 11.70 -5.13
C GLY G 149 28.74 10.43 -5.37
N LEU G 150 27.50 10.37 -4.90
CA LEU G 150 26.77 9.10 -4.93
C LEU G 150 25.58 9.03 -5.88
N ASP G 151 25.51 7.91 -6.60
CA ASP G 151 24.36 7.62 -7.47
C ASP G 151 23.33 6.70 -6.77
N LEU G 152 22.11 6.71 -7.31
CA LEU G 152 21.00 5.95 -6.75
C LEU G 152 21.33 4.46 -6.76
N CYS G 153 21.79 4.00 -5.61
CA CYS G 153 22.29 2.66 -5.43
C CYS G 153 22.14 2.34 -3.96
N GLU G 154 21.57 1.17 -3.67
CA GLU G 154 21.26 0.78 -2.30
C GLU G 154 22.52 0.54 -1.43
N GLY G 155 23.66 0.28 -2.09
CA GLY G 155 24.95 0.24 -1.40
C GLY G 155 25.25 1.58 -0.75
N THR G 156 24.86 2.66 -1.43
CA THR G 156 24.89 4.03 -0.92
C THR G 156 23.95 4.19 0.29
N LEU G 157 22.78 3.55 0.20
CA LEU G 157 21.79 3.56 1.29
C LEU G 157 22.38 3.05 2.60
N LEU G 158 23.33 2.12 2.51
CA LEU G 158 23.99 1.55 3.68
C LEU G 158 24.99 2.53 4.32
N LEU G 159 25.64 3.36 3.51
CA LEU G 159 26.54 4.34 4.10
C LEU G 159 25.70 5.40 4.76
N TRP G 160 24.64 5.83 4.09
CA TRP G 160 23.69 6.76 4.66
C TRP G 160 23.08 6.23 5.99
N CYS G 161 22.49 5.04 5.96
CA CYS G 161 21.95 4.42 7.16
C CYS G 161 22.95 4.39 8.31
N ASP G 162 24.18 3.97 8.03
CA ASP G 162 25.22 3.91 9.05
C ASP G 162 25.60 5.29 9.58
N ILE G 163 25.68 6.28 8.69
CA ILE G 163 26.07 7.64 9.09
C ILE G 163 25.00 8.30 9.94
N ILE G 164 23.73 7.93 9.72
CA ILE G 164 22.67 8.50 10.55
C ILE G 164 22.44 7.67 11.81
N GLY G 165 22.61 6.36 11.71
CA GLY G 165 22.49 5.48 12.88
C GLY G 165 23.52 5.72 13.97
N GLN G 166 24.60 6.41 13.62
CA GLN G 166 25.67 6.78 14.55
C GLN G 166 25.47 8.16 15.11
N THR G 167 24.98 9.08 14.28
CA THR G 167 24.63 10.42 14.75
C THR G 167 23.37 10.33 15.62
N THR G 168 23.34 11.05 16.73
CA THR G 168 22.16 11.05 17.59
C THR G 168 21.05 11.88 16.93
N TYR G 169 20.03 12.24 17.69
CA TYR G 169 19.01 13.13 17.18
C TYR G 169 19.51 14.57 17.20
N ARG G 170 20.70 14.70 16.62
CA ARG G 170 21.31 15.95 16.22
C ARG G 170 20.82 16.25 14.79
N ASP G 171 19.61 15.77 14.51
CA ASP G 171 18.88 16.03 13.26
C ASP G 171 17.57 16.76 13.64
N LEU G 172 16.71 16.02 14.33
CA LEU G 172 15.34 16.40 14.66
C LEU G 172 14.61 15.11 15.03
N MET H 1 22.56 -23.69 -1.85
CA MET H 1 23.76 -24.56 -1.74
C MET H 1 23.34 -25.95 -1.32
N ASP H 2 23.88 -26.41 -0.18
CA ASP H 2 23.46 -27.64 0.51
C ASP H 2 23.59 -28.90 -0.35
N LYS H 3 24.52 -28.92 -1.30
CA LYS H 3 24.73 -30.09 -2.17
C LYS H 3 25.68 -29.79 -3.33
N VAL H 4 26.47 -28.74 -3.15
CA VAL H 4 27.64 -28.49 -3.98
C VAL H 4 28.86 -28.63 -3.06
N LEU H 5 29.65 -29.68 -3.30
CA LEU H 5 30.78 -29.98 -2.43
C LEU H 5 30.29 -30.51 -1.07
N ASN H 6 31.13 -30.32 -0.05
CA ASN H 6 30.80 -30.57 1.36
C ASN H 6 31.86 -29.94 2.26
N ARG H 7 31.58 -29.90 3.56
CA ARG H 7 32.44 -29.30 4.58
C ARG H 7 33.85 -28.81 4.14
N GLU H 8 34.80 -29.74 3.99
CA GLU H 8 36.21 -29.39 3.80
C GLU H 8 36.52 -28.70 2.47
N GLU H 9 35.88 -29.18 1.41
CA GLU H 9 36.07 -28.65 0.07
C GLU H 9 35.34 -27.32 -0.06
N SER H 10 34.32 -27.16 0.78
CA SER H 10 33.58 -25.93 0.89
C SER H 10 34.48 -24.87 1.48
N LEU H 11 35.21 -25.25 2.51
CA LEU H 11 36.15 -24.35 3.16
C LEU H 11 37.40 -24.14 2.30
N GLN H 12 37.96 -25.24 1.79
CA GLN H 12 39.17 -25.21 0.96
C GLN H 12 39.10 -24.14 -0.12
N LEU H 13 38.03 -24.19 -0.91
CA LEU H 13 37.77 -23.25 -1.97
C LEU H 13 37.75 -21.82 -1.44
N MET H 14 37.06 -21.62 -0.31
CA MET H 14 36.87 -20.30 0.29
C MET H 14 38.19 -19.71 0.79
N ASP H 15 39.07 -20.59 1.26
CA ASP H 15 40.43 -20.23 1.59
C ASP H 15 41.13 -19.81 0.30
N LEU H 16 41.18 -20.73 -0.66
CA LEU H 16 41.87 -20.54 -1.95
C LEU H 16 41.24 -19.46 -2.84
N LEU H 17 40.32 -18.70 -2.28
CA LEU H 17 39.63 -17.66 -3.04
C LEU H 17 39.81 -16.31 -2.35
N GLY H 18 40.24 -16.36 -1.09
CA GLY H 18 40.44 -15.16 -0.28
C GLY H 18 39.13 -14.50 0.11
N LEU H 19 38.23 -15.29 0.68
CA LEU H 19 36.94 -14.79 1.14
C LEU H 19 36.69 -15.11 2.62
N GLU H 20 36.02 -14.19 3.32
CA GLU H 20 35.62 -14.42 4.70
C GLU H 20 34.96 -15.79 4.69
N ARG H 21 35.54 -16.73 5.43
CA ARG H 21 35.21 -18.15 5.27
C ARG H 21 33.80 -18.52 5.74
N SER H 22 32.85 -17.62 5.48
CA SER H 22 31.47 -17.69 5.96
C SER H 22 30.53 -17.12 4.89
N ALA H 23 31.12 -16.63 3.81
CA ALA H 23 30.40 -16.11 2.66
C ALA H 23 30.10 -17.26 1.69
N TRP H 24 30.40 -18.47 2.13
CA TRP H 24 30.02 -19.70 1.42
C TRP H 24 28.52 -19.73 1.13
N GLY H 25 28.15 -19.36 -0.08
CA GLY H 25 26.74 -19.32 -0.47
C GLY H 25 26.44 -18.08 -1.28
N ASN H 26 27.33 -17.09 -1.17
CA ASN H 26 27.18 -15.82 -1.87
C ASN H 26 27.83 -15.92 -3.25
N ILE H 27 27.14 -16.58 -4.19
CA ILE H 27 27.69 -16.81 -5.53
C ILE H 27 28.33 -15.57 -6.19
N PRO H 28 27.63 -14.41 -6.27
CA PRO H 28 28.26 -13.24 -6.89
C PRO H 28 29.52 -12.71 -6.20
N LEU H 29 29.70 -12.97 -4.90
CA LEU H 29 30.94 -12.59 -4.19
C LEU H 29 32.07 -13.55 -4.52
N MET H 30 31.77 -14.85 -4.46
CA MET H 30 32.71 -15.89 -4.88
C MET H 30 33.07 -15.74 -6.33
N ARG H 31 32.08 -15.38 -7.15
CA ARG H 31 32.23 -15.32 -8.60
C ARG H 31 33.21 -14.24 -9.04
N LYS H 32 33.40 -13.22 -8.21
CA LYS H 32 34.39 -12.19 -8.51
C LYS H 32 35.63 -12.29 -7.60
N ALA H 33 35.59 -13.19 -6.64
CA ALA H 33 36.77 -13.50 -5.84
C ALA H 33 37.57 -14.59 -6.56
N TYR H 34 37.02 -15.10 -7.66
CA TYR H 34 37.68 -16.05 -8.54
C TYR H 34 38.37 -15.28 -9.69
N LEU H 35 37.71 -14.21 -10.14
CA LEU H 35 38.22 -13.36 -11.22
C LEU H 35 39.36 -12.46 -10.75
N LYS H 36 39.36 -12.11 -9.47
CA LYS H 36 40.45 -11.35 -8.86
C LYS H 36 41.65 -12.28 -8.63
N LYS H 37 41.39 -13.58 -8.68
CA LYS H 37 42.42 -14.58 -8.44
C LYS H 37 43.13 -15.06 -9.69
N CYS H 38 42.40 -15.44 -10.74
CA CYS H 38 43.05 -15.91 -11.97
C CYS H 38 43.49 -14.74 -12.87
N LYS H 39 43.29 -13.51 -12.38
CA LYS H 39 43.90 -12.32 -12.96
C LYS H 39 45.25 -12.05 -12.28
N GLU H 40 45.39 -12.48 -11.02
CA GLU H 40 46.66 -12.45 -10.30
C GLU H 40 47.01 -13.86 -9.75
N PHE H 41 47.66 -14.66 -10.60
CA PHE H 41 48.10 -16.05 -10.31
C PHE H 41 48.09 -16.93 -11.56
N LYS H 51 48.43 -24.44 -5.24
CA LYS H 51 47.32 -23.66 -4.69
C LYS H 51 46.43 -23.07 -5.80
N MET H 52 47.07 -22.46 -6.79
CA MET H 52 46.40 -21.93 -7.99
C MET H 52 45.79 -23.06 -8.83
N LYS H 53 46.19 -24.29 -8.49
CA LYS H 53 45.78 -25.50 -9.20
C LYS H 53 44.40 -25.98 -8.78
N LYS H 54 44.17 -26.04 -7.48
CA LYS H 54 42.93 -26.57 -6.93
C LYS H 54 41.80 -25.54 -6.80
N MET H 55 42.13 -24.26 -7.02
CA MET H 55 41.12 -23.20 -7.08
C MET H 55 40.28 -23.30 -8.35
N ASN H 56 40.74 -24.11 -9.31
CA ASN H 56 40.02 -24.32 -10.55
C ASN H 56 39.24 -25.63 -10.56
N THR H 57 39.83 -26.68 -9.97
CA THR H 57 39.17 -27.99 -9.91
C THR H 57 37.95 -27.97 -8.98
N LEU H 58 38.10 -27.33 -7.83
CA LEU H 58 37.02 -27.18 -6.85
C LEU H 58 35.97 -26.17 -7.33
N TYR H 59 36.43 -25.01 -7.79
CA TYR H 59 35.54 -23.95 -8.26
C TYR H 59 34.60 -24.44 -9.36
N LYS H 60 35.14 -25.14 -10.36
CA LYS H 60 34.33 -25.63 -11.48
C LYS H 60 33.28 -26.63 -11.03
N LYS H 61 33.61 -27.46 -10.03
CA LYS H 61 32.65 -28.42 -9.50
C LYS H 61 31.41 -27.72 -8.93
N MET H 62 31.63 -26.70 -8.10
CA MET H 62 30.53 -25.92 -7.55
C MET H 62 29.78 -25.19 -8.66
N GLU H 63 30.52 -24.62 -9.62
CA GLU H 63 29.90 -23.98 -10.78
C GLU H 63 28.84 -24.88 -11.40
N ASP H 64 29.12 -26.18 -11.41
CA ASP H 64 28.24 -27.21 -11.99
C ASP H 64 27.42 -27.97 -10.92
N GLY H 65 26.91 -27.22 -9.93
CA GLY H 65 26.03 -27.74 -8.90
C GLY H 65 25.15 -26.59 -8.45
N VAL H 66 25.78 -25.42 -8.42
CA VAL H 66 25.12 -24.11 -8.35
C VAL H 66 24.28 -23.92 -9.62
N LYS H 67 24.70 -24.56 -10.71
CA LYS H 67 23.87 -24.62 -11.92
C LYS H 67 22.90 -25.81 -11.87
N TYR H 68 23.20 -26.79 -11.01
CA TYR H 68 22.28 -27.91 -10.81
C TYR H 68 21.02 -27.42 -10.12
N ALA H 69 21.13 -27.12 -8.82
CA ALA H 69 20.05 -26.52 -8.07
C ALA H 69 19.91 -25.08 -8.56
N HIS H 70 19.22 -24.93 -9.68
CA HIS H 70 19.11 -23.67 -10.42
C HIS H 70 18.17 -23.96 -11.58
N GLN H 71 18.23 -25.20 -12.04
CA GLN H 71 17.24 -25.78 -12.93
C GLN H 71 16.07 -26.19 -12.03
N PRO H 72 14.82 -26.05 -12.53
CA PRO H 72 13.54 -26.31 -11.85
C PRO H 72 13.43 -27.62 -11.05
N ASP H 73 12.20 -28.03 -10.73
CA ASP H 73 11.96 -29.26 -9.96
C ASP H 73 11.63 -30.41 -10.90
N ALA H 94 13.15 -2.16 -11.34
CA ALA H 94 13.31 -3.15 -10.26
C ALA H 94 11.99 -3.43 -9.55
N ILE H 95 12.05 -4.00 -8.36
CA ILE H 95 10.84 -4.34 -7.58
C ILE H 95 11.07 -4.41 -6.05
N TYR H 96 11.71 -5.50 -5.62
CA TYR H 96 12.00 -5.84 -4.20
C TYR H 96 10.83 -5.69 -3.22
N CYS H 97 11.12 -5.37 -1.97
CA CYS H 97 10.16 -5.38 -0.85
C CYS H 97 9.38 -4.07 -0.66
N LYS H 98 8.04 -4.15 -0.74
CA LYS H 98 7.18 -2.97 -0.87
C LYS H 98 6.68 -2.36 0.44
N GLN H 99 6.45 -3.15 1.47
CA GLN H 99 6.32 -2.59 2.81
C GLN H 99 7.62 -3.02 3.49
N TRP H 100 8.06 -2.38 4.57
CA TRP H 100 9.21 -2.95 5.27
C TRP H 100 8.78 -4.23 6.00
N PRO H 101 8.32 -4.12 7.28
CA PRO H 101 8.15 -5.40 7.99
C PRO H 101 7.16 -6.31 7.27
N GLU H 102 6.02 -5.75 6.87
CA GLU H 102 4.82 -6.46 6.39
C GLU H 102 4.94 -7.54 5.31
N CYS H 103 5.88 -7.39 4.36
CA CYS H 103 6.09 -8.44 3.33
C CYS H 103 6.93 -9.58 3.88
N VAL H 104 7.97 -9.22 4.64
CA VAL H 104 8.80 -10.20 5.32
C VAL H 104 8.02 -10.83 6.48
N LYS H 105 7.44 -9.97 7.32
CA LYS H 105 6.86 -10.38 8.60
C LYS H 105 5.79 -11.44 8.48
N LYS H 106 5.26 -11.62 7.27
CA LYS H 106 4.41 -12.76 6.94
C LYS H 106 3.68 -12.50 5.63
N MET H 107 2.73 -13.37 5.34
CA MET H 107 1.85 -13.25 4.19
C MET H 107 0.83 -12.08 4.34
N SER H 108 1.26 -10.99 5.00
CA SER H 108 0.47 -9.73 5.13
C SER H 108 0.44 -8.98 3.80
N THR H 109 -0.38 -9.46 2.85
CA THR H 109 -0.25 -8.95 1.48
C THR H 109 -1.23 -9.49 0.39
N ASN H 110 -1.06 -8.95 -0.82
CA ASN H 110 -1.65 -9.40 -2.09
C ASN H 110 -0.77 -8.80 -3.22
N CYS H 111 0.53 -9.07 -3.14
CA CYS H 111 1.56 -8.27 -3.83
C CYS H 111 2.54 -9.11 -4.64
N ILE H 112 3.10 -8.50 -5.67
CA ILE H 112 4.07 -9.13 -6.56
C ILE H 112 5.44 -8.43 -6.46
N CYS H 113 5.79 -7.94 -5.27
CA CYS H 113 7.12 -7.43 -5.06
C CYS H 113 8.07 -8.61 -5.15
N LEU H 114 9.33 -8.37 -5.48
CA LEU H 114 10.25 -9.48 -5.73
C LEU H 114 10.29 -10.51 -4.60
N LEU H 115 10.26 -10.03 -3.35
CA LEU H 115 10.37 -10.88 -2.17
C LEU H 115 9.13 -11.71 -1.90
N CYS H 116 7.95 -11.09 -1.92
CA CYS H 116 6.70 -11.82 -1.72
C CYS H 116 6.62 -12.86 -2.84
N LEU H 117 6.66 -12.36 -4.07
CA LEU H 117 6.69 -13.15 -5.31
C LEU H 117 7.64 -14.34 -5.19
N LEU H 118 8.85 -14.11 -4.71
CA LEU H 118 9.80 -15.20 -4.56
C LEU H 118 9.39 -16.18 -3.47
N ARG H 119 8.75 -15.73 -2.40
CA ARG H 119 8.31 -16.68 -1.36
C ARG H 119 7.00 -17.34 -1.70
N MET H 120 6.42 -16.92 -2.81
CA MET H 120 5.26 -17.59 -3.35
C MET H 120 5.77 -18.75 -4.18
N LYS H 121 6.80 -18.52 -5.01
CA LYS H 121 7.40 -19.62 -5.74
C LYS H 121 7.69 -20.71 -4.73
N HIS H 122 8.32 -20.36 -3.60
CA HIS H 122 8.64 -21.34 -2.58
C HIS H 122 7.42 -22.11 -2.09
N GLU H 123 6.44 -21.39 -1.56
CA GLU H 123 5.22 -21.98 -1.00
C GLU H 123 4.49 -22.85 -2.01
N ASN H 124 4.45 -22.38 -3.25
CA ASN H 124 3.78 -23.10 -4.31
C ASN H 124 4.60 -24.28 -4.78
N ARG H 125 5.87 -24.02 -5.08
CA ARG H 125 6.80 -25.03 -5.56
C ARG H 125 6.96 -26.20 -4.58
N LYS H 126 6.83 -25.97 -3.28
CA LYS H 126 6.87 -27.07 -2.30
C LYS H 126 5.56 -27.81 -2.15
N LEU H 127 4.53 -27.43 -2.90
CA LEU H 127 3.23 -28.12 -2.84
C LEU H 127 3.37 -29.47 -3.50
N TYR H 128 4.19 -29.52 -4.54
CA TYR H 128 4.44 -30.74 -5.29
C TYR H 128 5.56 -31.61 -4.73
N ARG H 129 6.78 -31.08 -4.58
CA ARG H 129 7.87 -31.90 -4.06
C ARG H 129 7.83 -31.99 -2.53
N LYS H 130 8.38 -33.05 -1.93
CA LYS H 130 8.49 -33.09 -0.47
C LYS H 130 9.85 -32.55 0.02
N ASP H 131 10.90 -32.83 -0.75
CA ASP H 131 12.21 -32.26 -0.52
C ASP H 131 12.16 -30.78 -0.06
N PRO H 132 12.58 -30.52 1.18
CA PRO H 132 12.67 -29.18 1.73
C PRO H 132 13.68 -28.33 0.98
N LEU H 133 13.24 -27.14 0.58
CA LEU H 133 14.02 -26.19 -0.23
C LEU H 133 15.24 -25.62 0.54
N VAL H 134 16.26 -25.17 -0.20
CA VAL H 134 17.43 -24.51 0.40
C VAL H 134 17.98 -23.42 -0.49
N TRP H 135 18.97 -22.69 0.01
CA TRP H 135 19.34 -21.37 -0.52
C TRP H 135 20.13 -21.29 -1.84
N VAL H 136 19.66 -21.96 -2.89
CA VAL H 136 19.80 -21.43 -4.27
C VAL H 136 18.88 -22.23 -5.15
N ASP H 137 18.41 -23.34 -4.59
CA ASP H 137 17.22 -24.00 -5.07
C ASP H 137 16.13 -22.95 -4.99
N CYS H 138 16.11 -22.23 -3.88
CA CYS H 138 15.21 -21.10 -3.72
C CYS H 138 15.96 -19.84 -3.27
N TYR H 139 15.77 -18.75 -4.00
CA TYR H 139 16.43 -17.49 -3.71
C TYR H 139 15.58 -16.61 -2.79
N CYS H 140 14.52 -17.18 -2.21
CA CYS H 140 13.56 -16.42 -1.39
C CYS H 140 14.20 -15.98 -0.08
N PHE H 141 13.58 -14.99 0.57
CA PHE H 141 14.17 -14.32 1.73
C PHE H 141 14.24 -15.20 2.96
N ASP H 142 13.27 -16.08 3.12
CA ASP H 142 13.19 -16.93 4.29
C ASP H 142 14.33 -17.92 4.26
N CYS H 143 14.61 -18.42 3.06
CA CYS H 143 15.72 -19.33 2.80
C CYS H 143 17.08 -18.65 2.95
N PHE H 144 17.21 -17.45 2.37
CA PHE H 144 18.42 -16.64 2.49
C PHE H 144 18.80 -16.49 3.96
N ARG H 145 17.82 -16.11 4.77
CA ARG H 145 18.05 -15.97 6.19
C ARG H 145 18.38 -17.30 6.80
N MET H 146 17.65 -18.34 6.40
CA MET H 146 17.86 -19.66 6.94
C MET H 146 19.32 -20.07 6.75
N TRP H 147 19.87 -19.80 5.56
CA TRP H 147 21.20 -20.28 5.19
C TRP H 147 22.29 -19.62 6.00
N PHE H 148 22.45 -18.31 5.84
CA PHE H 148 23.43 -17.56 6.60
C PHE H 148 22.93 -17.50 8.03
N GLY H 149 23.57 -16.71 8.88
CA GLY H 149 23.12 -16.72 10.27
C GLY H 149 22.38 -15.47 10.69
N LEU H 150 21.47 -14.99 9.85
CA LEU H 150 21.05 -13.60 9.98
C LEU H 150 19.78 -13.39 10.77
N ASP H 151 19.46 -12.13 11.00
CA ASP H 151 18.32 -11.76 11.84
C ASP H 151 17.34 -10.83 11.14
N LEU H 152 16.05 -11.01 11.46
CA LEU H 152 14.95 -10.26 10.87
C LEU H 152 15.10 -8.76 11.11
N CYS H 153 15.86 -8.12 10.22
CA CYS H 153 16.17 -6.70 10.33
C CYS H 153 16.58 -6.09 8.98
N GLU H 154 16.66 -4.76 8.96
CA GLU H 154 16.89 -3.96 7.74
C GLU H 154 18.31 -4.14 7.19
N GLY H 155 19.26 -4.47 8.06
CA GLY H 155 20.62 -4.80 7.61
C GLY H 155 20.55 -6.02 6.71
N THR H 156 19.93 -7.08 7.25
CA THR H 156 19.71 -8.34 6.56
C THR H 156 19.01 -8.23 5.21
N LEU H 157 17.91 -7.47 5.12
CA LEU H 157 17.18 -7.36 3.84
C LEU H 157 18.05 -6.74 2.76
N LEU H 158 18.83 -5.73 3.16
CA LEU H 158 19.78 -5.02 2.29
C LEU H 158 20.84 -5.96 1.69
N LEU H 159 21.26 -6.97 2.45
CA LEU H 159 22.18 -7.96 1.92
C LEU H 159 21.47 -8.73 0.81
N TRP H 160 20.39 -9.40 1.16
CA TRP H 160 19.57 -10.16 0.21
C TRP H 160 19.26 -9.42 -1.08
N CYS H 161 18.87 -8.15 -0.98
CA CYS H 161 18.55 -7.36 -2.18
C CYS H 161 19.78 -7.15 -3.04
N ASP H 162 20.94 -7.08 -2.39
CA ASP H 162 22.23 -6.95 -3.07
C ASP H 162 22.58 -8.26 -3.74
N ILE H 163 22.37 -9.35 -3.02
CA ILE H 163 22.69 -10.71 -3.47
C ILE H 163 21.71 -11.19 -4.56
N ILE H 164 20.64 -10.44 -4.76
CA ILE H 164 19.67 -10.75 -5.80
C ILE H 164 19.75 -9.75 -6.93
N GLY H 165 20.17 -8.53 -6.62
CA GLY H 165 20.44 -7.53 -7.64
C GLY H 165 21.40 -8.10 -8.66
N GLN H 166 22.37 -8.87 -8.19
CA GLN H 166 23.40 -9.46 -9.03
C GLN H 166 22.98 -10.78 -9.67
N THR H 167 22.19 -11.59 -8.96
CA THR H 167 21.70 -12.87 -9.50
C THR H 167 20.75 -12.60 -10.67
N THR H 168 20.85 -13.40 -11.73
CA THR H 168 19.98 -13.24 -12.90
C THR H 168 18.69 -14.01 -12.64
N TYR H 169 17.75 -14.00 -13.57
CA TYR H 169 16.44 -14.64 -13.34
C TYR H 169 16.45 -16.18 -13.23
N ARG H 170 16.52 -16.64 -11.97
CA ARG H 170 16.31 -18.05 -11.61
C ARG H 170 15.00 -18.13 -10.87
N ASP H 171 14.08 -18.90 -11.47
CA ASP H 171 12.71 -19.08 -11.02
C ASP H 171 11.80 -17.93 -11.45
N LEU H 172 12.40 -16.88 -12.01
CA LEU H 172 11.74 -15.57 -12.24
C LEU H 172 11.16 -14.92 -10.95
#